data_3N7U
#
_entry.id   3N7U
#
_cell.length_a   229.620
_cell.length_b   217.680
_cell.length_c   139.110
_cell.angle_alpha   90.000
_cell.angle_beta   92.620
_cell.angle_gamma   90.000
#
_symmetry.space_group_name_H-M   'C 1 2 1'
#
loop_
_entity.id
_entity.type
_entity.pdbx_description
1 polymer 'Formate dehydrogenase'
2 non-polymer NICOTINAMIDE-ADENINE-DINUCLEOTIDE
3 non-polymer 'AZIDE ION'
4 non-polymer 'SULFATE ION'
5 non-polymer GLYCEROL
6 water water
#
_entity_poly.entity_id   1
_entity_poly.type   'polypeptide(L)'
_entity_poly.pdbx_seq_one_letter_code
;DSKKIVGVFYKANEYATKNPNFLGCVENALGIRDWLESQGHQYIVTDDKEGPDCELEKHIPDLHVLISTPFHPAYVTAER
IKKAKNLKLLLTAGIGSDHIDLQAAAAAGLTVAEVTGSNVVSVAEDELMRILILMRNFVPGYNQVVKGEWNVAGIAYRAY
DLEGKTIGTVGAGRIGKLLLQRLKPFGCNLLYHDRLQMAPELEKETGAKFVEDLNEMLPKCDVIVINMPLTEKTRGMFNK
ELIGKLKKGVLIVNNARGAIMERQAVVDAVESGHIGGYSGDVWDPQPAPKDHPWRYMPNQAMTPHTSGTTIDAQLRYAAG
TKDMLERYFKGEDFPTENYIVKDGELAPQYR
;
_entity_poly.pdbx_strand_id   A,B,C,D,E,F,G,H,I,J,K,L
#
# COMPACT_ATOMS: atom_id res chain seq x y z
N ASP A 1 44.30 48.98 38.85
CA ASP A 1 43.21 48.30 39.61
C ASP A 1 42.57 47.08 38.93
N SER A 2 42.99 46.78 37.69
CA SER A 2 42.44 45.67 36.92
C SER A 2 43.00 44.31 37.28
N LYS A 3 42.08 43.40 37.61
CA LYS A 3 42.41 42.08 38.11
C LYS A 3 42.12 40.95 37.12
N LYS A 4 42.88 39.86 37.26
CA LYS A 4 42.60 38.63 36.55
C LYS A 4 41.73 37.69 37.44
N ILE A 5 40.51 37.44 36.98
CA ILE A 5 39.52 36.61 37.71
C ILE A 5 39.30 35.30 36.93
N VAL A 6 39.51 34.16 37.57
CA VAL A 6 39.29 32.84 36.93
C VAL A 6 38.09 32.16 37.60
N GLY A 7 37.16 31.64 36.78
CA GLY A 7 36.06 30.75 37.28
C GLY A 7 36.17 29.32 36.79
N VAL A 8 35.93 28.35 37.69
CA VAL A 8 36.00 26.93 37.39
C VAL A 8 34.59 26.33 37.72
N PHE A 9 33.85 25.99 36.65
CA PHE A 9 32.48 25.51 36.76
C PHE A 9 32.31 24.21 35.95
N TYR A 10 31.14 23.56 36.08
CA TYR A 10 30.84 22.43 35.25
C TYR A 10 30.40 22.93 33.85
N LYS A 11 30.78 22.18 32.81
CA LYS A 11 30.44 22.48 31.42
C LYS A 11 29.05 21.97 31.01
N ALA A 12 28.22 22.81 30.43
CA ALA A 12 26.84 22.43 30.06
C ALA A 12 26.59 21.98 28.60
N ASN A 13 27.41 22.46 27.63
CA ASN A 13 27.19 22.14 26.19
C ASN A 13 25.75 22.52 25.82
N GLU A 14 25.00 21.59 25.21
CA GLU A 14 23.65 21.92 24.68
C GLU A 14 22.61 22.19 25.79
N TYR A 15 22.95 21.78 27.01
CA TYR A 15 22.08 22.09 28.18
C TYR A 15 22.13 23.56 28.62
N ALA A 16 23.18 24.29 28.20
CA ALA A 16 23.37 25.68 28.65
C ALA A 16 22.18 26.61 28.43
N THR A 17 21.44 26.41 27.33
CA THR A 17 20.35 27.34 26.95
C THR A 17 18.93 26.82 27.26
N LYS A 18 18.81 25.65 27.89
CA LYS A 18 17.46 25.06 28.15
C LYS A 18 16.66 25.72 29.30
N ASN A 19 17.33 26.52 30.11
CA ASN A 19 16.64 27.38 31.06
C ASN A 19 17.31 28.73 31.04
N PRO A 20 16.51 29.81 31.06
CA PRO A 20 17.15 31.13 31.00
C PRO A 20 17.95 31.54 32.27
N ASN A 21 17.77 30.84 33.38
CA ASN A 21 18.46 31.18 34.63
C ASN A 21 19.52 30.14 35.05
N PHE A 22 20.09 29.44 34.06
CA PHE A 22 21.02 28.33 34.31
C PHE A 22 22.44 28.93 34.53
N LEU A 23 22.63 29.64 35.67
CA LEU A 23 23.82 30.45 35.89
C LEU A 23 25.02 29.66 36.32
N GLY A 24 24.82 28.41 36.72
CA GLY A 24 25.90 27.62 37.33
C GLY A 24 26.92 26.97 36.45
N CYS A 25 26.68 26.92 35.13
CA CYS A 25 27.61 26.27 34.19
C CYS A 25 28.72 27.22 33.62
N VAL A 26 29.73 26.64 32.96
CA VAL A 26 30.81 27.40 32.28
C VAL A 26 30.27 28.52 31.35
N GLU A 27 29.34 28.13 30.46
CA GLU A 27 28.87 29.03 29.40
C GLU A 27 28.20 30.28 29.94
N ASN A 28 27.46 30.12 31.06
CA ASN A 28 26.81 31.29 31.67
C ASN A 28 27.57 31.96 32.84
N ALA A 29 28.47 31.20 33.49
CA ALA A 29 29.48 31.76 34.42
C ALA A 29 28.95 32.75 35.47
N LEU A 30 27.82 32.39 36.09
CA LEU A 30 27.19 33.17 37.17
C LEU A 30 26.54 34.48 36.70
N GLY A 31 26.53 34.69 35.38
CA GLY A 31 25.87 35.89 34.85
C GLY A 31 26.71 37.15 35.00
N ILE A 32 27.97 37.02 35.41
CA ILE A 32 28.78 38.20 35.77
C ILE A 32 29.87 38.64 34.77
N ARG A 33 30.07 37.91 33.67
CA ARG A 33 31.11 38.30 32.68
C ARG A 33 31.04 39.78 32.24
N ASP A 34 29.88 40.24 31.78
CA ASP A 34 29.73 41.63 31.28
C ASP A 34 30.02 42.68 32.36
N TRP A 35 29.47 42.45 33.54
CA TRP A 35 29.66 43.33 34.69
C TRP A 35 31.16 43.42 35.04
N LEU A 36 31.86 42.29 35.05
CA LEU A 36 33.33 42.25 35.30
C LEU A 36 34.16 42.99 34.23
N GLU A 37 33.90 42.66 32.96
CA GLU A 37 34.64 43.21 31.81
C GLU A 37 34.41 44.71 31.64
N SER A 38 33.21 45.18 31.95
CA SER A 38 32.89 46.62 31.88
C SER A 38 33.71 47.49 32.86
N GLN A 39 34.24 46.85 33.92
CA GLN A 39 35.07 47.51 34.95
C GLN A 39 36.55 47.33 34.60
N GLY A 40 36.84 46.71 33.46
CA GLY A 40 38.20 46.58 32.99
C GLY A 40 38.87 45.29 33.47
N HIS A 41 38.17 44.46 34.26
CA HIS A 41 38.73 43.13 34.69
C HIS A 41 38.74 42.09 33.54
N GLN A 42 39.73 41.18 33.58
CA GLN A 42 39.77 40.02 32.72
C GLN A 42 39.04 38.84 33.41
N TYR A 43 38.12 38.18 32.71
CA TYR A 43 37.40 36.97 33.23
C TYR A 43 37.61 35.74 32.35
N ILE A 44 38.33 34.75 32.89
CA ILE A 44 38.60 33.47 32.24
C ILE A 44 37.82 32.29 32.87
N VAL A 45 36.98 31.60 32.08
CA VAL A 45 36.10 30.55 32.65
C VAL A 45 36.39 29.19 32.03
N THR A 46 36.52 28.13 32.83
CA THR A 46 36.90 26.83 32.26
C THR A 46 36.34 25.71 33.14
N ASP A 47 36.18 24.50 32.59
CA ASP A 47 35.94 23.29 33.40
C ASP A 47 37.16 22.37 33.51
N ASP A 48 38.28 22.77 32.90
CA ASP A 48 39.43 21.88 32.68
C ASP A 48 40.41 22.10 33.87
N LYS A 49 40.28 21.24 34.89
CA LYS A 49 40.87 21.48 36.22
C LYS A 49 41.88 20.44 36.71
N GLU A 50 42.12 19.38 35.95
CA GLU A 50 42.94 18.27 36.49
C GLU A 50 44.32 18.27 35.87
N GLY A 51 45.36 18.22 36.70
CA GLY A 51 46.70 17.96 36.22
C GLY A 51 47.53 19.16 35.80
N PRO A 52 48.84 18.93 35.52
CA PRO A 52 49.87 19.93 35.18
C PRO A 52 49.60 20.74 33.90
N ASP A 53 48.85 20.16 32.98
CA ASP A 53 48.69 20.74 31.64
C ASP A 53 47.31 21.26 31.31
N CYS A 54 46.38 21.22 32.27
CA CYS A 54 45.02 21.81 32.11
C CYS A 54 45.01 23.32 32.03
N GLU A 55 43.93 23.88 31.47
CA GLU A 55 43.76 25.30 31.32
C GLU A 55 43.82 26.04 32.64
N LEU A 56 43.23 25.47 33.70
CA LEU A 56 43.31 26.14 35.00
C LEU A 56 44.77 26.40 35.41
N GLU A 57 45.61 25.39 35.30
CA GLU A 57 47.03 25.48 35.69
C GLU A 57 47.78 26.55 34.88
N LYS A 58 47.41 26.76 33.61
CA LYS A 58 47.99 27.86 32.83
C LYS A 58 47.88 29.17 33.53
N HIS A 59 46.84 29.36 34.34
CA HIS A 59 46.50 30.70 34.85
C HIS A 59 46.77 30.85 36.33
N ILE A 60 47.08 29.73 36.99
CA ILE A 60 47.44 29.74 38.43
C ILE A 60 48.61 30.73 38.85
N PRO A 61 49.72 30.78 38.07
CA PRO A 61 50.82 31.75 38.39
C PRO A 61 50.46 33.25 38.47
N ASP A 62 49.46 33.72 37.73
CA ASP A 62 49.13 35.14 37.80
C ASP A 62 47.70 35.57 38.10
N LEU A 63 46.78 34.63 38.35
CA LEU A 63 45.40 35.09 38.73
C LEU A 63 45.40 35.81 40.10
N HIS A 64 44.46 36.74 40.27
CA HIS A 64 44.20 37.45 41.51
C HIS A 64 43.08 36.82 42.36
N VAL A 65 41.98 36.45 41.67
CA VAL A 65 40.78 35.84 42.28
C VAL A 65 40.49 34.49 41.59
N LEU A 66 40.17 33.45 42.39
CA LEU A 66 39.71 32.16 41.85
C LEU A 66 38.33 31.83 42.43
N ILE A 67 37.33 31.75 41.53
CA ILE A 67 35.97 31.38 41.89
C ILE A 67 35.77 29.91 41.56
N SER A 68 35.52 29.08 42.58
CA SER A 68 35.32 27.62 42.42
C SER A 68 33.87 27.33 42.72
N THR A 69 33.44 26.07 42.56
CA THR A 69 32.08 25.66 42.85
C THR A 69 32.12 24.18 43.29
N PRO A 70 31.42 23.82 44.38
CA PRO A 70 31.59 22.43 44.93
C PRO A 70 31.24 21.27 43.99
N PHE A 71 30.27 21.50 43.09
CA PHE A 71 29.79 20.49 42.15
C PHE A 71 30.83 20.08 41.09
N HIS A 72 31.82 20.93 40.85
CA HIS A 72 32.90 20.59 39.92
C HIS A 72 34.16 21.22 40.51
N PRO A 73 34.69 20.64 41.62
CA PRO A 73 35.62 21.43 42.44
C PRO A 73 37.06 21.48 41.98
N ALA A 74 37.60 22.70 41.87
CA ALA A 74 39.04 22.86 41.65
C ALA A 74 39.74 22.55 43.00
N TYR A 75 40.72 21.67 43.00
CA TYR A 75 41.37 21.24 44.25
C TYR A 75 42.58 22.13 44.41
N VAL A 76 42.48 23.07 45.32
CA VAL A 76 43.49 24.13 45.45
C VAL A 76 44.47 23.64 46.52
N THR A 77 45.45 22.86 46.05
CA THR A 77 46.44 22.21 46.91
C THR A 77 47.46 23.19 47.46
N ALA A 78 48.24 22.74 48.47
CA ALA A 78 49.36 23.52 49.00
C ALA A 78 50.34 23.91 47.89
N GLU A 79 50.63 22.97 46.98
CA GLU A 79 51.52 23.23 45.86
C GLU A 79 50.96 24.29 44.89
N ARG A 80 49.66 24.22 44.60
CA ARG A 80 49.02 25.23 43.77
C ARG A 80 49.03 26.59 44.44
N ILE A 81 48.81 26.62 45.75
CA ILE A 81 48.81 27.87 46.50
C ILE A 81 50.19 28.55 46.46
N LYS A 82 51.27 27.74 46.62
CA LYS A 82 52.64 28.22 46.50
C LYS A 82 53.01 28.74 45.10
N LYS A 83 52.47 28.10 44.06
CA LYS A 83 52.67 28.56 42.69
C LYS A 83 51.92 29.85 42.39
N ALA A 84 50.89 30.16 43.16
CA ALA A 84 49.97 31.23 42.79
C ALA A 84 50.45 32.60 43.30
N LYS A 85 51.37 33.23 42.57
CA LYS A 85 52.04 34.47 43.05
C LYS A 85 51.16 35.70 43.30
N ASN A 86 50.10 35.89 42.50
CA ASN A 86 49.20 37.03 42.69
C ASN A 86 47.89 36.73 43.44
N LEU A 87 47.60 35.46 43.74
CA LEU A 87 46.32 35.11 44.42
C LEU A 87 46.06 35.81 45.77
N LYS A 88 44.87 36.39 45.91
CA LYS A 88 44.45 37.00 47.16
C LYS A 88 43.13 36.44 47.70
N LEU A 89 42.20 36.09 46.81
CA LEU A 89 40.83 35.78 47.20
C LEU A 89 40.30 34.48 46.59
N LEU A 90 39.80 33.59 47.42
CA LEU A 90 39.24 32.33 46.99
C LEU A 90 37.76 32.40 47.35
N LEU A 91 36.90 32.51 46.33
CA LEU A 91 35.43 32.49 46.52
C LEU A 91 34.81 31.14 46.10
N THR A 92 33.91 30.61 46.94
CA THR A 92 33.17 29.38 46.65
C THR A 92 31.73 29.73 46.22
N ALA A 93 31.34 29.41 44.97
CA ALA A 93 29.97 29.69 44.49
C ALA A 93 29.13 28.49 44.90
N GLY A 94 28.56 28.58 46.11
CA GLY A 94 27.92 27.44 46.79
C GLY A 94 28.34 27.45 48.27
N ILE A 95 28.32 26.27 48.89
CA ILE A 95 28.61 26.16 50.32
C ILE A 95 29.51 24.94 50.53
N GLY A 96 30.60 25.16 51.31
CA GLY A 96 31.57 24.10 51.66
C GLY A 96 32.88 24.32 50.90
N SER A 97 33.94 24.71 51.61
CA SER A 97 35.20 25.12 50.97
C SER A 97 36.37 24.20 51.21
N ASP A 98 36.04 22.96 51.59
CA ASP A 98 36.99 21.88 51.87
C ASP A 98 37.83 21.38 50.66
N HIS A 99 37.48 21.82 49.43
CA HIS A 99 38.25 21.41 48.23
C HIS A 99 39.53 22.29 48.13
N ILE A 100 39.60 23.29 49.02
CA ILE A 100 40.80 24.11 49.22
C ILE A 100 41.61 23.51 50.42
N ASP A 101 42.94 23.52 50.34
CA ASP A 101 43.79 23.22 51.52
C ASP A 101 43.68 24.44 52.47
N LEU A 102 42.74 24.42 53.42
CA LEU A 102 42.40 25.61 54.21
C LEU A 102 43.51 25.99 55.19
N GLN A 103 44.23 24.97 55.67
CA GLN A 103 45.41 25.21 56.49
C GLN A 103 46.54 25.92 55.69
N ALA A 104 46.84 25.45 54.48
CA ALA A 104 47.83 26.15 53.64
C ALA A 104 47.34 27.53 53.17
N ALA A 105 46.01 27.72 53.05
CA ALA A 105 45.47 29.03 52.68
C ALA A 105 45.66 29.97 53.88
N ALA A 106 45.33 29.51 55.09
CA ALA A 106 45.57 30.31 56.31
C ALA A 106 47.07 30.68 56.48
N ALA A 107 47.96 29.73 56.26
CA ALA A 107 49.42 29.93 56.34
C ALA A 107 49.92 30.92 55.31
N ALA A 108 49.23 31.00 54.16
CA ALA A 108 49.62 31.96 53.12
C ALA A 108 48.95 33.32 53.28
N GLY A 109 48.04 33.47 54.24
CA GLY A 109 47.33 34.76 54.39
C GLY A 109 46.20 35.01 53.36
N LEU A 110 45.69 33.96 52.71
CA LEU A 110 44.59 34.15 51.72
C LEU A 110 43.25 34.32 52.39
N THR A 111 42.32 35.02 51.74
CA THR A 111 40.93 35.10 52.20
C THR A 111 40.09 34.03 51.46
N VAL A 112 39.35 33.22 52.24
CA VAL A 112 38.48 32.16 51.68
C VAL A 112 37.07 32.46 52.16
N ALA A 113 36.13 32.64 51.23
CA ALA A 113 34.73 32.90 51.60
C ALA A 113 33.73 32.13 50.72
N GLU A 114 32.51 31.93 51.24
CA GLU A 114 31.45 31.17 50.53
C GLU A 114 30.07 31.85 50.73
N VAL A 115 29.06 31.48 49.95
CA VAL A 115 27.70 32.11 50.05
C VAL A 115 26.83 31.34 51.05
N THR A 116 27.13 31.57 52.33
CA THR A 116 26.39 31.00 53.44
C THR A 116 24.88 31.22 53.31
N GLY A 117 24.12 30.14 53.53
CA GLY A 117 22.69 30.20 53.47
C GLY A 117 22.09 29.98 52.07
N SER A 118 22.89 29.98 51.02
CA SER A 118 22.36 30.13 49.64
C SER A 118 21.57 28.95 49.12
N ASN A 119 21.98 27.73 49.49
CA ASN A 119 21.29 26.53 49.01
C ASN A 119 20.86 25.55 50.16
N VAL A 120 20.79 26.07 51.40
CA VAL A 120 20.49 25.24 52.57
C VAL A 120 19.06 24.63 52.54
N VAL A 121 18.05 25.41 52.14
CA VAL A 121 16.73 24.85 51.89
C VAL A 121 16.80 23.71 50.86
N SER A 122 17.47 23.98 49.73
CA SER A 122 17.57 22.98 48.65
C SER A 122 18.08 21.61 49.14
N VAL A 123 19.15 21.60 49.95
CA VAL A 123 19.75 20.35 50.48
C VAL A 123 18.77 19.71 51.51
N ALA A 124 18.14 20.51 52.36
CA ALA A 124 17.19 19.94 53.34
C ALA A 124 16.06 19.18 52.62
N GLU A 125 15.49 19.80 51.57
CA GLU A 125 14.51 19.10 50.70
C GLU A 125 15.02 17.74 50.15
N ASP A 126 16.21 17.76 49.54
CA ASP A 126 16.80 16.60 48.88
C ASP A 126 17.08 15.49 49.93
N GLU A 127 17.47 15.89 51.15
CA GLU A 127 17.70 14.91 52.23
C GLU A 127 16.40 14.21 52.60
N LEU A 128 15.34 14.99 52.79
CA LEU A 128 14.03 14.40 53.13
C LEU A 128 13.55 13.49 52.03
N MET A 129 13.77 13.90 50.77
CA MET A 129 13.48 13.02 49.60
C MET A 129 14.19 11.65 49.71
N ARG A 130 15.51 11.67 49.98
CA ARG A 130 16.29 10.41 50.06
C ARG A 130 15.92 9.49 51.28
N ILE A 131 15.57 10.08 52.42
CA ILE A 131 15.07 9.31 53.60
C ILE A 131 13.88 8.48 53.15
N LEU A 132 12.91 9.17 52.54
CA LEU A 132 11.76 8.53 51.91
C LEU A 132 12.11 7.51 50.86
N ILE A 133 12.97 7.84 49.90
CA ILE A 133 13.45 6.84 48.91
C ILE A 133 14.06 5.55 49.54
N LEU A 134 14.90 5.68 50.58
CA LEU A 134 15.46 4.47 51.25
C LEU A 134 14.40 3.69 52.09
N MET A 135 13.62 4.39 52.94
CA MET A 135 12.61 3.77 53.86
C MET A 135 11.55 3.02 53.07
N ARG A 136 11.03 3.66 52.03
CA ARG A 136 9.87 3.21 51.24
C ARG A 136 10.31 2.39 50.01
N ASN A 137 11.64 2.26 49.84
CA ASN A 137 12.24 1.39 48.82
C ASN A 137 11.87 1.71 47.34
N PHE A 138 11.99 2.99 46.98
CA PHE A 138 11.66 3.44 45.62
C PHE A 138 12.57 2.87 44.54
N VAL A 139 13.88 2.83 44.79
CA VAL A 139 14.84 2.45 43.67
C VAL A 139 14.59 1.06 43.01
N PRO A 140 14.42 0.00 43.83
CA PRO A 140 14.13 -1.30 43.21
C PRO A 140 12.81 -1.32 42.38
N GLY A 141 11.82 -0.51 42.75
CA GLY A 141 10.60 -0.37 41.90
C GLY A 141 10.84 0.27 40.54
N TYR A 142 11.63 1.34 40.54
CA TYR A 142 12.03 2.03 39.32
C TYR A 142 12.81 1.08 38.38
N ASN A 143 13.76 0.33 38.92
CA ASN A 143 14.53 -0.64 38.17
C ASN A 143 13.71 -1.73 37.52
N GLN A 144 12.74 -2.28 38.26
CA GLN A 144 11.77 -3.21 37.68
C GLN A 144 11.02 -2.58 36.51
N VAL A 145 10.64 -1.32 36.67
CA VAL A 145 9.84 -0.68 35.62
C VAL A 145 10.63 -0.62 34.29
N VAL A 146 11.88 -0.19 34.36
CA VAL A 146 12.64 0.03 33.10
C VAL A 146 13.09 -1.28 32.46
N LYS A 147 13.27 -2.33 33.27
CA LYS A 147 13.60 -3.66 32.75
C LYS A 147 12.39 -4.46 32.28
N GLY A 148 11.21 -3.87 32.35
CA GLY A 148 10.03 -4.61 31.93
C GLY A 148 9.53 -5.68 32.89
N GLU A 149 9.99 -5.64 34.16
CA GLU A 149 9.59 -6.60 35.18
C GLU A 149 8.34 -6.18 36.00
N TRP A 150 7.86 -7.09 36.86
CA TRP A 150 6.74 -6.79 37.83
C TRP A 150 6.75 -7.79 38.97
N ASN A 151 7.20 -7.37 40.14
CA ASN A 151 7.29 -8.27 41.33
C ASN A 151 7.14 -7.46 42.60
N VAL A 152 5.90 -7.19 43.01
CA VAL A 152 5.65 -6.39 44.22
C VAL A 152 6.37 -6.92 45.46
N ALA A 153 6.40 -8.25 45.63
CA ALA A 153 7.05 -8.81 46.84
C ALA A 153 8.51 -8.50 46.96
N GLY A 154 9.20 -8.42 45.83
CA GLY A 154 10.62 -8.09 45.77
C GLY A 154 10.92 -6.70 46.29
N ILE A 155 9.88 -5.87 46.38
CA ILE A 155 9.95 -4.52 46.93
C ILE A 155 9.32 -4.44 48.32
N ALA A 156 8.14 -5.05 48.50
CA ALA A 156 7.36 -4.82 49.73
C ALA A 156 7.99 -5.42 51.00
N TYR A 157 8.77 -6.50 50.86
CA TYR A 157 9.31 -7.21 52.02
C TYR A 157 10.13 -6.29 52.91
N ARG A 158 10.72 -5.23 52.34
CA ARG A 158 11.55 -4.29 53.12
C ARG A 158 11.12 -2.81 53.01
N ALA A 159 9.92 -2.55 52.49
CA ALA A 159 9.32 -1.21 52.50
C ALA A 159 8.50 -0.91 53.79
N TYR A 160 8.71 0.29 54.36
CA TYR A 160 8.16 0.73 55.62
C TYR A 160 7.68 2.18 55.49
N ASP A 161 6.74 2.60 56.35
CA ASP A 161 6.35 4.02 56.42
C ASP A 161 7.41 4.75 57.23
N LEU A 162 7.60 6.03 56.96
CA LEU A 162 8.48 6.84 57.77
C LEU A 162 7.88 7.12 59.14
N GLU A 163 6.57 7.29 59.22
CA GLU A 163 5.85 7.49 60.49
C GLU A 163 6.34 6.49 61.56
N GLY A 164 6.65 7.01 62.74
CA GLY A 164 7.03 6.21 63.91
C GLY A 164 8.49 5.80 64.02
N LYS A 165 9.29 6.07 62.99
CA LYS A 165 10.71 5.67 62.98
C LYS A 165 11.59 6.68 63.69
N THR A 166 12.80 6.26 64.08
CA THR A 166 13.72 7.13 64.81
C THR A 166 14.78 7.62 63.82
N ILE A 167 14.91 8.95 63.71
CA ILE A 167 15.81 9.60 62.75
C ILE A 167 16.79 10.48 63.51
N GLY A 168 18.09 10.30 63.28
CA GLY A 168 19.09 11.13 63.90
C GLY A 168 19.89 11.95 62.90
N THR A 169 19.92 13.26 63.08
CA THR A 169 20.86 14.09 62.28
C THR A 169 22.16 14.39 63.05
N VAL A 170 23.30 14.05 62.42
CA VAL A 170 24.63 14.24 62.94
C VAL A 170 25.07 15.61 62.45
N GLY A 171 24.82 16.61 63.27
CA GLY A 171 24.98 18.01 62.87
C GLY A 171 23.61 18.66 62.76
N ALA A 172 23.50 19.80 63.41
CA ALA A 172 22.27 20.58 63.37
C ALA A 172 22.60 22.06 63.19
N GLY A 173 23.24 22.37 62.05
CA GLY A 173 23.43 23.76 61.65
C GLY A 173 22.25 24.21 60.81
N ARG A 174 22.52 25.03 59.79
CA ARG A 174 21.48 25.60 58.95
C ARG A 174 20.65 24.48 58.27
N ILE A 175 21.34 23.54 57.63
CA ILE A 175 20.64 22.48 56.88
C ILE A 175 19.90 21.53 57.82
N GLY A 176 20.58 21.10 58.89
CA GLY A 176 19.98 20.13 59.85
C GLY A 176 18.72 20.70 60.48
N LYS A 177 18.73 21.98 60.81
CA LYS A 177 17.55 22.59 61.38
C LYS A 177 16.37 22.62 60.38
N LEU A 178 16.65 22.98 59.13
CA LEU A 178 15.61 23.05 58.09
C LEU A 178 15.03 21.66 57.81
N LEU A 179 15.86 20.64 57.91
CA LEU A 179 15.43 19.26 57.76
C LEU A 179 14.50 18.86 58.93
N LEU A 180 14.91 19.17 60.17
CA LEU A 180 14.09 18.84 61.36
C LEU A 180 12.69 19.49 61.27
N GLN A 181 12.65 20.70 60.76
CA GLN A 181 11.38 21.39 60.59
C GLN A 181 10.45 20.75 59.59
N ARG A 182 11.04 20.25 58.49
CA ARG A 182 10.25 19.55 57.47
C ARG A 182 9.84 18.13 57.91
N LEU A 183 10.63 17.51 58.79
CA LEU A 183 10.25 16.17 59.32
C LEU A 183 9.16 16.18 60.40
N LYS A 184 9.03 17.29 61.13
CA LYS A 184 8.01 17.44 62.21
C LYS A 184 6.62 16.81 61.90
N PRO A 185 5.99 17.16 60.75
CA PRO A 185 4.64 16.60 60.55
C PRO A 185 4.57 15.13 60.12
N PHE A 186 5.70 14.44 59.95
CA PHE A 186 5.64 13.01 59.55
C PHE A 186 5.42 12.07 60.76
N GLY A 187 5.63 12.59 61.96
CA GLY A 187 5.37 11.90 63.22
C GLY A 187 6.42 10.88 63.57
N CYS A 188 7.67 11.32 63.56
CA CYS A 188 8.81 10.48 63.82
C CYS A 188 9.32 10.78 65.24
N ASN A 189 10.26 9.99 65.72
CA ASN A 189 11.03 10.26 66.90
C ASN A 189 12.36 10.90 66.43
N LEU A 190 12.47 12.23 66.55
CA LEU A 190 13.67 12.97 66.11
C LEU A 190 14.74 13.19 67.19
N LEU A 191 15.97 12.81 66.88
CA LEU A 191 17.14 13.09 67.69
C LEU A 191 18.19 13.90 66.91
N TYR A 192 19.03 14.64 67.64
CA TYR A 192 20.18 15.27 66.99
C TYR A 192 21.44 15.34 67.86
N HIS A 193 22.60 15.28 67.20
CA HIS A 193 23.91 15.54 67.83
C HIS A 193 24.59 16.74 67.13
N ASP A 194 25.18 17.63 67.93
CA ASP A 194 26.03 18.73 67.45
C ASP A 194 26.93 19.11 68.63
N ARG A 195 28.01 19.85 68.37
CA ARG A 195 28.75 20.54 69.44
C ARG A 195 27.90 21.63 70.05
N LEU A 196 26.89 22.11 69.32
CA LEU A 196 26.06 23.20 69.80
C LEU A 196 24.59 22.82 69.87
N GLN A 197 23.99 23.00 71.05
CA GLN A 197 22.57 22.76 71.26
C GLN A 197 21.73 23.83 70.57
N MET A 198 20.61 23.41 69.97
CA MET A 198 19.66 24.35 69.36
C MET A 198 18.98 25.12 70.50
N ALA A 199 18.38 26.27 70.18
CA ALA A 199 17.60 27.04 71.13
C ALA A 199 16.42 26.20 71.65
N PRO A 200 16.07 26.32 72.96
CA PRO A 200 14.92 25.65 73.56
C PRO A 200 13.64 25.67 72.72
N GLU A 201 13.28 26.83 72.20
CA GLU A 201 12.03 26.92 71.44
C GLU A 201 12.10 26.18 70.10
N LEU A 202 13.28 26.12 69.49
CA LEU A 202 13.40 25.34 68.23
C LEU A 202 13.29 23.83 68.50
N GLU A 203 13.85 23.36 69.62
CA GLU A 203 13.65 21.97 70.07
C GLU A 203 12.19 21.65 70.29
N LYS A 204 11.48 22.56 70.95
CA LYS A 204 10.06 22.39 71.19
C LYS A 204 9.21 22.38 69.90
N GLU A 205 9.45 23.29 68.98
CA GLU A 205 8.70 23.27 67.71
C GLU A 205 8.92 22.00 66.89
N THR A 206 10.16 21.50 66.85
CA THR A 206 10.50 20.37 65.97
C THR A 206 10.26 19.03 66.67
N GLY A 207 10.27 19.04 68.01
CA GLY A 207 10.18 17.85 68.82
C GLY A 207 11.48 17.07 68.86
N ALA A 208 12.60 17.71 68.51
CA ALA A 208 13.90 17.04 68.42
C ALA A 208 14.72 17.10 69.72
N LYS A 209 15.33 15.98 70.08
CA LYS A 209 15.95 15.82 71.39
C LYS A 209 17.46 15.79 71.22
N PHE A 210 18.15 16.68 71.95
CA PHE A 210 19.61 16.76 71.96
C PHE A 210 20.24 15.54 72.63
N VAL A 211 21.22 14.93 71.98
CA VAL A 211 22.02 13.87 72.54
C VAL A 211 23.48 14.30 72.43
N GLU A 212 24.02 14.72 73.58
CA GLU A 212 25.36 15.34 73.68
C GLU A 212 26.48 14.43 73.23
N ASP A 213 26.36 13.14 73.52
CA ASP A 213 27.37 12.19 73.15
C ASP A 213 26.94 11.39 71.93
N LEU A 214 27.66 11.55 70.82
CA LEU A 214 27.28 10.91 69.55
C LEU A 214 27.09 9.40 69.68
N ASN A 215 27.97 8.74 70.44
CA ASN A 215 27.96 7.28 70.54
C ASN A 215 26.71 6.72 71.21
N GLU A 216 26.08 7.52 72.05
CA GLU A 216 24.81 7.21 72.62
C GLU A 216 23.62 7.30 71.58
N MET A 217 23.64 8.28 70.69
CA MET A 217 22.57 8.41 69.65
C MET A 217 22.61 7.28 68.60
N LEU A 218 23.82 6.93 68.13
CA LEU A 218 23.96 6.07 66.95
C LEU A 218 23.15 4.80 66.97
N PRO A 219 23.27 3.99 68.05
CA PRO A 219 22.55 2.70 68.04
C PRO A 219 21.03 2.82 68.02
N LYS A 220 20.49 3.99 68.36
CA LYS A 220 19.05 4.13 68.44
C LYS A 220 18.40 4.42 67.09
N CYS A 221 19.18 4.83 66.09
CA CYS A 221 18.60 5.37 64.83
C CYS A 221 18.32 4.36 63.72
N ASP A 222 17.07 4.33 63.25
CA ASP A 222 16.72 3.65 61.98
C ASP A 222 17.29 4.39 60.76
N VAL A 223 17.41 5.71 60.91
CA VAL A 223 17.93 6.59 59.84
C VAL A 223 18.92 7.56 60.46
N ILE A 224 20.05 7.70 59.79
CA ILE A 224 21.10 8.61 60.17
C ILE A 224 21.34 9.54 58.98
N VAL A 225 21.38 10.86 59.25
CA VAL A 225 21.66 11.88 58.21
C VAL A 225 22.96 12.69 58.51
N ILE A 226 23.92 12.75 57.58
CA ILE A 226 25.15 13.54 57.80
C ILE A 226 24.92 15.03 57.44
N ASN A 227 25.21 15.94 58.39
CA ASN A 227 24.95 17.38 58.26
C ASN A 227 26.02 18.27 58.93
N MET A 228 27.30 17.89 58.77
CA MET A 228 28.46 18.69 59.21
C MET A 228 29.38 19.08 58.03
N PRO A 229 30.24 20.11 58.17
CA PRO A 229 31.23 20.32 57.09
C PRO A 229 32.29 19.22 57.10
N LEU A 230 33.09 19.17 56.01
CA LEU A 230 34.26 18.29 55.94
C LEU A 230 35.42 19.06 56.59
N THR A 231 35.82 18.64 57.81
CA THR A 231 36.87 19.30 58.61
C THR A 231 37.95 18.28 58.97
N GLU A 232 39.02 18.75 59.61
CA GLU A 232 40.07 17.83 60.06
C GLU A 232 39.51 16.79 61.04
N LYS A 233 38.55 17.20 61.85
CA LYS A 233 37.88 16.27 62.76
C LYS A 233 36.84 15.30 62.12
N THR A 234 36.01 15.81 61.19
CA THR A 234 35.00 14.95 60.50
C THR A 234 35.54 14.04 59.40
N ARG A 235 36.69 14.38 58.82
CA ARG A 235 37.28 13.59 57.74
C ARG A 235 37.52 12.16 58.17
N GLY A 236 36.97 11.20 57.42
CA GLY A 236 37.12 9.78 57.76
C GLY A 236 36.49 9.36 59.10
N MET A 237 35.63 10.19 59.67
CA MET A 237 35.05 9.84 60.97
C MET A 237 34.15 8.57 60.96
N PHE A 238 33.33 8.39 59.90
CA PHE A 238 32.59 7.14 59.72
C PHE A 238 33.44 6.03 59.12
N ASN A 239 34.26 5.43 60.00
CA ASN A 239 35.20 4.37 59.63
C ASN A 239 34.65 2.97 60.04
N LYS A 240 35.44 1.92 59.90
CA LYS A 240 34.99 0.57 60.24
C LYS A 240 34.30 0.53 61.62
N GLU A 241 34.98 1.08 62.63
CA GLU A 241 34.55 1.05 64.03
C GLU A 241 33.28 1.87 64.34
N LEU A 242 33.23 3.12 63.89
CA LEU A 242 32.03 3.93 64.08
C LEU A 242 30.78 3.33 63.38
N ILE A 243 30.97 2.73 62.20
CA ILE A 243 29.82 2.19 61.44
C ILE A 243 29.29 0.93 62.14
N GLY A 244 30.20 0.24 62.86
CA GLY A 244 29.81 -0.92 63.68
C GLY A 244 28.90 -0.57 64.84
N LYS A 245 28.94 0.67 65.30
CA LYS A 245 28.07 1.11 66.38
C LYS A 245 26.62 1.46 65.94
N LEU A 246 26.38 1.54 64.62
CA LEU A 246 25.07 1.92 64.06
C LEU A 246 24.12 0.74 64.20
N LYS A 247 22.83 1.00 64.25
CA LYS A 247 21.87 -0.10 64.25
C LYS A 247 22.00 -0.97 63.01
N LYS A 248 21.94 -2.29 63.19
CA LYS A 248 21.97 -3.19 62.04
C LYS A 248 20.84 -2.84 61.05
N GLY A 249 21.19 -2.68 59.76
CA GLY A 249 20.20 -2.25 58.74
C GLY A 249 19.90 -0.76 58.66
N VAL A 250 20.70 0.08 59.34
CA VAL A 250 20.60 1.54 59.32
C VAL A 250 20.57 2.05 57.85
N LEU A 251 19.75 3.08 57.62
CA LEU A 251 19.70 3.76 56.33
C LEU A 251 20.45 5.08 56.52
N ILE A 252 21.45 5.32 55.68
CA ILE A 252 22.26 6.52 55.75
C ILE A 252 22.03 7.44 54.56
N VAL A 253 21.76 8.70 54.85
CA VAL A 253 21.69 9.80 53.86
C VAL A 253 22.86 10.75 54.08
N ASN A 254 23.63 11.02 53.02
CA ASN A 254 24.78 11.93 53.11
C ASN A 254 24.92 12.88 51.90
N ASN A 255 24.30 14.07 52.02
CA ASN A 255 24.48 15.18 51.09
C ASN A 255 25.44 16.24 51.68
N ALA A 256 26.30 15.83 52.63
CA ALA A 256 27.25 16.77 53.22
C ALA A 256 28.55 16.76 52.41
N ARG A 257 29.45 15.79 52.70
CA ARG A 257 30.64 15.53 51.89
C ARG A 257 30.98 14.05 51.98
N GLY A 258 31.42 13.50 50.86
CA GLY A 258 31.61 12.08 50.75
C GLY A 258 32.72 11.60 51.70
N ALA A 259 33.76 12.44 51.86
CA ALA A 259 34.97 12.04 52.60
C ALA A 259 34.77 12.03 54.12
N ILE A 260 33.63 12.51 54.61
CA ILE A 260 33.24 12.24 56.02
C ILE A 260 33.14 10.71 56.29
N MET A 261 32.78 9.92 55.25
CA MET A 261 32.77 8.44 55.30
C MET A 261 34.08 7.91 54.75
N GLU A 262 34.58 6.79 55.30
CA GLU A 262 35.67 6.08 54.66
C GLU A 262 35.04 5.27 53.55
N ARG A 263 35.56 5.40 52.32
CA ARG A 263 34.94 4.78 51.15
C ARG A 263 34.72 3.26 51.29
N GLN A 264 35.80 2.53 51.61
CA GLN A 264 35.74 1.08 51.66
C GLN A 264 34.94 0.59 52.90
N ALA A 265 35.03 1.30 54.02
CA ALA A 265 34.24 0.95 55.20
C ALA A 265 32.70 0.92 54.86
N VAL A 266 32.24 1.92 54.09
CA VAL A 266 30.82 1.93 53.64
C VAL A 266 30.53 0.74 52.72
N VAL A 267 31.42 0.46 51.76
CA VAL A 267 31.20 -0.67 50.84
C VAL A 267 31.03 -2.02 51.59
N ASP A 268 31.95 -2.29 52.55
CA ASP A 268 32.01 -3.55 53.28
C ASP A 268 30.73 -3.74 54.10
N ALA A 269 30.30 -2.66 54.76
CA ALA A 269 29.11 -2.70 55.63
C ALA A 269 27.77 -2.71 54.87
N VAL A 270 27.77 -2.18 53.65
CA VAL A 270 26.64 -2.36 52.73
C VAL A 270 26.53 -3.81 52.22
N GLU A 271 27.67 -4.42 51.84
CA GLU A 271 27.70 -5.81 51.35
C GLU A 271 27.35 -6.83 52.44
N SER A 272 27.67 -6.53 53.69
CA SER A 272 27.27 -7.37 54.81
C SER A 272 25.83 -7.17 55.25
N GLY A 273 25.20 -6.08 54.82
CA GLY A 273 23.83 -5.79 55.23
C GLY A 273 23.79 -5.00 56.53
N HIS A 274 24.95 -4.73 57.11
CA HIS A 274 24.95 -3.94 58.33
C HIS A 274 24.48 -2.49 58.09
N ILE A 275 24.84 -1.92 56.94
CA ILE A 275 24.16 -0.70 56.42
C ILE A 275 23.13 -1.21 55.43
N GLY A 276 21.87 -0.93 55.73
CA GLY A 276 20.78 -1.34 54.87
C GLY A 276 20.66 -0.60 53.54
N GLY A 277 21.09 0.66 53.49
CA GLY A 277 21.00 1.47 52.25
C GLY A 277 21.76 2.77 52.47
N TYR A 278 22.33 3.34 51.40
CA TYR A 278 23.12 4.59 51.52
C TYR A 278 22.72 5.45 50.31
N SER A 279 22.38 6.71 50.58
CA SER A 279 21.96 7.65 49.54
C SER A 279 22.61 9.02 49.75
N GLY A 280 23.22 9.56 48.70
CA GLY A 280 23.67 10.93 48.70
C GLY A 280 24.11 11.42 47.32
N ASP A 281 24.41 12.71 47.26
CA ASP A 281 24.87 13.37 46.02
C ASP A 281 26.37 13.72 46.03
N VAL A 282 27.09 13.45 47.13
CA VAL A 282 28.53 13.87 47.27
C VAL A 282 29.55 12.72 47.34
N TRP A 283 30.70 12.91 46.71
CA TRP A 283 31.66 11.79 46.48
C TRP A 283 33.06 12.27 46.71
N ASP A 284 33.98 11.34 46.96
CA ASP A 284 35.41 11.65 46.92
C ASP A 284 36.07 10.77 45.86
N PRO A 285 36.73 11.36 44.82
CA PRO A 285 36.76 12.77 44.41
C PRO A 285 35.57 13.09 43.52
N GLN A 286 35.47 14.34 43.07
CA GLN A 286 34.46 14.78 42.07
C GLN A 286 35.14 15.46 40.86
N PRO A 287 34.81 15.04 39.62
CA PRO A 287 33.85 14.00 39.19
C PRO A 287 34.23 12.63 39.73
N ALA A 288 33.22 11.83 40.08
CA ALA A 288 33.47 10.44 40.49
C ALA A 288 33.88 9.60 39.28
N PRO A 289 35.03 8.90 39.36
CA PRO A 289 35.40 8.06 38.24
C PRO A 289 34.34 6.99 37.92
N LYS A 290 34.38 6.50 36.69
CA LYS A 290 33.52 5.45 36.23
C LYS A 290 33.54 4.21 37.11
N ASP A 291 34.69 3.86 37.68
CA ASP A 291 34.78 2.66 38.53
C ASP A 291 34.50 2.89 40.03
N HIS A 292 34.06 4.10 40.42
CA HIS A 292 33.87 4.38 41.86
C HIS A 292 32.86 3.39 42.44
N PRO A 293 33.24 2.64 43.51
CA PRO A 293 32.42 1.48 43.92
C PRO A 293 31.07 1.81 44.56
N TRP A 294 30.85 3.05 45.01
CA TRP A 294 29.52 3.46 45.53
C TRP A 294 28.44 3.40 44.44
N ARG A 295 28.88 3.40 43.18
CA ARG A 295 27.95 3.36 42.05
C ARG A 295 27.30 1.99 41.93
N TYR A 296 27.98 0.96 42.44
CA TYR A 296 27.61 -0.45 42.12
C TYR A 296 27.19 -1.32 43.32
N MET A 297 27.36 -0.83 44.54
CA MET A 297 27.02 -1.60 45.75
C MET A 297 25.50 -1.81 45.93
N PRO A 298 25.09 -2.92 46.61
CA PRO A 298 23.68 -3.20 46.82
C PRO A 298 22.98 -2.00 47.44
N ASN A 299 21.71 -1.81 47.07
CA ASN A 299 20.80 -0.85 47.70
C ASN A 299 21.14 0.65 47.55
N GLN A 300 22.14 0.99 46.74
CA GLN A 300 22.60 2.41 46.66
C GLN A 300 21.53 3.27 45.96
N ALA A 301 21.34 4.49 46.43
CA ALA A 301 20.41 5.45 45.80
C ALA A 301 21.14 6.76 45.59
N MET A 302 22.24 6.69 44.86
CA MET A 302 23.14 7.87 44.66
C MET A 302 22.70 8.69 43.46
N THR A 303 23.18 9.93 43.41
CA THR A 303 23.19 10.76 42.16
C THR A 303 24.57 11.48 42.09
N PRO A 304 24.90 12.13 40.96
CA PRO A 304 26.03 13.08 41.03
C PRO A 304 25.68 14.27 41.90
N HIS A 305 26.62 15.22 42.02
CA HIS A 305 26.50 16.33 42.98
C HIS A 305 25.58 17.44 42.47
N THR A 306 24.27 17.32 42.79
CA THR A 306 23.21 18.19 42.23
C THR A 306 22.33 18.96 43.20
N SER A 307 22.32 18.62 44.52
CA SER A 307 21.23 19.14 45.39
C SER A 307 21.37 20.63 45.66
N GLY A 308 22.60 21.12 45.77
CA GLY A 308 22.86 22.57 45.98
C GLY A 308 22.93 23.42 44.70
N THR A 309 22.61 22.83 43.56
CA THR A 309 22.68 23.51 42.24
C THR A 309 21.39 23.32 41.44
N THR A 310 20.27 23.38 42.14
CA THR A 310 18.99 23.59 41.44
C THR A 310 19.03 25.01 40.88
N ILE A 311 18.15 25.28 39.93
CA ILE A 311 18.08 26.59 39.35
C ILE A 311 17.87 27.67 40.42
N ASP A 312 16.96 27.43 41.37
CA ASP A 312 16.72 28.40 42.44
C ASP A 312 17.95 28.62 43.33
N ALA A 313 18.71 27.57 43.61
CA ALA A 313 19.97 27.71 44.36
C ALA A 313 21.00 28.52 43.56
N GLN A 314 21.13 28.24 42.24
CA GLN A 314 22.05 28.96 41.33
C GLN A 314 21.83 30.47 41.34
N LEU A 315 20.57 30.90 41.29
CA LEU A 315 20.26 32.30 41.32
C LEU A 315 20.81 32.96 42.60
N ARG A 316 20.64 32.30 43.75
CA ARG A 316 21.05 32.86 45.04
C ARG A 316 22.60 32.85 45.20
N TYR A 317 23.27 31.77 44.83
CA TYR A 317 24.71 31.79 45.01
C TYR A 317 25.47 32.65 43.97
N ALA A 318 24.90 32.80 42.76
CA ALA A 318 25.45 33.75 41.78
C ALA A 318 25.32 35.18 42.35
N ALA A 319 24.17 35.49 42.93
CA ALA A 319 23.95 36.85 43.48
C ALA A 319 24.89 37.15 44.65
N GLY A 320 25.06 36.17 45.52
CA GLY A 320 25.99 36.31 46.65
C GLY A 320 27.44 36.46 46.21
N THR A 321 27.81 35.78 45.12
CA THR A 321 29.18 35.84 44.61
C THR A 321 29.48 37.26 44.06
N LYS A 322 28.53 37.77 43.27
CA LYS A 322 28.58 39.11 42.75
C LYS A 322 28.68 40.18 43.83
N ASP A 323 27.91 40.02 44.91
CA ASP A 323 27.92 40.96 46.05
C ASP A 323 29.28 40.99 46.72
N MET A 324 29.85 39.82 46.98
CA MET A 324 31.19 39.76 47.54
C MET A 324 32.28 40.38 46.64
N LEU A 325 32.21 40.10 45.33
CA LEU A 325 33.14 40.75 44.37
C LEU A 325 33.02 42.28 44.41
N GLU A 326 31.80 42.79 44.45
CA GLU A 326 31.56 44.22 44.50
C GLU A 326 32.17 44.83 45.78
N ARG A 327 31.94 44.14 46.91
CA ARG A 327 32.56 44.53 48.19
C ARG A 327 34.08 44.48 48.10
N TYR A 328 34.63 43.41 47.53
CA TYR A 328 36.07 43.27 47.37
C TYR A 328 36.77 44.42 46.60
N PHE A 329 36.17 44.82 45.48
CA PHE A 329 36.66 45.95 44.68
C PHE A 329 36.62 47.28 45.45
N LYS A 330 35.67 47.40 46.38
CA LYS A 330 35.53 48.63 47.15
C LYS A 330 36.25 48.60 48.52
N GLY A 331 36.92 47.48 48.85
CA GLY A 331 37.60 47.28 50.15
C GLY A 331 36.67 47.14 51.37
N GLU A 332 35.43 46.70 51.16
CA GLU A 332 34.45 46.50 52.22
C GLU A 332 34.46 45.04 52.67
N ASP A 333 34.24 44.79 53.97
CA ASP A 333 34.12 43.42 54.49
C ASP A 333 32.87 42.68 53.94
N PHE A 334 32.99 41.37 53.80
CA PHE A 334 31.82 40.52 53.49
C PHE A 334 30.97 40.29 54.77
N PRO A 335 29.68 39.81 54.63
CA PRO A 335 28.93 39.39 55.83
C PRO A 335 29.80 38.45 56.64
N THR A 336 29.77 38.57 57.96
CA THR A 336 30.71 37.82 58.82
C THR A 336 30.57 36.30 58.63
N GLU A 337 29.35 35.82 58.46
CA GLU A 337 29.08 34.38 58.31
C GLU A 337 29.61 33.77 57.00
N ASN A 338 30.08 34.60 56.07
CA ASN A 338 30.61 34.12 54.79
C ASN A 338 32.06 33.67 54.88
N TYR A 339 32.81 34.16 55.86
CA TYR A 339 34.26 33.88 55.90
C TYR A 339 34.52 32.47 56.41
N ILE A 340 35.39 31.75 55.71
CA ILE A 340 35.88 30.45 56.15
C ILE A 340 37.32 30.59 56.67
N VAL A 341 38.13 31.41 55.98
CA VAL A 341 39.47 31.78 56.40
C VAL A 341 39.60 33.31 56.23
N LYS A 342 39.91 33.99 57.34
CA LYS A 342 40.13 35.44 57.34
C LYS A 342 41.25 35.81 58.34
N ASP A 343 42.21 36.63 57.91
CA ASP A 343 43.35 37.01 58.77
C ASP A 343 44.05 35.78 59.38
N GLY A 344 44.21 34.72 58.59
CA GLY A 344 44.90 33.52 59.02
C GLY A 344 44.12 32.63 59.99
N GLU A 345 42.85 32.94 60.21
CA GLU A 345 41.99 32.13 61.10
C GLU A 345 40.86 31.39 60.41
N LEU A 346 40.70 30.13 60.79
CA LEU A 346 39.62 29.28 60.30
C LEU A 346 38.34 29.55 61.08
N ALA A 347 37.19 29.56 60.39
CA ALA A 347 35.88 29.75 61.03
C ALA A 347 35.54 28.61 62.04
N PRO A 348 34.79 28.93 63.12
CA PRO A 348 34.63 27.96 64.25
C PRO A 348 34.04 26.59 63.86
N GLN A 349 33.12 26.56 62.90
CA GLN A 349 32.52 25.29 62.53
C GLN A 349 33.49 24.38 61.81
N TYR A 350 34.62 24.94 61.32
CA TYR A 350 35.67 24.08 60.77
C TYR A 350 36.75 23.68 61.79
N ARG A 351 36.77 24.31 62.96
CA ARG A 351 37.75 23.93 64.00
C ARG A 351 37.33 22.65 64.75
N ASP B 1 -23.01 -24.10 57.92
CA ASP B 1 -22.55 -22.71 58.26
C ASP B 1 -21.01 -22.59 58.39
N SER B 2 -20.29 -23.49 57.73
CA SER B 2 -18.85 -23.34 57.52
C SER B 2 -18.65 -22.89 56.06
N LYS B 3 -17.73 -21.95 55.83
CA LYS B 3 -17.69 -21.23 54.53
C LYS B 3 -16.42 -21.54 53.73
N LYS B 4 -16.50 -21.50 52.41
CA LYS B 4 -15.33 -21.44 51.55
C LYS B 4 -14.84 -19.99 51.35
N ILE B 5 -13.65 -19.68 51.89
CA ILE B 5 -13.01 -18.34 51.78
C ILE B 5 -11.83 -18.37 50.79
N VAL B 6 -11.86 -17.50 49.79
CA VAL B 6 -10.76 -17.44 48.79
C VAL B 6 -10.00 -16.12 48.93
N GLY B 7 -8.66 -16.18 48.98
CA GLY B 7 -7.82 -14.99 48.96
C GLY B 7 -6.98 -14.90 47.69
N VAL B 8 -6.94 -13.72 47.05
CA VAL B 8 -6.07 -13.49 45.90
C VAL B 8 -5.03 -12.39 46.25
N PHE B 9 -3.76 -12.80 46.42
CA PHE B 9 -2.70 -11.86 46.82
C PHE B 9 -1.51 -12.01 45.85
N TYR B 10 -0.49 -11.16 45.97
CA TYR B 10 0.71 -11.29 45.14
C TYR B 10 1.57 -12.39 45.79
N LYS B 11 2.27 -13.14 44.94
CA LYS B 11 3.11 -14.27 45.37
C LYS B 11 4.52 -13.78 45.71
N ALA B 12 5.05 -14.19 46.86
CA ALA B 12 6.37 -13.75 47.35
C ALA B 12 7.56 -14.77 47.19
N ASN B 13 7.25 -16.06 47.06
CA ASN B 13 8.26 -17.15 47.10
C ASN B 13 9.27 -16.93 48.24
N GLU B 14 10.57 -16.82 47.91
CA GLU B 14 11.66 -16.67 48.94
C GLU B 14 11.59 -15.36 49.74
N TYR B 15 10.94 -14.34 49.18
CA TYR B 15 10.75 -13.08 49.93
C TYR B 15 9.84 -13.18 51.16
N ALA B 16 8.92 -14.14 51.16
CA ALA B 16 7.88 -14.25 52.22
C ALA B 16 8.42 -14.23 53.65
N THR B 17 9.49 -14.97 53.85
CA THR B 17 10.09 -15.18 55.14
C THR B 17 11.06 -14.06 55.59
N LYS B 18 11.43 -13.16 54.67
CA LYS B 18 12.42 -12.10 55.01
C LYS B 18 11.97 -11.11 56.06
N ASN B 19 10.68 -11.03 56.35
CA ASN B 19 10.16 -10.15 57.40
C ASN B 19 9.05 -10.88 58.11
N PRO B 20 9.12 -10.94 59.46
CA PRO B 20 8.10 -11.64 60.22
C PRO B 20 6.71 -11.03 60.06
N ASN B 21 6.65 -9.74 59.70
CA ASN B 21 5.33 -9.08 59.50
C ASN B 21 4.83 -8.96 58.04
N PHE B 22 5.38 -9.78 57.15
CA PHE B 22 5.08 -9.73 55.71
C PHE B 22 3.73 -10.39 55.40
N LEU B 23 2.66 -9.79 55.89
CA LEU B 23 1.30 -10.39 55.83
C LEU B 23 0.56 -10.26 54.51
N GLY B 24 0.97 -9.31 53.65
CA GLY B 24 0.26 -9.10 52.38
C GLY B 24 0.47 -10.08 51.21
N CYS B 25 1.43 -11.02 51.33
CA CYS B 25 1.68 -12.01 50.25
C CYS B 25 0.82 -13.30 50.37
N VAL B 26 0.78 -14.10 49.28
CA VAL B 26 0.07 -15.42 49.26
C VAL B 26 0.46 -16.35 50.43
N GLU B 27 1.77 -16.44 50.68
CA GLU B 27 2.33 -17.40 51.65
C GLU B 27 1.87 -17.15 53.11
N ASN B 28 1.83 -15.88 53.53
CA ASN B 28 1.32 -15.53 54.87
C ASN B 28 -0.19 -15.17 54.96
N ALA B 29 -0.75 -14.75 53.83
CA ALA B 29 -2.18 -14.58 53.63
C ALA B 29 -2.91 -13.87 54.78
N LEU B 30 -2.42 -12.67 55.14
CA LEU B 30 -2.96 -11.83 56.24
C LEU B 30 -2.85 -12.45 57.62
N GLY B 31 -2.19 -13.62 57.71
CA GLY B 31 -1.97 -14.28 59.00
C GLY B 31 -3.21 -14.95 59.56
N ILE B 32 -4.22 -15.19 58.74
CA ILE B 32 -5.51 -15.68 59.28
C ILE B 32 -5.86 -17.17 59.04
N ARG B 33 -4.96 -17.95 58.41
CA ARG B 33 -5.30 -19.36 58.02
C ARG B 33 -5.67 -20.25 59.21
N ASP B 34 -4.86 -20.25 60.26
CA ASP B 34 -5.11 -21.09 61.43
C ASP B 34 -6.40 -20.66 62.10
N TRP B 35 -6.55 -19.35 62.29
CA TRP B 35 -7.79 -18.74 62.80
C TRP B 35 -9.06 -19.19 62.03
N LEU B 36 -9.04 -19.15 60.70
CA LEU B 36 -10.14 -19.62 59.88
C LEU B 36 -10.37 -21.16 59.88
N GLU B 37 -9.29 -21.94 59.84
CA GLU B 37 -9.43 -23.40 59.86
C GLU B 37 -9.91 -23.95 61.22
N SER B 38 -9.47 -23.34 62.31
CA SER B 38 -9.94 -23.71 63.64
C SER B 38 -11.46 -23.56 63.81
N GLN B 39 -12.10 -22.73 62.98
CA GLN B 39 -13.54 -22.47 63.06
C GLN B 39 -14.20 -23.30 62.01
N GLY B 40 -13.47 -24.22 61.43
CA GLY B 40 -14.09 -25.12 60.45
C GLY B 40 -14.19 -24.64 59.02
N HIS B 41 -13.72 -23.42 58.71
CA HIS B 41 -13.77 -22.90 57.32
C HIS B 41 -12.59 -23.37 56.45
N GLN B 42 -12.79 -23.34 55.14
CA GLN B 42 -11.74 -23.62 54.21
C GLN B 42 -11.14 -22.30 53.63
N TYR B 43 -9.82 -22.24 53.42
CA TYR B 43 -9.15 -21.01 52.95
C TYR B 43 -8.21 -21.37 51.82
N ILE B 44 -8.63 -21.10 50.59
CA ILE B 44 -7.89 -21.31 49.34
C ILE B 44 -7.23 -19.98 48.94
N VAL B 45 -5.89 -19.94 48.90
CA VAL B 45 -5.15 -18.69 48.57
C VAL B 45 -4.31 -18.83 47.26
N THR B 46 -4.37 -17.84 46.37
CA THR B 46 -3.73 -17.98 45.08
C THR B 46 -3.31 -16.61 44.53
N ASP B 47 -2.30 -16.59 43.64
CA ASP B 47 -2.01 -15.40 42.85
C ASP B 47 -2.47 -15.57 41.41
N ASP B 48 -2.98 -16.75 41.06
CA ASP B 48 -3.23 -17.07 39.64
C ASP B 48 -4.66 -16.62 39.25
N LYS B 49 -4.76 -15.46 38.58
CA LYS B 49 -6.02 -14.76 38.48
C LYS B 49 -6.55 -14.47 37.06
N GLU B 50 -5.77 -14.76 36.02
CA GLU B 50 -6.12 -14.33 34.67
C GLU B 50 -6.70 -15.42 33.77
N GLY B 51 -7.87 -15.14 33.17
CA GLY B 51 -8.49 -16.05 32.17
C GLY B 51 -9.37 -17.19 32.69
N PRO B 52 -10.02 -17.93 31.74
CA PRO B 52 -10.92 -19.05 32.03
C PRO B 52 -10.27 -20.20 32.77
N ASP B 53 -8.95 -20.34 32.65
CA ASP B 53 -8.27 -21.57 33.08
C ASP B 53 -7.39 -21.43 34.32
N CYS B 54 -7.46 -20.28 35.00
CA CYS B 54 -6.60 -20.02 36.16
C CYS B 54 -7.19 -20.64 37.42
N GLU B 55 -6.39 -20.77 38.47
CA GLU B 55 -6.83 -21.31 39.74
C GLU B 55 -8.01 -20.57 40.40
N LEU B 56 -8.04 -19.24 40.30
CA LEU B 56 -9.23 -18.49 40.80
C LEU B 56 -10.57 -18.96 40.19
N GLU B 57 -10.60 -19.12 38.87
CA GLU B 57 -11.80 -19.45 38.12
C GLU B 57 -12.36 -20.83 38.51
N LYS B 58 -11.47 -21.73 38.99
CA LYS B 58 -11.91 -23.02 39.52
C LYS B 58 -12.76 -22.90 40.79
N HIS B 59 -12.54 -21.87 41.60
CA HIS B 59 -13.25 -21.76 42.87
C HIS B 59 -14.42 -20.74 42.81
N ILE B 60 -14.49 -19.95 41.75
CA ILE B 60 -15.56 -18.96 41.56
C ILE B 60 -16.99 -19.56 41.77
N PRO B 61 -17.28 -20.74 41.19
CA PRO B 61 -18.63 -21.35 41.36
C PRO B 61 -19.14 -21.63 42.76
N ASP B 62 -18.30 -21.92 43.74
CA ASP B 62 -18.80 -22.23 45.09
C ASP B 62 -18.28 -21.44 46.30
N LEU B 63 -17.43 -20.44 46.09
CA LEU B 63 -16.91 -19.62 47.21
C LEU B 63 -17.98 -18.76 47.87
N HIS B 64 -17.83 -18.51 49.16
CA HIS B 64 -18.77 -17.68 49.87
C HIS B 64 -18.22 -16.26 50.03
N VAL B 65 -16.90 -16.15 50.22
CA VAL B 65 -16.25 -14.84 50.48
C VAL B 65 -14.97 -14.74 49.60
N LEU B 66 -14.77 -13.63 48.90
CA LEU B 66 -13.53 -13.44 48.12
C LEU B 66 -12.79 -12.24 48.66
N ILE B 67 -11.59 -12.47 49.25
CA ILE B 67 -10.72 -11.42 49.73
C ILE B 67 -9.75 -11.07 48.61
N SER B 68 -9.79 -9.83 48.12
CA SER B 68 -8.87 -9.37 47.04
C SER B 68 -7.96 -8.31 47.62
N THR B 69 -7.00 -7.81 46.86
CA THR B 69 -6.05 -6.80 47.35
C THR B 69 -5.72 -5.97 46.10
N PRO B 70 -5.69 -4.64 46.23
CA PRO B 70 -5.44 -3.78 45.04
C PRO B 70 -4.11 -3.97 44.29
N PHE B 71 -3.05 -4.37 45.02
CA PHE B 71 -1.71 -4.57 44.46
C PHE B 71 -1.61 -5.76 43.50
N HIS B 72 -2.53 -6.70 43.61
CA HIS B 72 -2.62 -7.84 42.64
C HIS B 72 -4.10 -8.17 42.42
N PRO B 73 -4.82 -7.31 41.66
CA PRO B 73 -6.28 -7.29 41.81
C PRO B 73 -7.00 -8.33 40.98
N ALA B 74 -7.83 -9.14 41.65
CA ALA B 74 -8.77 -10.01 40.91
C ALA B 74 -9.82 -9.13 40.25
N TYR B 75 -9.98 -9.24 38.93
CA TYR B 75 -11.01 -8.45 38.25
C TYR B 75 -12.31 -9.22 38.30
N VAL B 76 -13.21 -8.75 39.16
CA VAL B 76 -14.44 -9.44 39.42
C VAL B 76 -15.52 -8.85 38.49
N THR B 77 -15.49 -9.37 37.26
CA THR B 77 -16.31 -8.94 36.15
C THR B 77 -17.79 -9.36 36.33
N ALA B 78 -18.67 -8.84 35.45
CA ALA B 78 -20.09 -9.18 35.50
C ALA B 78 -20.27 -10.69 35.22
N GLU B 79 -19.56 -11.18 34.21
CA GLU B 79 -19.59 -12.61 33.87
C GLU B 79 -19.15 -13.47 35.08
N ARG B 80 -18.12 -13.04 35.83
CA ARG B 80 -17.70 -13.77 37.06
C ARG B 80 -18.73 -13.77 38.20
N ILE B 81 -19.36 -12.63 38.43
CA ILE B 81 -20.39 -12.46 39.46
C ILE B 81 -21.59 -13.40 39.18
N LYS B 82 -21.97 -13.50 37.91
CA LYS B 82 -23.02 -14.37 37.39
C LYS B 82 -22.71 -15.86 37.66
N LYS B 83 -21.47 -16.28 37.44
CA LYS B 83 -21.06 -17.67 37.69
C LYS B 83 -20.90 -18.01 39.17
N ALA B 84 -20.93 -16.99 40.04
CA ALA B 84 -20.60 -17.18 41.45
C ALA B 84 -21.83 -17.44 42.33
N LYS B 85 -22.36 -18.67 42.23
CA LYS B 85 -23.62 -19.08 42.90
C LYS B 85 -23.68 -18.91 44.39
N ASN B 86 -22.54 -19.00 45.07
CA ASN B 86 -22.51 -18.95 46.53
C ASN B 86 -22.04 -17.61 47.12
N LEU B 87 -21.46 -16.76 46.26
CA LEU B 87 -20.77 -15.51 46.74
C LEU B 87 -21.68 -14.54 47.53
N LYS B 88 -21.32 -14.21 48.77
CA LYS B 88 -22.07 -13.17 49.49
C LYS B 88 -21.26 -11.90 49.82
N LEU B 89 -19.94 -12.02 49.98
CA LEU B 89 -19.14 -10.94 50.52
C LEU B 89 -17.81 -10.71 49.77
N LEU B 90 -17.54 -9.47 49.35
CA LEU B 90 -16.28 -9.11 48.67
C LEU B 90 -15.52 -8.15 49.57
N LEU B 91 -14.40 -8.61 50.18
CA LEU B 91 -13.54 -7.78 51.02
C LEU B 91 -12.25 -7.33 50.31
N THR B 92 -11.96 -6.02 50.39
CA THR B 92 -10.73 -5.48 49.84
C THR B 92 -9.67 -5.32 50.92
N ALA B 93 -8.59 -6.09 50.82
CA ALA B 93 -7.49 -5.91 51.78
C ALA B 93 -6.56 -4.75 51.32
N GLY B 94 -6.88 -3.53 51.77
CA GLY B 94 -6.29 -2.28 51.31
C GLY B 94 -7.51 -1.33 51.07
N ILE B 95 -7.32 -0.36 50.16
CA ILE B 95 -8.30 0.70 49.88
C ILE B 95 -8.51 0.86 48.36
N GLY B 96 -9.77 0.93 47.95
CA GLY B 96 -10.17 1.17 46.56
C GLY B 96 -10.70 -0.13 45.96
N SER B 97 -12.00 -0.16 45.64
CA SER B 97 -12.65 -1.43 45.24
C SER B 97 -13.09 -1.48 43.79
N ASP B 98 -12.49 -0.61 42.96
CA ASP B 98 -12.83 -0.43 41.54
C ASP B 98 -12.46 -1.59 40.63
N HIS B 99 -11.62 -2.50 41.13
CA HIS B 99 -11.36 -3.77 40.36
C HIS B 99 -12.58 -4.72 40.32
N ILE B 100 -13.56 -4.44 41.18
CA ILE B 100 -14.84 -5.14 41.14
C ILE B 100 -15.72 -4.40 40.09
N ASP B 101 -16.50 -5.11 39.28
CA ASP B 101 -17.62 -4.44 38.54
C ASP B 101 -18.70 -4.05 39.60
N LEU B 102 -18.64 -2.81 40.12
CA LEU B 102 -19.47 -2.39 41.25
C LEU B 102 -20.97 -2.25 40.90
N GLN B 103 -21.27 -1.93 39.64
CA GLN B 103 -22.66 -1.91 39.17
C GLN B 103 -23.27 -3.31 39.16
N ALA B 104 -22.54 -4.30 38.64
CA ALA B 104 -23.02 -5.67 38.69
C ALA B 104 -23.05 -6.19 40.12
N ALA B 105 -22.11 -5.76 40.97
CA ALA B 105 -22.18 -6.19 42.37
C ALA B 105 -23.46 -5.65 43.02
N ALA B 106 -23.73 -4.34 42.84
CA ALA B 106 -24.97 -3.71 43.36
C ALA B 106 -26.21 -4.44 42.85
N ALA B 107 -26.27 -4.70 41.55
CA ALA B 107 -27.41 -5.41 40.96
C ALA B 107 -27.64 -6.78 41.59
N ALA B 108 -26.57 -7.46 41.98
CA ALA B 108 -26.71 -8.82 42.48
C ALA B 108 -26.93 -8.86 43.98
N GLY B 109 -26.96 -7.71 44.65
CA GLY B 109 -27.10 -7.64 46.10
C GLY B 109 -25.84 -8.00 46.89
N LEU B 110 -24.66 -7.96 46.27
CA LEU B 110 -23.43 -8.33 47.01
C LEU B 110 -22.93 -7.20 47.89
N THR B 111 -22.41 -7.54 49.07
CA THR B 111 -21.77 -6.58 49.95
C THR B 111 -20.30 -6.39 49.52
N VAL B 112 -19.84 -5.13 49.44
CA VAL B 112 -18.44 -4.79 49.05
C VAL B 112 -17.90 -3.84 50.11
N ALA B 113 -16.86 -4.27 50.82
CA ALA B 113 -16.26 -3.47 51.88
C ALA B 113 -14.71 -3.48 51.77
N GLU B 114 -14.08 -2.47 52.36
CA GLU B 114 -12.62 -2.34 52.31
C GLU B 114 -12.15 -1.72 53.64
N VAL B 115 -10.84 -1.68 53.91
CA VAL B 115 -10.29 -1.20 55.18
C VAL B 115 -9.91 0.30 55.12
N THR B 116 -10.96 1.12 55.08
CA THR B 116 -10.86 2.56 55.14
C THR B 116 -9.83 3.06 56.15
N GLY B 117 -9.00 4.01 55.70
CA GLY B 117 -7.95 4.62 56.51
C GLY B 117 -6.70 3.79 56.80
N SER B 118 -6.61 2.57 56.25
CA SER B 118 -5.56 1.60 56.67
C SER B 118 -4.17 1.93 56.16
N ASN B 119 -4.06 2.53 54.97
CA ASN B 119 -2.72 2.85 54.44
C ASN B 119 -2.66 4.31 53.88
N VAL B 120 -3.54 5.17 54.42
CA VAL B 120 -3.65 6.54 53.92
C VAL B 120 -2.40 7.38 54.26
N VAL B 121 -1.80 7.22 55.44
CA VAL B 121 -0.50 7.86 55.74
C VAL B 121 0.61 7.39 54.78
N SER B 122 0.64 6.09 54.51
CA SER B 122 1.68 5.49 53.67
C SER B 122 1.66 6.18 52.29
N VAL B 123 0.46 6.32 51.69
CA VAL B 123 0.35 6.90 50.31
C VAL B 123 0.71 8.39 50.35
N ALA B 124 0.29 9.11 51.40
CA ALA B 124 0.61 10.54 51.56
C ALA B 124 2.13 10.77 51.56
N GLU B 125 2.86 9.97 52.34
CA GLU B 125 4.33 9.94 52.31
C GLU B 125 4.88 9.71 50.89
N ASP B 126 4.39 8.66 50.24
CA ASP B 126 4.87 8.24 48.90
C ASP B 126 4.60 9.32 47.83
N GLU B 127 3.44 9.98 47.93
CA GLU B 127 3.12 11.13 47.07
C GLU B 127 4.13 12.26 47.26
N LEU B 128 4.40 12.62 48.51
CA LEU B 128 5.30 13.74 48.72
C LEU B 128 6.73 13.41 48.26
N MET B 129 7.15 12.16 48.46
CA MET B 129 8.45 11.68 47.99
C MET B 129 8.51 11.84 46.44
N ARG B 130 7.42 11.52 45.75
CA ARG B 130 7.37 11.68 44.26
C ARG B 130 7.39 13.12 43.72
N ILE B 131 6.73 14.05 44.42
CA ILE B 131 6.75 15.49 44.07
C ILE B 131 8.21 15.96 44.07
N LEU B 132 8.94 15.60 45.15
CA LEU B 132 10.35 15.91 45.29
C LEU B 132 11.19 15.28 44.16
N ILE B 133 10.98 13.98 43.91
CA ILE B 133 11.73 13.26 42.89
C ILE B 133 11.56 13.92 41.50
N LEU B 134 10.34 14.36 41.19
CA LEU B 134 10.08 15.04 39.89
C LEU B 134 10.65 16.47 39.87
N MET B 135 10.40 17.23 40.94
CA MET B 135 10.77 18.65 41.02
C MET B 135 12.31 18.80 40.97
N ARG B 136 12.98 17.98 41.79
CA ARG B 136 14.42 18.03 41.97
C ARG B 136 15.18 17.09 41.01
N ASN B 137 14.45 16.39 40.12
CA ASN B 137 15.03 15.58 39.03
C ASN B 137 16.03 14.49 39.48
N PHE B 138 15.61 13.63 40.43
CA PHE B 138 16.42 12.54 40.99
C PHE B 138 16.71 11.45 39.94
N VAL B 139 15.71 11.06 39.14
CA VAL B 139 15.85 9.84 38.29
C VAL B 139 17.03 9.91 37.26
N PRO B 140 17.17 11.01 36.51
CA PRO B 140 18.37 11.10 35.63
C PRO B 140 19.70 11.01 36.36
N GLY B 141 19.77 11.49 37.61
CA GLY B 141 20.98 11.35 38.41
C GLY B 141 21.27 9.88 38.74
N TYR B 142 20.22 9.17 39.18
CA TYR B 142 20.38 7.75 39.44
C TYR B 142 20.87 6.97 38.20
N ASN B 143 20.24 7.24 37.06
CA ASN B 143 20.61 6.61 35.78
C ASN B 143 22.07 6.81 35.36
N GLN B 144 22.60 8.03 35.52
CA GLN B 144 24.00 8.33 35.22
C GLN B 144 24.90 7.50 36.15
N VAL B 145 24.56 7.45 37.45
CA VAL B 145 25.35 6.67 38.42
C VAL B 145 25.53 5.23 37.96
N VAL B 146 24.41 4.54 37.64
CA VAL B 146 24.51 3.09 37.32
C VAL B 146 25.18 2.81 35.94
N LYS B 147 25.10 3.77 35.01
CA LYS B 147 25.73 3.66 33.69
C LYS B 147 27.17 4.14 33.69
N GLY B 148 27.66 4.59 34.84
CA GLY B 148 29.06 5.01 34.94
C GLY B 148 29.35 6.41 34.39
N GLU B 149 28.30 7.21 34.21
CA GLU B 149 28.42 8.56 33.70
C GLU B 149 28.58 9.64 34.79
N TRP B 150 29.00 10.83 34.37
CA TRP B 150 29.02 12.00 35.27
C TRP B 150 28.81 13.29 34.48
N ASN B 151 27.61 13.87 34.56
CA ASN B 151 27.30 15.10 33.84
C ASN B 151 26.29 15.91 34.59
N VAL B 152 26.77 16.80 35.47
CA VAL B 152 25.89 17.58 36.34
C VAL B 152 24.89 18.44 35.58
N ALA B 153 25.32 19.05 34.47
CA ALA B 153 24.47 19.94 33.68
C ALA B 153 23.24 19.24 33.15
N GLY B 154 23.40 17.98 32.76
CA GLY B 154 22.33 17.16 32.21
C GLY B 154 21.19 16.92 33.18
N ILE B 155 21.43 17.20 34.47
CA ILE B 155 20.40 17.12 35.50
C ILE B 155 19.99 18.51 35.96
N ALA B 156 20.98 19.40 36.19
CA ALA B 156 20.70 20.70 36.83
C ALA B 156 19.86 21.69 35.97
N TYR B 157 19.92 21.58 34.63
CA TYR B 157 19.17 22.56 33.79
C TYR B 157 17.67 22.58 34.05
N ARG B 158 17.19 21.48 34.61
CA ARG B 158 15.78 21.19 34.81
C ARG B 158 15.36 21.04 36.30
N ALA B 159 16.31 21.10 37.24
CA ALA B 159 16.04 20.89 38.67
C ALA B 159 15.69 22.17 39.39
N TYR B 160 14.61 22.14 40.21
CA TYR B 160 14.15 23.28 40.97
C TYR B 160 13.96 22.86 42.44
N ASP B 161 13.95 23.84 43.35
CA ASP B 161 13.46 23.64 44.71
C ASP B 161 11.94 23.57 44.75
N LEU B 162 11.39 22.76 45.65
CA LEU B 162 9.92 22.75 45.85
C LEU B 162 9.39 24.06 46.45
N GLU B 163 10.16 24.65 47.39
CA GLU B 163 9.82 25.97 48.00
C GLU B 163 9.34 26.99 46.96
N GLY B 164 8.19 27.62 47.23
CA GLY B 164 7.64 28.69 46.38
C GLY B 164 6.82 28.23 45.17
N LYS B 165 6.78 26.91 44.91
CA LYS B 165 6.02 26.40 43.78
C LYS B 165 4.53 26.26 44.12
N THR B 166 3.68 26.20 43.10
CA THR B 166 2.24 26.03 43.33
C THR B 166 1.86 24.55 43.15
N ILE B 167 1.20 23.95 44.14
CA ILE B 167 0.83 22.51 44.09
C ILE B 167 -0.65 22.36 44.34
N GLY B 168 -1.37 21.66 43.44
CA GLY B 168 -2.80 21.42 43.59
C GLY B 168 -3.11 19.92 43.75
N THR B 169 -3.84 19.54 44.79
CA THR B 169 -4.35 18.20 44.88
C THR B 169 -5.81 18.13 44.39
N VAL B 170 -6.04 17.22 43.45
CA VAL B 170 -7.37 16.97 42.90
C VAL B 170 -7.96 15.86 43.74
N GLY B 171 -8.73 16.26 44.75
CA GLY B 171 -9.26 15.38 45.77
C GLY B 171 -8.65 15.77 47.10
N ALA B 172 -9.48 15.91 48.11
CA ALA B 172 -9.01 16.21 49.44
C ALA B 172 -9.81 15.43 50.48
N GLY B 173 -9.77 14.09 50.33
CA GLY B 173 -10.29 13.18 51.34
C GLY B 173 -9.16 12.81 52.28
N ARG B 174 -9.11 11.55 52.71
CA ARG B 174 -8.13 11.16 53.74
C ARG B 174 -6.65 11.37 53.33
N ILE B 175 -6.31 10.90 52.15
CA ILE B 175 -4.92 10.99 51.71
C ILE B 175 -4.55 12.44 51.37
N GLY B 176 -5.43 13.13 50.63
CA GLY B 176 -5.19 14.54 50.26
C GLY B 176 -4.92 15.43 51.44
N LYS B 177 -5.68 15.26 52.52
CA LYS B 177 -5.48 16.05 53.75
C LYS B 177 -4.13 15.78 54.40
N LEU B 178 -3.75 14.49 54.47
CA LEU B 178 -2.49 14.10 55.07
C LEU B 178 -1.29 14.65 54.25
N LEU B 179 -1.45 14.69 52.93
CA LEU B 179 -0.44 15.27 52.02
C LEU B 179 -0.25 16.77 52.28
N LEU B 180 -1.37 17.50 52.33
CA LEU B 180 -1.38 18.94 52.64
C LEU B 180 -0.71 19.25 53.98
N GLN B 181 -0.98 18.44 54.99
CA GLN B 181 -0.37 18.67 56.29
C GLN B 181 1.15 18.50 56.22
N ARG B 182 1.61 17.50 55.45
CA ARG B 182 3.08 17.29 55.27
C ARG B 182 3.73 18.32 54.34
N LEU B 183 2.95 18.92 53.44
CA LEU B 183 3.52 19.95 52.52
C LEU B 183 3.70 21.31 53.23
N LYS B 184 2.91 21.54 54.28
CA LYS B 184 2.89 22.82 54.98
C LYS B 184 4.31 23.43 55.27
N PRO B 185 5.26 22.64 55.86
CA PRO B 185 6.52 23.33 56.21
C PRO B 185 7.49 23.58 55.04
N PHE B 186 7.14 23.16 53.81
CA PHE B 186 7.99 23.34 52.60
C PHE B 186 7.87 24.76 51.97
N GLY B 187 6.82 25.49 52.34
CA GLY B 187 6.68 26.90 51.99
C GLY B 187 6.17 27.08 50.57
N CYS B 188 5.16 26.28 50.23
CA CYS B 188 4.59 26.28 48.87
C CYS B 188 3.31 27.10 48.82
N ASN B 189 2.79 27.29 47.61
CA ASN B 189 1.45 27.85 47.39
C ASN B 189 0.52 26.67 47.14
N LEU B 190 -0.26 26.30 48.16
CA LEU B 190 -1.06 25.05 48.13
C LEU B 190 -2.53 25.34 47.79
N LEU B 191 -3.06 24.64 46.79
CA LEU B 191 -4.46 24.69 46.37
C LEU B 191 -5.09 23.28 46.37
N TYR B 192 -6.40 23.20 46.62
CA TYR B 192 -7.13 21.93 46.48
C TYR B 192 -8.50 22.07 45.83
N HIS B 193 -8.87 21.03 45.07
CA HIS B 193 -10.20 20.86 44.53
C HIS B 193 -10.85 19.55 45.04
N ASP B 194 -12.12 19.68 45.46
CA ASP B 194 -12.96 18.53 45.84
C ASP B 194 -14.42 18.97 45.73
N ARG B 195 -15.33 18.01 45.67
CA ARG B 195 -16.76 18.30 45.82
C ARG B 195 -17.08 18.77 47.24
N LEU B 196 -16.32 18.29 48.21
CA LEU B 196 -16.46 18.72 49.60
C LEU B 196 -15.30 19.58 50.04
N GLN B 197 -15.62 20.79 50.54
CA GLN B 197 -14.62 21.72 51.11
C GLN B 197 -14.14 21.21 52.46
N MET B 198 -12.86 21.44 52.82
CA MET B 198 -12.33 21.04 54.16
C MET B 198 -12.81 21.97 55.28
N ALA B 199 -12.74 21.51 56.54
CA ALA B 199 -13.09 22.35 57.70
C ALA B 199 -12.19 23.60 57.72
N PRO B 200 -12.76 24.80 58.05
CA PRO B 200 -11.95 26.04 58.07
C PRO B 200 -10.66 25.97 58.90
N GLU B 201 -10.69 25.23 60.02
CA GLU B 201 -9.50 25.10 60.85
C GLU B 201 -8.39 24.31 60.14
N LEU B 202 -8.75 23.33 59.32
CA LEU B 202 -7.80 22.55 58.51
C LEU B 202 -7.25 23.38 57.35
N GLU B 203 -8.12 24.18 56.71
CA GLU B 203 -7.66 25.11 55.66
C GLU B 203 -6.62 26.09 56.21
N LYS B 204 -6.78 26.48 57.47
CA LYS B 204 -5.97 27.49 58.11
C LYS B 204 -4.61 26.93 58.51
N GLU B 205 -4.63 25.74 59.11
CA GLU B 205 -3.43 25.06 59.54
C GLU B 205 -2.53 24.68 58.35
N THR B 206 -3.15 24.26 57.24
CA THR B 206 -2.36 23.80 56.09
C THR B 206 -2.00 24.95 55.16
N GLY B 207 -2.85 25.97 55.14
CA GLY B 207 -2.68 27.13 54.25
C GLY B 207 -3.19 26.87 52.84
N ALA B 208 -3.91 25.75 52.68
CA ALA B 208 -4.45 25.35 51.37
C ALA B 208 -5.75 26.08 51.06
N LYS B 209 -5.95 26.44 49.79
CA LYS B 209 -7.13 27.22 49.41
C LYS B 209 -8.00 26.42 48.52
N PHE B 210 -9.29 26.43 48.83
CA PHE B 210 -10.33 25.79 48.03
C PHE B 210 -10.55 26.46 46.67
N VAL B 211 -10.53 25.68 45.61
CA VAL B 211 -10.92 26.15 44.31
C VAL B 211 -12.12 25.28 43.87
N GLU B 212 -13.31 25.87 43.90
CA GLU B 212 -14.56 25.15 43.66
C GLU B 212 -14.68 24.59 42.26
N ASP B 213 -14.18 25.33 41.29
CA ASP B 213 -14.18 24.89 39.89
C ASP B 213 -12.82 24.28 39.53
N LEU B 214 -12.80 23.04 39.04
CA LEU B 214 -11.53 22.39 38.78
C LEU B 214 -10.75 23.13 37.70
N ASN B 215 -11.45 23.59 36.68
CA ASN B 215 -10.79 24.20 35.51
C ASN B 215 -10.03 25.46 35.83
N GLU B 216 -10.47 26.15 36.88
CA GLU B 216 -9.80 27.34 37.37
C GLU B 216 -8.45 27.01 38.06
N MET B 217 -8.42 25.92 38.84
CA MET B 217 -7.19 25.53 39.57
C MET B 217 -6.08 25.05 38.64
N LEU B 218 -6.47 24.28 37.62
CA LEU B 218 -5.53 23.49 36.80
C LEU B 218 -4.41 24.30 36.09
N PRO B 219 -4.76 25.41 35.41
CA PRO B 219 -3.60 26.02 34.75
C PRO B 219 -2.63 26.67 35.72
N LYS B 220 -3.03 26.87 36.97
CA LYS B 220 -2.18 27.56 37.92
C LYS B 220 -1.02 26.70 38.50
N CYS B 221 -1.08 25.38 38.29
CA CYS B 221 -0.26 24.44 39.08
C CYS B 221 1.03 23.95 38.43
N ASP B 222 2.13 24.19 39.12
CA ASP B 222 3.41 23.56 38.78
C ASP B 222 3.36 22.01 38.92
N VAL B 223 2.63 21.57 39.97
CA VAL B 223 2.48 20.15 40.34
C VAL B 223 0.99 19.88 40.52
N ILE B 224 0.51 18.78 39.93
CA ILE B 224 -0.82 18.24 40.13
C ILE B 224 -0.75 16.85 40.81
N VAL B 225 -1.51 16.63 41.90
CA VAL B 225 -1.58 15.31 42.54
C VAL B 225 -2.96 14.71 42.45
N ILE B 226 -3.06 13.49 41.94
CA ILE B 226 -4.38 12.85 41.81
C ILE B 226 -4.76 12.10 43.13
N ASN B 227 -5.93 12.43 43.70
CA ASN B 227 -6.36 11.96 45.05
C ASN B 227 -7.88 11.66 45.23
N MET B 228 -8.49 11.08 44.19
CA MET B 228 -9.91 10.61 44.19
C MET B 228 -9.98 9.09 43.96
N PRO B 229 -11.13 8.44 44.24
CA PRO B 229 -11.32 7.02 43.88
C PRO B 229 -11.48 6.94 42.37
N LEU B 230 -11.33 5.75 41.79
CA LEU B 230 -11.77 5.49 40.41
C LEU B 230 -13.31 5.19 40.41
N THR B 231 -14.06 6.07 39.74
CA THR B 231 -15.53 6.07 39.80
C THR B 231 -16.02 6.25 38.35
N GLU B 232 -17.33 6.10 38.10
CA GLU B 232 -17.86 6.41 36.74
C GLU B 232 -17.50 7.85 36.32
N LYS B 233 -17.44 8.78 37.23
CA LYS B 233 -17.11 10.15 36.86
C LYS B 233 -15.60 10.42 36.66
N THR B 234 -14.74 9.84 37.53
CA THR B 234 -13.29 10.03 37.40
C THR B 234 -12.62 9.18 36.33
N ARG B 235 -13.25 8.09 35.90
CA ARG B 235 -12.63 7.17 34.94
C ARG B 235 -12.37 7.89 33.62
N GLY B 236 -11.13 7.85 33.14
CA GLY B 236 -10.78 8.58 31.92
C GLY B 236 -10.91 10.11 31.96
N MET B 237 -11.06 10.71 33.15
CA MET B 237 -11.27 12.14 33.20
C MET B 237 -10.09 12.98 32.66
N PHE B 238 -8.85 12.52 32.86
CA PHE B 238 -7.70 13.23 32.32
C PHE B 238 -7.45 12.76 30.88
N ASN B 239 -8.24 13.33 29.97
CA ASN B 239 -8.14 12.99 28.56
C ASN B 239 -7.36 14.07 27.79
N LYS B 240 -7.30 13.97 26.47
CA LYS B 240 -6.62 14.95 25.65
C LYS B 240 -6.95 16.40 26.06
N GLU B 241 -8.24 16.73 26.09
CA GLU B 241 -8.69 18.09 26.42
C GLU B 241 -8.36 18.53 27.85
N LEU B 242 -8.65 17.70 28.84
CA LEU B 242 -8.31 18.10 30.21
C LEU B 242 -6.78 18.25 30.44
N ILE B 243 -5.96 17.41 29.80
CA ILE B 243 -4.51 17.55 29.98
C ILE B 243 -3.99 18.86 29.35
N GLY B 244 -4.63 19.24 28.24
CA GLY B 244 -4.38 20.53 27.59
C GLY B 244 -4.61 21.77 28.43
N LYS B 245 -5.54 21.74 29.37
CA LYS B 245 -5.74 22.85 30.31
C LYS B 245 -4.62 23.00 31.37
N LEU B 246 -3.77 21.98 31.51
CA LEU B 246 -2.65 22.01 32.47
C LEU B 246 -1.56 22.96 31.98
N LYS B 247 -0.81 23.52 32.92
CA LYS B 247 0.37 24.33 32.61
C LYS B 247 1.41 23.54 31.81
N LYS B 248 2.03 24.16 30.79
CA LYS B 248 3.13 23.59 30.06
C LYS B 248 4.24 23.23 31.06
N GLY B 249 4.79 22.01 30.93
CA GLY B 249 5.78 21.53 31.88
C GLY B 249 5.24 21.00 33.21
N VAL B 250 3.92 20.79 33.32
CA VAL B 250 3.31 20.33 34.58
C VAL B 250 3.94 18.99 35.06
N LEU B 251 4.19 18.87 36.37
CA LEU B 251 4.63 17.58 36.94
C LEU B 251 3.42 16.88 37.62
N ILE B 252 3.15 15.64 37.26
CA ILE B 252 1.96 14.94 37.75
C ILE B 252 2.33 13.71 38.57
N VAL B 253 1.75 13.63 39.77
CA VAL B 253 1.87 12.47 40.66
C VAL B 253 0.51 11.79 40.77
N ASN B 254 0.45 10.49 40.50
CA ASN B 254 -0.77 9.73 40.62
C ASN B 254 -0.57 8.36 41.29
N ASN B 255 -0.76 8.33 42.62
CA ASN B 255 -0.86 7.09 43.42
C ASN B 255 -2.33 6.75 43.77
N ALA B 256 -3.28 7.28 43.00
CA ALA B 256 -4.69 6.98 43.17
C ALA B 256 -5.06 5.75 42.37
N ARG B 257 -5.39 5.91 41.07
CA ARG B 257 -5.67 4.82 40.17
C ARG B 257 -5.24 5.21 38.73
N GLY B 258 -4.67 4.26 37.99
CA GLY B 258 -4.14 4.54 36.65
C GLY B 258 -5.18 5.04 35.63
N ALA B 259 -6.32 4.37 35.62
CA ALA B 259 -7.42 4.63 34.68
C ALA B 259 -8.14 5.97 34.90
N ILE B 260 -7.78 6.72 35.94
CA ILE B 260 -8.24 8.11 36.04
C ILE B 260 -7.64 8.93 34.85
N MET B 261 -6.49 8.48 34.36
CA MET B 261 -5.82 9.08 33.20
C MET B 261 -6.16 8.24 31.98
N GLU B 262 -6.34 8.88 30.81
CA GLU B 262 -6.31 8.08 29.55
C GLU B 262 -4.88 7.74 29.20
N ARG B 263 -4.64 6.46 28.97
CA ARG B 263 -3.29 5.96 28.82
C ARG B 263 -2.47 6.69 27.72
N GLN B 264 -3.01 6.69 26.50
CA GLN B 264 -2.33 7.31 25.34
C GLN B 264 -2.25 8.86 25.42
N ALA B 265 -3.26 9.49 26.01
CA ALA B 265 -3.23 10.94 26.21
C ALA B 265 -2.06 11.36 27.11
N VAL B 266 -1.70 10.54 28.10
CA VAL B 266 -0.51 10.81 28.93
C VAL B 266 0.75 10.59 28.08
N VAL B 267 0.86 9.45 27.38
CA VAL B 267 2.01 9.26 26.50
C VAL B 267 2.27 10.47 25.54
N ASP B 268 1.23 10.95 24.88
CA ASP B 268 1.35 12.02 23.86
C ASP B 268 1.83 13.34 24.47
N ALA B 269 1.26 13.73 25.59
CA ALA B 269 1.59 15.01 26.22
C ALA B 269 2.94 14.95 26.91
N VAL B 270 3.38 13.74 27.25
CA VAL B 270 4.72 13.57 27.82
C VAL B 270 5.70 13.65 26.66
N GLU B 271 5.38 13.02 25.52
CA GLU B 271 6.29 13.10 24.36
C GLU B 271 6.44 14.53 23.84
N SER B 272 5.39 15.33 23.94
CA SER B 272 5.41 16.71 23.44
C SER B 272 6.07 17.68 24.40
N GLY B 273 6.12 17.33 25.69
CA GLY B 273 6.71 18.23 26.69
C GLY B 273 5.60 18.99 27.39
N HIS B 274 4.36 18.76 26.99
CA HIS B 274 3.29 19.46 27.69
C HIS B 274 3.19 18.99 29.19
N ILE B 275 3.25 17.68 29.41
CA ILE B 275 3.55 17.14 30.75
C ILE B 275 5.08 17.01 30.88
N GLY B 276 5.67 17.70 31.86
CA GLY B 276 7.12 17.68 32.06
C GLY B 276 7.64 16.39 32.72
N GLY B 277 6.78 15.73 33.50
CA GLY B 277 7.08 14.39 34.09
C GLY B 277 5.85 13.75 34.75
N TYR B 278 5.84 12.42 34.87
CA TYR B 278 4.68 11.72 35.43
C TYR B 278 5.24 10.66 36.38
N SER B 279 4.68 10.57 37.59
CA SER B 279 5.16 9.60 38.58
C SER B 279 4.02 8.98 39.40
N GLY B 280 3.98 7.66 39.50
CA GLY B 280 3.01 6.97 40.32
C GLY B 280 3.27 5.48 40.44
N ASP B 281 2.48 4.82 41.28
CA ASP B 281 2.56 3.38 41.48
C ASP B 281 1.42 2.56 40.84
N VAL B 282 0.45 3.23 40.23
CA VAL B 282 -0.82 2.54 39.82
C VAL B 282 -1.01 2.55 38.31
N TRP B 283 -1.56 1.46 37.78
CA TRP B 283 -1.58 1.15 36.34
C TRP B 283 -2.92 0.51 35.89
N ASP B 284 -3.22 0.68 34.59
CA ASP B 284 -4.28 -0.09 33.96
C ASP B 284 -3.67 -0.92 32.84
N PRO B 285 -3.74 -2.27 32.94
CA PRO B 285 -4.21 -3.10 34.04
C PRO B 285 -3.02 -3.38 35.01
N GLN B 286 -3.25 -4.18 36.06
CA GLN B 286 -2.16 -4.68 36.96
C GLN B 286 -2.29 -6.21 37.13
N PRO B 287 -1.16 -6.95 37.00
CA PRO B 287 0.20 -6.47 36.70
C PRO B 287 0.29 -5.71 35.35
N ALA B 288 1.17 -4.70 35.26
CA ALA B 288 1.33 -3.97 33.99
C ALA B 288 2.18 -4.81 33.02
N PRO B 289 1.69 -5.06 31.78
CA PRO B 289 2.44 -5.93 30.87
C PRO B 289 3.82 -5.38 30.57
N LYS B 290 4.72 -6.26 30.15
CA LYS B 290 6.06 -5.86 29.76
C LYS B 290 6.13 -4.63 28.80
N ASP B 291 5.17 -4.51 27.88
CA ASP B 291 5.18 -3.46 26.87
C ASP B 291 4.32 -2.21 27.21
N HIS B 292 3.85 -2.10 28.45
CA HIS B 292 3.08 -0.93 28.84
C HIS B 292 3.92 0.34 28.59
N PRO B 293 3.39 1.31 27.79
CA PRO B 293 4.19 2.46 27.36
C PRO B 293 4.63 3.44 28.47
N TRP B 294 3.92 3.48 29.60
CA TRP B 294 4.38 4.31 30.73
C TRP B 294 5.73 3.93 31.29
N ARG B 295 6.17 2.70 31.06
CA ARG B 295 7.50 2.27 31.53
C ARG B 295 8.60 3.00 30.75
N TYR B 296 8.28 3.42 29.53
CA TYR B 296 9.32 3.80 28.56
C TYR B 296 9.31 5.25 28.09
N MET B 297 8.31 6.03 28.48
CA MET B 297 8.17 7.44 28.04
C MET B 297 9.18 8.38 28.73
N PRO B 298 9.48 9.55 28.12
CA PRO B 298 10.51 10.43 28.74
C PRO B 298 10.15 10.86 30.13
N ASN B 299 11.16 10.95 31.02
CA ASN B 299 10.98 11.59 32.33
C ASN B 299 10.10 10.83 33.34
N GLN B 300 9.68 9.60 32.98
CA GLN B 300 8.80 8.81 33.84
C GLN B 300 9.52 8.44 35.16
N ALA B 301 8.82 8.53 36.31
CA ALA B 301 9.38 8.04 37.60
C ALA B 301 8.39 7.03 38.26
N MET B 302 8.08 5.96 37.53
CA MET B 302 7.09 4.95 37.92
C MET B 302 7.69 3.90 38.86
N THR B 303 6.81 3.20 39.61
CA THR B 303 7.12 1.89 40.24
C THR B 303 5.91 0.97 40.02
N PRO B 304 6.08 -0.35 40.28
CA PRO B 304 4.90 -1.21 40.46
C PRO B 304 4.05 -0.76 41.68
N HIS B 305 2.90 -1.42 41.92
CA HIS B 305 1.92 -0.94 42.94
C HIS B 305 2.34 -1.29 44.35
N THR B 306 2.99 -0.34 45.02
CA THR B 306 3.69 -0.62 46.27
C THR B 306 3.35 0.25 47.47
N SER B 307 2.83 1.46 47.23
CA SER B 307 2.85 2.46 48.28
C SER B 307 1.88 2.10 49.41
N GLY B 308 0.71 1.54 49.07
CA GLY B 308 -0.26 1.08 50.10
C GLY B 308 0.06 -0.31 50.73
N THR B 309 1.21 -0.88 50.36
CA THR B 309 1.66 -2.20 50.86
C THR B 309 3.08 -2.22 51.47
N THR B 310 3.44 -1.15 52.17
CA THR B 310 4.55 -1.20 53.13
C THR B 310 4.18 -2.17 54.26
N ILE B 311 5.20 -2.69 54.97
CA ILE B 311 5.01 -3.60 56.09
C ILE B 311 4.06 -3.01 57.12
N ASP B 312 4.24 -1.75 57.49
CA ASP B 312 3.34 -1.07 58.44
C ASP B 312 1.87 -0.99 57.94
N ALA B 313 1.66 -0.70 56.66
CA ALA B 313 0.30 -0.75 56.06
C ALA B 313 -0.36 -2.16 56.14
N GLN B 314 0.41 -3.19 55.77
CA GLN B 314 -0.06 -4.61 55.76
C GLN B 314 -0.56 -5.03 57.15
N LEU B 315 0.14 -4.65 58.23
CA LEU B 315 -0.27 -4.95 59.58
C LEU B 315 -1.68 -4.36 59.82
N ARG B 316 -1.90 -3.12 59.39
CA ARG B 316 -3.20 -2.49 59.60
C ARG B 316 -4.29 -3.08 58.74
N TYR B 317 -4.05 -3.28 57.43
CA TYR B 317 -5.13 -3.87 56.63
C TYR B 317 -5.42 -5.38 56.87
N ALA B 318 -4.40 -6.12 57.31
CA ALA B 318 -4.63 -7.51 57.73
C ALA B 318 -5.56 -7.48 58.96
N ALA B 319 -5.30 -6.61 59.93
CA ALA B 319 -6.12 -6.54 61.16
C ALA B 319 -7.58 -6.15 60.88
N GLY B 320 -7.76 -5.18 59.98
CA GLY B 320 -9.09 -4.74 59.59
C GLY B 320 -9.85 -5.79 58.83
N THR B 321 -9.15 -6.64 58.05
CA THR B 321 -9.81 -7.70 57.28
C THR B 321 -10.30 -8.77 58.28
N LYS B 322 -9.42 -9.15 59.22
CA LYS B 322 -9.75 -10.11 60.25
C LYS B 322 -10.97 -9.64 61.07
N ASP B 323 -10.93 -8.39 61.53
CA ASP B 323 -12.07 -7.82 62.26
C ASP B 323 -13.43 -7.88 61.51
N MET B 324 -13.45 -7.58 60.19
CA MET B 324 -14.69 -7.71 59.39
C MET B 324 -15.15 -9.16 59.16
N LEU B 325 -14.21 -10.09 59.07
CA LEU B 325 -14.56 -11.49 59.04
C LEU B 325 -15.24 -11.94 60.34
N GLU B 326 -14.68 -11.58 61.49
CA GLU B 326 -15.29 -11.89 62.80
C GLU B 326 -16.73 -11.34 62.91
N ARG B 327 -16.98 -10.12 62.43
CA ARG B 327 -18.27 -9.45 62.51
C ARG B 327 -19.21 -10.17 61.59
N TYR B 328 -18.73 -10.44 60.38
CA TYR B 328 -19.45 -11.23 59.40
C TYR B 328 -19.99 -12.55 59.97
N PHE B 329 -19.13 -13.30 60.67
CA PHE B 329 -19.50 -14.62 61.19
C PHE B 329 -20.55 -14.51 62.33
N LYS B 330 -20.53 -13.37 63.02
CA LYS B 330 -21.42 -13.07 64.15
C LYS B 330 -22.71 -12.32 63.74
N GLY B 331 -22.87 -12.06 62.45
CA GLY B 331 -23.94 -11.21 61.93
C GLY B 331 -23.93 -9.73 62.32
N GLU B 332 -22.76 -9.17 62.68
CA GLU B 332 -22.63 -7.77 63.10
C GLU B 332 -22.18 -6.88 61.94
N ASP B 333 -22.71 -5.66 61.86
CA ASP B 333 -22.32 -4.67 60.84
C ASP B 333 -20.86 -4.23 60.94
N PHE B 334 -20.25 -3.97 59.80
CA PHE B 334 -18.90 -3.40 59.72
C PHE B 334 -18.96 -1.91 60.06
N PRO B 335 -17.79 -1.30 60.38
CA PRO B 335 -17.85 0.17 60.60
C PRO B 335 -18.43 0.84 59.36
N THR B 336 -19.28 1.86 59.56
CA THR B 336 -20.01 2.47 58.45
C THR B 336 -19.08 2.91 57.30
N GLU B 337 -17.96 3.57 57.64
CA GLU B 337 -16.98 4.07 56.64
C GLU B 337 -16.33 2.93 55.82
N ASN B 338 -16.49 1.66 56.25
CA ASN B 338 -15.93 0.54 55.46
C ASN B 338 -16.75 0.15 54.22
N TYR B 339 -18.03 0.54 54.16
CA TYR B 339 -18.92 -0.02 53.09
C TYR B 339 -18.77 0.73 51.78
N ILE B 340 -18.62 -0.02 50.68
CA ILE B 340 -18.58 0.58 49.35
C ILE B 340 -19.91 0.30 48.62
N VAL B 341 -20.44 -0.92 48.77
CA VAL B 341 -21.77 -1.32 48.28
C VAL B 341 -22.44 -2.06 49.45
N LYS B 342 -23.59 -1.54 49.88
CA LYS B 342 -24.43 -2.20 50.88
C LYS B 342 -25.89 -2.03 50.41
N ASP B 343 -26.66 -3.13 50.45
CA ASP B 343 -28.07 -3.14 50.04
C ASP B 343 -28.30 -2.57 48.65
N GLY B 344 -27.37 -2.89 47.74
CA GLY B 344 -27.40 -2.40 46.37
C GLY B 344 -27.08 -0.91 46.16
N GLU B 345 -26.50 -0.26 47.16
CA GLU B 345 -26.19 1.20 47.11
C GLU B 345 -24.72 1.54 47.20
N LEU B 346 -24.24 2.36 46.28
CA LEU B 346 -22.82 2.83 46.32
C LEU B 346 -22.61 3.90 47.36
N ALA B 347 -21.45 3.87 48.02
CA ALA B 347 -21.01 4.91 48.95
C ALA B 347 -20.90 6.31 48.28
N PRO B 348 -21.17 7.38 49.03
CA PRO B 348 -21.22 8.74 48.43
C PRO B 348 -19.92 9.19 47.68
N GLN B 349 -18.71 8.83 48.16
CA GLN B 349 -17.45 9.18 47.44
C GLN B 349 -17.28 8.49 46.09
N TYR B 350 -18.05 7.43 45.83
CA TYR B 350 -18.04 6.80 44.48
C TYR B 350 -19.15 7.34 43.54
N ARG B 351 -20.03 8.19 44.06
CA ARG B 351 -21.17 8.71 43.23
C ARG B 351 -20.76 9.97 42.46
N ASP C 1 13.66 35.69 -42.46
CA ASP C 1 12.21 35.85 -42.13
C ASP C 1 11.40 34.74 -42.80
N SER C 2 11.67 34.50 -44.09
CA SER C 2 10.98 33.42 -44.82
C SER C 2 11.63 32.02 -44.66
N LYS C 3 10.77 31.02 -44.50
CA LYS C 3 11.15 29.70 -44.01
C LYS C 3 10.91 28.59 -45.04
N LYS C 4 11.69 27.54 -44.92
CA LYS C 4 11.44 26.33 -45.65
C LYS C 4 10.62 25.37 -44.76
N ILE C 5 9.37 25.14 -45.13
CA ILE C 5 8.42 24.27 -44.37
C ILE C 5 8.25 22.99 -45.18
N VAL C 6 8.52 21.83 -44.56
CA VAL C 6 8.37 20.51 -45.24
C VAL C 6 7.20 19.80 -44.61
N GLY C 7 6.32 19.21 -45.44
CA GLY C 7 5.25 18.36 -44.89
C GLY C 7 5.36 16.91 -45.39
N VAL C 8 5.12 15.93 -44.50
CA VAL C 8 5.18 14.53 -44.89
C VAL C 8 3.83 13.88 -44.56
N PHE C 9 3.08 13.54 -45.62
CA PHE C 9 1.72 13.03 -45.49
C PHE C 9 1.57 11.75 -46.35
N TYR C 10 0.45 11.01 -46.21
CA TYR C 10 0.18 9.82 -47.06
C TYR C 10 -0.28 10.27 -48.45
N LYS C 11 0.07 9.51 -49.48
CA LYS C 11 -0.18 9.92 -50.90
C LYS C 11 -1.53 9.32 -51.34
N ALA C 12 -2.41 10.16 -51.89
CA ALA C 12 -3.78 9.72 -52.26
C ALA C 12 -3.96 9.28 -53.72
N ASN C 13 -3.18 9.83 -54.66
CA ASN C 13 -3.38 9.58 -56.08
C ASN C 13 -4.85 9.78 -56.47
N GLU C 14 -5.50 8.80 -57.11
CA GLU C 14 -6.86 9.10 -57.64
C GLU C 14 -7.92 9.36 -56.55
N TYR C 15 -7.65 8.94 -55.30
CA TYR C 15 -8.56 9.30 -54.20
C TYR C 15 -8.56 10.77 -53.75
N ALA C 16 -7.52 11.53 -54.12
CA ALA C 16 -7.34 12.91 -53.67
C ALA C 16 -8.52 13.85 -53.92
N THR C 17 -9.22 13.64 -55.05
CA THR C 17 -10.26 14.55 -55.48
C THR C 17 -11.66 14.02 -55.22
N LYS C 18 -11.78 12.83 -54.64
CA LYS C 18 -13.10 12.26 -54.39
C LYS C 18 -13.91 12.91 -53.25
N ASN C 19 -13.33 13.87 -52.53
CA ASN C 19 -14.02 14.62 -51.47
C ASN C 19 -13.34 15.97 -51.37
N PRO C 20 -14.12 17.05 -51.36
CA PRO C 20 -13.50 18.38 -51.37
C PRO C 20 -12.75 18.74 -50.08
N ASN C 21 -13.03 18.05 -48.97
CA ASN C 21 -12.36 18.34 -47.66
C ASN C 21 -11.28 17.31 -47.24
N PHE C 22 -10.73 16.62 -48.24
CA PHE C 22 -9.71 15.57 -48.04
C PHE C 22 -8.32 16.23 -47.82
N LEU C 23 -8.17 16.91 -46.69
CA LEU C 23 -6.97 17.74 -46.41
C LEU C 23 -5.76 16.94 -45.96
N GLY C 24 -6.00 15.68 -45.59
CA GLY C 24 -4.94 14.80 -45.00
C GLY C 24 -3.83 14.23 -45.87
N CYS C 25 -4.03 14.25 -47.20
CA CYS C 25 -3.09 13.59 -48.13
C CYS C 25 -2.03 14.58 -48.63
N VAL C 26 -1.02 14.04 -49.32
CA VAL C 26 0.04 14.85 -49.98
C VAL C 26 -0.52 15.97 -50.87
N GLU C 27 -1.43 15.57 -51.77
CA GLU C 27 -1.88 16.44 -52.86
C GLU C 27 -2.55 17.69 -52.34
N ASN C 28 -3.31 17.56 -51.23
CA ASN C 28 -4.04 18.70 -50.64
C ASN C 28 -3.30 19.36 -49.44
N ALA C 29 -2.43 18.60 -48.78
CA ALA C 29 -1.43 19.15 -47.82
C ALA C 29 -1.98 20.13 -46.78
N LEU C 30 -3.05 19.71 -46.07
CA LEU C 30 -3.75 20.50 -45.02
C LEU C 30 -4.40 21.80 -45.54
N GLY C 31 -4.36 21.98 -46.87
CA GLY C 31 -5.00 23.11 -47.52
C GLY C 31 -4.23 24.40 -47.36
N ILE C 32 -2.98 24.34 -46.89
CA ILE C 32 -2.27 25.58 -46.56
C ILE C 32 -1.20 26.07 -47.56
N ARG C 33 -1.02 25.39 -48.70
CA ARG C 33 0.01 25.85 -49.65
C ARG C 33 -0.03 27.33 -50.05
N ASP C 34 -1.18 27.79 -50.52
CA ASP C 34 -1.25 29.12 -51.10
C ASP C 34 -1.06 30.15 -50.01
N TRP C 35 -1.72 29.94 -48.88
CA TRP C 35 -1.54 30.76 -47.66
C TRP C 35 -0.04 30.87 -47.31
N LEU C 36 0.67 29.73 -47.22
CA LEU C 36 2.12 29.77 -46.96
C LEU C 36 2.90 30.52 -48.04
N GLU C 37 2.66 30.17 -49.31
CA GLU C 37 3.36 30.78 -50.42
C GLU C 37 3.01 32.28 -50.57
N SER C 38 1.78 32.68 -50.23
CA SER C 38 1.41 34.12 -50.33
C SER C 38 2.28 34.96 -49.40
N GLN C 39 2.75 34.33 -48.31
CA GLN C 39 3.59 34.99 -47.29
C GLN C 39 5.09 34.88 -47.59
N GLY C 40 5.48 34.35 -48.75
CA GLY C 40 6.92 34.22 -49.09
C GLY C 40 7.65 32.94 -48.65
N HIS C 41 6.98 32.05 -47.91
CA HIS C 41 7.62 30.78 -47.48
C HIS C 41 7.61 29.78 -48.61
N GLN C 42 8.47 28.77 -48.48
CA GLN C 42 8.57 27.69 -49.41
C GLN C 42 7.93 26.45 -48.78
N TYR C 43 7.09 25.73 -49.50
CA TYR C 43 6.38 24.58 -48.89
C TYR C 43 6.63 23.34 -49.72
N ILE C 44 7.32 22.33 -49.15
CA ILE C 44 7.69 21.10 -49.87
C ILE C 44 6.95 19.91 -49.25
N VAL C 45 6.20 19.15 -50.06
CA VAL C 45 5.37 18.05 -49.50
C VAL C 45 5.76 16.74 -50.20
N THR C 46 5.86 15.66 -49.43
CA THR C 46 6.24 14.37 -50.05
C THR C 46 5.65 13.26 -49.21
N ASP C 47 5.56 12.04 -49.78
CA ASP C 47 5.26 10.86 -48.94
C ASP C 47 6.46 9.92 -48.83
N ASP C 48 7.55 10.30 -49.45
CA ASP C 48 8.75 9.47 -49.62
C ASP C 48 9.75 9.66 -48.43
N LYS C 49 9.69 8.75 -47.46
CA LYS C 49 10.23 8.99 -46.13
C LYS C 49 11.23 7.94 -45.60
N GLU C 50 11.47 6.87 -46.35
CA GLU C 50 12.33 5.79 -45.88
C GLU C 50 13.73 5.83 -46.49
N GLY C 51 14.76 5.79 -45.63
CA GLY C 51 16.16 5.59 -46.04
C GLY C 51 16.97 6.84 -46.41
N PRO C 52 18.28 6.64 -46.74
CA PRO C 52 19.20 7.76 -46.98
C PRO C 52 18.94 8.48 -48.31
N ASP C 53 18.23 7.81 -49.22
CA ASP C 53 18.07 8.31 -50.59
C ASP C 53 16.68 8.90 -50.93
N CYS C 54 15.79 9.00 -49.94
CA CYS C 54 14.44 9.51 -50.18
C CYS C 54 14.34 11.03 -50.26
N GLU C 55 13.24 11.53 -50.84
CA GLU C 55 13.00 12.95 -50.97
C GLU C 55 13.05 13.76 -49.64
N LEU C 56 12.46 13.24 -48.56
CA LEU C 56 12.56 13.85 -47.21
C LEU C 56 14.03 14.14 -46.84
N GLU C 57 14.85 13.08 -46.87
CA GLU C 57 16.28 13.17 -46.56
C GLU C 57 16.99 14.28 -47.35
N LYS C 58 16.56 14.51 -48.59
CA LYS C 58 17.13 15.61 -49.37
C LYS C 58 16.91 17.00 -48.73
N HIS C 59 15.84 17.13 -47.94
CA HIS C 59 15.46 18.45 -47.41
C HIS C 59 15.84 18.64 -45.94
N ILE C 60 16.15 17.53 -45.26
CA ILE C 60 16.53 17.58 -43.84
C ILE C 60 17.64 18.63 -43.47
N PRO C 61 18.72 18.74 -44.29
CA PRO C 61 19.80 19.72 -43.96
C PRO C 61 19.43 21.19 -43.76
N ASP C 62 18.40 21.69 -44.45
CA ASP C 62 18.08 23.12 -44.36
C ASP C 62 16.61 23.53 -44.07
N LEU C 63 15.71 22.58 -43.81
CA LEU C 63 14.33 22.92 -43.42
C LEU C 63 14.30 23.62 -42.03
N HIS C 64 13.36 24.56 -41.84
CA HIS C 64 13.16 25.29 -40.58
C HIS C 64 12.02 24.65 -39.77
N VAL C 65 11.00 24.17 -40.47
CA VAL C 65 9.84 23.52 -39.85
C VAL C 65 9.56 22.16 -40.52
N LEU C 66 9.25 21.13 -39.74
CA LEU C 66 8.82 19.85 -40.31
C LEU C 66 7.43 19.46 -39.79
N ILE C 67 6.47 19.31 -40.71
CA ILE C 67 5.11 18.91 -40.38
C ILE C 67 4.96 17.45 -40.68
N SER C 68 4.65 16.64 -39.65
CA SER C 68 4.51 15.20 -39.83
C SER C 68 3.07 14.81 -39.52
N THR C 69 2.74 13.54 -39.71
CA THR C 69 1.39 13.04 -39.45
C THR C 69 1.50 11.59 -39.00
N PRO C 70 0.83 11.20 -37.90
CA PRO C 70 0.98 9.81 -37.40
C PRO C 70 0.59 8.65 -38.36
N PHE C 71 -0.35 8.92 -39.28
CA PHE C 71 -0.90 7.92 -40.26
C PHE C 71 0.13 7.50 -41.32
N HIS C 72 1.14 8.34 -41.55
CA HIS C 72 2.28 8.06 -42.43
C HIS C 72 3.54 8.78 -41.84
N PRO C 73 4.08 8.20 -40.74
CA PRO C 73 4.95 8.96 -39.85
C PRO C 73 6.42 9.04 -40.32
N ALA C 74 6.90 10.27 -40.56
CA ALA C 74 8.35 10.50 -40.68
C ALA C 74 9.02 10.13 -39.34
N TYR C 75 9.99 9.22 -39.39
CA TYR C 75 10.70 8.82 -38.20
C TYR C 75 11.87 9.80 -38.04
N VAL C 76 11.73 10.71 -37.06
CA VAL C 76 12.69 11.80 -36.88
C VAL C 76 13.71 11.32 -35.84
N THR C 77 14.63 10.50 -36.36
CA THR C 77 15.70 9.92 -35.54
C THR C 77 16.76 10.93 -35.05
N ALA C 78 17.58 10.48 -34.08
CA ALA C 78 18.68 11.28 -33.54
C ALA C 78 19.67 11.64 -34.65
N GLU C 79 19.94 10.68 -35.54
CA GLU C 79 20.81 10.95 -36.69
C GLU C 79 20.22 12.08 -37.58
N ARG C 80 18.90 12.08 -37.79
CA ARG C 80 18.28 13.12 -38.62
C ARG C 80 18.29 14.50 -37.92
N ILE C 81 17.99 14.49 -36.62
CA ILE C 81 18.02 15.74 -35.81
C ILE C 81 19.42 16.40 -35.91
N LYS C 82 20.46 15.58 -35.85
CA LYS C 82 21.86 16.04 -35.94
C LYS C 82 22.19 16.66 -37.31
N LYS C 83 21.69 16.06 -38.41
CA LYS C 83 21.88 16.63 -39.76
C LYS C 83 21.09 17.92 -40.00
N ALA C 84 19.96 18.07 -39.32
CA ALA C 84 19.02 19.21 -39.50
C ALA C 84 19.49 20.55 -38.92
N LYS C 85 20.47 21.16 -39.57
CA LYS C 85 21.10 22.38 -39.10
C LYS C 85 20.15 23.56 -38.93
N ASN C 86 19.10 23.66 -39.76
CA ASN C 86 18.16 24.82 -39.65
C ASN C 86 16.89 24.59 -38.83
N LEU C 87 16.67 23.35 -38.39
CA LEU C 87 15.38 22.95 -37.77
C LEU C 87 15.05 23.62 -36.41
N LYS C 88 13.85 24.22 -36.26
CA LYS C 88 13.44 24.72 -34.94
C LYS C 88 12.14 24.11 -34.45
N LEU C 89 11.26 23.73 -35.39
CA LEU C 89 9.89 23.40 -35.01
C LEU C 89 9.40 22.09 -35.60
N LEU C 90 8.90 21.21 -34.75
CA LEU C 90 8.30 19.94 -35.17
C LEU C 90 6.77 19.98 -34.86
N LEU C 91 5.96 20.05 -35.92
CA LEU C 91 4.51 19.99 -35.77
C LEU C 91 3.88 18.62 -36.15
N THR C 92 3.06 18.07 -35.26
CA THR C 92 2.30 16.82 -35.56
C THR C 92 0.85 17.13 -36.00
N ALA C 93 0.52 16.78 -37.25
CA ALA C 93 -0.85 17.03 -37.74
C ALA C 93 -1.69 15.83 -37.32
N GLY C 94 -2.27 15.93 -36.13
CA GLY C 94 -2.87 14.79 -35.46
C GLY C 94 -2.42 14.81 -33.98
N ILE C 95 -2.49 13.65 -33.32
CA ILE C 95 -2.24 13.54 -31.89
C ILE C 95 -1.28 12.35 -31.73
N GLY C 96 -0.25 12.52 -30.89
CA GLY C 96 0.78 11.47 -30.66
C GLY C 96 2.07 11.80 -31.39
N SER C 97 3.11 12.19 -30.64
CA SER C 97 4.38 12.62 -31.28
C SER C 97 5.59 11.68 -31.03
N ASP C 98 5.28 10.43 -30.70
CA ASP C 98 6.26 9.38 -30.43
C ASP C 98 7.10 8.90 -31.62
N HIS C 99 6.75 9.30 -32.85
CA HIS C 99 7.55 8.94 -34.04
C HIS C 99 8.81 9.85 -34.14
N ILE C 100 8.86 10.93 -33.33
CA ILE C 100 10.06 11.77 -33.11
C ILE C 100 10.92 11.06 -32.00
N ASP C 101 12.24 11.08 -32.12
CA ASP C 101 13.09 10.66 -30.98
C ASP C 101 13.03 11.84 -30.01
N LEU C 102 12.15 11.71 -29.01
CA LEU C 102 11.82 12.87 -28.19
C LEU C 102 12.96 13.27 -27.21
N GLN C 103 13.79 12.31 -26.87
CA GLN C 103 15.01 12.59 -26.09
C GLN C 103 16.01 13.42 -26.88
N ALA C 104 16.27 13.07 -28.15
CA ALA C 104 17.19 13.86 -28.96
C ALA C 104 16.61 15.22 -29.25
N ALA C 105 15.30 15.30 -29.42
CA ALA C 105 14.68 16.61 -29.65
C ALA C 105 14.83 17.53 -28.44
N ALA C 106 14.51 17.01 -27.24
CA ALA C 106 14.70 17.79 -25.97
C ALA C 106 16.17 18.26 -25.81
N ALA C 107 17.12 17.35 -26.00
CA ALA C 107 18.55 17.71 -25.93
C ALA C 107 18.91 18.85 -26.92
N ALA C 108 18.36 18.82 -28.13
CA ALA C 108 18.66 19.85 -29.14
C ALA C 108 17.90 21.16 -28.96
N GLY C 109 17.01 21.22 -27.98
CA GLY C 109 16.20 22.40 -27.75
C GLY C 109 15.12 22.64 -28.81
N LEU C 110 14.63 21.57 -29.48
CA LEU C 110 13.54 21.70 -30.46
C LEU C 110 12.15 21.75 -29.80
N THR C 111 11.29 22.62 -30.28
CA THR C 111 9.87 22.64 -29.92
C THR C 111 9.11 21.53 -30.66
N VAL C 112 8.34 20.74 -29.89
CA VAL C 112 7.52 19.67 -30.43
C VAL C 112 6.07 19.92 -29.97
N ALA C 113 5.15 20.04 -30.94
CA ALA C 113 3.76 20.29 -30.62
C ALA C 113 2.76 19.52 -31.52
N GLU C 114 1.52 19.31 -31.04
CA GLU C 114 0.51 18.50 -31.76
C GLU C 114 -0.87 19.15 -31.57
N VAL C 115 -1.87 18.74 -32.35
CA VAL C 115 -3.18 19.39 -32.26
C VAL C 115 -4.04 18.61 -31.25
N THR C 116 -3.78 18.88 -29.96
CA THR C 116 -4.44 18.21 -28.84
C THR C 116 -5.95 18.33 -28.98
N GLY C 117 -6.68 17.25 -28.72
CA GLY C 117 -8.15 17.27 -28.83
C GLY C 117 -8.77 17.24 -30.24
N SER C 118 -7.96 17.39 -31.31
CA SER C 118 -8.46 17.37 -32.73
C SER C 118 -9.23 16.10 -33.22
N ASN C 119 -8.84 14.91 -32.79
CA ASN C 119 -9.51 13.70 -33.28
C ASN C 119 -9.92 12.70 -32.19
N VAL C 120 -10.10 13.20 -30.95
CA VAL C 120 -10.35 12.32 -29.82
C VAL C 120 -11.74 11.70 -29.87
N VAL C 121 -12.74 12.46 -30.33
CA VAL C 121 -14.07 11.89 -30.55
C VAL C 121 -14.00 10.75 -31.59
N SER C 122 -13.30 10.98 -32.70
CA SER C 122 -13.16 10.01 -33.80
C SER C 122 -12.61 8.65 -33.32
N VAL C 123 -11.54 8.69 -32.51
CA VAL C 123 -10.91 7.47 -31.99
C VAL C 123 -11.85 6.81 -30.94
N ALA C 124 -12.59 7.59 -30.16
CA ALA C 124 -13.51 6.96 -29.15
C ALA C 124 -14.60 6.15 -29.88
N GLU C 125 -15.15 6.73 -30.93
CA GLU C 125 -16.13 6.05 -31.82
C GLU C 125 -15.58 4.72 -32.37
N ASP C 126 -14.35 4.76 -32.90
CA ASP C 126 -13.68 3.62 -33.53
C ASP C 126 -13.40 2.48 -32.55
N GLU C 127 -13.01 2.84 -31.32
CA GLU C 127 -12.77 1.85 -30.25
C GLU C 127 -14.09 1.13 -29.89
N LEU C 128 -15.17 1.90 -29.68
CA LEU C 128 -16.47 1.24 -29.34
C LEU C 128 -16.92 0.33 -30.50
N MET C 129 -16.76 0.81 -31.73
CA MET C 129 -17.04 -0.05 -32.91
C MET C 129 -16.28 -1.39 -32.81
N ARG C 130 -14.99 -1.31 -32.49
CA ARG C 130 -14.17 -2.55 -32.42
C ARG C 130 -14.52 -3.43 -31.21
N ILE C 131 -14.90 -2.85 -30.07
CA ILE C 131 -15.40 -3.67 -28.94
C ILE C 131 -16.57 -4.56 -29.43
N LEU C 132 -17.48 -3.95 -30.18
CA LEU C 132 -18.62 -4.68 -30.71
C LEU C 132 -18.24 -5.70 -31.77
N ILE C 133 -17.39 -5.32 -32.71
CA ILE C 133 -16.86 -6.28 -33.72
C ILE C 133 -16.28 -7.56 -33.10
N LEU C 134 -15.50 -7.41 -32.01
CA LEU C 134 -14.88 -8.57 -31.35
C LEU C 134 -15.87 -9.35 -30.47
N MET C 135 -16.68 -8.64 -29.68
CA MET C 135 -17.61 -9.33 -28.79
C MET C 135 -18.68 -10.13 -29.57
N ARG C 136 -19.16 -9.55 -30.67
CA ARG C 136 -20.32 -10.06 -31.43
C ARG C 136 -19.85 -10.85 -32.69
N ASN C 137 -18.53 -10.90 -32.89
CA ASN C 137 -17.91 -11.79 -33.89
C ASN C 137 -18.31 -11.47 -35.34
N PHE C 138 -18.20 -10.21 -35.71
CA PHE C 138 -18.52 -9.71 -37.06
C PHE C 138 -17.59 -10.24 -38.14
N VAL C 139 -16.28 -10.28 -37.84
CA VAL C 139 -15.30 -10.59 -38.89
C VAL C 139 -15.47 -11.99 -39.54
N PRO C 140 -15.70 -13.05 -38.75
CA PRO C 140 -15.87 -14.32 -39.48
C PRO C 140 -17.21 -14.43 -40.30
N GLY C 141 -18.21 -13.64 -39.95
CA GLY C 141 -19.44 -13.54 -40.76
C GLY C 141 -19.18 -12.86 -42.09
N TYR C 142 -18.47 -11.74 -42.06
CA TYR C 142 -18.08 -11.06 -43.31
C TYR C 142 -17.25 -11.99 -44.22
N ASN C 143 -16.28 -12.72 -43.65
CA ASN C 143 -15.47 -13.66 -44.41
C ASN C 143 -16.27 -14.74 -45.09
N GLN C 144 -17.25 -15.34 -44.39
CA GLN C 144 -18.15 -16.31 -45.01
C GLN C 144 -18.91 -15.70 -46.19
N VAL C 145 -19.42 -14.49 -46.01
CA VAL C 145 -20.17 -13.82 -47.09
C VAL C 145 -19.35 -13.74 -48.39
N VAL C 146 -18.11 -13.26 -48.29
CA VAL C 146 -17.28 -13.02 -49.50
C VAL C 146 -16.77 -14.30 -50.17
N LYS C 147 -16.66 -15.38 -49.41
CA LYS C 147 -16.28 -16.67 -49.94
C LYS C 147 -17.44 -17.54 -50.37
N GLY C 148 -18.67 -17.04 -50.27
CA GLY C 148 -19.82 -17.78 -50.75
C GLY C 148 -20.33 -18.87 -49.81
N GLU C 149 -19.93 -18.79 -48.54
CA GLU C 149 -20.28 -19.78 -47.50
C GLU C 149 -21.51 -19.39 -46.68
N TRP C 150 -22.05 -20.33 -45.89
CA TRP C 150 -23.14 -20.02 -44.95
C TRP C 150 -23.15 -21.06 -43.81
N ASN C 151 -22.72 -20.63 -42.62
CA ASN C 151 -22.60 -21.55 -41.47
C ASN C 151 -22.73 -20.77 -40.18
N VAL C 152 -23.97 -20.52 -39.76
CA VAL C 152 -24.26 -19.68 -38.61
C VAL C 152 -23.60 -20.24 -37.33
N ALA C 153 -23.54 -21.56 -37.20
CA ALA C 153 -22.94 -22.17 -35.99
C ALA C 153 -21.48 -21.78 -35.81
N GLY C 154 -20.78 -21.64 -36.94
CA GLY C 154 -19.37 -21.30 -36.91
C GLY C 154 -19.13 -19.91 -36.39
N ILE C 155 -20.18 -19.10 -36.27
CA ILE C 155 -20.09 -17.75 -35.72
C ILE C 155 -20.73 -17.67 -34.33
N ALA C 156 -21.86 -18.35 -34.16
CA ALA C 156 -22.68 -18.18 -32.94
C ALA C 156 -22.07 -18.80 -31.69
N TYR C 157 -21.23 -19.84 -31.83
CA TYR C 157 -20.72 -20.57 -30.64
C TYR C 157 -19.87 -19.67 -29.73
N ARG C 158 -19.36 -18.59 -30.34
CA ARG C 158 -18.41 -17.63 -29.78
C ARG C 158 -19.01 -16.22 -29.60
N ALA C 159 -20.19 -15.95 -30.16
CA ALA C 159 -20.79 -14.59 -30.09
C ALA C 159 -21.59 -14.28 -28.80
N TYR C 160 -21.38 -13.07 -28.25
CA TYR C 160 -22.03 -12.60 -27.03
C TYR C 160 -22.60 -11.19 -27.22
N ASP C 161 -23.58 -10.79 -26.38
CA ASP C 161 -23.95 -9.36 -26.34
C ASP C 161 -22.92 -8.64 -25.48
N LEU C 162 -22.71 -7.35 -25.76
CA LEU C 162 -21.88 -6.49 -24.90
C LEU C 162 -22.49 -6.23 -23.49
N GLU C 163 -23.82 -6.04 -23.45
CA GLU C 163 -24.59 -5.91 -22.21
C GLU C 163 -24.10 -6.90 -21.10
N GLY C 164 -23.84 -6.40 -19.88
CA GLY C 164 -23.46 -7.28 -18.74
C GLY C 164 -21.97 -7.65 -18.63
N LYS C 165 -21.19 -7.28 -19.65
CA LYS C 165 -19.74 -7.63 -19.65
C LYS C 165 -18.91 -6.56 -18.91
N THR C 166 -17.69 -6.94 -18.49
CA THR C 166 -16.82 -6.01 -17.79
C THR C 166 -15.76 -5.49 -18.74
N ILE C 167 -15.66 -4.18 -18.83
CA ILE C 167 -14.76 -3.56 -19.78
C ILE C 167 -13.86 -2.64 -18.97
N GLY C 168 -12.53 -2.76 -19.15
CA GLY C 168 -11.55 -1.81 -18.57
C GLY C 168 -10.80 -0.95 -19.58
N THR C 169 -10.82 0.37 -19.42
CA THR C 169 -9.88 1.22 -20.16
C THR C 169 -8.55 1.50 -19.38
N VAL C 170 -7.43 1.15 -20.04
CA VAL C 170 -6.08 1.45 -19.56
C VAL C 170 -5.64 2.85 -20.02
N GLY C 171 -5.92 3.84 -19.17
CA GLY C 171 -5.78 5.26 -19.52
C GLY C 171 -7.18 5.87 -19.60
N ALA C 172 -7.36 6.99 -18.93
CA ALA C 172 -8.61 7.72 -18.98
C ALA C 172 -8.31 9.20 -19.11
N GLY C 173 -7.66 9.53 -20.22
CA GLY C 173 -7.46 10.90 -20.63
C GLY C 173 -8.61 11.28 -21.56
N ARG C 174 -8.30 12.07 -22.58
CA ARG C 174 -9.34 12.65 -23.41
C ARG C 174 -10.14 11.56 -24.14
N ILE C 175 -9.45 10.59 -24.72
CA ILE C 175 -10.15 9.54 -25.48
C ILE C 175 -10.86 8.58 -24.53
N GLY C 176 -10.14 8.15 -23.48
CA GLY C 176 -10.69 7.21 -22.51
C GLY C 176 -12.03 7.68 -21.97
N LYS C 177 -12.13 8.97 -21.67
CA LYS C 177 -13.32 9.59 -21.04
C LYS C 177 -14.50 9.60 -22.01
N LEU C 178 -14.21 9.96 -23.27
CA LEU C 178 -15.23 9.97 -24.34
C LEU C 178 -15.78 8.55 -24.64
N LEU C 179 -14.91 7.54 -24.49
CA LEU C 179 -15.31 6.16 -24.67
C LEU C 179 -16.28 5.69 -23.57
N LEU C 180 -15.96 6.02 -22.32
CA LEU C 180 -16.78 5.64 -21.18
C LEU C 180 -18.15 6.31 -21.27
N GLN C 181 -18.18 7.57 -21.70
CA GLN C 181 -19.44 8.26 -21.98
C GLN C 181 -20.33 7.52 -22.99
N ARG C 182 -19.72 6.99 -24.06
CA ARG C 182 -20.49 6.28 -25.10
C ARG C 182 -20.85 4.86 -24.66
N LEU C 183 -20.04 4.25 -23.80
CA LEU C 183 -20.36 2.91 -23.27
C LEU C 183 -21.52 2.90 -22.25
N LYS C 184 -21.77 4.04 -21.62
CA LYS C 184 -22.74 4.12 -20.50
C LYS C 184 -24.08 3.43 -20.82
N PRO C 185 -24.72 3.79 -21.95
CA PRO C 185 -26.04 3.18 -22.12
C PRO C 185 -26.11 1.69 -22.47
N PHE C 186 -24.96 1.03 -22.67
CA PHE C 186 -24.91 -0.35 -23.08
C PHE C 186 -25.13 -1.29 -21.89
N GLY C 187 -24.98 -0.77 -20.67
CA GLY C 187 -25.30 -1.55 -19.47
C GLY C 187 -24.21 -2.55 -19.13
N CYS C 188 -22.98 -2.06 -19.07
CA CYS C 188 -21.78 -2.85 -18.77
C CYS C 188 -21.26 -2.56 -17.35
N ASN C 189 -20.33 -3.38 -16.88
CA ASN C 189 -19.53 -3.08 -15.69
C ASN C 189 -18.24 -2.34 -16.14
N LEU C 190 -18.19 -1.01 -15.97
CA LEU C 190 -17.06 -0.20 -16.48
C LEU C 190 -16.00 0.05 -15.41
N LEU C 191 -14.76 -0.36 -15.69
CA LEU C 191 -13.61 -0.14 -14.81
C LEU C 191 -12.55 0.71 -15.54
N TYR C 192 -11.80 1.51 -14.79
CA TYR C 192 -10.70 2.29 -15.42
C TYR C 192 -9.41 2.40 -14.60
N HIS C 193 -8.28 2.42 -15.30
CA HIS C 193 -6.98 2.66 -14.67
C HIS C 193 -6.20 3.84 -15.32
N ASP C 194 -5.66 4.71 -14.48
CA ASP C 194 -4.84 5.83 -14.92
C ASP C 194 -4.01 6.26 -13.69
N ARG C 195 -2.92 6.97 -13.94
CA ARG C 195 -2.20 7.63 -12.84
C ARG C 195 -3.03 8.74 -12.25
N LEU C 196 -3.97 9.26 -13.03
CA LEU C 196 -4.84 10.35 -12.60
C LEU C 196 -6.30 9.89 -12.58
N GLN C 197 -6.94 10.04 -11.41
CA GLN C 197 -8.34 9.65 -11.21
C GLN C 197 -9.24 10.71 -11.85
N MET C 198 -10.40 10.32 -12.41
CA MET C 198 -11.35 11.32 -12.98
C MET C 198 -12.07 12.11 -11.87
N ALA C 199 -12.68 13.24 -12.23
CA ALA C 199 -13.54 14.01 -11.30
C ALA C 199 -14.69 13.11 -10.80
N PRO C 200 -15.15 13.32 -9.55
CA PRO C 200 -16.19 12.42 -9.03
C PRO C 200 -17.47 12.47 -9.85
N GLU C 201 -17.80 13.64 -10.40
CA GLU C 201 -19.05 13.83 -11.13
C GLU C 201 -19.05 13.03 -12.45
N LEU C 202 -17.86 12.86 -13.03
CA LEU C 202 -17.69 12.06 -14.26
C LEU C 202 -17.73 10.56 -13.97
N GLU C 203 -17.14 10.13 -12.86
CA GLU C 203 -17.24 8.75 -12.43
C GLU C 203 -18.71 8.34 -12.18
N LYS C 204 -19.50 9.26 -11.63
CA LYS C 204 -20.92 9.00 -11.33
C LYS C 204 -21.75 8.99 -12.63
N GLU C 205 -21.48 9.93 -13.54
CA GLU C 205 -22.19 9.98 -14.83
C GLU C 205 -21.98 8.71 -15.67
N THR C 206 -20.72 8.23 -15.75
CA THR C 206 -20.33 7.07 -16.57
C THR C 206 -20.57 5.74 -15.87
N GLY C 207 -20.54 5.75 -14.53
CA GLY C 207 -20.62 4.53 -13.70
C GLY C 207 -19.30 3.77 -13.68
N ALA C 208 -18.22 4.41 -14.09
CA ALA C 208 -16.91 3.77 -14.17
C ALA C 208 -16.20 3.90 -12.84
N LYS C 209 -15.60 2.80 -12.39
CA LYS C 209 -14.90 2.67 -11.11
C LYS C 209 -13.38 2.68 -11.28
N PHE C 210 -12.72 3.55 -10.52
CA PHE C 210 -11.27 3.72 -10.55
C PHE C 210 -10.54 2.54 -9.92
N VAL C 211 -9.51 2.04 -10.56
CA VAL C 211 -8.70 0.95 -9.99
C VAL C 211 -7.25 1.39 -10.02
N GLU C 212 -6.73 1.74 -8.85
CA GLU C 212 -5.42 2.34 -8.68
C GLU C 212 -4.28 1.45 -9.13
N ASP C 213 -4.30 0.19 -8.71
CA ASP C 213 -3.29 -0.78 -9.12
C ASP C 213 -3.76 -1.47 -10.39
N LEU C 214 -3.01 -1.30 -11.48
CA LEU C 214 -3.34 -1.89 -12.76
C LEU C 214 -3.53 -3.39 -12.66
N ASN C 215 -2.64 -4.06 -11.92
CA ASN C 215 -2.65 -5.51 -11.83
C ASN C 215 -3.91 -6.07 -11.20
N GLU C 216 -4.57 -5.26 -10.40
CA GLU C 216 -5.82 -5.67 -9.83
C GLU C 216 -6.97 -5.61 -10.88
N MET C 217 -6.96 -4.60 -11.76
CA MET C 217 -8.02 -4.47 -12.78
C MET C 217 -7.94 -5.55 -13.87
N LEU C 218 -6.75 -5.81 -14.38
CA LEU C 218 -6.54 -6.73 -15.50
C LEU C 218 -7.33 -8.07 -15.51
N PRO C 219 -7.17 -8.91 -14.45
CA PRO C 219 -7.80 -10.24 -14.55
C PRO C 219 -9.33 -10.19 -14.51
N LYS C 220 -9.91 -9.06 -14.12
CA LYS C 220 -11.37 -8.92 -14.08
C LYS C 220 -12.04 -8.64 -15.46
N CYS C 221 -11.27 -8.18 -16.45
CA CYS C 221 -11.84 -7.60 -17.68
C CYS C 221 -12.13 -8.59 -18.82
N ASP C 222 -13.36 -8.57 -19.32
CA ASP C 222 -13.69 -9.36 -20.51
C ASP C 222 -13.04 -8.66 -21.75
N VAL C 223 -13.02 -7.33 -21.68
CA VAL C 223 -12.46 -6.49 -22.70
C VAL C 223 -11.48 -5.50 -22.07
N ILE C 224 -10.32 -5.33 -22.71
CA ILE C 224 -9.28 -4.36 -22.33
C ILE C 224 -9.06 -3.35 -23.50
N VAL C 225 -9.05 -2.05 -23.22
CA VAL C 225 -8.84 -1.04 -24.26
C VAL C 225 -7.62 -0.19 -23.88
N ILE C 226 -6.68 -0.04 -24.81
CA ILE C 226 -5.45 0.73 -24.56
C ILE C 226 -5.66 2.20 -24.89
N ASN C 227 -5.45 3.10 -23.92
CA ASN C 227 -5.69 4.54 -24.11
C ASN C 227 -4.67 5.49 -23.42
N MET C 228 -3.40 5.15 -23.58
CA MET C 228 -2.28 5.98 -23.13
C MET C 228 -1.38 6.35 -24.32
N PRO C 229 -0.55 7.40 -24.16
CA PRO C 229 0.45 7.71 -25.19
C PRO C 229 1.56 6.64 -25.24
N LEU C 230 2.35 6.62 -26.32
CA LEU C 230 3.57 5.79 -26.36
C LEU C 230 4.72 6.59 -25.69
N THR C 231 5.18 6.07 -24.53
CA THR C 231 6.19 6.73 -23.63
C THR C 231 7.29 5.73 -23.24
N GLU C 232 8.40 6.22 -22.63
CA GLU C 232 9.43 5.29 -22.08
C GLU C 232 8.80 4.22 -21.18
N LYS C 233 7.81 4.62 -20.40
CA LYS C 233 7.14 3.68 -19.50
C LYS C 233 6.19 2.71 -20.22
N THR C 234 5.38 3.22 -21.14
CA THR C 234 4.35 2.38 -21.81
C THR C 234 4.91 1.50 -22.91
N ARG C 235 6.04 1.89 -23.49
CA ARG C 235 6.67 1.10 -24.54
C ARG C 235 6.96 -0.33 -24.11
N GLY C 236 6.40 -1.30 -24.83
CA GLY C 236 6.61 -2.72 -24.54
C GLY C 236 5.93 -3.15 -23.25
N MET C 237 5.09 -2.28 -22.70
CA MET C 237 4.45 -2.56 -21.42
C MET C 237 3.71 -3.92 -21.42
N PHE C 238 2.97 -4.21 -22.49
CA PHE C 238 2.21 -5.47 -22.61
C PHE C 238 3.05 -6.58 -23.21
N ASN C 239 3.96 -7.08 -22.38
CA ASN C 239 4.86 -8.16 -22.73
C ASN C 239 4.26 -9.49 -22.32
N LYS C 240 5.07 -10.55 -22.41
CA LYS C 240 4.62 -11.90 -22.08
C LYS C 240 4.02 -12.02 -20.67
N GLU C 241 4.67 -11.42 -19.68
CA GLU C 241 4.20 -11.49 -18.29
C GLU C 241 2.86 -10.80 -18.05
N LEU C 242 2.77 -9.54 -18.47
CA LEU C 242 1.57 -8.72 -18.26
C LEU C 242 0.33 -9.27 -18.97
N ILE C 243 0.52 -9.78 -20.19
CA ILE C 243 -0.55 -10.45 -20.97
C ILE C 243 -1.02 -11.70 -20.26
N GLY C 244 -0.06 -12.41 -19.64
CA GLY C 244 -0.37 -13.60 -18.81
C GLY C 244 -1.29 -13.32 -17.64
N LYS C 245 -1.28 -12.08 -17.16
CA LYS C 245 -2.21 -11.67 -16.07
C LYS C 245 -3.65 -11.36 -16.54
N LEU C 246 -3.89 -11.35 -17.87
CA LEU C 246 -5.21 -11.08 -18.45
C LEU C 246 -6.11 -12.28 -18.33
N LYS C 247 -7.41 -12.01 -18.30
CA LYS C 247 -8.41 -13.08 -18.35
C LYS C 247 -8.24 -13.94 -19.62
N LYS C 248 -8.40 -15.25 -19.46
CA LYS C 248 -8.34 -16.19 -20.57
C LYS C 248 -9.48 -15.91 -21.58
N GLY C 249 -9.13 -15.71 -22.85
CA GLY C 249 -10.09 -15.27 -23.88
C GLY C 249 -10.40 -13.77 -23.91
N VAL C 250 -9.63 -12.95 -23.18
CA VAL C 250 -9.80 -11.46 -23.16
C VAL C 250 -9.80 -10.90 -24.60
N LEU C 251 -10.57 -9.83 -24.85
CA LEU C 251 -10.67 -9.21 -26.18
C LEU C 251 -9.98 -7.88 -26.04
N ILE C 252 -8.99 -7.59 -26.88
CA ILE C 252 -8.20 -6.38 -26.71
C ILE C 252 -8.43 -5.41 -27.89
N VAL C 253 -8.74 -4.16 -27.55
CA VAL C 253 -8.77 -3.08 -28.55
C VAL C 253 -7.62 -2.10 -28.36
N ASN C 254 -6.86 -1.83 -29.41
CA ASN C 254 -5.74 -0.88 -29.31
C ASN C 254 -5.60 0.08 -30.48
N ASN C 255 -6.22 1.24 -30.34
CA ASN C 255 -6.09 2.34 -31.28
C ASN C 255 -5.15 3.44 -30.69
N ALA C 256 -4.33 3.06 -29.71
CA ALA C 256 -3.43 4.05 -29.09
C ALA C 256 -2.15 4.05 -29.93
N ARG C 257 -1.25 3.09 -29.71
CA ARG C 257 -0.01 2.96 -30.50
C ARG C 257 0.39 1.50 -30.44
N GLY C 258 0.94 0.96 -31.53
CA GLY C 258 1.21 -0.50 -31.62
C GLY C 258 2.29 -1.01 -30.66
N ALA C 259 3.32 -0.19 -30.47
CA ALA C 259 4.52 -0.58 -29.70
C ALA C 259 4.27 -0.60 -28.20
N ILE C 260 3.08 -0.16 -27.75
CA ILE C 260 2.66 -0.37 -26.35
C ILE C 260 2.59 -1.90 -26.08
N MET C 261 2.35 -2.69 -27.13
CA MET C 261 2.30 -4.15 -27.03
C MET C 261 3.63 -4.68 -27.56
N GLU C 262 4.13 -5.80 -27.01
CA GLU C 262 5.23 -6.49 -27.67
C GLU C 262 4.64 -7.33 -28.79
N ARG C 263 5.20 -7.18 -29.98
CA ARG C 263 4.63 -7.78 -31.18
C ARG C 263 4.43 -9.31 -31.09
N GLN C 264 5.53 -10.03 -30.83
CA GLN C 264 5.49 -11.50 -30.75
C GLN C 264 4.73 -11.99 -29.54
N ALA C 265 4.73 -11.25 -28.44
CA ALA C 265 3.94 -11.66 -27.27
C ALA C 265 2.42 -11.69 -27.55
N VAL C 266 1.93 -10.70 -28.31
CA VAL C 266 0.55 -10.72 -28.82
C VAL C 266 0.29 -11.95 -29.72
N VAL C 267 1.16 -12.20 -30.70
CA VAL C 267 1.00 -13.34 -31.60
C VAL C 267 0.93 -14.65 -30.84
N ASP C 268 1.80 -14.84 -29.84
CA ASP C 268 1.83 -16.11 -29.09
C ASP C 268 0.58 -16.30 -28.25
N ALA C 269 0.09 -15.22 -27.64
CA ALA C 269 -1.09 -15.32 -26.78
C ALA C 269 -2.40 -15.46 -27.64
N VAL C 270 -2.41 -14.89 -28.82
CA VAL C 270 -3.51 -15.15 -29.79
C VAL C 270 -3.51 -16.61 -30.26
N GLU C 271 -2.35 -17.17 -30.60
CA GLU C 271 -2.34 -18.56 -31.08
C GLU C 271 -2.67 -19.60 -30.02
N SER C 272 -2.41 -19.30 -28.75
CA SER C 272 -2.77 -20.23 -27.67
C SER C 272 -4.22 -20.06 -27.24
N GLY C 273 -4.82 -18.91 -27.55
CA GLY C 273 -6.22 -18.65 -27.22
C GLY C 273 -6.33 -17.88 -25.91
N HIS C 274 -5.19 -17.56 -25.27
CA HIS C 274 -5.26 -16.75 -24.05
C HIS C 274 -5.82 -15.34 -24.36
N ILE C 275 -5.37 -14.78 -25.48
CA ILE C 275 -6.01 -13.60 -26.05
C ILE C 275 -7.06 -14.13 -27.03
N GLY C 276 -8.32 -13.81 -26.77
CA GLY C 276 -9.40 -14.28 -27.61
C GLY C 276 -9.51 -13.59 -28.96
N GLY C 277 -9.16 -12.30 -29.01
CA GLY C 277 -9.26 -11.49 -30.26
C GLY C 277 -8.54 -10.18 -30.04
N TYR C 278 -7.88 -9.67 -31.09
CA TYR C 278 -7.16 -8.39 -31.03
C TYR C 278 -7.57 -7.48 -32.20
N SER C 279 -7.89 -6.21 -31.90
CA SER C 279 -8.35 -5.25 -32.93
C SER C 279 -7.77 -3.86 -32.72
N GLY C 280 -7.20 -3.29 -33.79
CA GLY C 280 -6.74 -1.90 -33.73
C GLY C 280 -6.39 -1.38 -35.09
N ASP C 281 -6.14 -0.07 -35.17
CA ASP C 281 -5.60 0.54 -36.40
C ASP C 281 -4.08 0.91 -36.38
N VAL C 282 -3.38 0.67 -35.25
CA VAL C 282 -2.01 1.20 -35.11
C VAL C 282 -0.95 0.06 -35.04
N TRP C 283 0.22 0.30 -35.64
CA TRP C 283 1.21 -0.78 -35.84
C TRP C 283 2.65 -0.27 -35.57
N ASP C 284 3.57 -1.22 -35.35
CA ASP C 284 5.02 -0.93 -35.40
C ASP C 284 5.71 -1.77 -36.48
N PRO C 285 6.35 -1.14 -37.48
CA PRO C 285 6.37 0.27 -37.84
C PRO C 285 5.16 0.58 -38.77
N GLN C 286 5.07 1.83 -39.21
CA GLN C 286 4.05 2.27 -40.18
C GLN C 286 4.69 2.95 -41.39
N PRO C 287 4.33 2.52 -42.64
CA PRO C 287 3.44 1.41 -43.06
C PRO C 287 3.84 0.04 -42.50
N ALA C 288 2.87 -0.78 -42.10
CA ALA C 288 3.16 -2.17 -41.73
C ALA C 288 3.55 -2.97 -42.96
N PRO C 289 4.68 -3.70 -42.90
CA PRO C 289 5.13 -4.45 -44.06
C PRO C 289 4.14 -5.54 -44.43
N LYS C 290 4.24 -6.03 -45.68
CA LYS C 290 3.38 -7.16 -46.14
C LYS C 290 3.36 -8.38 -45.21
N ASP C 291 4.52 -8.70 -44.66
CA ASP C 291 4.61 -9.90 -43.82
C ASP C 291 4.32 -9.64 -42.30
N HIS C 292 3.87 -8.44 -41.90
CA HIS C 292 3.61 -8.18 -40.46
C HIS C 292 2.66 -9.26 -39.90
N PRO C 293 3.06 -9.98 -38.83
CA PRO C 293 2.25 -11.14 -38.39
C PRO C 293 0.87 -10.82 -37.75
N TRP C 294 0.65 -9.58 -37.31
CA TRP C 294 -0.68 -9.18 -36.82
C TRP C 294 -1.76 -9.23 -37.96
N ARG C 295 -1.34 -9.22 -39.22
CA ARG C 295 -2.27 -9.32 -40.38
C ARG C 295 -2.93 -10.72 -40.47
N TYR C 296 -2.22 -11.74 -39.96
CA TYR C 296 -2.54 -13.15 -40.29
C TYR C 296 -2.88 -14.07 -39.11
N MET C 297 -2.79 -13.56 -37.87
CA MET C 297 -3.05 -14.35 -36.67
C MET C 297 -4.56 -14.62 -36.51
N PRO C 298 -4.93 -15.71 -35.83
CA PRO C 298 -6.37 -16.00 -35.65
C PRO C 298 -7.18 -14.85 -35.04
N ASN C 299 -8.42 -14.67 -35.52
CA ASN C 299 -9.36 -13.72 -34.90
C ASN C 299 -9.04 -12.24 -34.98
N GLN C 300 -8.03 -11.84 -35.76
CA GLN C 300 -7.65 -10.43 -35.82
C GLN C 300 -8.72 -9.56 -36.52
N ALA C 301 -8.90 -8.33 -36.04
CA ALA C 301 -9.78 -7.40 -36.70
C ALA C 301 -9.05 -6.08 -36.92
N MET C 302 -7.92 -6.13 -37.61
CA MET C 302 -7.06 -4.96 -37.82
C MET C 302 -7.53 -4.12 -39.01
N THR C 303 -7.09 -2.85 -39.05
CA THR C 303 -7.16 -2.01 -40.25
C THR C 303 -5.81 -1.29 -40.31
N PRO C 304 -5.47 -0.66 -41.45
CA PRO C 304 -4.37 0.34 -41.40
C PRO C 304 -4.73 1.57 -40.53
N HIS C 305 -3.83 2.56 -40.44
CA HIS C 305 -3.98 3.61 -39.45
C HIS C 305 -4.94 4.70 -39.92
N THR C 306 -6.21 4.53 -39.57
CA THR C 306 -7.30 5.33 -40.14
C THR C 306 -8.18 6.12 -39.18
N SER C 307 -8.28 5.70 -37.90
CA SER C 307 -9.34 6.24 -37.00
C SER C 307 -9.26 7.74 -36.75
N GLY C 308 -8.03 8.23 -36.63
CA GLY C 308 -7.80 9.63 -36.36
C GLY C 308 -7.78 10.52 -37.59
N THR C 309 -8.05 9.93 -38.76
CA THR C 309 -8.01 10.67 -40.05
C THR C 309 -9.26 10.50 -40.93
N THR C 310 -10.43 10.48 -40.31
CA THR C 310 -11.69 10.74 -41.00
C THR C 310 -11.67 12.16 -41.59
N ILE C 311 -12.47 12.41 -42.63
CA ILE C 311 -12.65 13.75 -43.15
C ILE C 311 -12.90 14.80 -42.03
N ASP C 312 -13.70 14.45 -41.03
CA ASP C 312 -14.04 15.40 -39.96
C ASP C 312 -12.82 15.71 -39.06
N ALA C 313 -12.09 14.67 -38.68
CA ALA C 313 -10.82 14.83 -37.97
C ALA C 313 -9.82 15.70 -38.78
N GLN C 314 -9.69 15.42 -40.08
CA GLN C 314 -8.77 16.14 -40.95
C GLN C 314 -9.02 17.64 -40.95
N LEU C 315 -10.28 18.06 -41.01
CA LEU C 315 -10.59 19.48 -41.00
C LEU C 315 -10.07 20.16 -39.73
N ARG C 316 -10.27 19.49 -38.57
CA ARG C 316 -9.89 20.01 -37.26
C ARG C 316 -8.35 20.04 -37.08
N TYR C 317 -7.64 18.95 -37.36
CA TYR C 317 -6.16 19.02 -37.25
C TYR C 317 -5.42 19.91 -38.28
N ALA C 318 -6.02 20.16 -39.44
CA ALA C 318 -5.45 21.08 -40.41
C ALA C 318 -5.57 22.51 -39.92
N ALA C 319 -6.75 22.84 -39.36
CA ALA C 319 -7.00 24.18 -38.80
C ALA C 319 -6.07 24.46 -37.62
N GLY C 320 -5.82 23.43 -36.83
CA GLY C 320 -4.96 23.52 -35.65
C GLY C 320 -3.51 23.74 -36.09
N THR C 321 -3.12 23.08 -37.17
CA THR C 321 -1.75 23.22 -37.70
C THR C 321 -1.52 24.61 -38.29
N LYS C 322 -2.50 25.09 -39.04
CA LYS C 322 -2.46 26.45 -39.57
C LYS C 322 -2.34 27.54 -38.46
N ASP C 323 -3.15 27.40 -37.43
CA ASP C 323 -3.13 28.34 -36.29
C ASP C 323 -1.74 28.37 -35.60
N MET C 324 -1.15 27.19 -35.36
CA MET C 324 0.18 27.12 -34.76
C MET C 324 1.22 27.80 -35.63
N LEU C 325 1.12 27.60 -36.94
CA LEU C 325 2.04 28.22 -37.87
C LEU C 325 1.96 29.75 -37.83
N GLU C 326 0.74 30.28 -37.81
CA GLU C 326 0.51 31.70 -37.72
C GLU C 326 1.10 32.26 -36.40
N ARG C 327 0.88 31.57 -35.29
CA ARG C 327 1.46 31.93 -33.98
C ARG C 327 2.98 31.91 -34.02
N TYR C 328 3.54 30.87 -34.65
CA TYR C 328 4.97 30.72 -34.85
C TYR C 328 5.63 31.91 -35.60
N PHE C 329 5.10 32.24 -36.78
CA PHE C 329 5.53 33.42 -37.54
C PHE C 329 5.43 34.77 -36.78
N LYS C 330 4.54 34.84 -35.78
CA LYS C 330 4.33 36.05 -35.01
C LYS C 330 5.07 36.09 -33.66
N GLY C 331 5.79 35.02 -33.33
CA GLY C 331 6.44 34.89 -32.02
C GLY C 331 5.54 34.63 -30.81
N GLU C 332 4.33 34.12 -31.05
CA GLU C 332 3.37 33.91 -29.99
C GLU C 332 3.38 32.44 -29.50
N ASP C 333 3.08 32.22 -28.21
CA ASP C 333 2.97 30.86 -27.67
C ASP C 333 1.74 30.09 -28.21
N PHE C 334 1.91 28.77 -28.39
CA PHE C 334 0.82 27.84 -28.70
C PHE C 334 -0.04 27.62 -27.46
N PRO C 335 -1.27 27.08 -27.62
CA PRO C 335 -2.02 26.72 -26.40
C PRO C 335 -1.18 25.75 -25.55
N THR C 336 -1.15 25.98 -24.24
CA THR C 336 -0.27 25.20 -23.35
C THR C 336 -0.41 23.69 -23.57
N GLU C 337 -1.65 23.20 -23.69
CA GLU C 337 -1.92 21.76 -23.89
C GLU C 337 -1.38 21.16 -25.22
N ASN C 338 -0.93 22.00 -26.16
CA ASN C 338 -0.40 21.50 -27.45
C ASN C 338 1.07 21.08 -27.36
N TYR C 339 1.80 21.62 -26.37
CA TYR C 339 3.26 21.34 -26.21
C TYR C 339 3.53 19.94 -25.74
N ILE C 340 4.48 19.28 -26.39
CA ILE C 340 4.98 17.96 -26.00
C ILE C 340 6.43 18.09 -25.47
N VAL C 341 7.25 18.90 -26.14
CA VAL C 341 8.59 19.29 -25.66
C VAL C 341 8.68 20.80 -25.87
N LYS C 342 8.96 21.54 -24.78
CA LYS C 342 9.18 22.98 -24.83
C LYS C 342 10.34 23.26 -23.87
N ASP C 343 11.33 24.06 -24.29
CA ASP C 343 12.51 24.37 -23.48
C ASP C 343 13.16 23.10 -22.91
N GLY C 344 13.26 22.05 -23.73
CA GLY C 344 13.87 20.76 -23.33
C GLY C 344 13.12 19.86 -22.37
N GLU C 345 11.85 20.18 -22.09
CA GLU C 345 11.06 19.45 -21.10
C GLU C 345 9.83 18.75 -21.72
N LEU C 346 9.71 17.45 -21.49
CA LEU C 346 8.51 16.64 -21.81
C LEU C 346 7.25 17.02 -21.04
N ALA C 347 6.08 17.02 -21.71
CA ALA C 347 4.77 17.19 -21.04
C ALA C 347 4.51 16.03 -20.05
N PRO C 348 3.73 16.29 -18.96
CA PRO C 348 3.42 15.34 -17.87
C PRO C 348 2.94 13.95 -18.32
N GLN C 349 1.97 13.89 -19.24
CA GLN C 349 1.37 12.61 -19.70
C GLN C 349 2.38 11.69 -20.41
N TYR C 350 3.51 12.24 -20.84
CA TYR C 350 4.62 11.43 -21.39
C TYR C 350 5.71 11.02 -20.36
N ARG C 351 5.69 11.64 -19.19
CA ARG C 351 6.70 11.33 -18.14
C ARG C 351 6.27 10.09 -17.34
N ASP D 1 -52.55 -38.38 -25.86
CA ASP D 1 -51.98 -37.48 -24.80
C ASP D 1 -50.52 -37.02 -25.10
N SER D 2 -49.73 -37.97 -25.61
CA SER D 2 -48.37 -37.68 -26.05
C SER D 2 -48.34 -37.11 -27.47
N LYS D 3 -47.41 -36.20 -27.73
CA LYS D 3 -47.39 -35.47 -28.99
C LYS D 3 -46.06 -35.64 -29.74
N LYS D 4 -46.07 -35.50 -31.07
CA LYS D 4 -44.83 -35.33 -31.85
C LYS D 4 -44.48 -33.83 -31.91
N ILE D 5 -43.36 -33.45 -31.28
CA ILE D 5 -42.76 -32.11 -31.40
C ILE D 5 -41.59 -32.12 -32.42
N VAL D 6 -41.62 -31.25 -33.43
CA VAL D 6 -40.50 -31.10 -34.41
C VAL D 6 -39.79 -29.77 -34.21
N GLY D 7 -38.45 -29.81 -34.13
CA GLY D 7 -37.61 -28.60 -34.18
C GLY D 7 -36.80 -28.52 -35.46
N VAL D 8 -36.72 -27.33 -36.04
CA VAL D 8 -35.88 -27.04 -37.19
C VAL D 8 -34.95 -25.89 -36.76
N PHE D 9 -33.68 -26.26 -36.56
CA PHE D 9 -32.61 -25.33 -36.12
C PHE D 9 -31.43 -25.43 -37.09
N TYR D 10 -30.46 -24.52 -36.99
CA TYR D 10 -29.22 -24.69 -37.76
C TYR D 10 -28.34 -25.81 -37.16
N LYS D 11 -27.62 -26.55 -38.02
CA LYS D 11 -26.75 -27.67 -37.59
C LYS D 11 -25.35 -27.15 -37.18
N ALA D 12 -24.81 -27.64 -36.07
CA ALA D 12 -23.51 -27.18 -35.55
C ALA D 12 -22.34 -28.22 -35.65
N ASN D 13 -22.67 -29.52 -35.65
CA ASN D 13 -21.64 -30.62 -35.58
C ASN D 13 -20.65 -30.41 -34.41
N GLU D 14 -19.35 -30.31 -34.72
CA GLU D 14 -18.27 -30.10 -33.72
C GLU D 14 -18.35 -28.78 -32.97
N TYR D 15 -19.10 -27.80 -33.50
CA TYR D 15 -19.21 -26.51 -32.78
C TYR D 15 -20.16 -26.62 -31.58
N ALA D 16 -21.09 -27.59 -31.58
CA ALA D 16 -22.12 -27.64 -30.52
C ALA D 16 -21.58 -27.65 -29.08
N THR D 17 -20.48 -28.39 -28.91
CA THR D 17 -19.88 -28.62 -27.59
C THR D 17 -18.95 -27.47 -27.13
N LYS D 18 -18.63 -26.51 -28.01
CA LYS D 18 -17.65 -25.45 -27.70
C LYS D 18 -18.13 -24.43 -26.65
N ASN D 19 -19.43 -24.43 -26.35
CA ASN D 19 -19.97 -23.55 -25.33
C ASN D 19 -21.11 -24.29 -24.65
N PRO D 20 -21.09 -24.35 -23.29
CA PRO D 20 -22.12 -25.04 -22.49
C PRO D 20 -23.52 -24.44 -22.68
N ASN D 21 -23.58 -23.20 -23.11
CA ASN D 21 -24.84 -22.51 -23.31
C ASN D 21 -25.27 -22.32 -24.79
N PHE D 22 -24.71 -23.14 -25.70
CA PHE D 22 -24.99 -23.05 -27.17
C PHE D 22 -26.32 -23.79 -27.48
N LEU D 23 -27.43 -23.21 -27.00
CA LEU D 23 -28.73 -23.89 -27.01
C LEU D 23 -29.45 -23.80 -28.37
N GLY D 24 -28.97 -22.90 -29.22
CA GLY D 24 -29.66 -22.60 -30.47
C GLY D 24 -29.50 -23.58 -31.63
N CYS D 25 -28.57 -24.55 -31.51
CA CYS D 25 -28.28 -25.46 -32.63
C CYS D 25 -29.11 -26.74 -32.58
N VAL D 26 -29.09 -27.55 -33.64
CA VAL D 26 -29.76 -28.88 -33.66
C VAL D 26 -29.37 -29.81 -32.49
N GLU D 27 -28.06 -29.86 -32.21
CA GLU D 27 -27.52 -30.81 -31.22
C GLU D 27 -28.07 -30.65 -29.80
N ASN D 28 -28.19 -29.40 -29.37
CA ASN D 28 -28.59 -29.02 -28.04
C ASN D 28 -30.11 -28.68 -27.99
N ALA D 29 -30.66 -28.29 -29.15
CA ALA D 29 -32.11 -28.18 -29.37
C ALA D 29 -32.88 -27.51 -28.21
N LEU D 30 -32.42 -26.33 -27.79
CA LEU D 30 -32.96 -25.52 -26.70
C LEU D 30 -32.88 -26.10 -25.27
N GLY D 31 -32.19 -27.22 -25.08
CA GLY D 31 -32.09 -27.85 -23.75
C GLY D 31 -33.26 -28.71 -23.31
N ILE D 32 -34.27 -28.88 -24.17
CA ILE D 32 -35.56 -29.43 -23.73
C ILE D 32 -35.85 -30.88 -24.07
N ARG D 33 -34.92 -31.58 -24.75
CA ARG D 33 -35.18 -32.98 -25.14
C ARG D 33 -35.59 -33.86 -23.96
N ASP D 34 -34.77 -33.93 -22.91
CA ASP D 34 -35.06 -34.83 -21.77
C ASP D 34 -36.38 -34.42 -21.12
N TRP D 35 -36.58 -33.13 -20.97
CA TRP D 35 -37.80 -32.59 -20.39
C TRP D 35 -39.04 -33.03 -21.14
N LEU D 36 -38.96 -32.97 -22.48
CA LEU D 36 -40.03 -33.40 -23.36
C LEU D 36 -40.28 -34.91 -23.35
N GLU D 37 -39.21 -35.69 -23.49
CA GLU D 37 -39.36 -37.14 -23.56
C GLU D 37 -39.81 -37.72 -22.25
N SER D 38 -39.43 -37.09 -21.14
CA SER D 38 -39.89 -37.52 -19.83
C SER D 38 -41.43 -37.47 -19.66
N GLN D 39 -42.08 -36.58 -20.44
CA GLN D 39 -43.53 -36.49 -20.45
C GLN D 39 -44.20 -37.41 -21.48
N GLY D 40 -43.42 -38.20 -22.21
CA GLY D 40 -44.00 -39.17 -23.16
C GLY D 40 -44.03 -38.68 -24.60
N HIS D 41 -43.49 -37.48 -24.83
CA HIS D 41 -43.46 -36.88 -26.16
C HIS D 41 -42.26 -37.35 -26.99
N GLN D 42 -42.43 -37.29 -28.31
CA GLN D 42 -41.35 -37.49 -29.25
C GLN D 42 -40.80 -36.12 -29.65
N TYR D 43 -39.48 -36.02 -29.81
CA TYR D 43 -38.85 -34.77 -30.25
C TYR D 43 -37.91 -35.03 -31.45
N ILE D 44 -38.36 -34.64 -32.64
CA ILE D 44 -37.62 -34.85 -33.88
C ILE D 44 -37.01 -33.51 -34.30
N VAL D 45 -35.68 -33.43 -34.26
CA VAL D 45 -34.97 -32.18 -34.56
C VAL D 45 -34.08 -32.31 -35.82
N THR D 46 -34.14 -31.33 -36.73
CA THR D 46 -33.40 -31.44 -37.99
C THR D 46 -33.06 -30.07 -38.59
N ASP D 47 -32.06 -30.03 -39.45
CA ASP D 47 -31.77 -28.80 -40.23
C ASP D 47 -32.21 -28.92 -41.68
N ASP D 48 -32.82 -30.05 -42.03
CA ASP D 48 -33.01 -30.47 -43.44
C ASP D 48 -34.44 -30.07 -43.85
N LYS D 49 -34.57 -28.89 -44.43
CA LYS D 49 -35.87 -28.21 -44.49
C LYS D 49 -36.34 -27.87 -45.91
N GLU D 50 -35.53 -28.15 -46.93
CA GLU D 50 -35.87 -27.67 -48.26
C GLU D 50 -36.41 -28.78 -49.20
N GLY D 51 -37.53 -28.50 -49.89
CA GLY D 51 -38.03 -29.39 -50.96
C GLY D 51 -38.94 -30.54 -50.50
N PRO D 52 -39.54 -31.30 -51.47
CA PRO D 52 -40.43 -32.45 -51.13
C PRO D 52 -39.78 -33.66 -50.44
N ASP D 53 -38.46 -33.82 -50.54
CA ASP D 53 -37.81 -35.05 -50.09
C ASP D 53 -36.95 -34.90 -48.82
N CYS D 54 -36.97 -33.71 -48.20
CA CYS D 54 -36.21 -33.43 -46.96
C CYS D 54 -36.80 -34.12 -45.72
N GLU D 55 -36.02 -34.16 -44.65
CA GLU D 55 -36.47 -34.79 -43.40
C GLU D 55 -37.73 -34.11 -42.83
N LEU D 56 -37.78 -32.78 -42.88
CA LEU D 56 -38.94 -32.04 -42.31
C LEU D 56 -40.28 -32.52 -42.94
N GLU D 57 -40.28 -32.61 -44.27
CA GLU D 57 -41.44 -33.05 -45.05
C GLU D 57 -41.98 -34.41 -44.62
N LYS D 58 -41.10 -35.32 -44.14
CA LYS D 58 -41.53 -36.63 -43.66
C LYS D 58 -42.45 -36.54 -42.47
N HIS D 59 -42.21 -35.55 -41.62
CA HIS D 59 -42.91 -35.42 -40.35
C HIS D 59 -44.09 -34.44 -40.43
N ILE D 60 -44.14 -33.64 -41.49
CA ILE D 60 -45.24 -32.68 -41.67
C ILE D 60 -46.68 -33.26 -41.53
N PRO D 61 -46.95 -34.45 -42.10
CA PRO D 61 -48.30 -35.03 -41.98
C PRO D 61 -48.79 -35.31 -40.54
N ASP D 62 -47.90 -35.63 -39.61
CA ASP D 62 -48.39 -36.02 -38.28
C ASP D 62 -47.89 -35.27 -37.05
N LEU D 63 -47.09 -34.21 -37.22
CA LEU D 63 -46.57 -33.47 -36.05
C LEU D 63 -47.71 -32.69 -35.39
N HIS D 64 -47.58 -32.42 -34.08
CA HIS D 64 -48.54 -31.59 -33.35
C HIS D 64 -48.03 -30.16 -33.15
N VAL D 65 -46.70 -30.04 -33.00
CA VAL D 65 -46.06 -28.75 -32.72
C VAL D 65 -44.79 -28.62 -33.59
N LEU D 66 -44.60 -27.48 -34.23
CA LEU D 66 -43.35 -27.19 -35.00
C LEU D 66 -42.66 -25.95 -34.40
N ILE D 67 -41.47 -26.16 -33.80
CA ILE D 67 -40.62 -25.10 -33.26
C ILE D 67 -39.65 -24.73 -34.39
N SER D 68 -39.69 -23.47 -34.83
CA SER D 68 -38.81 -23.02 -35.91
C SER D 68 -37.89 -21.97 -35.33
N THR D 69 -36.98 -21.40 -36.13
CA THR D 69 -36.04 -20.40 -35.62
C THR D 69 -35.69 -19.56 -36.86
N PRO D 70 -35.70 -18.22 -36.73
CA PRO D 70 -35.50 -17.32 -37.92
C PRO D 70 -34.16 -17.48 -38.63
N PHE D 71 -33.13 -17.93 -37.89
CA PHE D 71 -31.76 -17.99 -38.42
C PHE D 71 -31.58 -19.13 -39.38
N HIS D 72 -32.49 -20.12 -39.32
CA HIS D 72 -32.51 -21.24 -40.27
C HIS D 72 -33.98 -21.62 -40.51
N PRO D 73 -34.72 -20.75 -41.26
CA PRO D 73 -36.21 -20.73 -41.20
C PRO D 73 -36.91 -21.81 -42.05
N ALA D 74 -37.67 -22.69 -41.39
CA ALA D 74 -38.61 -23.56 -42.10
C ALA D 74 -39.71 -22.67 -42.73
N TYR D 75 -39.88 -22.77 -44.06
CA TYR D 75 -40.89 -21.98 -44.78
C TYR D 75 -42.18 -22.76 -44.78
N VAL D 76 -43.07 -22.42 -43.84
CA VAL D 76 -44.29 -23.18 -43.61
C VAL D 76 -45.37 -22.60 -44.53
N THR D 77 -45.34 -23.08 -45.77
CA THR D 77 -46.22 -22.61 -46.86
C THR D 77 -47.68 -23.05 -46.69
N ALA D 78 -48.57 -22.47 -47.50
CA ALA D 78 -49.99 -22.88 -47.53
C ALA D 78 -50.11 -24.40 -47.77
N GLU D 79 -49.33 -24.89 -48.74
CA GLU D 79 -49.36 -26.32 -49.09
C GLU D 79 -48.89 -27.22 -47.93
N ARG D 80 -47.80 -26.83 -47.25
CA ARG D 80 -47.39 -27.50 -45.97
C ARG D 80 -48.47 -27.52 -44.90
N ILE D 81 -49.07 -26.36 -44.61
CA ILE D 81 -50.20 -26.30 -43.70
C ILE D 81 -51.34 -27.25 -44.10
N LYS D 82 -51.68 -27.30 -45.39
CA LYS D 82 -52.77 -28.18 -45.83
C LYS D 82 -52.51 -29.67 -45.58
N LYS D 83 -51.24 -30.09 -45.69
CA LYS D 83 -50.84 -31.49 -45.50
C LYS D 83 -50.73 -31.84 -44.03
N ALA D 84 -50.56 -30.83 -43.18
CA ALA D 84 -50.25 -31.03 -41.78
C ALA D 84 -51.50 -31.30 -40.92
N LYS D 85 -52.01 -32.52 -41.00
CA LYS D 85 -53.25 -32.95 -40.33
C LYS D 85 -53.30 -32.82 -38.79
N ASN D 86 -52.19 -33.02 -38.07
CA ASN D 86 -52.23 -32.88 -36.63
C ASN D 86 -51.75 -31.53 -36.09
N LEU D 87 -51.20 -30.68 -36.96
CA LEU D 87 -50.53 -29.48 -36.45
C LEU D 87 -51.48 -28.51 -35.71
N LYS D 88 -51.08 -28.05 -34.51
CA LYS D 88 -51.90 -27.06 -33.76
C LYS D 88 -51.18 -25.78 -33.37
N LEU D 89 -49.86 -25.86 -33.16
CA LEU D 89 -49.09 -24.81 -32.52
C LEU D 89 -47.77 -24.61 -33.29
N LEU D 90 -47.53 -23.36 -33.71
CA LEU D 90 -46.29 -22.94 -34.35
C LEU D 90 -45.55 -22.00 -33.42
N LEU D 91 -44.42 -22.48 -32.87
CA LEU D 91 -43.55 -21.64 -32.01
C LEU D 91 -42.24 -21.16 -32.74
N THR D 92 -41.96 -19.87 -32.65
CA THR D 92 -40.69 -19.26 -33.14
C THR D 92 -39.65 -19.07 -32.01
N ALA D 93 -38.54 -19.83 -32.06
CA ALA D 93 -37.46 -19.64 -31.09
C ALA D 93 -36.65 -18.43 -31.60
N GLY D 94 -37.07 -17.23 -31.18
CA GLY D 94 -36.52 -15.96 -31.64
C GLY D 94 -37.68 -14.96 -31.80
N ILE D 95 -37.49 -13.96 -32.68
CA ILE D 95 -38.51 -12.94 -32.95
C ILE D 95 -38.66 -12.79 -34.50
N GLY D 96 -39.91 -12.78 -34.98
CA GLY D 96 -40.22 -12.54 -36.40
C GLY D 96 -40.75 -13.86 -36.96
N SER D 97 -42.06 -13.92 -37.28
CA SER D 97 -42.66 -15.21 -37.67
C SER D 97 -43.12 -15.18 -39.13
N ASP D 98 -42.56 -14.27 -39.92
CA ASP D 98 -42.90 -14.09 -41.34
C ASP D 98 -42.53 -15.27 -42.24
N HIS D 99 -41.78 -16.24 -41.72
CA HIS D 99 -41.40 -17.40 -42.52
C HIS D 99 -42.58 -18.37 -42.62
N ILE D 100 -43.62 -18.11 -41.80
CA ILE D 100 -44.90 -18.84 -41.87
C ILE D 100 -45.78 -18.07 -42.87
N ASP D 101 -46.56 -18.79 -43.68
CA ASP D 101 -47.68 -18.15 -44.39
C ASP D 101 -48.74 -17.82 -43.29
N LEU D 102 -48.71 -16.60 -42.77
CA LEU D 102 -49.57 -16.24 -41.65
C LEU D 102 -51.09 -16.20 -41.95
N GLN D 103 -51.45 -15.86 -43.19
CA GLN D 103 -52.85 -15.90 -43.66
C GLN D 103 -53.37 -17.34 -43.68
N ALA D 104 -52.57 -18.25 -44.24
CA ALA D 104 -52.96 -19.67 -44.23
C ALA D 104 -53.02 -20.23 -42.80
N ALA D 105 -52.13 -19.80 -41.91
CA ALA D 105 -52.18 -20.30 -40.55
C ALA D 105 -53.48 -19.79 -39.89
N ALA D 106 -53.79 -18.52 -40.13
CA ALA D 106 -55.03 -17.92 -39.58
C ALA D 106 -56.28 -18.61 -40.13
N ALA D 107 -56.34 -18.85 -41.44
CA ALA D 107 -57.46 -19.61 -42.01
C ALA D 107 -57.56 -21.04 -41.48
N ALA D 108 -56.43 -21.66 -41.13
CA ALA D 108 -56.52 -23.00 -40.55
C ALA D 108 -56.82 -23.02 -39.05
N GLY D 109 -56.79 -21.88 -38.38
CA GLY D 109 -57.03 -21.92 -36.94
C GLY D 109 -55.78 -22.25 -36.08
N LEU D 110 -54.57 -22.06 -36.63
CA LEU D 110 -53.33 -22.39 -35.90
C LEU D 110 -52.89 -21.23 -35.02
N THR D 111 -52.40 -21.55 -33.84
CA THR D 111 -51.71 -20.56 -32.98
C THR D 111 -50.26 -20.39 -33.43
N VAL D 112 -49.85 -19.13 -33.58
CA VAL D 112 -48.48 -18.79 -33.97
C VAL D 112 -48.00 -17.82 -32.92
N ALA D 113 -46.93 -18.19 -32.20
CA ALA D 113 -46.37 -17.35 -31.15
C ALA D 113 -44.82 -17.32 -31.19
N GLU D 114 -44.23 -16.27 -30.60
CA GLU D 114 -42.77 -16.04 -30.64
C GLU D 114 -42.28 -15.47 -29.30
N VAL D 115 -40.95 -15.45 -29.06
CA VAL D 115 -40.42 -15.00 -27.76
C VAL D 115 -40.11 -13.50 -27.80
N THR D 116 -41.18 -12.70 -27.75
CA THR D 116 -41.12 -11.25 -27.73
C THR D 116 -40.16 -10.69 -26.69
N GLY D 117 -39.32 -9.75 -27.13
CA GLY D 117 -38.30 -9.14 -26.28
C GLY D 117 -37.02 -9.97 -26.03
N SER D 118 -36.94 -11.21 -26.52
CA SER D 118 -35.83 -12.13 -26.09
C SER D 118 -34.44 -11.73 -26.62
N ASN D 119 -34.41 -11.02 -27.76
CA ASN D 119 -33.09 -10.67 -28.37
C ASN D 119 -33.04 -9.23 -28.94
N VAL D 120 -33.95 -8.38 -28.46
CA VAL D 120 -34.01 -6.98 -28.92
C VAL D 120 -32.79 -6.09 -28.56
N VAL D 121 -32.21 -6.29 -27.37
CA VAL D 121 -30.95 -5.62 -27.01
C VAL D 121 -29.82 -6.08 -27.94
N SER D 122 -29.66 -7.40 -28.15
CA SER D 122 -28.70 -7.96 -29.10
C SER D 122 -28.70 -7.26 -30.47
N VAL D 123 -29.89 -7.09 -31.06
CA VAL D 123 -30.03 -6.50 -32.40
C VAL D 123 -29.72 -5.00 -32.36
N ALA D 124 -30.16 -4.30 -31.31
CA ALA D 124 -29.84 -2.88 -31.20
C ALA D 124 -28.29 -2.66 -31.15
N GLU D 125 -27.59 -3.49 -30.36
CA GLU D 125 -26.12 -3.46 -30.36
C GLU D 125 -25.54 -3.67 -31.78
N ASP D 126 -26.01 -4.71 -32.44
CA ASP D 126 -25.50 -5.08 -33.76
C ASP D 126 -25.74 -3.97 -34.81
N GLU D 127 -26.90 -3.30 -34.73
CA GLU D 127 -27.21 -2.18 -35.64
C GLU D 127 -26.26 -1.01 -35.41
N LEU D 128 -26.06 -0.65 -34.14
CA LEU D 128 -25.16 0.47 -33.83
C LEU D 128 -23.73 0.14 -34.33
N MET D 129 -23.27 -1.11 -34.11
CA MET D 129 -22.01 -1.63 -34.69
C MET D 129 -21.92 -1.38 -36.22
N ARG D 130 -22.94 -1.80 -36.96
CA ARG D 130 -22.96 -1.61 -38.42
C ARG D 130 -23.00 -0.15 -38.91
N ILE D 131 -23.75 0.73 -38.21
CA ILE D 131 -23.73 2.18 -38.51
C ILE D 131 -22.28 2.68 -38.49
N LEU D 132 -21.56 2.29 -37.43
CA LEU D 132 -20.18 2.69 -37.27
C LEU D 132 -19.26 2.08 -38.37
N ILE D 133 -19.44 0.79 -38.66
CA ILE D 133 -18.72 0.10 -39.73
C ILE D 133 -18.88 0.79 -41.10
N LEU D 134 -20.10 1.13 -41.47
CA LEU D 134 -20.35 1.89 -42.73
C LEU D 134 -19.84 3.36 -42.72
N MET D 135 -20.19 4.12 -41.69
CA MET D 135 -19.77 5.54 -41.60
C MET D 135 -18.23 5.69 -41.59
N ARG D 136 -17.56 4.81 -40.83
CA ARG D 136 -16.13 4.94 -40.54
C ARG D 136 -15.29 4.02 -41.45
N ASN D 137 -15.97 3.33 -42.36
CA ASN D 137 -15.32 2.60 -43.46
C ASN D 137 -14.33 1.51 -43.03
N PHE D 138 -14.79 0.66 -42.09
CA PHE D 138 -14.01 -0.43 -41.55
C PHE D 138 -13.68 -1.52 -42.57
N VAL D 139 -14.70 -2.00 -43.29
CA VAL D 139 -14.48 -3.17 -44.19
C VAL D 139 -13.30 -3.06 -45.21
N PRO D 140 -13.19 -1.96 -45.97
CA PRO D 140 -12.01 -1.93 -46.86
C PRO D 140 -10.68 -1.95 -46.11
N GLY D 141 -10.66 -1.42 -44.88
CA GLY D 141 -9.47 -1.51 -44.01
C GLY D 141 -9.11 -2.94 -43.70
N TYR D 142 -10.08 -3.72 -43.24
CA TYR D 142 -9.88 -5.15 -43.02
C TYR D 142 -9.41 -5.90 -44.29
N ASN D 143 -9.99 -5.55 -45.44
CA ASN D 143 -9.59 -6.19 -46.68
C ASN D 143 -8.11 -5.93 -47.04
N GLN D 144 -7.62 -4.68 -46.94
CA GLN D 144 -6.20 -4.37 -47.17
C GLN D 144 -5.28 -5.19 -46.28
N VAL D 145 -5.65 -5.29 -44.99
CA VAL D 145 -4.91 -6.13 -44.00
C VAL D 145 -4.67 -7.59 -44.47
N VAL D 146 -5.73 -8.30 -44.83
CA VAL D 146 -5.59 -9.72 -45.16
C VAL D 146 -4.92 -9.94 -46.53
N LYS D 147 -4.99 -8.92 -47.40
CA LYS D 147 -4.34 -9.03 -48.71
C LYS D 147 -2.88 -8.52 -48.72
N GLY D 148 -2.32 -8.11 -47.56
CA GLY D 148 -0.95 -7.65 -47.51
C GLY D 148 -0.70 -6.23 -48.01
N GLU D 149 -1.77 -5.45 -48.15
CA GLU D 149 -1.76 -4.10 -48.69
C GLU D 149 -1.67 -2.97 -47.61
N TRP D 150 -1.34 -1.74 -48.02
CA TRP D 150 -1.39 -0.60 -47.09
C TRP D 150 -1.62 0.69 -47.85
N ASN D 151 -2.82 1.22 -47.76
CA ASN D 151 -3.17 2.42 -48.52
C ASN D 151 -4.23 3.20 -47.76
N VAL D 152 -3.79 4.06 -46.84
CA VAL D 152 -4.68 4.81 -45.95
C VAL D 152 -5.65 5.69 -46.71
N ALA D 153 -5.16 6.38 -47.74
CA ALA D 153 -6.00 7.29 -48.53
C ALA D 153 -7.21 6.58 -49.16
N GLY D 154 -7.04 5.31 -49.53
CA GLY D 154 -8.14 4.57 -50.18
C GLY D 154 -9.27 4.19 -49.22
N ILE D 155 -9.07 4.48 -47.93
CA ILE D 155 -10.07 4.29 -46.89
C ILE D 155 -10.53 5.64 -46.42
N ALA D 156 -9.58 6.55 -46.18
CA ALA D 156 -9.87 7.85 -45.55
C ALA D 156 -10.72 8.79 -46.41
N TYR D 157 -10.67 8.66 -47.74
CA TYR D 157 -11.33 9.67 -48.62
C TYR D 157 -12.83 9.72 -48.37
N ARG D 158 -13.38 8.61 -47.88
CA ARG D 158 -14.80 8.52 -47.58
C ARG D 158 -15.13 8.10 -46.14
N ALA D 159 -14.21 8.27 -45.20
CA ALA D 159 -14.51 7.92 -43.80
C ALA D 159 -14.89 9.17 -42.99
N TYR D 160 -15.96 9.07 -42.18
CA TYR D 160 -16.52 10.19 -41.43
C TYR D 160 -16.72 9.83 -39.98
N ASP D 161 -16.78 10.84 -39.08
CA ASP D 161 -17.26 10.59 -37.70
C ASP D 161 -18.79 10.47 -37.74
N LEU D 162 -19.36 9.68 -36.82
CA LEU D 162 -20.80 9.60 -36.63
C LEU D 162 -21.37 10.91 -36.01
N GLU D 163 -20.63 11.49 -35.07
CA GLU D 163 -20.95 12.77 -34.46
C GLU D 163 -21.50 13.80 -35.47
N GLY D 164 -22.65 14.38 -35.18
CA GLY D 164 -23.15 15.45 -36.08
C GLY D 164 -23.94 14.99 -37.30
N LYS D 165 -23.98 13.69 -37.58
CA LYS D 165 -24.71 13.15 -38.76
C LYS D 165 -26.21 12.95 -38.44
N THR D 166 -27.05 12.92 -39.50
CA THR D 166 -28.48 12.65 -39.31
C THR D 166 -28.84 11.17 -39.57
N ILE D 167 -29.53 10.56 -38.61
CA ILE D 167 -29.89 9.12 -38.61
C ILE D 167 -31.39 8.96 -38.38
N GLY D 168 -32.08 8.23 -39.28
CA GLY D 168 -33.49 7.96 -39.09
C GLY D 168 -33.73 6.46 -38.93
N THR D 169 -34.49 6.05 -37.92
CA THR D 169 -34.94 4.66 -37.86
C THR D 169 -36.38 4.55 -38.42
N VAL D 170 -36.57 3.60 -39.36
CA VAL D 170 -37.85 3.38 -39.96
C VAL D 170 -38.47 2.28 -39.10
N GLY D 171 -39.26 2.71 -38.11
CA GLY D 171 -39.71 1.80 -37.07
C GLY D 171 -39.06 2.11 -35.72
N ALA D 172 -39.91 2.20 -34.69
CA ALA D 172 -39.51 2.53 -33.34
C ALA D 172 -40.34 1.73 -32.35
N GLY D 173 -40.35 0.40 -32.51
CA GLY D 173 -40.77 -0.52 -31.44
C GLY D 173 -39.63 -0.92 -30.51
N ARG D 174 -39.58 -2.17 -30.06
CA ARG D 174 -38.63 -2.55 -29.01
C ARG D 174 -37.15 -2.29 -29.43
N ILE D 175 -36.81 -2.69 -30.65
CA ILE D 175 -35.43 -2.56 -31.11
C ILE D 175 -35.08 -1.08 -31.42
N GLY D 176 -35.93 -0.36 -32.17
CA GLY D 176 -35.66 1.07 -32.54
C GLY D 176 -35.48 1.95 -31.30
N LYS D 177 -36.36 1.79 -30.31
CA LYS D 177 -36.20 2.47 -29.02
C LYS D 177 -34.80 2.20 -28.41
N LEU D 178 -34.41 0.93 -28.28
CA LEU D 178 -33.10 0.56 -27.68
C LEU D 178 -31.88 1.10 -28.47
N LEU D 179 -32.01 1.13 -29.79
CA LEU D 179 -31.02 1.74 -30.67
C LEU D 179 -30.91 3.22 -30.34
N LEU D 180 -32.04 3.92 -30.33
CA LEU D 180 -32.07 5.36 -30.07
C LEU D 180 -31.40 5.70 -28.74
N GLN D 181 -31.62 4.91 -27.69
CA GLN D 181 -30.97 5.16 -26.39
C GLN D 181 -29.44 4.99 -26.44
N ARG D 182 -28.96 3.95 -27.15
CA ARG D 182 -27.51 3.78 -27.34
C ARG D 182 -26.88 4.84 -28.26
N LEU D 183 -27.68 5.47 -29.13
CA LEU D 183 -27.15 6.54 -30.01
C LEU D 183 -27.02 7.94 -29.36
N LYS D 184 -27.79 8.15 -28.29
CA LYS D 184 -27.87 9.47 -27.62
C LYS D 184 -26.46 10.10 -27.36
N PRO D 185 -25.53 9.33 -26.74
CA PRO D 185 -24.29 10.03 -26.41
C PRO D 185 -23.34 10.31 -27.56
N PHE D 186 -23.67 9.91 -28.79
CA PHE D 186 -22.81 10.12 -29.96
C PHE D 186 -22.94 11.54 -30.55
N GLY D 187 -24.00 12.25 -30.15
CA GLY D 187 -24.19 13.64 -30.58
C GLY D 187 -24.68 13.79 -32.01
N CYS D 188 -25.69 13.00 -32.36
CA CYS D 188 -26.26 13.04 -33.72
C CYS D 188 -27.63 13.78 -33.72
N ASN D 189 -28.13 14.08 -34.92
CA ASN D 189 -29.50 14.51 -35.11
C ASN D 189 -30.36 13.26 -35.38
N LEU D 190 -31.15 12.85 -34.40
CA LEU D 190 -31.93 11.59 -34.48
C LEU D 190 -33.40 11.81 -34.87
N LEU D 191 -33.86 11.10 -35.92
CA LEU D 191 -35.26 11.13 -36.39
C LEU D 191 -35.83 9.72 -36.36
N TYR D 192 -37.13 9.60 -36.17
CA TYR D 192 -37.80 8.28 -36.29
C TYR D 192 -39.16 8.40 -36.96
N HIS D 193 -39.52 7.34 -37.70
CA HIS D 193 -40.86 7.22 -38.26
C HIS D 193 -41.47 5.92 -37.74
N ASP D 194 -42.77 5.95 -37.45
CA ASP D 194 -43.55 4.76 -37.06
C ASP D 194 -45.01 5.20 -37.21
N ARG D 195 -45.90 4.21 -37.17
CA ARG D 195 -47.34 4.46 -37.07
C ARG D 195 -47.70 4.93 -35.69
N LEU D 196 -46.90 4.54 -34.70
CA LEU D 196 -47.12 4.93 -33.33
C LEU D 196 -45.99 5.85 -32.82
N GLN D 197 -46.38 7.02 -32.34
CA GLN D 197 -45.42 7.92 -31.66
C GLN D 197 -44.92 7.38 -30.29
N MET D 198 -43.64 7.54 -30.00
CA MET D 198 -43.07 7.18 -28.67
C MET D 198 -43.63 8.13 -27.58
N ALA D 199 -43.60 7.70 -26.32
CA ALA D 199 -43.99 8.57 -25.20
C ALA D 199 -43.09 9.81 -25.15
N PRO D 200 -43.63 10.97 -24.70
CA PRO D 200 -42.82 12.20 -24.70
C PRO D 200 -41.58 12.15 -23.82
N GLU D 201 -41.63 11.50 -22.66
CA GLU D 201 -40.42 11.39 -21.81
C GLU D 201 -39.28 10.65 -22.52
N LEU D 202 -39.62 9.61 -23.30
CA LEU D 202 -38.62 8.87 -24.11
C LEU D 202 -38.07 9.69 -25.30
N GLU D 203 -38.95 10.39 -26.01
CA GLU D 203 -38.49 11.32 -27.04
C GLU D 203 -37.50 12.31 -26.46
N LYS D 204 -37.77 12.77 -25.24
CA LYS D 204 -36.93 13.78 -24.60
C LYS D 204 -35.56 13.23 -24.21
N GLU D 205 -35.53 12.07 -23.53
CA GLU D 205 -34.27 11.45 -23.11
C GLU D 205 -33.40 11.09 -24.31
N THR D 206 -33.98 10.63 -25.41
CA THR D 206 -33.17 10.23 -26.59
C THR D 206 -32.77 11.39 -27.51
N GLY D 207 -33.54 12.47 -27.47
CA GLY D 207 -33.45 13.58 -28.40
C GLY D 207 -34.01 13.30 -29.77
N ALA D 208 -34.79 12.23 -29.92
CA ALA D 208 -35.22 11.83 -31.25
C ALA D 208 -36.59 12.44 -31.55
N LYS D 209 -36.71 12.91 -32.79
CA LYS D 209 -37.84 13.66 -33.30
C LYS D 209 -38.76 12.80 -34.20
N PHE D 210 -40.05 12.76 -33.88
CA PHE D 210 -41.05 12.05 -34.69
C PHE D 210 -41.32 12.75 -36.03
N VAL D 211 -41.24 11.99 -37.12
CA VAL D 211 -41.65 12.46 -38.44
C VAL D 211 -42.82 11.56 -38.90
N GLU D 212 -44.04 12.13 -38.88
CA GLU D 212 -45.26 11.36 -39.16
C GLU D 212 -45.31 10.78 -40.57
N ASP D 213 -44.83 11.55 -41.54
CA ASP D 213 -44.88 11.13 -42.94
C ASP D 213 -43.50 10.64 -43.38
N LEU D 214 -43.40 9.36 -43.71
CA LEU D 214 -42.11 8.72 -43.98
C LEU D 214 -41.33 9.45 -45.06
N ASN D 215 -42.03 9.85 -46.12
CA ASN D 215 -41.41 10.51 -47.27
C ASN D 215 -40.71 11.83 -46.94
N GLU D 216 -41.19 12.51 -45.91
CA GLU D 216 -40.54 13.69 -45.37
C GLU D 216 -39.19 13.38 -44.68
N MET D 217 -39.14 12.26 -43.93
CA MET D 217 -37.93 11.87 -43.20
C MET D 217 -36.81 11.47 -44.14
N LEU D 218 -37.11 10.61 -45.12
CA LEU D 218 -36.11 9.95 -45.96
C LEU D 218 -34.96 10.81 -46.57
N PRO D 219 -35.29 11.92 -47.29
CA PRO D 219 -34.20 12.62 -47.95
C PRO D 219 -33.27 13.37 -46.97
N LYS D 220 -33.69 13.54 -45.73
CA LYS D 220 -32.83 14.19 -44.73
C LYS D 220 -31.71 13.29 -44.13
N CYS D 221 -31.77 11.99 -44.38
CA CYS D 221 -30.99 11.07 -43.54
C CYS D 221 -29.69 10.60 -44.16
N ASP D 222 -28.57 10.80 -43.43
CA ASP D 222 -27.24 10.27 -43.85
C ASP D 222 -27.17 8.76 -43.66
N VAL D 223 -27.90 8.28 -42.66
CA VAL D 223 -28.01 6.84 -42.30
C VAL D 223 -29.50 6.52 -42.12
N ILE D 224 -29.95 5.43 -42.75
CA ILE D 224 -31.29 4.85 -42.57
C ILE D 224 -31.14 3.47 -41.91
N VAL D 225 -31.95 3.17 -40.90
CA VAL D 225 -31.96 1.86 -40.25
C VAL D 225 -33.40 1.24 -40.31
N ILE D 226 -33.50 -0.01 -40.77
CA ILE D 226 -34.79 -0.67 -40.86
C ILE D 226 -35.14 -1.41 -39.57
N ASN D 227 -36.32 -1.09 -39.02
CA ASN D 227 -36.75 -1.63 -37.71
C ASN D 227 -38.24 -1.94 -37.58
N MET D 228 -38.81 -2.51 -38.65
CA MET D 228 -40.22 -3.01 -38.66
C MET D 228 -40.27 -4.52 -38.94
N PRO D 229 -41.38 -5.20 -38.58
CA PRO D 229 -41.50 -6.59 -39.02
C PRO D 229 -41.65 -6.68 -40.54
N LEU D 230 -41.56 -7.91 -41.09
CA LEU D 230 -41.92 -8.19 -42.49
C LEU D 230 -43.44 -8.49 -42.53
N THR D 231 -44.18 -7.59 -43.17
CA THR D 231 -45.65 -7.65 -43.22
C THR D 231 -46.11 -7.45 -44.69
N GLU D 232 -47.40 -7.63 -44.96
CA GLU D 232 -47.92 -7.41 -46.32
C GLU D 232 -47.64 -5.96 -46.79
N LYS D 233 -47.66 -5.03 -45.85
CA LYS D 233 -47.36 -3.64 -46.11
C LYS D 233 -45.87 -3.32 -46.26
N THR D 234 -45.00 -3.98 -45.47
CA THR D 234 -43.54 -3.70 -45.53
C THR D 234 -42.80 -4.48 -46.61
N ARG D 235 -43.40 -5.59 -47.05
CA ARG D 235 -42.77 -6.42 -48.07
C ARG D 235 -42.49 -5.66 -49.38
N GLY D 236 -41.24 -5.62 -49.80
CA GLY D 236 -40.84 -4.88 -51.00
C GLY D 236 -41.06 -3.38 -50.95
N MET D 237 -41.34 -2.84 -49.76
CA MET D 237 -41.64 -1.41 -49.71
C MET D 237 -40.42 -0.55 -50.15
N PHE D 238 -39.19 -1.02 -49.90
CA PHE D 238 -37.97 -0.35 -50.41
C PHE D 238 -37.64 -0.82 -51.83
N ASN D 239 -38.39 -0.25 -52.78
CA ASN D 239 -38.29 -0.59 -54.19
C ASN D 239 -37.55 0.55 -54.90
N LYS D 240 -37.51 0.53 -56.23
CA LYS D 240 -36.76 1.54 -56.99
C LYS D 240 -37.13 3.01 -56.68
N GLU D 241 -38.44 3.30 -56.66
CA GLU D 241 -38.97 4.64 -56.40
C GLU D 241 -38.59 5.09 -54.98
N LEU D 242 -38.89 4.26 -53.99
CA LEU D 242 -38.62 4.67 -52.61
C LEU D 242 -37.12 4.89 -52.32
N ILE D 243 -36.26 4.05 -52.86
CA ILE D 243 -34.79 4.17 -52.70
C ILE D 243 -34.29 5.44 -53.43
N GLY D 244 -34.94 5.77 -54.55
CA GLY D 244 -34.72 7.05 -55.24
C GLY D 244 -34.98 8.28 -54.38
N LYS D 245 -35.87 8.18 -53.41
CA LYS D 245 -36.17 9.32 -52.53
C LYS D 245 -35.14 9.55 -51.40
N LEU D 246 -34.24 8.57 -51.19
CA LEU D 246 -33.20 8.64 -50.15
C LEU D 246 -32.14 9.62 -50.59
N LYS D 247 -31.37 10.14 -49.64
CA LYS D 247 -30.22 11.02 -49.95
C LYS D 247 -29.17 10.25 -50.77
N LYS D 248 -28.56 10.91 -51.76
CA LYS D 248 -27.42 10.37 -52.48
C LYS D 248 -26.28 10.00 -51.52
N GLY D 249 -25.78 8.77 -51.64
CA GLY D 249 -24.73 8.23 -50.76
C GLY D 249 -25.23 7.74 -49.39
N VAL D 250 -26.55 7.61 -49.22
CA VAL D 250 -27.13 7.13 -47.97
C VAL D 250 -26.47 5.79 -47.55
N LEU D 251 -26.30 5.60 -46.24
CA LEU D 251 -25.83 4.33 -45.69
C LEU D 251 -27.00 3.59 -45.05
N ILE D 252 -27.22 2.34 -45.44
CA ILE D 252 -28.36 1.60 -44.93
C ILE D 252 -27.95 0.40 -44.04
N VAL D 253 -28.55 0.31 -42.86
CA VAL D 253 -28.46 -0.87 -42.00
C VAL D 253 -29.81 -1.58 -41.95
N ASN D 254 -29.81 -2.89 -42.23
CA ASN D 254 -31.04 -3.70 -42.17
C ASN D 254 -30.86 -5.08 -41.54
N ASN D 255 -31.12 -5.12 -40.23
CA ASN D 255 -31.16 -6.32 -39.41
C ASN D 255 -32.63 -6.69 -39.08
N ALA D 256 -33.59 -6.14 -39.84
CA ALA D 256 -35.00 -6.51 -39.65
C ALA D 256 -35.31 -7.78 -40.47
N ARG D 257 -35.65 -7.59 -41.76
CA ARG D 257 -35.84 -8.71 -42.70
C ARG D 257 -35.41 -8.26 -44.08
N GLY D 258 -34.86 -9.21 -44.84
CA GLY D 258 -34.26 -8.84 -46.15
C GLY D 258 -35.34 -8.40 -47.14
N ALA D 259 -36.48 -9.09 -47.10
CA ALA D 259 -37.54 -8.87 -48.12
C ALA D 259 -38.33 -7.58 -47.97
N ILE D 260 -37.92 -6.72 -47.01
CA ILE D 260 -38.42 -5.34 -46.92
C ILE D 260 -37.79 -4.52 -48.04
N MET D 261 -36.58 -4.92 -48.45
CA MET D 261 -35.92 -4.37 -49.63
C MET D 261 -36.25 -5.22 -50.85
N GLU D 262 -36.38 -4.62 -52.03
CA GLU D 262 -36.38 -5.44 -53.25
C GLU D 262 -34.94 -5.76 -53.55
N ARG D 263 -34.62 -7.04 -53.79
CA ARG D 263 -33.23 -7.45 -53.94
C ARG D 263 -32.47 -6.65 -55.04
N GLN D 264 -32.97 -6.70 -56.27
CA GLN D 264 -32.35 -6.02 -57.41
C GLN D 264 -32.30 -4.46 -57.31
N ALA D 265 -33.33 -3.84 -56.76
CA ALA D 265 -33.32 -2.38 -56.56
C ALA D 265 -32.13 -1.93 -55.69
N VAL D 266 -31.80 -2.73 -54.65
CA VAL D 266 -30.63 -2.44 -53.82
C VAL D 266 -29.33 -2.58 -54.64
N VAL D 267 -29.18 -3.71 -55.34
CA VAL D 267 -28.03 -3.95 -56.21
C VAL D 267 -27.81 -2.77 -57.20
N ASP D 268 -28.85 -2.34 -57.92
CA ASP D 268 -28.73 -1.25 -58.90
C ASP D 268 -28.32 0.08 -58.25
N ALA D 269 -28.97 0.46 -57.17
CA ALA D 269 -28.67 1.72 -56.51
C ALA D 269 -27.30 1.72 -55.76
N VAL D 270 -26.83 0.54 -55.36
CA VAL D 270 -25.47 0.42 -54.80
C VAL D 270 -24.44 0.58 -55.93
N GLU D 271 -24.65 -0.11 -57.05
CA GLU D 271 -23.77 0.02 -58.22
C GLU D 271 -23.65 1.45 -58.79
N SER D 272 -24.71 2.25 -58.67
CA SER D 272 -24.73 3.64 -59.16
C SER D 272 -24.15 4.67 -58.18
N GLY D 273 -24.01 4.26 -56.91
CA GLY D 273 -23.53 5.17 -55.86
C GLY D 273 -24.69 5.83 -55.14
N HIS D 274 -25.92 5.64 -55.62
CA HIS D 274 -27.04 6.28 -54.93
C HIS D 274 -27.13 5.79 -53.47
N ILE D 275 -27.00 4.49 -53.25
CA ILE D 275 -26.78 3.94 -51.88
C ILE D 275 -25.27 3.83 -51.68
N GLY D 276 -24.75 4.52 -50.66
CA GLY D 276 -23.30 4.54 -50.43
C GLY D 276 -22.79 3.23 -49.85
N GLY D 277 -23.62 2.54 -49.07
CA GLY D 277 -23.23 1.28 -48.49
C GLY D 277 -24.43 0.63 -47.82
N TYR D 278 -24.45 -0.71 -47.81
CA TYR D 278 -25.56 -1.49 -47.26
C TYR D 278 -25.00 -2.58 -46.33
N SER D 279 -25.56 -2.71 -45.12
CA SER D 279 -25.10 -3.69 -44.10
C SER D 279 -26.24 -4.33 -43.28
N GLY D 280 -26.24 -5.65 -43.17
CA GLY D 280 -27.22 -6.38 -42.36
C GLY D 280 -26.87 -7.87 -42.25
N ASP D 281 -27.63 -8.57 -41.42
CA ASP D 281 -27.46 -10.01 -41.24
C ASP D 281 -28.60 -10.81 -41.90
N VAL D 282 -29.59 -10.14 -42.48
CA VAL D 282 -30.85 -10.81 -42.93
C VAL D 282 -31.04 -10.78 -44.46
N TRP D 283 -31.54 -11.89 -45.00
CA TRP D 283 -31.51 -12.14 -46.46
C TRP D 283 -32.83 -12.81 -46.91
N ASP D 284 -33.09 -12.75 -48.22
CA ASP D 284 -34.15 -13.52 -48.85
C ASP D 284 -33.55 -14.28 -50.01
N PRO D 285 -33.57 -15.63 -49.97
CA PRO D 285 -34.06 -16.45 -48.88
C PRO D 285 -32.91 -16.76 -47.87
N GLN D 286 -33.18 -17.59 -46.86
CA GLN D 286 -32.13 -18.08 -45.94
C GLN D 286 -32.15 -19.59 -45.76
N PRO D 287 -30.96 -20.24 -45.85
CA PRO D 287 -29.61 -19.71 -46.18
C PRO D 287 -29.56 -18.97 -47.55
N ALA D 288 -28.73 -17.94 -47.64
CA ALA D 288 -28.48 -17.25 -48.89
C ALA D 288 -27.62 -18.14 -49.77
N PRO D 289 -28.09 -18.43 -51.01
CA PRO D 289 -27.32 -19.24 -51.93
C PRO D 289 -25.95 -18.58 -52.16
N LYS D 290 -24.99 -19.41 -52.58
CA LYS D 290 -23.67 -18.97 -52.96
C LYS D 290 -23.65 -17.76 -53.92
N ASP D 291 -24.56 -17.75 -54.91
CA ASP D 291 -24.59 -16.69 -55.94
C ASP D 291 -25.42 -15.43 -55.57
N HIS D 292 -25.94 -15.35 -54.34
CA HIS D 292 -26.77 -14.19 -53.92
C HIS D 292 -26.00 -12.86 -54.14
N PRO D 293 -26.54 -11.92 -54.97
CA PRO D 293 -25.69 -10.77 -55.37
C PRO D 293 -25.38 -9.76 -54.26
N TRP D 294 -26.10 -9.82 -53.16
CA TRP D 294 -25.77 -8.92 -52.04
C TRP D 294 -24.38 -9.26 -51.43
N ARG D 295 -23.90 -10.50 -51.64
CA ARG D 295 -22.54 -10.90 -51.21
C ARG D 295 -21.42 -10.14 -51.96
N TYR D 296 -21.73 -9.63 -53.16
CA TYR D 296 -20.65 -9.22 -54.09
C TYR D 296 -20.65 -7.77 -54.57
N MET D 297 -21.66 -7.01 -54.15
CA MET D 297 -21.83 -5.63 -54.61
C MET D 297 -20.86 -4.65 -53.89
N PRO D 298 -20.48 -3.55 -54.56
CA PRO D 298 -19.54 -2.59 -53.93
C PRO D 298 -19.98 -2.18 -52.51
N ASN D 299 -19.03 -2.07 -51.57
CA ASN D 299 -19.22 -1.45 -50.25
C ASN D 299 -20.07 -2.22 -49.22
N GLN D 300 -20.48 -3.45 -49.55
CA GLN D 300 -21.36 -4.25 -48.67
C GLN D 300 -20.65 -4.70 -47.37
N ALA D 301 -21.35 -4.67 -46.25
CA ALA D 301 -20.84 -5.17 -44.98
C ALA D 301 -21.80 -6.17 -44.34
N MET D 302 -22.12 -7.22 -45.09
CA MET D 302 -23.08 -8.24 -44.69
C MET D 302 -22.43 -9.31 -43.82
N THR D 303 -23.27 -10.00 -43.04
CA THR D 303 -22.91 -11.30 -42.46
C THR D 303 -24.10 -12.27 -42.65
N PRO D 304 -23.89 -13.58 -42.38
CA PRO D 304 -25.10 -14.41 -42.31
C PRO D 304 -26.02 -14.00 -41.13
N HIS D 305 -27.10 -14.74 -40.90
CA HIS D 305 -28.10 -14.32 -39.87
C HIS D 305 -27.72 -14.68 -38.42
N THR D 306 -27.06 -13.73 -37.74
CA THR D 306 -26.39 -14.00 -36.46
C THR D 306 -26.76 -13.07 -35.30
N SER D 307 -27.29 -11.86 -35.58
CA SER D 307 -27.37 -10.84 -34.50
C SER D 307 -28.29 -11.24 -33.34
N GLY D 308 -29.38 -11.93 -33.64
CA GLY D 308 -30.34 -12.33 -32.62
C GLY D 308 -30.06 -13.71 -32.06
N THR D 309 -28.88 -14.29 -32.41
CA THR D 309 -28.49 -15.59 -31.91
C THR D 309 -27.08 -15.63 -31.27
N THR D 310 -26.77 -14.57 -30.53
CA THR D 310 -25.62 -14.60 -29.62
C THR D 310 -25.93 -15.59 -28.48
N ILE D 311 -24.89 -16.00 -27.72
CA ILE D 311 -25.12 -16.95 -26.63
C ILE D 311 -26.15 -16.41 -25.62
N ASP D 312 -26.05 -15.12 -25.26
CA ASP D 312 -26.94 -14.47 -24.32
C ASP D 312 -28.41 -14.47 -24.82
N ALA D 313 -28.61 -14.15 -26.11
CA ALA D 313 -29.95 -14.25 -26.80
C ALA D 313 -30.56 -15.67 -26.74
N GLN D 314 -29.73 -16.68 -27.10
CA GLN D 314 -30.18 -18.07 -27.10
C GLN D 314 -30.69 -18.53 -25.74
N LEU D 315 -30.00 -18.13 -24.65
CA LEU D 315 -30.39 -18.55 -23.29
C LEU D 315 -31.82 -18.07 -23.02
N ARG D 316 -32.10 -16.85 -23.45
CA ARG D 316 -33.37 -16.17 -23.24
C ARG D 316 -34.48 -16.72 -24.14
N TYR D 317 -34.23 -16.93 -25.43
CA TYR D 317 -35.32 -17.47 -26.24
C TYR D 317 -35.57 -18.96 -26.02
N ALA D 318 -34.57 -19.67 -25.51
CA ALA D 318 -34.79 -21.08 -25.19
C ALA D 318 -35.71 -21.16 -23.98
N ALA D 319 -35.41 -20.35 -22.98
CA ALA D 319 -36.18 -20.33 -21.74
C ALA D 319 -37.63 -19.92 -22.04
N GLY D 320 -37.80 -18.91 -22.91
CA GLY D 320 -39.16 -18.46 -23.31
C GLY D 320 -39.92 -19.54 -24.07
N THR D 321 -39.20 -20.35 -24.85
CA THR D 321 -39.84 -21.43 -25.60
C THR D 321 -40.30 -22.53 -24.63
N LYS D 322 -39.44 -22.90 -23.70
CA LYS D 322 -39.79 -23.86 -22.65
C LYS D 322 -41.02 -23.40 -21.85
N ASP D 323 -41.02 -22.14 -21.40
CA ASP D 323 -42.17 -21.52 -20.70
C ASP D 323 -43.50 -21.66 -21.47
N MET D 324 -43.54 -21.25 -22.74
CA MET D 324 -44.76 -21.49 -23.53
C MET D 324 -45.15 -22.96 -23.66
N LEU D 325 -44.17 -23.87 -23.80
CA LEU D 325 -44.53 -25.30 -23.81
C LEU D 325 -45.15 -25.76 -22.48
N GLU D 326 -44.56 -25.35 -21.36
CA GLU D 326 -45.12 -25.59 -20.01
C GLU D 326 -46.59 -25.10 -19.94
N ARG D 327 -46.85 -23.90 -20.46
CA ARG D 327 -48.20 -23.32 -20.47
C ARG D 327 -49.14 -24.10 -21.35
N TYR D 328 -48.71 -24.36 -22.59
CA TYR D 328 -49.46 -25.14 -23.57
C TYR D 328 -49.98 -26.50 -23.05
N PHE D 329 -49.13 -27.27 -22.38
CA PHE D 329 -49.47 -28.58 -21.87
C PHE D 329 -50.44 -28.48 -20.67
N LYS D 330 -50.40 -27.37 -19.95
CA LYS D 330 -51.41 -27.10 -18.88
C LYS D 330 -52.67 -26.32 -19.32
N GLY D 331 -52.87 -26.07 -20.60
CA GLY D 331 -54.00 -25.24 -21.09
C GLY D 331 -54.00 -23.78 -20.68
N GLU D 332 -52.83 -23.21 -20.39
CA GLU D 332 -52.77 -21.82 -19.98
C GLU D 332 -52.39 -20.92 -21.16
N ASP D 333 -52.90 -19.68 -21.18
CA ASP D 333 -52.52 -18.70 -22.22
C ASP D 333 -51.05 -18.26 -22.08
N PHE D 334 -50.42 -17.95 -23.21
CA PHE D 334 -49.09 -17.36 -23.24
C PHE D 334 -49.15 -15.87 -22.85
N PRO D 335 -48.01 -15.23 -22.58
CA PRO D 335 -48.08 -13.78 -22.45
C PRO D 335 -48.68 -13.16 -23.71
N THR D 336 -49.56 -12.18 -23.52
CA THR D 336 -50.33 -11.56 -24.62
C THR D 336 -49.43 -11.07 -25.74
N GLU D 337 -48.35 -10.39 -25.38
CA GLU D 337 -47.41 -9.87 -26.39
C GLU D 337 -46.69 -10.97 -27.25
N ASN D 338 -46.77 -12.24 -26.84
CA ASN D 338 -46.08 -13.34 -27.58
C ASN D 338 -46.88 -13.83 -28.79
N TYR D 339 -48.20 -13.59 -28.77
CA TYR D 339 -49.08 -14.09 -29.87
C TYR D 339 -48.89 -13.29 -31.14
N ILE D 340 -48.68 -13.97 -32.27
CA ILE D 340 -48.72 -13.36 -33.63
C ILE D 340 -50.04 -13.66 -34.33
N VAL D 341 -50.49 -14.92 -34.22
CA VAL D 341 -51.80 -15.34 -34.68
C VAL D 341 -52.50 -16.11 -33.52
N LYS D 342 -53.68 -15.64 -33.10
CA LYS D 342 -54.50 -16.28 -32.05
C LYS D 342 -55.98 -16.15 -32.44
N ASP D 343 -56.68 -17.29 -32.48
CA ASP D 343 -58.11 -17.35 -32.79
C ASP D 343 -58.37 -16.80 -34.20
N GLY D 344 -57.48 -17.11 -35.14
CA GLY D 344 -57.59 -16.62 -36.52
C GLY D 344 -57.28 -15.12 -36.74
N GLU D 345 -56.71 -14.46 -35.74
CA GLU D 345 -56.39 -13.02 -35.81
C GLU D 345 -54.91 -12.64 -35.67
N LEU D 346 -54.45 -11.74 -36.54
CA LEU D 346 -53.06 -11.30 -36.60
C LEU D 346 -52.80 -10.14 -35.62
N ALA D 347 -51.65 -10.15 -34.93
CA ALA D 347 -51.24 -9.04 -34.06
C ALA D 347 -51.19 -7.69 -34.77
N PRO D 348 -51.48 -6.59 -34.04
CA PRO D 348 -51.59 -5.26 -34.66
C PRO D 348 -50.33 -4.76 -35.39
N GLN D 349 -49.14 -5.13 -34.91
CA GLN D 349 -47.89 -4.71 -35.59
C GLN D 349 -47.67 -5.40 -36.93
N TYR D 350 -48.43 -6.45 -37.23
CA TYR D 350 -48.36 -7.06 -38.58
C TYR D 350 -49.50 -6.60 -39.54
N ARG D 351 -50.44 -5.83 -39.02
CA ARG D 351 -51.54 -5.29 -39.85
C ARG D 351 -51.14 -4.02 -40.59
N ASP E 1 25.12 7.28 -24.25
CA ASP E 1 25.53 8.67 -23.88
C ASP E 1 24.72 9.24 -22.71
N SER E 2 23.71 8.51 -22.29
CA SER E 2 22.94 8.92 -21.14
C SER E 2 23.76 8.76 -19.83
N LYS E 3 23.45 9.61 -18.87
CA LYS E 3 24.27 9.76 -17.69
C LYS E 3 23.47 9.52 -16.43
N LYS E 4 24.20 9.07 -15.40
CA LYS E 4 23.67 8.91 -14.08
C LYS E 4 24.16 10.09 -13.20
N ILE E 5 23.23 10.96 -12.85
CA ILE E 5 23.59 12.20 -12.14
C ILE E 5 23.03 12.13 -10.71
N VAL E 6 23.88 12.35 -9.70
CA VAL E 6 23.43 12.43 -8.29
C VAL E 6 23.53 13.87 -7.76
N GLY E 7 22.46 14.35 -7.09
CA GLY E 7 22.45 15.63 -6.38
C GLY E 7 22.33 15.48 -4.84
N VAL E 8 23.25 16.11 -4.11
CA VAL E 8 23.16 16.17 -2.62
C VAL E 8 22.91 17.61 -2.15
N PHE E 9 21.69 17.86 -1.65
CA PHE E 9 21.20 19.17 -1.28
C PHE E 9 20.55 19.03 0.11
N TYR E 10 20.18 20.13 0.74
CA TYR E 10 19.46 20.07 2.01
C TYR E 10 17.95 19.81 1.83
N LYS E 11 17.37 19.08 2.78
CA LYS E 11 15.95 18.66 2.72
C LYS E 11 14.96 19.69 3.28
N ALA E 12 13.89 20.02 2.54
CA ALA E 12 12.98 21.10 2.99
C ALA E 12 11.67 20.66 3.65
N ASN E 13 11.19 19.45 3.33
CA ASN E 13 9.93 19.00 3.87
C ASN E 13 8.84 20.04 3.57
N GLU E 14 8.06 20.42 4.58
CA GLU E 14 6.95 21.32 4.34
C GLU E 14 7.36 22.73 3.81
N TYR E 15 8.64 23.06 3.95
CA TYR E 15 9.12 24.35 3.44
C TYR E 15 9.23 24.40 1.92
N ALA E 16 9.33 23.24 1.26
CA ALA E 16 9.53 23.14 -0.21
C ALA E 16 8.45 23.75 -1.09
N THR E 17 7.20 23.78 -0.59
CA THR E 17 6.03 24.19 -1.38
C THR E 17 5.59 25.63 -1.13
N LYS E 18 6.25 26.27 -0.17
CA LYS E 18 5.99 27.64 0.21
C LYS E 18 6.59 28.72 -0.71
N ASN E 19 7.43 28.32 -1.67
CA ASN E 19 8.05 29.25 -2.62
C ASN E 19 8.48 28.51 -3.91
N PRO E 20 7.86 28.85 -5.08
CA PRO E 20 8.22 28.24 -6.40
C PRO E 20 9.69 28.46 -6.81
N ASN E 21 10.28 29.57 -6.34
CA ASN E 21 11.68 29.91 -6.60
C ASN E 21 12.68 29.29 -5.62
N PHE E 22 12.19 28.40 -4.74
CA PHE E 22 13.01 27.77 -3.70
C PHE E 22 13.78 26.56 -4.25
N LEU E 23 14.78 26.86 -5.07
CA LEU E 23 15.44 25.82 -5.91
C LEU E 23 16.59 25.04 -5.22
N GLY E 24 17.11 25.58 -4.11
CA GLY E 24 18.28 24.96 -3.44
C GLY E 24 18.08 23.66 -2.67
N CYS E 25 16.81 23.27 -2.46
CA CYS E 25 16.46 22.05 -1.66
C CYS E 25 16.33 20.75 -2.46
N VAL E 26 16.35 19.60 -1.76
CA VAL E 26 16.07 18.26 -2.36
C VAL E 26 14.79 18.21 -3.24
N GLU E 27 13.66 18.59 -2.66
CA GLU E 27 12.36 18.48 -3.33
C GLU E 27 12.31 19.20 -4.70
N ASN E 28 12.92 20.39 -4.79
CA ASN E 28 12.91 21.19 -6.02
C ASN E 28 14.15 20.99 -6.94
N ALA E 29 15.24 20.49 -6.35
CA ALA E 29 16.37 19.95 -7.09
C ALA E 29 16.98 20.87 -8.16
N LEU E 30 17.17 22.15 -7.82
CA LEU E 30 17.70 23.20 -8.75
C LEU E 30 16.77 23.50 -9.96
N GLY E 31 15.54 22.97 -9.90
CA GLY E 31 14.55 23.11 -10.99
C GLY E 31 14.85 22.31 -12.26
N ILE E 32 15.85 21.43 -12.20
CA ILE E 32 16.34 20.83 -13.44
C ILE E 32 15.87 19.38 -13.68
N ARG E 33 14.96 18.84 -12.85
CA ARG E 33 14.59 17.42 -12.97
C ARG E 33 14.00 17.05 -14.37
N ASP E 34 12.95 17.77 -14.79
CA ASP E 34 12.30 17.48 -16.07
C ASP E 34 13.30 17.64 -17.22
N TRP E 35 14.01 18.76 -17.26
CA TRP E 35 15.06 19.00 -18.26
C TRP E 35 16.12 17.87 -18.41
N LEU E 36 16.58 17.32 -17.30
CA LEU E 36 17.52 16.21 -17.36
C LEU E 36 16.84 14.89 -17.78
N GLU E 37 15.70 14.59 -17.19
CA GLU E 37 15.06 13.26 -17.42
C GLU E 37 14.50 13.21 -18.88
N SER E 38 13.99 14.32 -19.39
CA SER E 38 13.57 14.40 -20.80
C SER E 38 14.68 14.07 -21.78
N GLN E 39 15.94 14.36 -21.43
CA GLN E 39 17.07 14.09 -22.32
C GLN E 39 17.58 12.65 -22.20
N GLY E 40 16.94 11.85 -21.35
CA GLY E 40 17.40 10.50 -21.12
C GLY E 40 18.33 10.26 -19.94
N HIS E 41 18.65 11.29 -19.15
CA HIS E 41 19.57 11.11 -17.98
C HIS E 41 18.85 10.64 -16.71
N GLN E 42 19.54 9.90 -15.85
CA GLN E 42 19.03 9.52 -14.54
C GLN E 42 19.44 10.57 -13.47
N TYR E 43 18.48 11.02 -12.65
CA TYR E 43 18.71 12.08 -11.63
C TYR E 43 18.23 11.57 -10.29
N ILE E 44 19.18 11.21 -9.43
CA ILE E 44 18.84 10.74 -8.09
C ILE E 44 19.20 11.82 -7.10
N VAL E 45 18.22 12.30 -6.34
CA VAL E 45 18.50 13.41 -5.39
C VAL E 45 18.25 13.05 -3.93
N THR E 46 19.19 13.44 -3.05
CA THR E 46 19.10 13.07 -1.61
C THR E 46 19.79 14.06 -0.63
N ASP E 47 19.44 13.97 0.66
CA ASP E 47 20.21 14.68 1.70
C ASP E 47 21.00 13.72 2.58
N ASP E 48 20.94 12.42 2.26
CA ASP E 48 21.40 11.35 3.17
C ASP E 48 22.83 11.00 2.79
N LYS E 49 23.79 11.66 3.46
CA LYS E 49 25.17 11.76 2.94
C LYS E 49 26.26 11.24 3.87
N GLU E 50 25.90 10.88 5.12
CA GLU E 50 26.92 10.45 6.12
C GLU E 50 27.10 8.90 6.28
N GLY E 51 28.34 8.41 6.20
CA GLY E 51 28.65 7.00 6.51
C GLY E 51 28.44 5.95 5.41
N PRO E 52 28.75 4.67 5.71
CA PRO E 52 28.76 3.62 4.66
C PRO E 52 27.38 3.10 4.25
N ASP E 53 26.34 3.41 5.02
CA ASP E 53 24.98 2.92 4.74
C ASP E 53 24.00 4.00 4.24
N CYS E 54 24.52 5.20 3.90
CA CYS E 54 23.62 6.29 3.46
C CYS E 54 23.32 6.13 1.97
N GLU E 55 22.24 6.75 1.51
CA GLU E 55 21.80 6.71 0.10
C GLU E 55 22.91 7.18 -0.88
N LEU E 56 23.68 8.20 -0.48
CA LEU E 56 24.79 8.70 -1.30
C LEU E 56 25.77 7.56 -1.60
N GLU E 57 26.20 6.86 -0.56
CA GLU E 57 27.20 5.80 -0.67
C GLU E 57 26.74 4.64 -1.64
N LYS E 58 25.43 4.38 -1.71
CA LYS E 58 24.89 3.35 -2.65
C LYS E 58 25.18 3.66 -4.11
N HIS E 59 25.20 4.95 -4.45
CA HIS E 59 25.39 5.42 -5.83
C HIS E 59 26.81 5.77 -6.24
N ILE E 60 27.73 5.84 -5.27
CA ILE E 60 29.13 6.17 -5.52
C ILE E 60 29.87 5.30 -6.54
N PRO E 61 29.71 3.95 -6.49
CA PRO E 61 30.37 3.08 -7.49
C PRO E 61 30.09 3.41 -8.95
N ASP E 62 28.90 3.89 -9.25
CA ASP E 62 28.50 4.02 -10.66
C ASP E 62 27.97 5.36 -11.19
N LEU E 63 27.89 6.40 -10.35
CA LEU E 63 27.50 7.75 -10.82
C LEU E 63 28.59 8.30 -11.75
N HIS E 64 28.17 9.14 -12.71
CA HIS E 64 29.05 9.88 -13.64
C HIS E 64 29.32 11.34 -13.19
N VAL E 65 28.32 11.95 -12.58
CA VAL E 65 28.36 13.36 -12.22
C VAL E 65 27.85 13.47 -10.79
N LEU E 66 28.58 14.18 -9.90
CA LEU E 66 28.03 14.49 -8.57
C LEU E 66 27.85 16.01 -8.38
N ILE E 67 26.60 16.42 -8.21
CA ILE E 67 26.28 17.80 -7.89
C ILE E 67 26.14 17.95 -6.37
N SER E 68 27.00 18.79 -5.80
CA SER E 68 27.02 19.02 -4.33
C SER E 68 26.65 20.48 -4.05
N THR E 69 26.51 20.87 -2.77
CA THR E 69 26.16 22.25 -2.42
C THR E 69 26.79 22.56 -1.04
N PRO E 70 27.42 23.75 -0.88
CA PRO E 70 28.18 23.98 0.37
C PRO E 70 27.36 23.97 1.67
N PHE E 71 26.08 24.34 1.59
CA PHE E 71 25.17 24.45 2.72
C PHE E 71 24.80 23.08 3.36
N HIS E 72 24.88 22.00 2.57
CA HIS E 72 24.73 20.61 3.08
C HIS E 72 25.75 19.73 2.38
N PRO E 73 27.04 19.86 2.77
CA PRO E 73 28.08 19.37 1.85
C PRO E 73 28.40 17.87 1.84
N ALA E 74 28.35 17.24 0.67
CA ALA E 74 28.85 15.88 0.52
C ALA E 74 30.36 15.88 0.68
N TYR E 75 30.87 15.14 1.65
CA TYR E 75 32.32 15.09 1.86
C TYR E 75 32.95 14.03 0.96
N VAL E 76 33.63 14.49 -0.10
CA VAL E 76 34.16 13.63 -1.14
C VAL E 76 35.64 13.34 -0.89
N THR E 77 35.85 12.32 -0.06
CA THR E 77 37.15 11.97 0.51
C THR E 77 37.93 11.18 -0.53
N ALA E 78 39.22 10.99 -0.31
CA ALA E 78 40.07 10.18 -1.21
C ALA E 78 39.52 8.75 -1.40
N GLU E 79 38.99 8.21 -0.32
CA GLU E 79 38.34 6.90 -0.26
C GLU E 79 37.12 6.79 -1.19
N ARG E 80 36.22 7.78 -1.11
CA ARG E 80 35.08 7.84 -2.00
C ARG E 80 35.55 8.00 -3.44
N ILE E 81 36.62 8.79 -3.67
CA ILE E 81 37.17 8.99 -5.01
C ILE E 81 37.67 7.67 -5.61
N LYS E 82 38.43 6.89 -4.84
CA LYS E 82 38.88 5.56 -5.27
C LYS E 82 37.71 4.62 -5.65
N LYS E 83 36.65 4.66 -4.85
CA LYS E 83 35.41 3.89 -5.03
C LYS E 83 34.62 4.27 -6.32
N ALA E 84 34.67 5.55 -6.70
CA ALA E 84 33.77 6.07 -7.72
C ALA E 84 34.35 5.81 -9.14
N LYS E 85 34.07 4.61 -9.66
CA LYS E 85 34.72 4.13 -10.92
C LYS E 85 34.27 4.85 -12.16
N ASN E 86 33.04 5.33 -12.16
CA ASN E 86 32.50 5.99 -13.34
C ASN E 86 32.57 7.53 -13.24
N LEU E 87 33.01 8.05 -12.10
CA LEU E 87 32.91 9.50 -11.87
C LEU E 87 33.88 10.30 -12.74
N LYS E 88 33.33 11.34 -13.36
CA LYS E 88 34.14 12.28 -14.16
C LYS E 88 34.04 13.73 -13.72
N LEU E 89 32.85 14.14 -13.35
CA LEU E 89 32.54 15.54 -13.10
C LEU E 89 31.94 15.78 -11.73
N LEU E 90 32.58 16.71 -11.03
CA LEU E 90 32.12 17.23 -9.75
C LEU E 90 31.73 18.69 -9.90
N LEU E 91 30.45 18.96 -9.70
CA LEU E 91 29.91 20.35 -9.79
C LEU E 91 29.44 20.85 -8.43
N THR E 92 29.94 22.03 -8.04
CA THR E 92 29.47 22.68 -6.79
C THR E 92 28.39 23.71 -7.10
N ALA E 93 27.18 23.52 -6.55
CA ALA E 93 26.10 24.49 -6.78
C ALA E 93 26.24 25.57 -5.67
N GLY E 94 27.10 26.57 -5.92
CA GLY E 94 27.48 27.60 -4.93
C GLY E 94 28.95 27.92 -5.20
N ILE E 95 29.68 28.33 -4.15
CA ILE E 95 31.07 28.74 -4.29
C ILE E 95 31.86 28.11 -3.12
N GLY E 96 33.02 27.53 -3.42
CA GLY E 96 33.90 26.85 -2.44
C GLY E 96 33.71 25.34 -2.55
N SER E 97 34.76 24.66 -2.98
CA SER E 97 34.72 23.25 -3.32
C SER E 97 35.62 22.42 -2.39
N ASP E 98 35.97 23.00 -1.23
CA ASP E 98 36.88 22.37 -0.23
C ASP E 98 36.30 21.10 0.43
N HIS E 99 34.99 20.88 0.29
CA HIS E 99 34.34 19.67 0.83
C HIS E 99 34.78 18.46 -0.01
N ILE E 100 35.49 18.72 -1.13
CA ILE E 100 36.11 17.67 -1.95
C ILE E 100 37.60 17.64 -1.62
N ASP E 101 38.22 16.45 -1.60
CA ASP E 101 39.67 16.33 -1.50
C ASP E 101 40.25 16.73 -2.86
N LEU E 102 40.57 18.01 -3.01
CA LEU E 102 40.91 18.56 -4.33
C LEU E 102 42.18 17.94 -4.90
N GLN E 103 43.15 17.68 -4.02
CA GLN E 103 44.41 17.08 -4.46
C GLN E 103 44.21 15.64 -4.97
N ALA E 104 43.39 14.85 -4.26
CA ALA E 104 43.01 13.51 -4.76
C ALA E 104 42.22 13.57 -6.09
N ALA E 105 41.31 14.54 -6.22
CA ALA E 105 40.58 14.73 -7.50
C ALA E 105 41.52 15.06 -8.69
N ALA E 106 42.51 15.93 -8.47
CA ALA E 106 43.48 16.28 -9.52
C ALA E 106 44.31 15.07 -9.90
N ALA E 107 44.81 14.34 -8.90
CA ALA E 107 45.60 13.12 -9.16
C ALA E 107 44.79 12.01 -9.91
N ALA E 108 43.49 11.87 -9.64
CA ALA E 108 42.66 10.92 -10.40
C ALA E 108 42.16 11.41 -11.76
N GLY E 109 42.58 12.60 -12.21
CA GLY E 109 42.12 13.18 -13.48
C GLY E 109 40.68 13.72 -13.53
N LEU E 110 40.11 14.08 -12.39
CA LEU E 110 38.72 14.53 -12.34
C LEU E 110 38.64 16.04 -12.59
N THR E 111 37.48 16.50 -13.03
CA THR E 111 37.16 17.92 -13.26
C THR E 111 36.26 18.40 -12.13
N VAL E 112 36.64 19.50 -11.48
CA VAL E 112 35.85 20.04 -10.37
C VAL E 112 35.53 21.50 -10.76
N ALA E 113 34.27 21.91 -10.69
CA ALA E 113 33.90 23.27 -11.08
C ALA E 113 32.80 23.79 -10.18
N GLU E 114 32.67 25.11 -10.15
CA GLU E 114 31.72 25.79 -9.26
C GLU E 114 31.20 27.06 -9.91
N VAL E 115 30.09 27.61 -9.40
CA VAL E 115 29.48 28.78 -10.04
C VAL E 115 30.06 30.12 -9.51
N THR E 116 31.26 30.45 -10.00
CA THR E 116 32.01 31.65 -9.62
C THR E 116 31.15 32.91 -9.78
N GLY E 117 31.15 33.78 -8.76
CA GLY E 117 30.30 34.96 -8.75
C GLY E 117 28.80 34.87 -8.48
N SER E 118 28.25 33.65 -8.36
CA SER E 118 26.80 33.48 -8.23
C SER E 118 26.20 34.05 -6.93
N ASN E 119 26.95 34.04 -5.82
CA ASN E 119 26.37 34.53 -4.55
C ASN E 119 27.30 35.48 -3.76
N VAL E 120 28.21 36.18 -4.45
CA VAL E 120 29.17 37.06 -3.83
C VAL E 120 28.57 38.33 -3.22
N VAL E 121 27.54 38.89 -3.87
CA VAL E 121 26.79 40.02 -3.31
C VAL E 121 26.10 39.63 -2.02
N SER E 122 25.46 38.43 -2.04
CA SER E 122 24.69 37.92 -0.92
C SER E 122 25.60 37.82 0.36
N VAL E 123 26.81 37.29 0.21
CA VAL E 123 27.71 37.16 1.36
C VAL E 123 28.26 38.50 1.82
N ALA E 124 28.57 39.40 0.86
CA ALA E 124 29.08 40.70 1.23
C ALA E 124 28.01 41.43 2.07
N GLU E 125 26.73 41.40 1.65
CA GLU E 125 25.64 41.97 2.50
C GLU E 125 25.60 41.37 3.91
N ASP E 126 25.67 40.05 3.98
CA ASP E 126 25.53 39.33 5.25
C ASP E 126 26.75 39.65 6.16
N GLU E 127 27.94 39.76 5.56
CA GLU E 127 29.14 40.14 6.33
C GLU E 127 28.93 41.53 6.93
N LEU E 128 28.45 42.49 6.13
CA LEU E 128 28.32 43.86 6.68
C LEU E 128 27.28 43.87 7.82
N MET E 129 26.22 43.08 7.64
CA MET E 129 25.19 42.94 8.68
C MET E 129 25.85 42.53 10.03
N ARG E 130 26.73 41.55 9.98
CA ARG E 130 27.35 41.01 11.18
C ARG E 130 28.40 41.93 11.83
N ILE E 131 29.16 42.68 11.03
CA ILE E 131 30.01 43.76 11.56
C ILE E 131 29.23 44.72 12.44
N LEU E 132 28.08 45.20 11.94
CA LEU E 132 27.18 46.06 12.68
C LEU E 132 26.53 45.35 13.91
N ILE E 133 26.06 44.11 13.73
CA ILE E 133 25.48 43.35 14.88
C ILE E 133 26.49 43.28 16.09
N LEU E 134 27.76 43.00 15.78
CA LEU E 134 28.79 42.85 16.81
C LEU E 134 29.20 44.22 17.39
N MET E 135 29.48 45.20 16.53
CA MET E 135 29.94 46.53 16.99
C MET E 135 28.89 47.25 17.83
N ARG E 136 27.63 47.12 17.40
CA ARG E 136 26.55 47.89 17.96
C ARG E 136 25.73 47.06 18.99
N ASN E 137 26.15 45.80 19.19
CA ASN E 137 25.70 44.95 20.31
C ASN E 137 24.20 44.61 20.23
N PHE E 138 23.75 44.16 19.05
CA PHE E 138 22.37 43.77 18.84
C PHE E 138 21.89 42.54 19.65
N VAL E 139 22.71 41.48 19.71
CA VAL E 139 22.24 40.17 20.26
C VAL E 139 21.85 40.23 21.78
N PRO E 140 22.67 40.90 22.64
CA PRO E 140 22.19 40.98 24.06
C PRO E 140 20.87 41.75 24.22
N GLY E 141 20.65 42.75 23.36
CA GLY E 141 19.36 43.47 23.30
C GLY E 141 18.20 42.57 22.93
N TYR E 142 18.38 41.77 21.88
CA TYR E 142 17.34 40.81 21.47
C TYR E 142 17.01 39.83 22.62
N ASN E 143 18.05 39.29 23.24
CA ASN E 143 17.88 38.35 24.34
C ASN E 143 17.12 39.01 25.54
N GLN E 144 17.49 40.25 25.90
CA GLN E 144 16.72 41.01 26.91
C GLN E 144 15.24 41.09 26.57
N VAL E 145 14.93 41.33 25.30
CA VAL E 145 13.56 41.44 24.86
C VAL E 145 12.78 40.17 25.15
N VAL E 146 13.30 39.03 24.70
CA VAL E 146 12.51 37.78 24.77
C VAL E 146 12.41 37.26 26.21
N LYS E 147 13.43 37.55 27.03
CA LYS E 147 13.42 37.24 28.50
C LYS E 147 12.58 38.22 29.39
N GLY E 148 11.95 39.22 28.79
CA GLY E 148 11.15 40.19 29.54
C GLY E 148 11.98 41.21 30.33
N GLU E 149 13.28 41.28 30.05
CA GLU E 149 14.18 42.18 30.76
C GLU E 149 14.18 43.61 30.17
N TRP E 150 14.71 44.58 30.93
CA TRP E 150 15.00 45.94 30.39
C TRP E 150 16.13 46.54 31.18
N ASN E 151 17.34 46.47 30.64
CA ASN E 151 18.51 47.08 31.23
C ASN E 151 19.41 47.71 30.16
N VAL E 152 19.15 48.98 29.81
CA VAL E 152 19.93 49.68 28.76
C VAL E 152 21.44 49.62 29.03
N ALA E 153 21.88 49.91 30.25
CA ALA E 153 23.32 50.00 30.51
C ALA E 153 24.11 48.71 30.29
N GLY E 154 23.44 47.58 30.49
CA GLY E 154 24.10 46.28 30.31
C GLY E 154 24.39 45.94 28.85
N ILE E 155 23.77 46.70 27.94
CA ILE E 155 24.04 46.64 26.46
C ILE E 155 24.96 47.79 26.04
N ALA E 156 24.65 49.01 26.48
CA ALA E 156 25.36 50.24 26.07
C ALA E 156 26.83 50.32 26.46
N TYR E 157 27.21 49.73 27.60
CA TYR E 157 28.60 49.84 28.08
C TYR E 157 29.63 49.39 27.01
N ARG E 158 29.14 48.54 26.12
CA ARG E 158 29.90 47.91 25.06
C ARG E 158 29.42 48.27 23.63
N ALA E 159 28.43 49.17 23.46
CA ALA E 159 27.93 49.51 22.12
C ALA E 159 28.66 50.72 21.53
N TYR E 160 29.20 50.60 20.31
CA TYR E 160 29.94 51.70 19.65
C TYR E 160 29.35 51.92 18.24
N ASP E 161 29.53 53.11 17.69
CA ASP E 161 29.30 53.30 16.25
C ASP E 161 30.41 52.61 15.43
N LEU E 162 30.05 52.19 14.21
CA LEU E 162 31.04 51.66 13.27
C LEU E 162 31.94 52.79 12.70
N GLU E 163 31.36 53.96 12.40
CA GLU E 163 32.15 55.18 12.03
C GLU E 163 33.43 55.28 12.88
N GLY E 164 34.58 55.45 12.23
CA GLY E 164 35.86 55.71 12.89
C GLY E 164 36.64 54.48 13.31
N LYS E 165 36.04 53.29 13.20
CA LYS E 165 36.70 52.09 13.69
C LYS E 165 37.59 51.49 12.60
N THR E 166 38.56 50.69 13.04
CA THR E 166 39.47 49.99 12.09
C THR E 166 38.97 48.59 11.69
N ILE E 167 38.74 48.41 10.38
CA ILE E 167 38.16 47.15 9.87
C ILE E 167 39.14 46.55 8.87
N GLY E 168 39.47 45.29 9.07
CA GLY E 168 40.35 44.61 8.11
C GLY E 168 39.76 43.38 7.47
N THR E 169 39.77 43.31 6.13
CA THR E 169 39.40 42.06 5.45
C THR E 169 40.61 41.21 5.08
N VAL E 170 40.58 39.93 5.50
CA VAL E 170 41.65 39.00 5.21
C VAL E 170 41.23 38.28 3.93
N GLY E 171 41.71 38.81 2.79
CA GLY E 171 41.18 38.42 1.49
C GLY E 171 40.44 39.57 0.82
N ALA E 172 40.76 39.81 -0.45
CA ALA E 172 40.16 40.87 -1.26
C ALA E 172 39.90 40.34 -2.68
N GLY E 173 39.23 39.20 -2.77
CA GLY E 173 38.73 38.68 -4.05
C GLY E 173 37.36 39.33 -4.29
N ARG E 174 36.43 38.59 -4.89
CA ARG E 174 35.07 39.12 -5.18
C ARG E 174 34.28 39.56 -3.95
N ILE E 175 34.10 38.66 -2.95
CA ILE E 175 33.36 39.03 -1.75
C ILE E 175 34.08 40.22 -1.03
N GLY E 176 35.40 40.16 -0.89
CA GLY E 176 36.13 41.22 -0.16
C GLY E 176 36.06 42.60 -0.80
N LYS E 177 36.18 42.67 -2.13
CA LYS E 177 35.90 43.95 -2.86
C LYS E 177 34.47 44.47 -2.64
N LEU E 178 33.47 43.60 -2.80
CA LEU E 178 32.07 44.07 -2.68
C LEU E 178 31.74 44.49 -1.24
N LEU E 179 32.40 43.85 -0.27
CA LEU E 179 32.30 44.31 1.14
C LEU E 179 32.94 45.69 1.33
N LEU E 180 34.12 45.90 0.77
CA LEU E 180 34.78 47.20 0.92
C LEU E 180 33.95 48.32 0.25
N GLN E 181 33.29 48.00 -0.85
CA GLN E 181 32.52 49.01 -1.58
C GLN E 181 31.27 49.41 -0.79
N ARG E 182 30.64 48.44 -0.12
CA ARG E 182 29.50 48.75 0.81
C ARG E 182 29.93 49.42 2.13
N LEU E 183 31.17 49.18 2.57
CA LEU E 183 31.68 49.86 3.79
C LEU E 183 32.12 51.32 3.56
N LYS E 184 32.49 51.68 2.32
CA LYS E 184 32.99 53.06 2.02
C LYS E 184 32.16 54.17 2.68
N PRO E 185 30.82 54.15 2.54
CA PRO E 185 30.14 55.34 3.11
C PRO E 185 30.00 55.42 4.64
N PHE E 186 30.48 54.41 5.36
CA PHE E 186 30.34 54.37 6.84
C PHE E 186 31.45 55.19 7.56
N GLY E 187 32.47 55.63 6.81
CA GLY E 187 33.50 56.49 7.38
C GLY E 187 34.47 55.78 8.34
N CYS E 188 34.96 54.62 7.93
CA CYS E 188 35.81 53.77 8.73
C CYS E 188 37.25 53.91 8.29
N ASN E 189 38.16 53.33 9.09
CA ASN E 189 39.55 53.13 8.66
C ASN E 189 39.73 51.71 8.10
N LEU E 190 39.66 51.57 6.77
CA LEU E 190 39.63 50.23 6.11
C LEU E 190 41.05 49.73 5.72
N LEU E 191 41.35 48.48 6.07
CA LEU E 191 42.63 47.85 5.71
C LEU E 191 42.29 46.53 4.98
N TYR E 192 43.21 46.03 4.13
CA TYR E 192 43.06 44.72 3.59
C TYR E 192 44.37 43.98 3.34
N HIS E 193 44.31 42.65 3.41
CA HIS E 193 45.42 41.79 3.10
C HIS E 193 44.98 40.74 2.06
N ASP E 194 45.89 40.43 1.13
CA ASP E 194 45.73 39.41 0.10
C ASP E 194 47.13 39.18 -0.53
N ARG E 195 47.35 38.00 -1.14
CA ARG E 195 48.53 37.78 -2.02
C ARG E 195 48.51 38.72 -3.26
N LEU E 196 47.33 39.20 -3.66
CA LEU E 196 47.18 40.06 -4.85
C LEU E 196 46.67 41.43 -4.43
N GLN E 197 47.39 42.49 -4.77
CA GLN E 197 46.97 43.86 -4.44
C GLN E 197 45.85 44.28 -5.41
N MET E 198 44.89 45.07 -4.95
CA MET E 198 43.84 45.65 -5.83
C MET E 198 44.43 46.78 -6.66
N ALA E 199 43.77 47.10 -7.78
CA ALA E 199 44.17 48.25 -8.62
C ALA E 199 44.10 49.54 -7.79
N PRO E 200 44.96 50.55 -8.13
CA PRO E 200 44.92 51.79 -7.37
C PRO E 200 43.54 52.48 -7.40
N GLU E 201 42.80 52.37 -8.52
CA GLU E 201 41.44 52.98 -8.57
C GLU E 201 40.43 52.38 -7.51
N LEU E 202 40.46 51.06 -7.29
CA LEU E 202 39.64 50.45 -6.18
C LEU E 202 40.12 50.85 -4.79
N GLU E 203 41.44 50.91 -4.58
CA GLU E 203 42.00 51.34 -3.31
C GLU E 203 41.56 52.76 -2.99
N LYS E 204 41.58 53.65 -3.99
CA LYS E 204 41.19 55.04 -3.75
C LYS E 204 39.67 55.19 -3.58
N GLU E 205 38.89 54.43 -4.33
CA GLU E 205 37.43 54.59 -4.22
C GLU E 205 36.91 54.04 -2.88
N THR E 206 37.39 52.85 -2.50
CA THR E 206 37.03 52.29 -1.17
C THR E 206 37.67 53.01 0.04
N GLY E 207 38.83 53.63 -0.14
CA GLY E 207 39.65 54.11 1.00
C GLY E 207 40.46 53.01 1.71
N ALA E 208 40.50 51.80 1.12
CA ALA E 208 41.18 50.63 1.73
C ALA E 208 42.69 50.55 1.48
N LYS E 209 43.45 50.40 2.56
CA LYS E 209 44.91 50.36 2.46
C LYS E 209 45.45 48.95 2.47
N PHE E 210 46.29 48.62 1.48
CA PHE E 210 46.96 47.33 1.34
C PHE E 210 47.98 47.12 2.47
N VAL E 211 47.89 45.97 3.13
CA VAL E 211 48.88 45.56 4.13
C VAL E 211 49.47 44.21 3.68
N GLU E 212 50.69 44.26 3.12
CA GLU E 212 51.29 43.11 2.43
C GLU E 212 51.57 41.94 3.38
N ASP E 213 51.98 42.29 4.60
CA ASP E 213 52.34 41.32 5.62
C ASP E 213 51.10 41.14 6.56
N LEU E 214 50.50 39.95 6.58
CA LEU E 214 49.26 39.75 7.36
C LEU E 214 49.52 40.08 8.84
N ASN E 215 50.68 39.68 9.38
CA ASN E 215 51.03 39.90 10.78
C ASN E 215 50.99 41.37 11.15
N GLU E 216 51.30 42.23 10.18
CA GLU E 216 51.25 43.68 10.44
C GLU E 216 49.79 44.23 10.54
N MET E 217 48.85 43.61 9.81
CA MET E 217 47.44 44.11 9.83
C MET E 217 46.72 43.71 11.10
N LEU E 218 46.88 42.46 11.50
CA LEU E 218 46.10 41.86 12.60
C LEU E 218 45.94 42.65 13.91
N PRO E 219 47.06 43.05 14.61
CA PRO E 219 46.84 43.80 15.87
C PRO E 219 46.15 45.18 15.76
N LYS E 220 46.10 45.78 14.57
CA LYS E 220 45.40 47.09 14.47
C LYS E 220 43.88 47.02 14.34
N CYS E 221 43.30 45.84 14.09
CA CYS E 221 41.89 45.81 13.74
C CYS E 221 40.95 45.67 14.93
N ASP E 222 39.97 46.60 15.01
CA ASP E 222 38.79 46.43 15.85
C ASP E 222 37.89 45.29 15.37
N VAL E 223 37.77 45.16 14.05
CA VAL E 223 37.02 44.06 13.40
C VAL E 223 37.88 43.37 12.36
N ILE E 224 37.84 42.05 12.33
CA ILE E 224 38.57 41.31 11.33
C ILE E 224 37.54 40.44 10.56
N VAL E 225 37.61 40.44 9.22
CA VAL E 225 36.63 39.66 8.37
C VAL E 225 37.35 38.62 7.48
N ILE E 226 36.99 37.33 7.60
CA ILE E 226 37.68 36.29 6.82
C ILE E 226 37.05 36.15 5.41
N ASN E 227 37.88 36.22 4.36
CA ASN E 227 37.43 36.27 2.95
C ASN E 227 38.38 35.55 1.94
N MET E 228 38.93 34.40 2.37
CA MET E 228 39.75 33.51 1.55
C MET E 228 39.01 32.19 1.45
N PRO E 229 39.32 31.37 0.42
CA PRO E 229 38.85 29.97 0.39
C PRO E 229 39.54 29.11 1.44
N LEU E 230 39.01 27.91 1.71
CA LEU E 230 39.62 26.93 2.62
C LEU E 230 40.59 26.18 1.74
N THR E 231 41.88 26.30 2.03
CA THR E 231 42.93 25.68 1.21
C THR E 231 43.94 24.96 2.10
N GLU E 232 44.82 24.15 1.53
CA GLU E 232 45.91 23.57 2.35
C GLU E 232 46.67 24.63 3.18
N LYS E 233 46.93 25.82 2.60
CA LYS E 233 47.54 26.89 3.39
C LYS E 233 46.63 27.60 4.43
N THR E 234 45.35 27.82 4.12
CA THR E 234 44.52 28.60 5.07
C THR E 234 43.87 27.67 6.11
N ARG E 235 43.87 26.34 5.88
CA ARG E 235 43.26 25.41 6.85
C ARG E 235 43.91 25.48 8.27
N GLY E 236 43.16 25.81 9.32
CA GLY E 236 43.74 25.93 10.67
C GLY E 236 44.68 27.15 10.86
N MET E 237 44.76 28.07 9.89
CA MET E 237 45.68 29.22 10.07
C MET E 237 45.39 30.12 11.29
N PHE E 238 44.12 30.41 11.59
CA PHE E 238 43.76 31.07 12.84
C PHE E 238 43.77 30.09 14.03
N ASN E 239 44.99 29.83 14.52
CA ASN E 239 45.23 28.92 15.64
C ASN E 239 45.43 29.74 16.93
N LYS E 240 45.83 29.08 18.01
CA LYS E 240 46.11 29.78 19.29
C LYS E 240 47.12 30.94 19.15
N GLU E 241 48.22 30.70 18.46
CA GLU E 241 49.26 31.73 18.28
C GLU E 241 48.73 32.93 17.46
N LEU E 242 48.10 32.67 16.31
CA LEU E 242 47.68 33.78 15.43
C LEU E 242 46.57 34.59 16.10
N ILE E 243 45.66 33.88 16.75
CA ILE E 243 44.56 34.54 17.49
C ILE E 243 45.11 35.43 18.62
N GLY E 244 46.16 34.95 19.30
CA GLY E 244 46.82 35.75 20.35
C GLY E 244 47.40 37.08 19.82
N LYS E 245 47.71 37.17 18.53
CA LYS E 245 48.22 38.43 17.94
C LYS E 245 47.10 39.46 17.69
N LEU E 246 45.84 39.02 17.73
CA LEU E 246 44.73 40.00 17.56
C LEU E 246 44.64 40.93 18.77
N LYS E 247 44.02 42.07 18.55
CA LYS E 247 43.72 43.03 19.63
C LYS E 247 42.78 42.40 20.71
N LYS E 248 43.05 42.72 21.97
CA LYS E 248 42.13 42.39 23.07
C LYS E 248 40.71 42.90 22.80
N GLY E 249 39.73 41.99 22.83
CA GLY E 249 38.33 42.37 22.48
C GLY E 249 37.95 42.41 20.99
N VAL E 250 38.84 41.93 20.13
CA VAL E 250 38.61 41.87 18.67
C VAL E 250 37.26 41.24 18.35
N LEU E 251 36.55 41.84 17.38
CA LEU E 251 35.31 41.29 16.80
C LEU E 251 35.63 40.61 15.47
N ILE E 252 35.20 39.35 15.35
CA ILE E 252 35.55 38.54 14.18
C ILE E 252 34.28 38.13 13.43
N VAL E 253 34.29 38.39 12.12
CA VAL E 253 33.22 37.92 11.20
C VAL E 253 33.79 36.86 10.24
N ASN E 254 33.16 35.69 10.16
CA ASN E 254 33.64 34.62 9.30
C ASN E 254 32.51 33.88 8.55
N ASN E 255 32.22 34.33 7.32
CA ASN E 255 31.29 33.67 6.38
C ASN E 255 32.03 32.99 5.23
N ALA E 256 33.32 32.68 5.44
CA ALA E 256 34.20 32.10 4.41
C ALA E 256 34.11 30.60 4.59
N ARG E 257 35.05 30.00 5.38
CA ARG E 257 34.84 28.61 5.85
C ARG E 257 35.21 28.43 7.35
N GLY E 258 34.51 27.53 8.03
CA GLY E 258 34.72 27.33 9.49
C GLY E 258 36.14 26.88 9.83
N ALA E 259 36.68 25.91 9.06
CA ALA E 259 37.94 25.29 9.38
C ALA E 259 39.18 26.19 9.08
N ILE E 260 38.94 27.43 8.61
CA ILE E 260 40.06 28.42 8.55
C ILE E 260 40.49 28.79 10.00
N MET E 261 39.55 28.62 10.94
CA MET E 261 39.84 28.81 12.39
C MET E 261 40.04 27.44 13.05
N GLU E 262 40.90 27.33 14.09
CA GLU E 262 40.87 26.09 14.89
C GLU E 262 39.70 26.21 15.81
N ARG E 263 38.91 25.16 15.93
CA ARG E 263 37.65 25.28 16.69
C ARG E 263 37.92 25.63 18.16
N GLN E 264 38.84 24.88 18.78
CA GLN E 264 39.15 25.07 20.19
C GLN E 264 39.83 26.41 20.47
N ALA E 265 40.72 26.86 19.58
CA ALA E 265 41.38 28.13 19.80
C ALA E 265 40.41 29.31 19.87
N VAL E 266 39.34 29.28 19.08
CA VAL E 266 38.31 30.31 19.13
C VAL E 266 37.56 30.21 20.47
N VAL E 267 37.17 28.98 20.84
CA VAL E 267 36.39 28.78 22.08
C VAL E 267 37.18 29.32 23.31
N ASP E 268 38.43 28.87 23.43
CA ASP E 268 39.31 29.33 24.54
C ASP E 268 39.46 30.86 24.54
N ALA E 269 39.60 31.48 23.35
CA ALA E 269 39.88 32.92 23.33
C ALA E 269 38.61 33.76 23.55
N VAL E 270 37.43 33.20 23.25
CA VAL E 270 36.16 33.87 23.64
C VAL E 270 35.97 33.74 25.19
N GLU E 271 36.33 32.58 25.73
CA GLU E 271 36.10 32.29 27.18
C GLU E 271 37.08 33.06 28.08
N SER E 272 38.13 33.66 27.50
CA SER E 272 39.03 34.63 28.19
C SER E 272 38.71 36.10 27.90
N GLY E 273 37.73 36.39 27.05
CA GLY E 273 37.50 37.77 26.60
C GLY E 273 38.52 38.31 25.56
N HIS E 274 39.52 37.52 25.16
CA HIS E 274 40.51 37.98 24.17
C HIS E 274 39.85 38.24 22.78
N ILE E 275 38.99 37.32 22.36
CA ILE E 275 37.98 37.58 21.32
C ILE E 275 36.73 38.17 22.00
N GLY E 276 36.36 39.40 21.67
CA GLY E 276 35.14 40.02 22.22
C GLY E 276 33.83 39.45 21.67
N GLY E 277 33.86 38.95 20.44
CA GLY E 277 32.59 38.57 19.74
C GLY E 277 32.95 37.86 18.44
N TYR E 278 32.25 36.76 18.12
CA TYR E 278 32.44 36.00 16.88
C TYR E 278 31.09 35.70 16.21
N SER E 279 31.00 35.95 14.90
CA SER E 279 29.76 35.83 14.13
C SER E 279 30.04 35.22 12.75
N GLY E 280 29.36 34.14 12.38
CA GLY E 280 29.49 33.55 11.04
C GLY E 280 28.37 32.57 10.74
N ASP E 281 28.34 32.07 9.50
CA ASP E 281 27.32 31.12 9.10
C ASP E 281 27.92 29.74 8.81
N VAL E 282 29.24 29.64 8.82
CA VAL E 282 29.97 28.44 8.36
C VAL E 282 30.69 27.69 9.51
N TRP E 283 30.67 26.35 9.46
CA TRP E 283 31.03 25.48 10.60
C TRP E 283 31.87 24.29 10.13
N ASP E 284 32.63 23.69 11.05
CA ASP E 284 33.23 22.40 10.79
C ASP E 284 32.67 21.44 11.88
N PRO E 285 31.93 20.36 11.49
CA PRO E 285 31.46 19.92 10.18
C PRO E 285 30.05 20.52 9.96
N GLN E 286 29.45 20.26 8.79
CA GLN E 286 28.06 20.67 8.52
C GLN E 286 27.23 19.47 8.08
N PRO E 287 26.02 19.26 8.66
CA PRO E 287 25.36 20.01 9.73
C PRO E 287 26.26 20.06 11.00
N ALA E 288 26.18 21.15 11.74
CA ALA E 288 26.88 21.27 13.03
C ALA E 288 26.07 20.53 14.11
N PRO E 289 26.72 19.58 14.82
CA PRO E 289 25.95 18.77 15.78
C PRO E 289 25.41 19.67 16.87
N LYS E 290 24.41 19.17 17.61
CA LYS E 290 23.78 19.94 18.66
C LYS E 290 24.73 20.36 19.75
N ASP E 291 25.82 19.63 19.94
CA ASP E 291 26.75 19.96 21.02
C ASP E 291 27.96 20.83 20.57
N HIS E 292 27.96 21.29 19.32
CA HIS E 292 29.07 22.12 18.79
C HIS E 292 29.25 23.41 19.66
N PRO E 293 30.46 23.62 20.23
CA PRO E 293 30.67 24.67 21.24
C PRO E 293 30.51 26.12 20.75
N TRP E 294 30.62 26.38 19.43
CA TRP E 294 30.41 27.75 18.92
C TRP E 294 28.94 28.17 19.12
N ARG E 295 28.06 27.19 19.30
CA ARG E 295 26.63 27.56 19.55
C ARG E 295 26.46 28.23 20.90
N TYR E 296 27.35 27.92 21.86
CA TYR E 296 27.04 28.25 23.28
C TYR E 296 28.02 29.23 23.97
N MET E 297 29.17 29.51 23.34
CA MET E 297 30.18 30.41 23.88
C MET E 297 29.64 31.85 24.02
N PRO E 298 30.18 32.61 24.99
CA PRO E 298 29.75 33.99 25.21
C PRO E 298 29.79 34.89 23.95
N ASN E 299 28.80 35.75 23.80
CA ASN E 299 28.84 36.80 22.75
C ASN E 299 28.66 36.33 21.27
N GLN E 300 28.45 35.02 21.05
CA GLN E 300 28.34 34.46 19.70
C GLN E 300 27.11 35.03 18.95
N ALA E 301 27.22 35.24 17.65
CA ALA E 301 26.04 35.69 16.85
C ALA E 301 26.06 34.86 15.58
N MET E 302 25.99 33.52 15.76
CA MET E 302 26.06 32.52 14.69
C MET E 302 24.70 32.30 14.06
N THR E 303 24.72 31.78 12.82
CA THR E 303 23.54 31.15 12.23
C THR E 303 24.05 29.87 11.57
N PRO E 304 23.13 28.97 11.15
CA PRO E 304 23.49 27.89 10.22
C PRO E 304 23.94 28.49 8.85
N HIS E 305 24.36 27.65 7.91
CA HIS E 305 24.96 28.10 6.64
C HIS E 305 23.90 28.56 5.64
N THR E 306 23.54 29.83 5.70
CA THR E 306 22.42 30.38 4.93
C THR E 306 22.82 31.55 4.00
N SER E 307 23.98 32.20 4.22
CA SER E 307 24.13 33.51 3.52
C SER E 307 24.23 33.39 2.01
N GLY E 308 24.86 32.33 1.53
CA GLY E 308 25.00 32.10 0.08
C GLY E 308 23.83 31.36 -0.54
N THR E 309 22.77 31.13 0.24
CA THR E 309 21.57 30.42 -0.25
C THR E 309 20.28 31.20 0.06
N THR E 310 20.32 32.51 -0.12
CA THR E 310 19.10 33.30 -0.29
C THR E 310 18.39 32.84 -1.58
N ILE E 311 17.09 33.15 -1.69
CA ILE E 311 16.31 32.80 -2.88
C ILE E 311 17.02 33.38 -4.13
N ASP E 312 17.42 34.63 -4.04
CA ASP E 312 18.08 35.34 -5.15
C ASP E 312 19.36 34.64 -5.58
N ALA E 313 20.19 34.26 -4.60
CA ALA E 313 21.42 33.46 -4.87
C ALA E 313 21.12 32.12 -5.51
N GLN E 314 20.10 31.44 -4.97
CA GLN E 314 19.75 30.11 -5.44
C GLN E 314 19.37 30.10 -6.93
N LEU E 315 18.62 31.10 -7.35
CA LEU E 315 18.20 31.20 -8.76
C LEU E 315 19.46 31.32 -9.64
N ARG E 316 20.46 32.06 -9.19
CA ARG E 316 21.68 32.23 -10.00
C ARG E 316 22.56 30.95 -10.04
N TYR E 317 22.79 30.29 -8.90
CA TYR E 317 23.69 29.12 -8.96
C TYR E 317 22.99 27.90 -9.62
N ALA E 318 21.66 27.85 -9.50
CA ALA E 318 20.88 26.83 -10.23
C ALA E 318 21.07 27.01 -11.77
N ALA E 319 20.89 28.23 -12.26
CA ALA E 319 21.12 28.56 -13.69
C ALA E 319 22.55 28.30 -14.15
N GLY E 320 23.52 28.60 -13.30
CA GLY E 320 24.92 28.29 -13.63
C GLY E 320 25.23 26.81 -13.69
N THR E 321 24.70 26.05 -12.75
CA THR E 321 24.83 24.60 -12.73
C THR E 321 24.21 23.97 -14.00
N LYS E 322 23.03 24.45 -14.37
CA LYS E 322 22.33 24.01 -15.60
C LYS E 322 23.15 24.30 -16.84
N ASP E 323 23.67 25.54 -16.94
CA ASP E 323 24.56 25.91 -18.05
C ASP E 323 25.77 24.99 -18.20
N MET E 324 26.45 24.69 -17.10
CA MET E 324 27.62 23.83 -17.15
C MET E 324 27.23 22.40 -17.55
N LEU E 325 26.05 21.93 -17.12
CA LEU E 325 25.61 20.59 -17.53
C LEU E 325 25.34 20.54 -19.06
N GLU E 326 24.66 21.55 -19.58
CA GLU E 326 24.44 21.67 -21.02
C GLU E 326 25.79 21.65 -21.79
N ARG E 327 26.76 22.45 -21.35
CA ARG E 327 28.07 22.49 -22.00
C ARG E 327 28.75 21.10 -21.96
N TYR E 328 28.57 20.39 -20.85
CA TYR E 328 29.19 19.09 -20.62
C TYR E 328 28.62 18.03 -21.58
N PHE E 329 27.30 18.04 -21.77
CA PHE E 329 26.66 17.09 -22.67
C PHE E 329 27.07 17.33 -24.14
N LYS E 330 27.35 18.60 -24.50
CA LYS E 330 27.83 18.98 -25.84
C LYS E 330 29.35 18.94 -26.01
N GLY E 331 30.10 18.61 -24.97
CA GLY E 331 31.57 18.60 -25.08
C GLY E 331 32.20 19.99 -25.15
N GLU E 332 31.52 21.04 -24.64
CA GLU E 332 32.10 22.39 -24.62
C GLU E 332 32.80 22.76 -23.26
N ASP E 333 33.84 23.60 -23.29
CA ASP E 333 34.55 24.01 -22.05
C ASP E 333 33.68 24.95 -21.22
N PHE E 334 33.87 24.95 -19.90
CA PHE E 334 33.11 25.89 -19.03
C PHE E 334 33.82 27.26 -19.09
N PRO E 335 33.17 28.36 -18.64
CA PRO E 335 33.92 29.64 -18.50
C PRO E 335 35.12 29.37 -17.62
N THR E 336 36.29 29.92 -17.98
CA THR E 336 37.54 29.52 -17.34
C THR E 336 37.61 29.74 -15.81
N GLU E 337 36.97 30.80 -15.30
CA GLU E 337 37.04 30.99 -13.83
C GLU E 337 36.09 30.08 -13.01
N ASN E 338 35.30 29.25 -13.71
CA ASN E 338 34.48 28.26 -13.03
C ASN E 338 35.28 27.02 -12.61
N TYR E 339 36.45 26.80 -13.21
CA TYR E 339 37.25 25.56 -12.94
C TYR E 339 38.13 25.69 -11.68
N ILE E 340 37.99 24.71 -10.77
CA ILE E 340 38.81 24.59 -9.57
C ILE E 340 39.87 23.49 -9.74
N VAL E 341 39.52 22.40 -10.43
CA VAL E 341 40.49 21.39 -10.83
C VAL E 341 40.22 21.01 -12.28
N LYS E 342 41.25 21.14 -13.12
CA LYS E 342 41.17 20.75 -14.53
C LYS E 342 42.54 20.23 -15.02
N ASP E 343 42.54 19.12 -15.79
CA ASP E 343 43.77 18.53 -16.33
C ASP E 343 44.86 18.37 -15.26
N GLY E 344 44.47 17.86 -14.09
CA GLY E 344 45.42 17.62 -13.02
C GLY E 344 45.93 18.81 -12.23
N GLU E 345 45.43 20.02 -12.50
CA GLU E 345 45.90 21.22 -11.78
C GLU E 345 44.81 21.95 -10.98
N LEU E 346 45.19 22.52 -9.83
CA LEU E 346 44.32 23.35 -8.99
C LEU E 346 44.39 24.81 -9.37
N ALA E 347 43.24 25.49 -9.27
CA ALA E 347 43.16 26.92 -9.58
C ALA E 347 44.09 27.66 -8.61
N PRO E 348 44.71 28.79 -9.05
CA PRO E 348 45.70 29.52 -8.22
C PRO E 348 45.24 30.00 -6.83
N GLN E 349 43.97 30.40 -6.68
CA GLN E 349 43.50 30.87 -5.37
C GLN E 349 43.40 29.73 -4.35
N TYR E 350 43.51 28.47 -4.80
CA TYR E 350 43.65 27.28 -3.93
C TYR E 350 45.12 26.84 -3.62
N ARG E 351 46.07 27.36 -4.39
CA ARG E 351 47.47 26.97 -4.26
C ARG E 351 48.18 27.83 -3.20
N ASP F 1 21.17 84.19 40.96
CA ASP F 1 22.34 83.42 40.46
C ASP F 1 22.22 81.87 40.63
N SER F 2 22.26 81.39 41.88
CA SER F 2 22.39 79.95 42.24
C SER F 2 21.15 79.09 41.94
N LYS F 3 21.34 78.00 41.18
CA LYS F 3 20.22 77.26 40.55
C LYS F 3 20.16 75.76 40.92
N LYS F 4 18.93 75.23 40.93
CA LYS F 4 18.67 73.80 41.17
C LYS F 4 18.48 73.04 39.85
N ILE F 5 19.39 72.10 39.61
CA ILE F 5 19.45 71.32 38.34
C ILE F 5 19.20 69.83 38.61
N VAL F 6 18.20 69.29 37.93
CA VAL F 6 17.86 67.86 38.04
C VAL F 6 18.15 67.14 36.70
N GLY F 7 18.83 65.99 36.79
CA GLY F 7 18.99 65.09 35.65
C GLY F 7 18.35 63.73 35.90
N VAL F 8 17.58 63.25 34.93
CA VAL F 8 16.95 61.92 34.95
C VAL F 8 17.60 61.06 33.86
N PHE F 9 18.44 60.10 34.28
CA PHE F 9 19.11 59.19 33.35
C PHE F 9 18.87 57.73 33.74
N TYR F 10 19.29 56.78 32.91
CA TYR F 10 19.17 55.37 33.25
C TYR F 10 20.31 55.02 34.20
N LYS F 11 20.14 53.99 35.01
CA LYS F 11 21.14 53.70 36.04
C LYS F 11 22.07 52.55 35.61
N ALA F 12 23.37 52.75 35.71
CA ALA F 12 24.36 51.78 35.25
C ALA F 12 24.99 50.95 36.38
N ASN F 13 24.81 51.40 37.64
CA ASN F 13 25.46 50.76 38.81
C ASN F 13 26.94 50.61 38.53
N GLU F 14 27.51 49.44 38.72
CA GLU F 14 28.97 49.28 38.55
C GLU F 14 29.47 49.14 37.09
N TYR F 15 28.56 48.99 36.13
CA TYR F 15 28.95 49.02 34.71
C TYR F 15 29.67 50.30 34.27
N ALA F 16 29.51 51.39 35.03
CA ALA F 16 30.09 52.71 34.68
C ALA F 16 31.19 53.18 35.62
N THR F 17 31.31 52.48 36.75
CA THR F 17 32.33 52.75 37.78
C THR F 17 33.69 53.14 37.20
N LYS F 18 34.27 52.28 36.39
CA LYS F 18 35.62 52.55 35.91
C LYS F 18 35.66 53.03 34.47
N ASN F 19 34.51 53.40 33.90
CA ASN F 19 34.56 53.98 32.55
C ASN F 19 34.16 55.45 32.52
N PRO F 20 35.16 56.35 32.36
CA PRO F 20 34.90 57.79 32.29
C PRO F 20 34.10 58.18 31.03
N ASN F 21 34.14 57.34 30.00
CA ASN F 21 33.43 57.67 28.76
C ASN F 21 31.95 57.30 28.71
N PHE F 22 31.50 56.48 29.66
CA PHE F 22 30.09 56.08 29.82
C PHE F 22 29.28 57.23 30.48
N LEU F 23 29.15 58.33 29.75
CA LEU F 23 28.57 59.58 30.27
C LEU F 23 27.04 59.63 30.43
N GLY F 24 26.31 58.75 29.74
CA GLY F 24 24.85 58.83 29.72
C GLY F 24 24.03 58.25 30.88
N CYS F 25 24.70 57.82 31.95
CA CYS F 25 24.06 57.16 33.10
C CYS F 25 24.03 58.05 34.34
N VAL F 26 23.22 57.65 35.34
CA VAL F 26 23.12 58.38 36.63
C VAL F 26 24.49 58.62 37.27
N GLU F 27 25.34 57.59 37.28
CA GLU F 27 26.59 57.55 38.05
C GLU F 27 27.61 58.59 37.60
N ASN F 28 27.72 58.77 36.29
CA ASN F 28 28.60 59.76 35.68
C ASN F 28 27.91 61.06 35.25
N ALA F 29 26.60 61.03 35.04
CA ALA F 29 25.78 62.27 34.90
C ALA F 29 26.31 63.31 33.90
N LEU F 30 26.70 62.83 32.72
CA LEU F 30 27.24 63.65 31.64
C LEU F 30 28.57 64.32 31.97
N GLY F 31 29.20 63.92 33.07
CA GLY F 31 30.54 64.43 33.42
C GLY F 31 30.53 65.90 33.90
N ILE F 32 29.34 66.46 34.12
CA ILE F 32 29.22 67.88 34.49
C ILE F 32 29.10 68.23 35.99
N ARG F 33 29.16 67.25 36.90
CA ARG F 33 28.88 67.52 38.33
C ARG F 33 29.82 68.55 38.96
N ASP F 34 31.14 68.29 38.92
CA ASP F 34 32.14 69.20 39.47
C ASP F 34 32.01 70.59 38.89
N TRP F 35 31.76 70.67 37.58
CA TRP F 35 31.61 71.95 36.89
C TRP F 35 30.40 72.74 37.42
N LEU F 36 29.25 72.10 37.51
CA LEU F 36 28.05 72.72 38.04
C LEU F 36 28.22 73.17 39.49
N GLU F 37 28.72 72.27 40.33
CA GLU F 37 28.87 72.52 41.77
C GLU F 37 29.86 73.61 42.16
N SER F 38 30.97 73.74 41.43
CA SER F 38 31.91 74.84 41.66
C SER F 38 31.44 76.21 41.10
N GLN F 39 30.32 76.25 40.38
CA GLN F 39 29.66 77.52 40.05
C GLN F 39 28.50 77.84 41.03
N GLY F 40 28.42 77.06 42.10
CA GLY F 40 27.43 77.26 43.15
C GLY F 40 26.06 76.64 42.94
N HIS F 41 25.93 75.78 41.93
CA HIS F 41 24.63 75.16 41.64
C HIS F 41 24.46 73.83 42.35
N GLN F 42 23.22 73.40 42.47
CA GLN F 42 22.91 72.08 43.03
C GLN F 42 22.61 71.12 41.86
N TYR F 43 23.14 69.91 41.96
CA TYR F 43 22.95 68.89 40.90
C TYR F 43 22.40 67.60 41.46
N ILE F 44 21.12 67.36 41.28
CA ILE F 44 20.44 66.15 41.77
C ILE F 44 20.12 65.18 40.61
N VAL F 45 20.57 63.93 40.75
CA VAL F 45 20.53 62.99 39.62
C VAL F 45 19.86 61.70 40.07
N THR F 46 18.97 61.15 39.25
CA THR F 46 18.14 59.99 39.63
C THR F 46 17.58 59.21 38.42
N ASP F 47 17.29 57.93 38.61
CA ASP F 47 16.59 57.15 37.59
C ASP F 47 15.14 56.91 38.01
N ASP F 48 14.81 57.38 39.21
CA ASP F 48 13.50 57.09 39.83
C ASP F 48 12.45 58.12 39.38
N LYS F 49 11.71 57.79 38.33
CA LYS F 49 10.92 58.76 37.59
C LYS F 49 9.39 58.53 37.53
N GLU F 50 8.87 57.41 38.06
CA GLU F 50 7.45 57.07 37.85
C GLU F 50 6.52 57.34 39.05
N GLY F 51 5.46 58.11 38.81
CA GLY F 51 4.34 58.21 39.76
C GLY F 51 4.47 59.28 40.84
N PRO F 52 3.45 59.37 41.75
CA PRO F 52 3.32 60.50 42.72
C PRO F 52 4.44 60.61 43.76
N ASP F 53 5.13 59.51 44.05
CA ASP F 53 6.03 59.44 45.21
C ASP F 53 7.49 59.17 44.87
N CYS F 54 7.86 59.35 43.61
CA CYS F 54 9.23 59.02 43.16
C CYS F 54 10.19 60.16 43.47
N GLU F 55 11.49 59.88 43.50
CA GLU F 55 12.50 60.89 43.74
C GLU F 55 12.36 62.14 42.89
N LEU F 56 11.95 61.97 41.63
CA LEU F 56 11.77 63.10 40.69
C LEU F 56 10.63 64.02 41.13
N GLU F 57 9.48 63.42 41.46
CA GLU F 57 8.30 64.18 41.87
C GLU F 57 8.59 65.09 43.08
N LYS F 58 9.47 64.62 43.97
CA LYS F 58 9.90 65.37 45.13
C LYS F 58 10.62 66.68 44.77
N HIS F 59 11.29 66.73 43.62
CA HIS F 59 11.99 67.94 43.21
C HIS F 59 11.28 68.81 42.18
N ILE F 60 10.19 68.33 41.60
CA ILE F 60 9.44 69.10 40.59
C ILE F 60 8.96 70.50 41.03
N PRO F 61 8.44 70.64 42.28
CA PRO F 61 7.97 71.97 42.72
C PRO F 61 8.99 73.13 42.63
N ASP F 62 10.28 72.84 42.86
CA ASP F 62 11.28 73.92 42.94
C ASP F 62 12.56 73.85 42.08
N LEU F 63 12.66 72.84 41.19
CA LEU F 63 13.80 72.80 40.26
C LEU F 63 13.70 73.93 39.18
N HIS F 64 14.86 74.43 38.76
CA HIS F 64 15.01 75.47 37.72
C HIS F 64 15.29 74.89 36.33
N VAL F 65 16.11 73.82 36.30
CA VAL F 65 16.46 73.13 35.06
C VAL F 65 16.20 71.62 35.18
N LEU F 66 15.59 71.01 34.16
CA LEU F 66 15.44 69.55 34.10
C LEU F 66 16.08 69.00 32.81
N ILE F 67 17.18 68.26 32.99
CA ILE F 67 17.81 67.48 31.92
C ILE F 67 17.25 66.05 31.89
N SER F 68 16.64 65.69 30.78
CA SER F 68 16.11 64.35 30.53
C SER F 68 16.92 63.59 29.44
N THR F 69 16.54 62.34 29.13
CA THR F 69 17.25 61.54 28.10
C THR F 69 16.24 60.55 27.50
N PRO F 70 16.21 60.43 26.16
CA PRO F 70 15.14 59.62 25.58
C PRO F 70 15.11 58.12 25.97
N PHE F 71 16.28 57.55 26.29
CA PHE F 71 16.48 56.14 26.61
C PHE F 71 15.83 55.76 27.96
N HIS F 72 15.61 56.75 28.85
CA HIS F 72 14.90 56.52 30.12
C HIS F 72 14.08 57.81 30.41
N PRO F 73 12.98 58.00 29.70
CA PRO F 73 12.43 59.35 29.59
C PRO F 73 11.52 59.79 30.74
N ALA F 74 11.89 60.89 31.41
CA ALA F 74 10.95 61.62 32.28
C ALA F 74 9.77 62.11 31.46
N TYR F 75 8.57 61.65 31.80
CA TYR F 75 7.37 62.07 31.11
C TYR F 75 6.86 63.38 31.68
N VAL F 76 7.13 64.48 30.98
CA VAL F 76 6.89 65.85 31.51
C VAL F 76 5.50 66.33 31.08
N THR F 77 4.51 65.83 31.81
CA THR F 77 3.08 65.99 31.48
C THR F 77 2.60 67.41 31.74
N ALA F 78 1.44 67.74 31.16
CA ALA F 78 0.73 68.99 31.50
C ALA F 78 0.62 69.24 33.02
N GLU F 79 0.26 68.20 33.77
CA GLU F 79 0.18 68.32 35.25
C GLU F 79 1.52 68.58 35.96
N ARG F 80 2.59 67.90 35.55
CA ARG F 80 3.92 68.20 36.13
C ARG F 80 4.40 69.64 35.82
N ILE F 81 4.04 70.14 34.64
CA ILE F 81 4.36 71.52 34.25
C ILE F 81 3.62 72.55 35.13
N LYS F 82 2.31 72.33 35.35
CA LYS F 82 1.55 73.19 36.29
C LYS F 82 2.20 73.20 37.67
N LYS F 83 2.63 72.03 38.14
CA LYS F 83 3.27 71.91 39.45
C LYS F 83 4.68 72.52 39.59
N ALA F 84 5.38 72.71 38.47
CA ALA F 84 6.79 73.07 38.51
C ALA F 84 6.98 74.61 38.53
N LYS F 85 6.89 75.19 39.73
CA LYS F 85 6.84 76.65 39.94
C LYS F 85 8.12 77.43 39.56
N ASN F 86 9.30 76.79 39.66
CA ASN F 86 10.60 77.43 39.29
C ASN F 86 11.18 77.07 37.91
N LEU F 87 10.65 76.00 37.32
CA LEU F 87 11.16 75.52 36.02
C LEU F 87 11.18 76.56 34.88
N LYS F 88 12.37 76.73 34.29
CA LYS F 88 12.54 77.63 33.14
C LYS F 88 13.01 76.88 31.86
N LEU F 89 13.93 75.92 32.05
CA LEU F 89 14.65 75.24 30.93
C LEU F 89 14.53 73.70 30.96
N LEU F 90 14.11 73.12 29.84
CA LEU F 90 14.12 71.64 29.64
C LEU F 90 15.14 71.22 28.57
N LEU F 91 16.22 70.54 28.98
CA LEU F 91 17.26 70.06 28.04
C LEU F 91 17.14 68.55 27.80
N THR F 92 17.15 68.12 26.53
CA THR F 92 17.13 66.69 26.18
C THR F 92 18.56 66.22 25.80
N ALA F 93 19.18 65.36 26.62
CA ALA F 93 20.48 64.80 26.27
C ALA F 93 20.26 63.66 25.23
N GLY F 94 20.22 64.04 23.97
CA GLY F 94 19.86 63.09 22.91
C GLY F 94 19.02 63.91 21.97
N ILE F 95 18.17 63.24 21.22
CA ILE F 95 17.37 63.86 20.16
C ILE F 95 15.95 63.30 20.23
N GLY F 96 14.95 64.18 20.08
CA GLY F 96 13.53 63.79 20.16
C GLY F 96 13.00 64.14 21.56
N SER F 97 12.18 65.18 21.64
CA SER F 97 11.73 65.79 22.91
C SER F 97 10.24 65.51 23.24
N ASP F 98 9.68 64.48 22.58
CA ASP F 98 8.27 64.14 22.65
C ASP F 98 7.82 63.60 24.01
N HIS F 99 8.77 63.28 24.89
CA HIS F 99 8.41 62.84 26.24
C HIS F 99 7.90 64.01 27.13
N ILE F 100 8.05 65.23 26.61
CA ILE F 100 7.51 66.50 27.19
C ILE F 100 6.21 66.79 26.46
N ASP F 101 5.16 67.24 27.15
CA ASP F 101 4.00 67.80 26.44
C ASP F 101 4.42 69.14 25.83
N LEU F 102 4.89 69.08 24.60
CA LEU F 102 5.49 70.24 23.95
C LEU F 102 4.57 71.46 23.86
N GLN F 103 3.30 71.25 23.54
CA GLN F 103 2.33 72.35 23.50
C GLN F 103 2.03 72.93 24.91
N ALA F 104 1.84 72.07 25.91
CA ALA F 104 1.77 72.57 27.29
C ALA F 104 3.01 73.39 27.72
N ALA F 105 4.21 72.99 27.29
CA ALA F 105 5.44 73.69 27.66
C ALA F 105 5.51 75.06 26.96
N ALA F 106 5.09 75.09 25.70
CA ALA F 106 4.99 76.32 24.89
C ALA F 106 4.02 77.35 25.51
N ALA F 107 2.83 76.89 25.89
CA ALA F 107 1.80 77.75 26.52
C ALA F 107 2.24 78.35 27.88
N ALA F 108 3.10 77.62 28.59
CA ALA F 108 3.65 78.06 29.86
C ALA F 108 4.90 78.94 29.70
N GLY F 109 5.41 79.11 28.47
CA GLY F 109 6.60 79.93 28.26
C GLY F 109 7.92 79.23 28.56
N LEU F 110 7.96 77.89 28.54
CA LEU F 110 9.23 77.16 28.81
C LEU F 110 10.11 77.03 27.57
N THR F 111 11.42 76.97 27.76
CA THR F 111 12.34 76.68 26.66
C THR F 111 12.66 75.19 26.66
N VAL F 112 12.45 74.56 25.52
CA VAL F 112 12.80 73.15 25.29
C VAL F 112 13.83 73.04 24.14
N ALA F 113 15.01 72.48 24.45
CA ALA F 113 16.06 72.23 23.44
C ALA F 113 16.68 70.83 23.58
N GLU F 114 17.41 70.39 22.55
CA GLU F 114 18.02 69.05 22.47
C GLU F 114 19.32 69.13 21.62
N VAL F 115 20.18 68.12 21.71
CA VAL F 115 21.48 68.16 20.99
C VAL F 115 21.34 67.70 19.52
N THR F 116 20.79 68.57 18.67
CA THR F 116 20.52 68.22 17.28
C THR F 116 21.78 67.70 16.61
N GLY F 117 21.67 66.61 15.83
CA GLY F 117 22.82 66.05 15.13
C GLY F 117 23.72 65.07 15.93
N SER F 118 23.50 64.93 17.23
CA SER F 118 24.49 64.24 18.07
C SER F 118 24.58 62.71 17.89
N ASN F 119 23.52 62.08 17.41
CA ASN F 119 23.53 60.62 17.24
C ASN F 119 22.81 60.13 15.98
N VAL F 120 22.66 61.04 15.02
CA VAL F 120 22.01 60.72 13.76
C VAL F 120 22.77 59.64 12.95
N VAL F 121 24.12 59.67 12.97
CA VAL F 121 24.92 58.62 12.31
C VAL F 121 24.67 57.28 13.03
N SER F 122 24.65 57.31 14.37
CA SER F 122 24.45 56.10 15.16
C SER F 122 23.16 55.42 14.75
N VAL F 123 22.08 56.20 14.59
CA VAL F 123 20.77 55.59 14.23
C VAL F 123 20.72 55.12 12.76
N ALA F 124 21.30 55.89 11.83
CA ALA F 124 21.36 55.45 10.41
C ALA F 124 22.03 54.07 10.30
N GLU F 125 23.16 53.91 10.99
CA GLU F 125 23.86 52.61 11.01
C GLU F 125 22.96 51.50 11.57
N ASP F 126 22.31 51.74 12.72
CA ASP F 126 21.44 50.72 13.34
C ASP F 126 20.24 50.38 12.48
N GLU F 127 19.64 51.39 11.83
CA GLU F 127 18.56 51.13 10.85
C GLU F 127 18.96 50.22 9.66
N LEU F 128 20.09 50.54 9.03
CA LEU F 128 20.58 49.69 7.93
C LEU F 128 20.83 48.23 8.40
N MET F 129 21.46 48.06 9.57
CA MET F 129 21.63 46.75 10.20
C MET F 129 20.33 45.97 10.31
N ARG F 130 19.28 46.63 10.80
CA ARG F 130 17.94 45.97 10.92
C ARG F 130 17.25 45.71 9.57
N ILE F 131 17.42 46.57 8.58
CA ILE F 131 16.93 46.20 7.21
C ILE F 131 17.52 44.84 6.78
N LEU F 132 18.84 44.70 6.93
CA LEU F 132 19.51 43.41 6.60
C LEU F 132 19.06 42.23 7.47
N ILE F 133 19.01 42.42 8.80
CA ILE F 133 18.47 41.38 9.70
C ILE F 133 17.09 40.86 9.25
N LEU F 134 16.17 41.75 8.86
CA LEU F 134 14.83 41.32 8.46
C LEU F 134 14.82 40.67 7.07
N MET F 135 15.46 41.32 6.10
CA MET F 135 15.49 40.81 4.71
C MET F 135 16.17 39.43 4.62
N ARG F 136 17.30 39.29 5.30
CA ARG F 136 18.14 38.07 5.23
C ARG F 136 17.82 37.04 6.35
N ASN F 137 16.89 37.39 7.26
CA ASN F 137 16.33 36.42 8.21
C ASN F 137 17.36 35.93 9.25
N PHE F 138 18.12 36.87 9.80
CA PHE F 138 19.13 36.57 10.85
C PHE F 138 18.50 35.97 12.13
N VAL F 139 17.38 36.51 12.60
CA VAL F 139 16.86 36.12 13.94
C VAL F 139 16.48 34.63 14.03
N PRO F 140 15.72 34.10 13.02
CA PRO F 140 15.46 32.65 13.13
C PRO F 140 16.71 31.80 13.01
N GLY F 141 17.74 32.24 12.27
CA GLY F 141 18.98 31.50 12.27
C GLY F 141 19.63 31.46 13.67
N TYR F 142 19.66 32.61 14.35
CA TYR F 142 20.27 32.72 15.70
C TYR F 142 19.54 31.78 16.69
N ASN F 143 18.21 31.78 16.62
CA ASN F 143 17.36 30.92 17.50
C ASN F 143 17.54 29.42 17.24
N GLN F 144 17.73 28.99 15.98
CA GLN F 144 18.12 27.57 15.75
C GLN F 144 19.48 27.24 16.43
N VAL F 145 20.45 28.14 16.32
CA VAL F 145 21.80 27.88 16.88
C VAL F 145 21.63 27.69 18.43
N VAL F 146 20.95 28.61 19.12
CA VAL F 146 20.80 28.50 20.58
C VAL F 146 20.01 27.24 21.05
N LYS F 147 19.00 26.81 20.28
CA LYS F 147 18.22 25.60 20.59
C LYS F 147 18.87 24.26 20.21
N GLY F 148 20.09 24.30 19.70
CA GLY F 148 20.79 23.12 19.19
C GLY F 148 20.29 22.58 17.83
N GLU F 149 19.45 23.35 17.14
CA GLU F 149 18.88 22.96 15.83
C GLU F 149 19.78 23.16 14.62
N TRP F 150 19.45 22.49 13.52
CA TRP F 150 20.08 22.76 12.21
C TRP F 150 19.05 22.46 11.09
N ASN F 151 18.46 23.49 10.51
CA ASN F 151 17.47 23.31 9.42
C ASN F 151 17.60 24.47 8.41
N VAL F 152 18.54 24.35 7.47
CA VAL F 152 18.84 25.45 6.51
C VAL F 152 17.55 25.93 5.78
N ALA F 153 16.72 24.95 5.41
CA ALA F 153 15.47 25.24 4.69
C ALA F 153 14.50 26.15 5.41
N GLY F 154 14.43 26.02 6.74
CA GLY F 154 13.56 26.87 7.57
C GLY F 154 13.83 28.36 7.44
N ILE F 155 15.04 28.68 7.01
CA ILE F 155 15.48 30.07 6.82
C ILE F 155 15.55 30.39 5.34
N ALA F 156 16.05 29.44 4.53
CA ALA F 156 16.35 29.73 3.12
C ALA F 156 15.10 29.94 2.25
N TYR F 157 13.95 29.42 2.67
CA TYR F 157 12.71 29.55 1.87
C TYR F 157 12.18 30.99 1.83
N ARG F 158 12.55 31.81 2.82
CA ARG F 158 12.03 33.18 2.91
C ARG F 158 13.14 34.25 2.97
N ALA F 159 14.41 33.84 2.86
CA ALA F 159 15.50 34.83 2.90
C ALA F 159 15.85 35.35 1.49
N TYR F 160 16.08 36.67 1.39
CA TYR F 160 16.39 37.33 0.11
C TYR F 160 17.59 38.26 0.29
N ASP F 161 18.25 38.62 -0.82
CA ASP F 161 19.21 39.69 -0.80
C ASP F 161 18.51 41.04 -0.75
N LEU F 162 19.21 42.06 -0.26
CA LEU F 162 18.72 43.42 -0.22
C LEU F 162 18.80 44.03 -1.64
N GLU F 163 19.89 43.69 -2.31
CA GLU F 163 20.08 44.05 -3.73
C GLU F 163 18.77 43.94 -4.56
N GLY F 164 18.41 45.02 -5.24
CA GLY F 164 17.26 44.99 -6.16
C GLY F 164 15.91 45.30 -5.50
N LYS F 165 15.86 45.42 -4.17
CA LYS F 165 14.57 45.55 -3.48
C LYS F 165 14.14 47.01 -3.44
N THR F 166 12.83 47.30 -3.26
CA THR F 166 12.37 48.71 -3.13
C THR F 166 12.29 49.17 -1.65
N ILE F 167 13.05 50.20 -1.30
CA ILE F 167 13.12 50.68 0.07
C ILE F 167 12.62 52.11 0.14
N GLY F 168 11.66 52.37 1.04
CA GLY F 168 11.10 53.70 1.24
C GLY F 168 11.35 54.26 2.64
N THR F 169 11.97 55.43 2.73
CA THR F 169 12.09 56.10 4.03
C THR F 169 10.99 57.18 4.21
N VAL F 170 10.22 57.02 5.28
CA VAL F 170 9.15 57.94 5.65
C VAL F 170 9.76 59.01 6.52
N GLY F 171 10.16 60.12 5.91
CA GLY F 171 11.00 61.11 6.55
C GLY F 171 12.39 61.15 5.92
N ALA F 172 12.84 62.33 5.52
CA ALA F 172 14.21 62.49 5.05
C ALA F 172 14.86 63.72 5.63
N GLY F 173 15.02 63.73 6.96
CA GLY F 173 15.80 64.74 7.65
C GLY F 173 17.21 64.20 7.88
N ARG F 174 17.84 64.57 8.98
CA ARG F 174 19.24 64.20 9.18
C ARG F 174 19.45 62.68 9.11
N ILE F 175 18.69 61.92 9.89
CA ILE F 175 18.86 60.45 9.89
C ILE F 175 18.47 59.83 8.53
N GLY F 176 17.30 60.18 8.02
CA GLY F 176 16.86 59.71 6.70
C GLY F 176 17.92 59.89 5.60
N LYS F 177 18.57 61.06 5.52
CA LYS F 177 19.57 61.27 4.49
C LYS F 177 20.82 60.43 4.68
N LEU F 178 21.32 60.33 5.91
CA LEU F 178 22.47 59.46 6.23
C LEU F 178 22.18 58.00 5.90
N LEU F 179 20.91 57.56 6.09
CA LEU F 179 20.51 56.18 5.75
C LEU F 179 20.62 55.89 4.23
N LEU F 180 20.08 56.82 3.43
CA LEU F 180 20.09 56.71 1.98
C LEU F 180 21.52 56.69 1.43
N GLN F 181 22.40 57.51 2.00
CA GLN F 181 23.80 57.54 1.62
C GLN F 181 24.51 56.17 1.90
N ARG F 182 24.14 55.53 3.02
CA ARG F 182 24.68 54.21 3.34
C ARG F 182 24.03 53.09 2.48
N LEU F 183 22.79 53.30 2.01
CA LEU F 183 22.14 52.33 1.15
C LEU F 183 22.60 52.38 -0.33
N LYS F 184 23.10 53.55 -0.77
CA LYS F 184 23.60 53.75 -2.15
C LYS F 184 24.40 52.57 -2.72
N PRO F 185 25.47 52.09 -2.04
CA PRO F 185 26.26 50.98 -2.67
C PRO F 185 25.55 49.59 -2.74
N PHE F 186 24.33 49.47 -2.21
CA PHE F 186 23.69 48.19 -2.14
C PHE F 186 22.89 47.85 -3.42
N GLY F 187 22.64 48.86 -4.27
CA GLY F 187 22.00 48.58 -5.57
C GLY F 187 20.49 48.32 -5.43
N CYS F 188 19.83 49.18 -4.64
CA CYS F 188 18.39 49.10 -4.39
C CYS F 188 17.60 50.14 -5.22
N ASN F 189 16.29 50.01 -5.24
CA ASN F 189 15.40 51.07 -5.74
C ASN F 189 14.96 51.97 -4.55
N LEU F 190 15.59 53.13 -4.38
CA LEU F 190 15.33 53.97 -3.20
C LEU F 190 14.26 55.05 -3.45
N LEU F 191 13.23 55.05 -2.59
CA LEU F 191 12.17 56.08 -2.55
C LEU F 191 12.22 56.85 -1.20
N TYR F 192 11.75 58.09 -1.21
CA TYR F 192 11.53 58.87 0.04
C TYR F 192 10.30 59.78 -0.02
N HIS F 193 9.69 59.96 1.15
CA HIS F 193 8.58 60.92 1.38
C HIS F 193 8.97 61.85 2.50
N ASP F 194 8.69 63.14 2.33
CA ASP F 194 8.88 64.11 3.39
C ASP F 194 8.03 65.31 2.98
N ARG F 195 7.80 66.21 3.92
CA ARG F 195 7.13 67.47 3.61
C ARG F 195 8.12 68.36 2.86
N LEU F 196 9.42 68.13 3.06
CA LEU F 196 10.46 68.88 2.37
C LEU F 196 11.26 67.98 1.42
N GLN F 197 11.30 68.32 0.14
CA GLN F 197 12.14 67.61 -0.85
C GLN F 197 13.60 67.86 -0.53
N MET F 198 14.48 66.86 -0.67
CA MET F 198 15.95 67.12 -0.47
C MET F 198 16.52 67.95 -1.65
N ALA F 199 17.75 68.45 -1.51
CA ALA F 199 18.47 69.17 -2.61
C ALA F 199 18.69 68.26 -3.85
N PRO F 200 18.59 68.81 -5.08
CA PRO F 200 18.71 67.93 -6.27
C PRO F 200 20.03 67.12 -6.35
N GLU F 201 21.15 67.70 -5.91
CA GLU F 201 22.48 67.01 -5.90
C GLU F 201 22.48 65.75 -5.02
N LEU F 202 21.90 65.89 -3.82
CA LEU F 202 21.80 64.78 -2.87
C LEU F 202 20.90 63.68 -3.42
N GLU F 203 19.76 64.04 -4.03
CA GLU F 203 18.89 63.03 -4.66
C GLU F 203 19.63 62.25 -5.77
N LYS F 204 20.48 62.96 -6.51
CA LYS F 204 21.21 62.35 -7.62
C LYS F 204 22.33 61.46 -7.13
N GLU F 205 23.03 61.88 -6.07
CA GLU F 205 24.09 61.07 -5.46
C GLU F 205 23.58 59.73 -4.90
N THR F 206 22.40 59.76 -4.28
CA THR F 206 21.87 58.62 -3.55
C THR F 206 21.03 57.75 -4.45
N GLY F 207 20.53 58.35 -5.54
CA GLY F 207 19.60 57.72 -6.42
C GLY F 207 18.23 57.61 -5.79
N ALA F 208 17.99 58.36 -4.71
CA ALA F 208 16.66 58.33 -4.02
C ALA F 208 15.62 59.25 -4.71
N LYS F 209 14.41 58.71 -5.00
CA LYS F 209 13.34 59.44 -5.73
C LYS F 209 12.19 59.98 -4.83
N PHE F 210 11.92 61.30 -4.92
CA PHE F 210 10.87 62.00 -4.10
C PHE F 210 9.48 61.52 -4.46
N VAL F 211 8.71 61.10 -3.44
CA VAL F 211 7.30 60.77 -3.61
C VAL F 211 6.50 61.75 -2.73
N GLU F 212 5.87 62.74 -3.36
CA GLU F 212 5.16 63.82 -2.64
C GLU F 212 3.98 63.34 -1.79
N ASP F 213 3.21 62.38 -2.31
CA ASP F 213 2.03 61.84 -1.66
C ASP F 213 2.39 60.49 -1.04
N LEU F 214 2.25 60.40 0.28
CA LEU F 214 2.72 59.25 1.05
C LEU F 214 1.99 57.98 0.61
N ASN F 215 0.70 58.10 0.34
CA ASN F 215 -0.13 56.95 -0.05
C ASN F 215 0.27 56.34 -1.39
N GLU F 216 0.96 57.12 -2.21
CA GLU F 216 1.48 56.60 -3.48
C GLU F 216 2.77 55.78 -3.25
N MET F 217 3.61 56.20 -2.28
CA MET F 217 4.84 55.46 -1.94
C MET F 217 4.55 54.10 -1.32
N LEU F 218 3.64 54.04 -0.34
CA LEU F 218 3.50 52.86 0.54
C LEU F 218 3.38 51.48 -0.12
N PRO F 219 2.43 51.30 -1.07
CA PRO F 219 2.23 49.95 -1.59
C PRO F 219 3.45 49.42 -2.38
N LYS F 220 4.35 50.30 -2.82
CA LYS F 220 5.48 49.84 -3.66
C LYS F 220 6.70 49.31 -2.87
N CYS F 221 6.68 49.47 -1.55
CA CYS F 221 7.87 49.24 -0.72
C CYS F 221 7.99 47.81 -0.17
N ASP F 222 9.11 47.14 -0.45
CA ASP F 222 9.39 45.84 0.19
C ASP F 222 9.81 46.11 1.63
N VAL F 223 10.51 47.23 1.84
CA VAL F 223 10.91 47.70 3.18
C VAL F 223 10.46 49.14 3.42
N ILE F 224 9.98 49.39 4.64
CA ILE F 224 9.58 50.74 5.11
C ILE F 224 10.41 51.14 6.37
N VAL F 225 10.93 52.36 6.38
CA VAL F 225 11.75 52.86 7.50
C VAL F 225 11.16 54.20 8.00
N ILE F 226 10.82 54.23 9.29
CA ILE F 226 10.18 55.39 9.92
C ILE F 226 11.27 56.37 10.35
N ASN F 227 11.23 57.58 9.82
CA ASN F 227 12.29 58.56 10.09
C ASN F 227 11.78 60.00 10.31
N MET F 228 10.67 60.11 11.05
CA MET F 228 10.10 61.41 11.44
C MET F 228 10.10 61.55 12.98
N PRO F 229 9.99 62.78 13.53
CA PRO F 229 9.81 62.90 14.98
C PRO F 229 8.38 62.44 15.36
N LEU F 230 8.13 62.26 16.67
CA LEU F 230 6.74 62.02 17.14
C LEU F 230 6.13 63.42 17.37
N THR F 231 5.10 63.75 16.61
CA THR F 231 4.44 65.07 16.63
C THR F 231 2.91 64.84 16.74
N GLU F 232 2.13 65.89 16.97
CA GLU F 232 0.68 65.73 16.95
C GLU F 232 0.19 65.03 15.66
N LYS F 233 0.81 65.37 14.52
CA LYS F 233 0.40 64.76 13.24
C LYS F 233 0.86 63.31 13.03
N THR F 234 2.05 62.98 13.54
CA THR F 234 2.58 61.62 13.33
C THR F 234 2.16 60.61 14.40
N ARG F 235 1.75 61.10 15.57
CA ARG F 235 1.31 60.21 16.68
C ARG F 235 0.19 59.32 16.17
N GLY F 236 0.35 58.01 16.35
CA GLY F 236 -0.59 57.00 15.83
C GLY F 236 -0.89 56.93 14.32
N MET F 237 -0.06 57.56 13.49
CA MET F 237 -0.38 57.68 12.07
C MET F 237 -0.40 56.32 11.34
N PHE F 238 0.45 55.40 11.76
CA PHE F 238 0.39 54.00 11.29
C PHE F 238 -0.62 53.20 12.09
N ASN F 239 -1.88 53.40 11.71
CA ASN F 239 -3.04 52.69 12.28
C ASN F 239 -3.49 51.51 11.40
N LYS F 240 -4.63 50.91 11.72
CA LYS F 240 -5.09 49.71 11.01
C LYS F 240 -5.24 49.96 9.51
N GLU F 241 -5.83 51.11 9.14
CA GLU F 241 -6.07 51.45 7.76
C GLU F 241 -4.78 51.69 6.97
N LEU F 242 -3.87 52.50 7.54
CA LEU F 242 -2.60 52.82 6.85
C LEU F 242 -1.71 51.59 6.67
N ILE F 243 -1.63 50.77 7.70
CA ILE F 243 -0.91 49.48 7.62
C ILE F 243 -1.45 48.56 6.51
N GLY F 244 -2.76 48.66 6.24
CA GLY F 244 -3.42 47.86 5.20
C GLY F 244 -3.06 48.34 3.81
N LYS F 245 -2.65 49.58 3.71
CA LYS F 245 -2.19 50.14 2.43
C LYS F 245 -0.77 49.67 2.04
N LEU F 246 -0.04 49.11 3.01
CA LEU F 246 1.31 48.54 2.77
C LEU F 246 1.25 47.23 1.97
N LYS F 247 2.32 46.93 1.24
CA LYS F 247 2.49 45.64 0.56
C LYS F 247 2.42 44.48 1.53
N LYS F 248 1.79 43.41 1.09
CA LYS F 248 1.72 42.19 1.86
C LYS F 248 3.13 41.64 2.11
N GLY F 249 3.45 41.43 3.38
CA GLY F 249 4.76 40.90 3.79
C GLY F 249 5.82 41.97 3.98
N VAL F 250 5.42 43.25 3.97
CA VAL F 250 6.29 44.41 4.23
C VAL F 250 7.16 44.21 5.47
N LEU F 251 8.39 44.72 5.40
CA LEU F 251 9.32 44.65 6.52
C LEU F 251 9.46 46.07 7.05
N ILE F 252 9.29 46.25 8.35
CA ILE F 252 9.29 47.61 8.89
C ILE F 252 10.42 47.81 9.85
N VAL F 253 11.17 48.88 9.68
CA VAL F 253 12.21 49.27 10.66
C VAL F 253 11.75 50.57 11.28
N ASN F 254 11.78 50.65 12.62
CA ASN F 254 11.37 51.84 13.35
C ASN F 254 12.24 52.10 14.57
N ASN F 255 13.29 52.92 14.39
CA ASN F 255 14.14 53.49 15.47
C ASN F 255 13.82 54.96 15.68
N ALA F 256 12.64 55.38 15.19
CA ALA F 256 12.15 56.75 15.37
C ALA F 256 11.44 56.90 16.73
N ARG F 257 10.13 56.62 16.80
CA ARG F 257 9.43 56.57 18.10
C ARG F 257 8.35 55.50 18.04
N GLY F 258 8.22 54.76 19.13
CA GLY F 258 7.21 53.72 19.23
C GLY F 258 5.79 54.15 18.86
N ALA F 259 5.33 55.29 19.41
CA ALA F 259 3.92 55.71 19.27
C ALA F 259 3.50 56.29 17.90
N ILE F 260 4.45 56.41 16.98
CA ILE F 260 4.15 56.67 15.58
C ILE F 260 3.28 55.51 15.05
N MET F 261 3.49 54.32 15.61
CA MET F 261 2.65 53.13 15.32
C MET F 261 1.57 52.99 16.42
N GLU F 262 0.37 52.57 16.00
CA GLU F 262 -0.66 52.10 16.96
C GLU F 262 -0.22 50.71 17.41
N ARG F 263 -0.02 50.55 18.71
CA ARG F 263 0.57 49.32 19.25
C ARG F 263 -0.12 48.03 18.82
N GLN F 264 -1.43 47.92 19.04
CA GLN F 264 -2.19 46.70 18.73
C GLN F 264 -2.38 46.45 17.22
N ALA F 265 -2.51 47.50 16.41
CA ALA F 265 -2.58 47.35 14.93
C ALA F 265 -1.28 46.75 14.34
N VAL F 266 -0.14 46.99 15.00
CA VAL F 266 1.12 46.29 14.64
C VAL F 266 1.04 44.81 15.02
N VAL F 267 0.75 44.50 16.29
CA VAL F 267 0.55 43.09 16.72
C VAL F 267 -0.42 42.34 15.80
N ASP F 268 -1.57 42.95 15.50
CA ASP F 268 -2.56 42.28 14.63
C ASP F 268 -2.01 41.99 13.24
N ALA F 269 -1.38 42.99 12.63
CA ALA F 269 -0.88 42.82 11.25
C ALA F 269 0.35 41.90 11.14
N VAL F 270 1.16 41.82 12.20
CA VAL F 270 2.22 40.80 12.32
C VAL F 270 1.63 39.38 12.45
N GLU F 271 0.60 39.20 13.29
CA GLU F 271 -0.01 37.86 13.46
C GLU F 271 -0.72 37.33 12.21
N SER F 272 -1.25 38.23 11.37
CA SER F 272 -1.87 37.82 10.12
C SER F 272 -0.87 37.64 8.97
N GLY F 273 0.38 38.09 9.14
CA GLY F 273 1.37 38.00 8.05
C GLY F 273 1.38 39.19 7.10
N HIS F 274 0.41 40.09 7.23
CA HIS F 274 0.46 41.28 6.39
C HIS F 274 1.77 42.11 6.57
N ILE F 275 2.23 42.19 7.83
CA ILE F 275 3.61 42.62 8.15
C ILE F 275 4.49 41.37 8.29
N GLY F 276 5.54 41.29 7.47
CA GLY F 276 6.37 40.09 7.44
C GLY F 276 7.36 40.12 8.60
N GLY F 277 7.75 41.32 9.03
CA GLY F 277 8.66 41.46 10.16
C GLY F 277 8.75 42.91 10.62
N TYR F 278 8.96 43.10 11.93
CA TYR F 278 9.06 44.44 12.49
C TYR F 278 10.30 44.49 13.43
N SER F 279 11.08 45.58 13.37
CA SER F 279 12.36 45.71 14.09
C SER F 279 12.59 47.16 14.49
N GLY F 280 12.85 47.39 15.77
CA GLY F 280 13.26 48.72 16.25
C GLY F 280 13.75 48.70 17.70
N ASP F 281 14.21 49.86 18.16
CA ASP F 281 14.70 49.97 19.52
C ASP F 281 13.81 50.83 20.45
N VAL F 282 12.71 51.39 19.90
CA VAL F 282 11.87 52.40 20.56
C VAL F 282 10.42 51.87 20.82
N TRP F 283 9.89 52.18 22.01
CA TRP F 283 8.64 51.59 22.52
C TRP F 283 7.72 52.63 23.15
N ASP F 284 6.44 52.29 23.31
CA ASP F 284 5.51 53.11 24.16
C ASP F 284 4.94 52.22 25.27
N PRO F 285 5.22 52.50 26.59
CA PRO F 285 6.11 53.50 27.21
C PRO F 285 7.52 52.95 27.31
N GLN F 286 8.41 53.69 27.96
CA GLN F 286 9.76 53.21 28.25
C GLN F 286 10.10 53.60 29.68
N PRO F 287 10.65 52.65 30.46
CA PRO F 287 11.00 51.27 30.08
C PRO F 287 9.80 50.47 29.61
N ALA F 288 9.96 49.57 28.63
CA ALA F 288 8.85 48.73 28.19
C ALA F 288 8.51 47.71 29.27
N PRO F 289 7.21 47.55 29.59
CA PRO F 289 6.88 46.57 30.65
C PRO F 289 7.15 45.10 30.21
N LYS F 290 7.54 44.27 31.18
CA LYS F 290 7.69 42.81 30.98
C LYS F 290 6.65 42.18 30.04
N ASP F 291 5.40 42.65 30.10
CA ASP F 291 4.35 42.10 29.23
C ASP F 291 4.06 42.91 27.93
N HIS F 292 4.97 43.81 27.55
CA HIS F 292 4.75 44.51 26.29
C HIS F 292 4.60 43.46 25.15
N PRO F 293 3.50 43.49 24.37
CA PRO F 293 3.19 42.47 23.32
C PRO F 293 4.16 42.43 22.09
N TRP F 294 4.81 43.57 21.81
CA TRP F 294 5.83 43.63 20.78
C TRP F 294 7.01 42.71 21.13
N ARG F 295 7.21 42.39 22.41
CA ARG F 295 8.27 41.45 22.82
C ARG F 295 8.06 40.00 22.31
N TYR F 296 6.79 39.64 22.10
CA TYR F 296 6.41 38.22 21.94
C TYR F 296 5.70 37.90 20.61
N MET F 297 5.39 38.91 19.79
CA MET F 297 4.76 38.70 18.49
C MET F 297 5.69 37.96 17.52
N PRO F 298 5.11 37.24 16.52
CA PRO F 298 5.94 36.50 15.55
C PRO F 298 6.93 37.42 14.82
N ASN F 299 8.15 36.94 14.58
CA ASN F 299 9.13 37.62 13.67
C ASN F 299 9.73 38.94 14.13
N GLN F 300 9.43 39.37 15.37
CA GLN F 300 10.01 40.60 15.96
C GLN F 300 11.53 40.54 16.04
N ALA F 301 12.20 41.66 15.77
CA ALA F 301 13.65 41.73 15.98
C ALA F 301 13.96 43.01 16.77
N MET F 302 13.35 43.05 17.97
CA MET F 302 13.39 44.26 18.80
C MET F 302 14.62 44.28 19.69
N THR F 303 15.03 45.47 20.13
CA THR F 303 15.90 45.62 21.32
C THR F 303 15.33 46.70 22.27
N PRO F 304 15.87 46.81 23.50
CA PRO F 304 15.59 48.03 24.29
C PRO F 304 16.23 49.28 23.60
N HIS F 305 15.93 50.47 24.09
CA HIS F 305 16.32 51.73 23.42
C HIS F 305 17.80 52.02 23.56
N THR F 306 18.57 51.57 22.56
CA THR F 306 20.02 51.61 22.65
C THR F 306 20.76 52.35 21.51
N SER F 307 20.13 52.57 20.36
CA SER F 307 20.91 52.95 19.16
C SER F 307 21.48 54.38 19.27
N GLY F 308 20.71 55.30 19.84
CA GLY F 308 21.19 56.66 20.07
C GLY F 308 22.08 56.82 21.31
N THR F 309 22.38 55.72 22.01
CA THR F 309 23.22 55.79 23.24
C THR F 309 24.43 54.86 23.26
N THR F 310 25.01 54.64 22.07
CA THR F 310 26.35 54.00 21.99
C THR F 310 27.35 54.92 22.71
N ILE F 311 28.53 54.41 23.10
CA ILE F 311 29.54 55.25 23.78
C ILE F 311 29.93 56.49 22.95
N ASP F 312 29.95 56.36 21.61
CA ASP F 312 30.42 57.45 20.74
C ASP F 312 29.36 58.56 20.71
N ALA F 313 28.09 58.18 20.69
CA ALA F 313 26.98 59.16 20.80
C ALA F 313 26.91 59.86 22.15
N GLN F 314 27.16 59.14 23.25
CA GLN F 314 27.09 59.72 24.61
C GLN F 314 28.12 60.87 24.77
N LEU F 315 29.35 60.66 24.28
CA LEU F 315 30.37 61.71 24.29
C LEU F 315 29.85 63.00 23.64
N ARG F 316 29.18 62.88 22.49
CA ARG F 316 28.69 64.05 21.78
C ARG F 316 27.47 64.71 22.45
N TYR F 317 26.50 63.92 22.91
CA TYR F 317 25.32 64.62 23.50
C TYR F 317 25.62 65.18 24.89
N ALA F 318 26.62 64.59 25.56
CA ALA F 318 27.10 65.17 26.81
C ALA F 318 27.81 66.51 26.60
N ALA F 319 28.67 66.63 25.57
CA ALA F 319 29.34 67.92 25.25
C ALA F 319 28.35 68.98 24.81
N GLY F 320 27.39 68.61 23.99
CA GLY F 320 26.34 69.53 23.60
C GLY F 320 25.47 70.01 24.76
N THR F 321 25.24 69.15 25.75
CA THR F 321 24.46 69.59 26.92
C THR F 321 25.23 70.60 27.79
N LYS F 322 26.53 70.36 27.97
CA LYS F 322 27.37 71.18 28.80
C LYS F 322 27.47 72.53 28.13
N ASP F 323 27.63 72.50 26.81
CA ASP F 323 27.66 73.72 26.01
C ASP F 323 26.42 74.60 26.19
N MET F 324 25.23 74.03 26.06
CA MET F 324 24.01 74.80 26.23
C MET F 324 23.84 75.34 27.65
N LEU F 325 24.32 74.59 28.64
CA LEU F 325 24.26 75.04 30.03
C LEU F 325 25.20 76.25 30.24
N GLU F 326 26.41 76.17 29.67
CA GLU F 326 27.34 77.31 29.56
C GLU F 326 26.69 78.55 28.97
N ARG F 327 26.16 78.46 27.75
CA ARG F 327 25.38 79.54 27.15
C ARG F 327 24.20 80.03 28.00
N TYR F 328 23.47 79.11 28.64
CA TYR F 328 22.35 79.49 29.49
C TYR F 328 22.74 80.43 30.63
N PHE F 329 23.72 80.03 31.43
CA PHE F 329 24.18 80.82 32.56
C PHE F 329 24.79 82.18 32.15
N LYS F 330 25.09 82.37 30.86
CA LYS F 330 25.63 83.65 30.36
C LYS F 330 24.56 84.44 29.62
N GLY F 331 23.32 83.97 29.64
CA GLY F 331 22.29 84.55 28.80
C GLY F 331 22.54 84.61 27.29
N GLU F 332 23.24 83.62 26.70
CA GLU F 332 23.42 83.56 25.24
C GLU F 332 22.54 82.49 24.60
N ASP F 333 22.07 82.77 23.38
CA ASP F 333 21.28 81.80 22.60
C ASP F 333 22.04 80.50 22.26
N PHE F 334 21.32 79.39 22.25
CA PHE F 334 21.83 78.10 21.81
C PHE F 334 21.94 78.09 20.28
N PRO F 335 22.72 77.14 19.70
CA PRO F 335 22.67 76.99 18.24
C PRO F 335 21.21 76.92 17.79
N THR F 336 20.89 77.66 16.74
CA THR F 336 19.49 77.82 16.36
C THR F 336 18.75 76.46 16.16
N GLU F 337 19.49 75.43 15.72
CA GLU F 337 18.87 74.13 15.34
C GLU F 337 18.59 73.21 16.56
N ASN F 338 19.15 73.59 17.71
CA ASN F 338 18.91 72.91 19.00
C ASN F 338 17.51 73.18 19.60
N TYR F 339 16.90 74.31 19.22
CA TYR F 339 15.65 74.75 19.82
C TYR F 339 14.43 73.94 19.33
N ILE F 340 13.64 73.39 20.26
CA ILE F 340 12.35 72.70 19.93
C ILE F 340 11.17 73.58 20.32
N VAL F 341 11.29 74.26 21.47
CA VAL F 341 10.32 75.30 21.88
C VAL F 341 11.09 76.53 22.32
N LYS F 342 10.87 77.64 21.63
CA LYS F 342 11.52 78.93 22.00
C LYS F 342 10.52 80.05 21.85
N ASP F 343 10.46 80.92 22.88
CA ASP F 343 9.53 82.05 22.95
C ASP F 343 8.10 81.61 22.58
N GLY F 344 7.64 80.54 23.24
CA GLY F 344 6.29 79.99 23.06
C GLY F 344 5.96 79.40 21.68
N GLU F 345 7.00 79.14 20.86
CA GLU F 345 6.85 78.66 19.49
C GLU F 345 7.51 77.25 19.28
N LEU F 346 6.81 76.32 18.64
CA LEU F 346 7.36 74.99 18.27
C LEU F 346 8.16 74.98 16.97
N ALA F 347 9.29 74.26 16.97
CA ALA F 347 10.12 74.07 15.75
C ALA F 347 9.31 73.54 14.56
N PRO F 348 9.60 74.01 13.33
CA PRO F 348 8.79 73.65 12.15
C PRO F 348 8.55 72.13 11.93
N GLN F 349 9.57 71.31 12.25
CA GLN F 349 9.53 69.84 12.06
C GLN F 349 8.59 69.13 13.06
N TYR F 350 8.18 69.84 14.13
CA TYR F 350 7.12 69.33 15.04
C TYR F 350 5.69 69.87 14.70
N ARG F 351 5.61 70.89 13.84
CA ARG F 351 4.33 71.59 13.53
C ARG F 351 3.55 70.77 12.51
N ASP G 1 -2.97 -6.34 -105.81
CA ASP G 1 -3.12 -4.85 -105.74
C ASP G 1 -4.02 -4.40 -104.58
N SER G 2 -5.00 -5.24 -104.24
CA SER G 2 -5.90 -5.01 -103.12
C SER G 2 -5.17 -5.05 -101.74
N LYS G 3 -5.45 -4.05 -100.90
CA LYS G 3 -4.73 -3.92 -99.63
C LYS G 3 -5.60 -4.16 -98.38
N LYS G 4 -4.90 -4.51 -97.31
CA LYS G 4 -5.44 -4.73 -95.98
C LYS G 4 -4.97 -3.54 -95.09
N ILE G 5 -5.91 -2.67 -94.78
CA ILE G 5 -5.61 -1.42 -94.07
C ILE G 5 -6.24 -1.45 -92.69
N VAL G 6 -5.42 -1.16 -91.67
CA VAL G 6 -5.93 -1.05 -90.28
C VAL G 6 -5.83 0.39 -89.78
N GLY G 7 -6.94 0.86 -89.20
CA GLY G 7 -7.03 2.14 -88.48
C GLY G 7 -7.13 1.93 -86.97
N VAL G 8 -6.24 2.57 -86.21
CA VAL G 8 -6.39 2.66 -84.72
C VAL G 8 -6.67 4.12 -84.30
N PHE G 9 -7.94 4.40 -83.92
CA PHE G 9 -8.44 5.77 -83.52
C PHE G 9 -9.09 5.62 -82.15
N TYR G 10 -9.48 6.74 -81.51
CA TYR G 10 -10.25 6.66 -80.23
C TYR G 10 -11.73 6.36 -80.48
N LYS G 11 -12.40 5.73 -79.51
CA LYS G 11 -13.79 5.28 -79.66
C LYS G 11 -14.76 6.34 -79.16
N ALA G 12 -15.88 6.58 -79.86
CA ALA G 12 -16.77 7.67 -79.48
C ALA G 12 -18.12 7.23 -78.90
N ASN G 13 -18.50 5.97 -79.15
CA ASN G 13 -19.79 5.49 -78.69
C ASN G 13 -20.89 6.47 -79.08
N GLU G 14 -21.69 6.91 -78.10
CA GLU G 14 -22.81 7.82 -78.37
C GLU G 14 -22.40 9.20 -78.89
N TYR G 15 -21.12 9.57 -78.74
CA TYR G 15 -20.69 10.90 -79.25
C TYR G 15 -20.57 10.96 -80.80
N ALA G 16 -20.38 9.80 -81.44
CA ALA G 16 -20.11 9.68 -82.88
C ALA G 16 -21.19 10.24 -83.81
N THR G 17 -22.45 10.11 -83.38
CA THR G 17 -23.60 10.52 -84.20
C THR G 17 -23.94 11.99 -83.96
N LYS G 18 -23.16 12.65 -83.12
CA LYS G 18 -23.50 14.02 -82.68
C LYS G 18 -22.97 15.14 -83.60
N ASN G 19 -22.09 14.79 -84.53
CA ASN G 19 -21.52 15.76 -85.51
C ASN G 19 -21.09 14.99 -86.77
N PRO G 20 -21.66 15.31 -87.96
CA PRO G 20 -21.23 14.59 -89.18
C PRO G 20 -19.76 14.88 -89.62
N ASN G 21 -19.17 15.96 -89.09
CA ASN G 21 -17.76 16.25 -89.36
C ASN G 21 -16.77 15.66 -88.32
N PHE G 22 -17.31 14.83 -87.42
CA PHE G 22 -16.54 14.20 -86.34
C PHE G 22 -15.81 12.99 -86.90
N LEU G 23 -14.77 13.27 -87.69
CA LEU G 23 -14.07 12.22 -88.45
C LEU G 23 -12.96 11.48 -87.67
N GLY G 24 -12.45 12.04 -86.57
CA GLY G 24 -11.27 11.39 -85.89
C GLY G 24 -11.52 10.12 -85.07
N CYS G 25 -12.79 9.71 -84.92
CA CYS G 25 -13.14 8.55 -84.07
C CYS G 25 -13.25 7.22 -84.86
N VAL G 26 -13.26 6.09 -84.13
CA VAL G 26 -13.47 4.77 -84.72
C VAL G 26 -14.72 4.72 -85.64
N GLU G 27 -15.87 5.10 -85.11
CA GLU G 27 -17.15 4.95 -85.83
C GLU G 27 -17.19 5.65 -87.22
N ASN G 28 -16.54 6.82 -87.34
CA ASN G 28 -16.54 7.58 -88.60
C ASN G 28 -15.29 7.36 -89.45
N ALA G 29 -14.22 6.88 -88.80
CA ALA G 29 -13.00 6.37 -89.45
C ALA G 29 -12.35 7.25 -90.55
N LEU G 30 -12.29 8.56 -90.26
CA LEU G 30 -11.67 9.59 -91.16
C LEU G 30 -12.53 9.83 -92.41
N GLY G 31 -13.75 9.27 -92.38
CA GLY G 31 -14.76 9.39 -93.46
C GLY G 31 -14.38 8.61 -94.72
N ILE G 32 -13.36 7.75 -94.65
CA ILE G 32 -12.88 7.09 -95.87
C ILE G 32 -13.33 5.64 -96.09
N ARG G 33 -14.22 5.10 -95.26
CA ARG G 33 -14.53 3.67 -95.39
C ARG G 33 -15.11 3.32 -96.82
N ASP G 34 -16.20 3.95 -97.22
CA ASP G 34 -16.80 3.65 -98.54
C ASP G 34 -15.78 3.82 -99.65
N TRP G 35 -14.98 4.90 -99.58
CA TRP G 35 -13.91 5.13 -100.56
C TRP G 35 -12.88 3.97 -100.69
N LEU G 36 -12.35 3.47 -99.56
CA LEU G 36 -11.41 2.36 -99.61
C LEU G 36 -12.08 1.07 -100.08
N GLU G 37 -13.22 0.71 -99.47
CA GLU G 37 -13.87 -0.59 -99.74
C GLU G 37 -14.41 -0.66 -101.20
N SER G 38 -14.88 0.47 -101.75
CA SER G 38 -15.35 0.51 -103.13
C SER G 38 -14.26 0.20 -104.13
N GLN G 39 -13.00 0.40 -103.74
CA GLN G 39 -11.86 0.15 -104.62
C GLN G 39 -11.25 -1.23 -104.40
N GLY G 40 -11.91 -2.04 -103.57
CA GLY G 40 -11.42 -3.41 -103.29
C GLY G 40 -10.50 -3.59 -102.08
N HIS G 41 -10.25 -2.52 -101.30
CA HIS G 41 -9.40 -2.66 -100.12
C HIS G 41 -10.18 -3.09 -98.86
N GLN G 42 -9.51 -3.75 -97.93
CA GLN G 42 -10.14 -4.13 -96.69
C GLN G 42 -9.74 -3.11 -95.59
N TYR G 43 -10.71 -2.70 -94.77
CA TYR G 43 -10.50 -1.62 -93.79
C TYR G 43 -10.94 -2.08 -92.41
N ILE G 44 -9.98 -2.36 -91.52
CA ILE G 44 -10.36 -2.81 -90.17
C ILE G 44 -10.05 -1.71 -89.15
N VAL G 45 -11.07 -1.25 -88.42
CA VAL G 45 -10.90 -0.09 -87.54
C VAL G 45 -11.20 -0.47 -86.09
N THR G 46 -10.31 -0.10 -85.16
CA THR G 46 -10.45 -0.46 -83.72
C THR G 46 -9.82 0.60 -82.78
N ASP G 47 -10.26 0.63 -81.52
CA ASP G 47 -9.49 1.36 -80.47
C ASP G 47 -8.69 0.43 -79.55
N ASP G 48 -8.73 -0.89 -79.83
CA ASP G 48 -8.27 -1.95 -78.93
C ASP G 48 -6.80 -2.26 -79.19
N LYS G 49 -5.90 -1.58 -78.50
CA LYS G 49 -4.48 -1.55 -78.93
C LYS G 49 -3.43 -2.05 -77.92
N GLU G 50 -3.84 -2.39 -76.68
CA GLU G 50 -2.84 -2.77 -75.65
C GLU G 50 -2.65 -4.31 -75.56
N GLY G 51 -1.41 -4.76 -75.58
CA GLY G 51 -1.11 -6.17 -75.28
C GLY G 51 -1.19 -7.24 -76.36
N PRO G 52 -0.81 -8.49 -76.01
CA PRO G 52 -0.71 -9.59 -76.98
C PRO G 52 -2.06 -10.08 -77.50
N ASP G 53 -3.13 -9.82 -76.76
CA ASP G 53 -4.47 -10.35 -77.10
C ASP G 53 -5.49 -9.29 -77.59
N CYS G 54 -5.03 -8.10 -78.00
CA CYS G 54 -5.99 -7.04 -78.45
C CYS G 54 -6.31 -7.21 -79.95
N GLU G 55 -7.37 -6.55 -80.41
CA GLU G 55 -7.77 -6.64 -81.82
C GLU G 55 -6.64 -6.23 -82.79
N LEU G 56 -5.90 -5.16 -82.47
CA LEU G 56 -4.74 -4.73 -83.27
C LEU G 56 -3.73 -5.85 -83.51
N GLU G 57 -3.32 -6.49 -82.42
CA GLU G 57 -2.35 -7.61 -82.46
C GLU G 57 -2.76 -8.76 -83.41
N LYS G 58 -4.06 -9.08 -83.44
CA LYS G 58 -4.60 -10.08 -84.39
C LYS G 58 -4.24 -9.78 -85.85
N HIS G 59 -4.15 -8.50 -86.20
CA HIS G 59 -3.93 -8.11 -87.61
C HIS G 59 -2.51 -7.73 -87.98
N ILE G 60 -1.66 -7.57 -86.97
CA ILE G 60 -0.27 -7.20 -87.16
C ILE G 60 0.50 -8.10 -88.15
N PRO G 61 0.29 -9.46 -88.11
CA PRO G 61 1.04 -10.33 -89.04
C PRO G 61 0.77 -10.11 -90.55
N ASP G 62 -0.42 -9.63 -90.91
CA ASP G 62 -0.76 -9.55 -92.34
C ASP G 62 -1.23 -8.21 -92.94
N LEU G 63 -1.39 -7.17 -92.11
CA LEU G 63 -1.78 -5.82 -92.63
C LEU G 63 -0.67 -5.25 -93.52
N HIS G 64 -1.06 -4.43 -94.51
CA HIS G 64 -0.10 -3.70 -95.39
C HIS G 64 0.17 -2.25 -94.98
N VAL G 65 -0.86 -1.61 -94.41
CA VAL G 65 -0.83 -0.19 -94.01
C VAL G 65 -1.45 -0.10 -92.62
N LEU G 66 -0.76 0.64 -91.77
CA LEU G 66 -1.31 1.03 -90.47
C LEU G 66 -1.47 2.54 -90.37
N ILE G 67 -2.73 2.96 -90.19
CA ILE G 67 -3.06 4.34 -89.90
C ILE G 67 -3.28 4.49 -88.38
N SER G 68 -2.45 5.32 -87.78
CA SER G 68 -2.50 5.61 -86.32
C SER G 68 -2.94 7.06 -86.09
N THR G 69 -3.13 7.48 -84.84
CA THR G 69 -3.49 8.85 -84.54
C THR G 69 -2.89 9.19 -83.13
N PRO G 70 -2.18 10.33 -83.01
CA PRO G 70 -1.50 10.57 -81.69
C PRO G 70 -2.42 10.60 -80.45
N PHE G 71 -3.68 11.04 -80.62
CA PHE G 71 -4.64 11.15 -79.50
C PHE G 71 -5.02 9.80 -78.86
N HIS G 72 -4.88 8.71 -79.62
CA HIS G 72 -5.09 7.35 -79.08
C HIS G 72 -4.07 6.44 -79.78
N PRO G 73 -2.80 6.54 -79.34
CA PRO G 73 -1.68 6.09 -80.16
C PRO G 73 -1.36 4.55 -80.08
N ALA G 74 -1.40 3.88 -81.23
CA ALA G 74 -0.84 2.52 -81.34
C ALA G 74 0.66 2.53 -81.13
N TYR G 75 1.14 1.84 -80.08
CA TYR G 75 2.59 1.83 -79.82
C TYR G 75 3.27 0.76 -80.68
N VAL G 76 4.01 1.21 -81.70
CA VAL G 76 4.54 0.32 -82.72
C VAL G 76 5.99 0.03 -82.42
N THR G 77 6.17 -0.96 -81.57
CA THR G 77 7.47 -1.32 -80.99
C THR G 77 8.35 -2.09 -81.99
N ALA G 78 9.62 -2.28 -81.63
CA ALA G 78 10.52 -3.09 -82.45
C ALA G 78 10.01 -4.52 -82.56
N GLU G 79 9.51 -5.07 -81.46
CA GLU G 79 8.84 -6.40 -81.46
C GLU G 79 7.63 -6.48 -82.43
N ARG G 80 6.70 -5.50 -82.37
CA ARG G 80 5.62 -5.45 -83.40
C ARG G 80 6.08 -5.34 -84.87
N ILE G 81 7.10 -4.51 -85.15
CA ILE G 81 7.63 -4.33 -86.51
C ILE G 81 8.13 -5.68 -87.06
N LYS G 82 8.93 -6.35 -86.24
CA LYS G 82 9.47 -7.66 -86.60
C LYS G 82 8.33 -8.64 -86.94
N LYS G 83 7.23 -8.60 -86.19
CA LYS G 83 6.08 -9.45 -86.47
C LYS G 83 5.28 -9.09 -87.76
N ALA G 84 5.36 -7.83 -88.19
CA ALA G 84 4.47 -7.34 -89.23
C ALA G 84 5.08 -7.65 -90.61
N LYS G 85 4.83 -8.88 -91.08
CA LYS G 85 5.51 -9.44 -92.26
C LYS G 85 5.06 -8.77 -93.57
N ASN G 86 3.82 -8.30 -93.61
CA ASN G 86 3.31 -7.61 -94.82
C ASN G 86 3.40 -6.06 -94.76
N LEU G 87 3.70 -5.50 -93.59
CA LEU G 87 3.68 -4.03 -93.41
C LEU G 87 4.64 -3.29 -94.34
N LYS G 88 4.14 -2.29 -95.08
CA LYS G 88 4.98 -1.30 -95.82
C LYS G 88 4.85 0.16 -95.35
N LEU G 89 3.63 0.58 -95.04
CA LEU G 89 3.30 2.01 -94.84
C LEU G 89 2.70 2.28 -93.46
N LEU G 90 3.32 3.21 -92.75
CA LEU G 90 2.77 3.72 -91.50
C LEU G 90 2.36 5.19 -91.69
N LEU G 91 1.05 5.47 -91.58
CA LEU G 91 0.54 6.84 -91.73
C LEU G 91 0.03 7.35 -90.39
N THR G 92 0.47 8.55 -90.02
CA THR G 92 -0.02 9.26 -88.82
C THR G 92 -1.11 10.30 -89.19
N ALA G 93 -2.33 10.07 -88.71
CA ALA G 93 -3.41 11.02 -88.95
C ALA G 93 -3.32 12.10 -87.84
N GLY G 94 -2.58 13.17 -88.13
CA GLY G 94 -2.18 14.17 -87.12
C GLY G 94 -0.70 14.49 -87.31
N ILE G 95 -0.07 15.01 -86.26
CA ILE G 95 1.38 15.39 -86.31
C ILE G 95 2.13 14.77 -85.10
N GLY G 96 3.28 14.15 -85.39
CA GLY G 96 4.17 13.52 -84.42
C GLY G 96 4.07 12.03 -84.46
N SER G 97 5.16 11.37 -84.83
CA SER G 97 5.15 9.92 -85.11
C SER G 97 6.06 9.11 -84.13
N ASP G 98 6.42 9.75 -83.01
CA ASP G 98 7.22 9.19 -81.91
C ASP G 98 6.59 7.95 -81.26
N HIS G 99 5.29 7.69 -81.48
CA HIS G 99 4.67 6.43 -80.94
C HIS G 99 5.12 5.18 -81.71
N ILE G 100 5.84 5.40 -82.83
CA ILE G 100 6.50 4.36 -83.62
C ILE G 100 7.98 4.30 -83.15
N ASP G 101 8.58 3.11 -83.04
CA ASP G 101 10.04 3.00 -82.92
C ASP G 101 10.66 3.39 -84.26
N LEU G 102 11.06 4.65 -84.39
CA LEU G 102 11.33 5.16 -85.72
C LEU G 102 12.64 4.61 -86.23
N GLN G 103 13.61 4.40 -85.35
CA GLN G 103 14.90 3.84 -85.76
C GLN G 103 14.77 2.37 -86.22
N ALA G 104 13.98 1.57 -85.49
CA ALA G 104 13.63 0.22 -85.95
C ALA G 104 12.84 0.23 -87.28
N ALA G 105 12.00 1.26 -87.50
CA ALA G 105 11.24 1.30 -88.75
C ALA G 105 12.18 1.64 -89.92
N ALA G 106 13.09 2.60 -89.68
CA ALA G 106 14.14 2.90 -90.69
C ALA G 106 14.99 1.66 -91.06
N ALA G 107 15.46 0.91 -90.06
CA ALA G 107 16.26 -0.31 -90.33
C ALA G 107 15.46 -1.40 -91.08
N ALA G 108 14.17 -1.51 -90.83
CA ALA G 108 13.34 -2.47 -91.58
C ALA G 108 12.90 -2.01 -92.98
N GLY G 109 13.32 -0.80 -93.41
CA GLY G 109 12.92 -0.29 -94.73
C GLY G 109 11.42 0.07 -94.87
N LEU G 110 10.79 0.46 -93.76
CA LEU G 110 9.41 0.94 -93.78
C LEU G 110 9.34 2.45 -94.13
N THR G 111 8.18 2.88 -94.61
CA THR G 111 7.89 4.31 -94.84
C THR G 111 6.96 4.84 -93.75
N VAL G 112 7.36 5.95 -93.14
CA VAL G 112 6.55 6.63 -92.11
C VAL G 112 6.24 8.07 -92.55
N ALA G 113 4.95 8.42 -92.58
CA ALA G 113 4.53 9.78 -92.98
C ALA G 113 3.39 10.30 -92.13
N GLU G 114 3.31 11.62 -92.04
CA GLU G 114 2.30 12.34 -91.21
C GLU G 114 1.79 13.58 -91.93
N VAL G 115 0.67 14.15 -91.45
CA VAL G 115 0.04 15.28 -92.10
C VAL G 115 0.58 16.61 -91.55
N THR G 116 1.77 16.96 -92.02
CA THR G 116 2.52 18.14 -91.62
C THR G 116 1.65 19.37 -91.86
N GLY G 117 1.59 20.28 -90.87
CA GLY G 117 0.83 21.56 -91.06
C GLY G 117 -0.63 21.47 -90.70
N SER G 118 -1.17 20.26 -90.51
CA SER G 118 -2.63 20.07 -90.45
C SER G 118 -3.34 20.65 -89.22
N ASN G 119 -2.66 20.68 -88.07
CA ASN G 119 -3.29 21.20 -86.83
C ASN G 119 -2.40 22.17 -86.02
N VAL G 120 -1.46 22.82 -86.72
CA VAL G 120 -0.53 23.74 -86.10
C VAL G 120 -1.21 25.00 -85.59
N VAL G 121 -2.20 25.55 -86.32
CA VAL G 121 -2.95 26.70 -85.82
C VAL G 121 -3.69 26.31 -84.54
N SER G 122 -4.27 25.10 -84.54
CA SER G 122 -5.04 24.61 -83.38
C SER G 122 -4.20 24.57 -82.08
N VAL G 123 -2.97 24.01 -82.16
CA VAL G 123 -2.12 23.87 -81.00
C VAL G 123 -1.63 25.26 -80.56
N ALA G 124 -1.33 26.16 -81.50
CA ALA G 124 -0.89 27.50 -81.10
C ALA G 124 -1.97 28.27 -80.32
N GLU G 125 -3.22 28.16 -80.76
CA GLU G 125 -4.32 28.76 -80.00
C GLU G 125 -4.41 28.19 -78.59
N ASP G 126 -4.28 26.87 -78.49
CA ASP G 126 -4.52 26.15 -77.25
C ASP G 126 -3.41 26.51 -76.26
N GLU G 127 -2.19 26.71 -76.80
CA GLU G 127 -1.02 27.13 -76.00
C GLU G 127 -1.24 28.55 -75.44
N LEU G 128 -1.59 29.53 -76.27
CA LEU G 128 -1.79 30.91 -75.78
C LEU G 128 -2.93 30.93 -74.71
N MET G 129 -3.99 30.13 -74.94
CA MET G 129 -5.08 29.92 -73.95
C MET G 129 -4.52 29.49 -72.58
N ARG G 130 -3.62 28.51 -72.59
CA ARG G 130 -3.05 27.95 -71.35
C ARG G 130 -2.08 28.90 -70.62
N ILE G 131 -1.31 29.68 -71.40
CA ILE G 131 -0.43 30.69 -70.83
C ILE G 131 -1.25 31.66 -69.97
N LEU G 132 -2.38 32.12 -70.51
CA LEU G 132 -3.30 33.06 -69.87
C LEU G 132 -4.00 32.39 -68.68
N ILE G 133 -4.39 31.11 -68.85
CA ILE G 133 -5.00 30.32 -67.77
C ILE G 133 -4.09 30.26 -66.51
N LEU G 134 -2.80 30.00 -66.73
CA LEU G 134 -1.82 29.95 -65.62
C LEU G 134 -1.46 31.36 -65.07
N MET G 135 -1.09 32.28 -65.95
CA MET G 135 -0.69 33.63 -65.51
C MET G 135 -1.81 34.37 -64.77
N ARG G 136 -3.04 34.33 -65.33
CA ARG G 136 -4.15 35.07 -64.73
C ARG G 136 -4.97 34.25 -63.67
N ASN G 137 -4.56 32.99 -63.45
CA ASN G 137 -5.04 32.16 -62.32
C ASN G 137 -6.48 31.74 -62.41
N PHE G 138 -6.87 31.25 -63.60
CA PHE G 138 -8.27 30.92 -63.86
C PHE G 138 -8.77 29.72 -63.03
N VAL G 139 -7.97 28.65 -62.99
CA VAL G 139 -8.43 27.35 -62.41
C VAL G 139 -8.90 27.41 -60.92
N PRO G 140 -8.11 28.07 -60.03
CA PRO G 140 -8.65 28.24 -58.64
C PRO G 140 -9.99 28.97 -58.60
N GLY G 141 -10.21 29.91 -59.52
CA GLY G 141 -11.54 30.57 -59.60
C GLY G 141 -12.67 29.62 -60.00
N TYR G 142 -12.43 28.82 -61.05
CA TYR G 142 -13.39 27.80 -61.44
C TYR G 142 -13.68 26.84 -60.27
N ASN G 143 -12.65 26.39 -59.56
CA ASN G 143 -12.89 25.46 -58.44
C ASN G 143 -13.72 26.06 -57.30
N GLN G 144 -13.50 27.34 -56.97
CA GLN G 144 -14.31 28.01 -55.94
C GLN G 144 -15.75 28.04 -56.36
N VAL G 145 -15.97 28.24 -57.66
CA VAL G 145 -17.31 28.43 -58.17
C VAL G 145 -18.11 27.14 -57.95
N VAL G 146 -17.52 26.00 -58.34
CA VAL G 146 -18.25 24.72 -58.25
C VAL G 146 -18.46 24.23 -56.80
N LYS G 147 -17.50 24.54 -55.94
CA LYS G 147 -17.63 24.27 -54.47
C LYS G 147 -18.48 25.25 -53.64
N GLY G 148 -19.17 26.18 -54.27
CA GLY G 148 -19.98 27.18 -53.55
C GLY G 148 -19.21 28.29 -52.78
N GLU G 149 -17.91 28.41 -53.01
CA GLU G 149 -17.10 29.42 -52.33
C GLU G 149 -17.04 30.80 -53.01
N TRP G 150 -16.49 31.77 -52.27
CA TRP G 150 -16.18 33.15 -52.75
C TRP G 150 -15.09 33.77 -51.90
N ASN G 151 -13.88 33.82 -52.42
CA ASN G 151 -12.75 34.42 -51.71
C ASN G 151 -11.86 35.04 -52.77
N VAL G 152 -12.12 36.31 -53.10
CA VAL G 152 -11.30 37.02 -54.11
C VAL G 152 -9.81 37.00 -53.81
N ALA G 153 -9.43 37.24 -52.55
CA ALA G 153 -8.02 37.37 -52.24
C ALA G 153 -7.25 36.06 -52.44
N GLY G 154 -7.90 34.91 -52.20
CA GLY G 154 -7.24 33.59 -52.40
C GLY G 154 -6.82 33.31 -53.86
N ILE G 155 -7.45 34.02 -54.82
CA ILE G 155 -7.11 33.93 -56.25
C ILE G 155 -6.19 35.08 -56.64
N ALA G 156 -6.52 36.31 -56.22
CA ALA G 156 -5.82 37.51 -56.70
C ALA G 156 -4.38 37.69 -56.23
N TYR G 157 -4.04 37.09 -55.08
CA TYR G 157 -2.66 37.27 -54.57
C TYR G 157 -1.59 36.86 -55.60
N ARG G 158 -1.97 36.03 -56.56
CA ARG G 158 -1.04 35.35 -57.43
C ARG G 158 -1.44 35.50 -58.92
N ALA G 159 -2.41 36.37 -59.19
CA ALA G 159 -2.87 36.66 -60.54
C ALA G 159 -2.19 37.91 -61.12
N TYR G 160 -1.53 37.77 -62.29
CA TYR G 160 -0.85 38.86 -63.00
C TYR G 160 -1.40 39.06 -64.42
N ASP G 161 -1.19 40.24 -64.98
CA ASP G 161 -1.46 40.45 -66.38
C ASP G 161 -0.32 39.77 -67.18
N LEU G 162 -0.64 39.27 -68.39
CA LEU G 162 0.39 38.77 -69.32
C LEU G 162 1.31 39.91 -69.85
N GLU G 163 0.73 41.07 -70.12
CA GLU G 163 1.51 42.27 -70.54
C GLU G 163 2.78 42.46 -69.68
N GLY G 164 3.93 42.67 -70.33
CA GLY G 164 5.23 42.85 -69.66
C GLY G 164 5.97 41.61 -69.16
N LYS G 165 5.37 40.43 -69.22
CA LYS G 165 6.02 39.23 -68.69
C LYS G 165 7.02 38.60 -69.70
N THR G 166 7.99 37.84 -69.18
CA THR G 166 8.94 37.13 -70.06
C THR G 166 8.49 35.70 -70.40
N ILE G 167 8.31 35.46 -71.70
CA ILE G 167 7.87 34.15 -72.24
C ILE G 167 8.88 33.58 -73.21
N GLY G 168 9.30 32.33 -72.95
CA GLY G 168 10.22 31.61 -73.84
C GLY G 168 9.58 30.38 -74.50
N THR G 169 9.69 30.27 -75.83
CA THR G 169 9.32 29.01 -76.51
C THR G 169 10.55 28.12 -76.84
N VAL G 170 10.52 26.87 -76.36
CA VAL G 170 11.59 25.93 -76.62
C VAL G 170 11.21 25.15 -77.90
N GLY G 171 11.65 25.68 -79.05
CA GLY G 171 11.19 25.21 -80.35
C GLY G 171 10.47 26.33 -81.11
N ALA G 172 10.92 26.61 -82.34
CA ALA G 172 10.29 27.64 -83.18
C ALA G 172 10.11 27.09 -84.60
N GLY G 173 9.50 25.90 -84.67
CA GLY G 173 9.01 25.34 -85.94
C GLY G 173 7.68 25.98 -86.24
N ARG G 174 6.75 25.23 -86.86
CA ARG G 174 5.43 25.77 -87.28
C ARG G 174 4.59 26.24 -86.08
N ILE G 175 4.44 25.39 -85.07
CA ILE G 175 3.66 25.78 -83.88
C ILE G 175 4.29 26.98 -83.11
N GLY G 176 5.60 26.91 -82.86
CA GLY G 176 6.34 28.01 -82.20
C GLY G 176 6.15 29.35 -82.89
N LYS G 177 6.21 29.36 -84.24
CA LYS G 177 6.05 30.61 -84.99
C LYS G 177 4.62 31.16 -84.86
N LEU G 178 3.65 30.26 -84.96
CA LEU G 178 2.24 30.67 -84.95
C LEU G 178 1.91 31.13 -83.53
N LEU G 179 2.54 30.54 -82.53
CA LEU G 179 2.38 31.02 -81.14
C LEU G 179 2.95 32.45 -80.97
N LEU G 180 4.13 32.69 -81.52
CA LEU G 180 4.79 34.01 -81.39
C LEU G 180 4.02 35.10 -82.06
N GLN G 181 3.36 34.79 -83.19
CA GLN G 181 2.60 35.78 -83.95
C GLN G 181 1.27 36.22 -83.24
N ARG G 182 0.68 35.29 -82.50
CA ARG G 182 -0.51 35.58 -81.67
C ARG G 182 -0.13 36.27 -80.33
N LEU G 183 1.06 35.97 -79.80
CA LEU G 183 1.62 36.67 -78.61
C LEU G 183 2.01 38.14 -78.87
N LYS G 184 2.39 38.45 -80.11
CA LYS G 184 2.83 39.85 -80.46
C LYS G 184 2.02 40.98 -79.79
N PRO G 185 0.69 41.06 -80.03
CA PRO G 185 -0.08 42.22 -79.54
C PRO G 185 -0.34 42.29 -78.02
N PHE G 186 0.14 41.31 -77.25
CA PHE G 186 -0.06 41.37 -75.80
C PHE G 186 0.97 42.23 -75.05
N GLY G 187 2.07 42.64 -75.72
CA GLY G 187 3.14 43.45 -75.06
C GLY G 187 4.02 42.72 -74.03
N CYS G 188 4.51 41.54 -74.44
CA CYS G 188 5.42 40.77 -73.61
C CYS G 188 6.86 40.89 -74.10
N ASN G 189 7.78 40.34 -73.32
CA ASN G 189 9.17 40.20 -73.73
C ASN G 189 9.36 38.75 -74.15
N LEU G 190 9.45 38.53 -75.46
CA LEU G 190 9.47 37.16 -76.04
C LEU G 190 10.87 36.66 -76.42
N LEU G 191 11.18 35.44 -75.99
CA LEU G 191 12.41 34.75 -76.30
C LEU G 191 12.11 33.40 -77.00
N TYR G 192 13.08 32.91 -77.79
CA TYR G 192 13.01 31.55 -78.37
C TYR G 192 14.35 30.83 -78.53
N HIS G 193 14.31 29.51 -78.32
CA HIS G 193 15.46 28.63 -78.57
C HIS G 193 15.06 27.54 -79.56
N ASP G 194 15.96 27.27 -80.51
CA ASP G 194 15.83 26.22 -81.52
C ASP G 194 17.25 25.99 -82.08
N ARG G 195 17.50 24.80 -82.62
CA ARG G 195 18.68 24.56 -83.47
C ARG G 195 18.76 25.44 -84.72
N LEU G 196 17.61 25.91 -85.22
CA LEU G 196 17.55 26.75 -86.42
C LEU G 196 17.01 28.11 -86.06
N GLN G 197 17.72 29.14 -86.50
CA GLN G 197 17.31 30.52 -86.21
C GLN G 197 16.20 30.93 -87.19
N MET G 198 15.21 31.71 -86.74
CA MET G 198 14.19 32.23 -87.65
C MET G 198 14.83 33.32 -88.49
N ALA G 199 14.19 33.64 -89.61
CA ALA G 199 14.58 34.74 -90.48
C ALA G 199 14.52 36.04 -89.68
N PRO G 200 15.34 37.06 -90.07
CA PRO G 200 15.26 38.39 -89.43
C PRO G 200 13.87 39.07 -89.54
N GLU G 201 13.12 38.83 -90.60
CA GLU G 201 11.79 39.49 -90.68
C GLU G 201 10.79 38.94 -89.63
N LEU G 202 10.83 37.64 -89.36
CA LEU G 202 9.97 37.05 -88.33
C LEU G 202 10.38 37.52 -86.94
N GLU G 203 11.69 37.59 -86.70
CA GLU G 203 12.23 38.07 -85.43
C GLU G 203 11.74 39.50 -85.19
N LYS G 204 11.78 40.34 -86.23
CA LYS G 204 11.36 41.74 -86.09
C LYS G 204 9.87 41.88 -85.91
N GLU G 205 9.09 41.15 -86.69
CA GLU G 205 7.62 41.25 -86.58
C GLU G 205 7.10 40.71 -85.25
N THR G 206 7.68 39.61 -84.76
CA THR G 206 7.18 38.99 -83.54
C THR G 206 7.75 39.68 -82.29
N GLY G 207 8.93 40.32 -82.44
CA GLY G 207 9.68 40.89 -81.31
C GLY G 207 10.41 39.80 -80.52
N ALA G 208 10.55 38.61 -81.10
CA ALA G 208 11.18 37.50 -80.39
C ALA G 208 12.69 37.40 -80.63
N LYS G 209 13.45 37.17 -79.56
CA LYS G 209 14.90 37.17 -79.58
C LYS G 209 15.46 35.74 -79.44
N PHE G 210 16.39 35.38 -80.35
CA PHE G 210 17.05 34.07 -80.37
C PHE G 210 18.01 33.92 -79.18
N VAL G 211 17.96 32.76 -78.52
CA VAL G 211 18.90 32.40 -77.47
C VAL G 211 19.50 31.05 -77.83
N GLU G 212 20.76 31.09 -78.27
CA GLU G 212 21.38 29.93 -78.88
C GLU G 212 21.63 28.78 -77.89
N ASP G 213 22.07 29.12 -76.67
CA ASP G 213 22.35 28.13 -75.61
C ASP G 213 21.06 28.02 -74.73
N LEU G 214 20.39 26.87 -74.82
CA LEU G 214 19.13 26.69 -74.06
C LEU G 214 19.32 27.01 -72.57
N ASN G 215 20.44 26.58 -71.96
CA ASN G 215 20.75 26.92 -70.55
C ASN G 215 20.70 28.40 -70.19
N GLU G 216 20.92 29.26 -71.20
CA GLU G 216 20.89 30.72 -71.04
C GLU G 216 19.47 31.30 -71.00
N MET G 217 18.56 30.70 -71.79
CA MET G 217 17.20 31.21 -71.83
C MET G 217 16.43 30.77 -70.60
N LEU G 218 16.62 29.52 -70.16
CA LEU G 218 15.76 28.96 -69.08
C LEU G 218 15.52 29.86 -67.85
N PRO G 219 16.61 30.34 -67.18
CA PRO G 219 16.36 31.04 -65.93
C PRO G 219 15.61 32.37 -66.05
N LYS G 220 15.58 32.96 -67.25
CA LYS G 220 14.96 34.29 -67.47
C LYS G 220 13.42 34.26 -67.60
N CYS G 221 12.86 33.06 -67.81
CA CYS G 221 11.46 32.98 -68.22
C CYS G 221 10.44 32.86 -67.06
N ASP G 222 9.45 33.75 -67.12
CA ASP G 222 8.26 33.67 -66.28
C ASP G 222 7.37 32.51 -66.77
N VAL G 223 7.34 32.30 -68.09
CA VAL G 223 6.58 31.20 -68.74
C VAL G 223 7.51 30.51 -69.73
N ILE G 224 7.60 29.19 -69.67
CA ILE G 224 8.19 28.46 -70.79
C ILE G 224 7.13 27.59 -71.52
N VAL G 225 7.31 27.45 -72.84
CA VAL G 225 6.43 26.66 -73.73
C VAL G 225 7.21 25.61 -74.55
N ILE G 226 6.86 24.33 -74.38
CA ILE G 226 7.55 23.23 -75.08
C ILE G 226 6.99 23.11 -76.50
N ASN G 227 7.88 23.22 -77.50
CA ASN G 227 7.46 23.23 -78.94
C ASN G 227 8.41 22.49 -79.90
N MET G 228 8.84 21.29 -79.51
CA MET G 228 9.74 20.42 -80.30
C MET G 228 9.13 19.02 -80.36
N PRO G 229 9.55 18.18 -81.34
CA PRO G 229 9.05 16.78 -81.36
C PRO G 229 9.71 15.92 -80.31
N LEU G 230 9.14 14.73 -80.07
CA LEU G 230 9.78 13.76 -79.18
C LEU G 230 10.76 12.94 -80.03
N THR G 231 12.05 13.10 -79.72
CA THR G 231 13.15 12.49 -80.43
C THR G 231 14.08 11.85 -79.41
N GLU G 232 15.02 11.05 -79.90
CA GLU G 232 16.05 10.47 -79.01
C GLU G 232 16.78 11.51 -78.14
N LYS G 233 17.08 12.68 -78.71
CA LYS G 233 17.64 13.83 -77.97
C LYS G 233 16.68 14.57 -77.02
N THR G 234 15.42 14.75 -77.42
CA THR G 234 14.52 15.48 -76.54
C THR G 234 13.90 14.59 -75.46
N ARG G 235 13.96 13.28 -75.62
CA ARG G 235 13.28 12.33 -74.70
C ARG G 235 13.83 12.47 -73.27
N GLY G 236 12.97 12.81 -72.30
CA GLY G 236 13.39 13.09 -70.91
C GLY G 236 14.42 14.21 -70.69
N MET G 237 14.52 15.15 -71.62
CA MET G 237 15.46 16.27 -71.47
C MET G 237 15.14 17.18 -70.28
N PHE G 238 13.84 17.39 -69.99
CA PHE G 238 13.47 18.12 -68.77
C PHE G 238 13.44 17.16 -67.58
N ASN G 239 14.65 16.82 -67.12
CA ASN G 239 14.88 16.04 -65.89
C ASN G 239 15.08 16.94 -64.65
N LYS G 240 15.38 16.30 -63.50
CA LYS G 240 15.58 17.01 -62.22
C LYS G 240 16.55 18.19 -62.36
N GLU G 241 17.73 17.90 -62.91
CA GLU G 241 18.76 18.93 -63.18
C GLU G 241 18.28 20.09 -64.07
N LEU G 242 17.64 19.79 -65.21
CA LEU G 242 17.26 20.88 -66.12
C LEU G 242 16.12 21.72 -65.55
N ILE G 243 15.17 21.05 -64.89
CA ILE G 243 14.06 21.75 -64.25
C ILE G 243 14.58 22.70 -63.16
N GLY G 244 15.66 22.28 -62.50
CA GLY G 244 16.31 23.07 -61.44
C GLY G 244 16.80 24.43 -61.91
N LYS G 245 17.12 24.55 -63.20
CA LYS G 245 17.62 25.82 -63.76
C LYS G 245 16.51 26.82 -64.10
N LEU G 246 15.26 26.38 -64.04
CA LEU G 246 14.17 27.32 -64.28
C LEU G 246 13.99 28.33 -63.12
N LYS G 247 13.37 29.46 -63.41
CA LYS G 247 12.99 30.44 -62.39
C LYS G 247 12.02 29.79 -61.33
N LYS G 248 12.17 30.20 -60.08
CA LYS G 248 11.30 29.81 -58.98
C LYS G 248 9.89 30.32 -59.31
N GLY G 249 8.88 29.43 -59.22
CA GLY G 249 7.50 29.85 -59.58
C GLY G 249 7.19 29.84 -61.10
N VAL G 250 8.07 29.23 -61.88
CA VAL G 250 7.95 29.22 -63.34
C VAL G 250 6.60 28.60 -63.74
N LEU G 251 6.00 29.10 -64.81
CA LEU G 251 4.78 28.50 -65.40
C LEU G 251 5.10 27.78 -66.73
N ILE G 252 4.69 26.52 -66.84
CA ILE G 252 5.05 25.66 -67.97
C ILE G 252 3.78 25.20 -68.75
N VAL G 253 3.81 25.44 -70.05
CA VAL G 253 2.83 24.88 -70.99
C VAL G 253 3.49 23.80 -71.87
N ASN G 254 2.91 22.60 -71.95
CA ASN G 254 3.46 21.54 -72.79
C ASN G 254 2.38 20.77 -73.55
N ASN G 255 2.10 21.24 -74.77
CA ASN G 255 1.23 20.55 -75.75
C ASN G 255 2.08 19.85 -76.85
N ALA G 256 3.37 19.61 -76.57
CA ALA G 256 4.25 18.87 -77.54
C ALA G 256 4.15 17.35 -77.35
N ARG G 257 4.98 16.79 -76.46
CA ARG G 257 4.86 15.39 -76.04
C ARG G 257 5.19 15.30 -74.54
N GLY G 258 4.50 14.40 -73.84
CA GLY G 258 4.60 14.23 -72.40
C GLY G 258 6.02 13.85 -71.99
N ALA G 259 6.59 12.89 -72.71
CA ALA G 259 7.89 12.28 -72.38
C ALA G 259 9.14 13.15 -72.68
N ILE G 260 8.97 14.33 -73.26
CA ILE G 260 10.03 15.35 -73.25
C ILE G 260 10.39 15.77 -71.75
N MET G 261 9.38 15.74 -70.86
CA MET G 261 9.55 15.96 -69.41
C MET G 261 9.76 14.59 -68.77
N GLU G 262 10.59 14.47 -67.73
CA GLU G 262 10.53 13.27 -66.87
C GLU G 262 9.34 13.41 -65.95
N ARG G 263 8.53 12.34 -65.88
CA ARG G 263 7.27 12.39 -65.16
C ARG G 263 7.49 12.80 -63.69
N GLN G 264 8.33 12.06 -62.96
CA GLN G 264 8.53 12.31 -61.51
C GLN G 264 9.22 13.66 -61.21
N ALA G 265 10.16 14.09 -62.07
CA ALA G 265 10.85 15.35 -61.87
C ALA G 265 9.85 16.53 -61.84
N VAL G 266 8.88 16.52 -62.78
CA VAL G 266 7.79 17.50 -62.75
C VAL G 266 6.97 17.45 -61.46
N VAL G 267 6.52 16.25 -61.05
CA VAL G 267 5.76 16.14 -59.81
C VAL G 267 6.52 16.77 -58.58
N ASP G 268 7.79 16.38 -58.38
CA ASP G 268 8.65 16.95 -57.29
C ASP G 268 8.74 18.49 -57.33
N ALA G 269 8.93 19.06 -58.52
CA ALA G 269 9.18 20.49 -58.60
C ALA G 269 7.87 21.30 -58.46
N VAL G 270 6.75 20.65 -58.79
CA VAL G 270 5.43 21.25 -58.50
C VAL G 270 5.16 21.23 -56.97
N GLU G 271 5.58 20.13 -56.32
CA GLU G 271 5.28 19.86 -54.89
C GLU G 271 6.17 20.70 -53.93
N SER G 272 7.24 21.27 -54.48
CA SER G 272 8.11 22.27 -53.80
C SER G 272 7.74 23.70 -54.12
N GLY G 273 6.93 23.89 -55.17
CA GLY G 273 6.60 25.23 -55.67
C GLY G 273 7.66 25.83 -56.60
N HIS G 274 8.76 25.10 -56.87
CA HIS G 274 9.69 25.52 -57.94
C HIS G 274 8.99 25.70 -59.32
N ILE G 275 8.10 24.76 -59.67
CA ILE G 275 7.19 25.01 -60.78
C ILE G 275 5.90 25.64 -60.21
N GLY G 276 5.56 26.85 -60.60
CA GLY G 276 4.32 27.49 -60.08
C GLY G 276 3.03 26.81 -60.59
N GLY G 277 3.13 26.25 -61.80
CA GLY G 277 1.96 25.74 -62.54
C GLY G 277 2.37 25.07 -63.85
N TYR G 278 1.65 24.00 -64.19
CA TYR G 278 1.98 23.18 -65.34
C TYR G 278 0.67 22.87 -66.06
N SER G 279 0.60 23.08 -67.37
CA SER G 279 -0.62 22.86 -68.17
C SER G 279 -0.29 22.26 -69.55
N GLY G 280 -1.01 21.21 -69.93
CA GLY G 280 -0.73 20.53 -71.19
C GLY G 280 -1.84 19.58 -71.54
N ASP G 281 -1.79 19.08 -72.78
CA ASP G 281 -2.77 18.08 -73.18
C ASP G 281 -2.15 16.71 -73.42
N VAL G 282 -0.82 16.59 -73.27
CA VAL G 282 -0.08 15.36 -73.66
C VAL G 282 0.59 14.59 -72.50
N TRP G 283 0.58 13.27 -72.57
CA TRP G 283 0.91 12.44 -71.42
C TRP G 283 1.75 11.24 -71.83
N ASP G 284 2.44 10.64 -70.87
CA ASP G 284 3.07 9.33 -71.05
C ASP G 284 2.59 8.38 -69.93
N PRO G 285 1.90 7.25 -70.28
CA PRO G 285 1.48 6.84 -71.62
C PRO G 285 0.09 7.47 -71.95
N GLN G 286 -0.49 7.07 -73.08
CA GLN G 286 -1.81 7.56 -73.49
C GLN G 286 -2.64 6.38 -73.99
N PRO G 287 -3.88 6.19 -73.46
CA PRO G 287 -4.59 6.91 -72.37
C PRO G 287 -3.76 6.98 -71.05
N ALA G 288 -3.85 8.09 -70.32
CA ALA G 288 -3.19 8.22 -68.98
C ALA G 288 -4.04 7.45 -67.95
N PRO G 289 -3.41 6.49 -67.21
CA PRO G 289 -4.19 5.72 -66.23
C PRO G 289 -4.81 6.66 -65.19
N LYS G 290 -5.83 6.15 -64.47
CA LYS G 290 -6.54 6.94 -63.46
C LYS G 290 -5.65 7.44 -62.33
N ASP G 291 -4.55 6.73 -62.05
CA ASP G 291 -3.60 7.12 -60.98
C ASP G 291 -2.42 8.03 -61.46
N HIS G 292 -2.47 8.53 -62.68
CA HIS G 292 -1.33 9.33 -63.21
C HIS G 292 -1.19 10.61 -62.37
N PRO G 293 0.03 10.84 -61.80
CA PRO G 293 0.23 11.93 -60.76
C PRO G 293 0.00 13.37 -61.29
N TRP G 294 0.20 13.59 -62.59
CA TRP G 294 -0.03 14.90 -63.17
C TRP G 294 -1.52 15.29 -63.06
N ARG G 295 -2.42 14.32 -62.91
CA ARG G 295 -3.84 14.65 -62.67
C ARG G 295 -4.07 15.41 -61.34
N TYR G 296 -3.22 15.16 -60.36
CA TYR G 296 -3.53 15.51 -58.97
C TYR G 296 -2.60 16.52 -58.27
N MET G 297 -1.48 16.85 -58.93
CA MET G 297 -0.48 17.76 -58.35
C MET G 297 -1.02 19.18 -58.22
N PRO G 298 -0.45 19.97 -57.25
CA PRO G 298 -0.91 21.35 -57.07
C PRO G 298 -0.85 22.21 -58.36
N ASN G 299 -1.88 23.05 -58.56
CA ASN G 299 -1.92 24.06 -59.62
C ASN G 299 -1.99 23.58 -61.08
N GLN G 300 -2.13 22.27 -61.27
CA GLN G 300 -2.17 21.69 -62.63
C GLN G 300 -3.36 22.23 -63.39
N ALA G 301 -3.20 22.37 -64.70
CA ALA G 301 -4.30 22.76 -65.59
C ALA G 301 -4.25 21.88 -66.85
N MET G 302 -4.33 20.58 -66.61
CA MET G 302 -4.29 19.53 -67.66
C MET G 302 -5.64 19.32 -68.35
N THR G 303 -5.58 18.85 -69.61
CA THR G 303 -6.72 18.17 -70.24
C THR G 303 -6.19 16.83 -70.84
N PRO G 304 -7.14 15.93 -71.25
CA PRO G 304 -6.74 14.77 -72.07
C PRO G 304 -6.19 15.30 -73.43
N HIS G 305 -5.68 14.43 -74.30
CA HIS G 305 -5.04 14.86 -75.58
C HIS G 305 -6.06 15.30 -76.67
N THR G 306 -6.35 16.61 -76.69
CA THR G 306 -7.47 17.12 -77.47
C THR G 306 -7.11 18.25 -78.45
N SER G 307 -6.00 18.99 -78.23
CA SER G 307 -5.82 20.26 -78.96
C SER G 307 -5.66 20.09 -80.46
N GLY G 308 -4.96 19.04 -80.90
CA GLY G 308 -4.76 18.83 -82.33
C GLY G 308 -5.92 18.10 -82.99
N THR G 309 -6.98 17.85 -82.22
CA THR G 309 -8.15 17.11 -82.72
C THR G 309 -9.48 17.82 -82.44
N THR G 310 -9.47 19.15 -82.54
CA THR G 310 -10.68 19.89 -82.85
C THR G 310 -11.35 19.38 -84.18
N ILE G 311 -12.65 19.66 -84.33
CA ILE G 311 -13.38 19.32 -85.59
C ILE G 311 -12.63 19.91 -86.81
N ASP G 312 -12.24 21.17 -86.70
CA ASP G 312 -11.54 21.85 -87.82
C ASP G 312 -10.22 21.16 -88.15
N ALA G 313 -9.45 20.79 -87.13
CA ALA G 313 -8.23 19.99 -87.35
C ALA G 313 -8.50 18.61 -87.96
N GLN G 314 -9.50 17.89 -87.44
CA GLN G 314 -9.87 16.56 -87.96
C GLN G 314 -10.14 16.60 -89.47
N LEU G 315 -10.89 17.61 -89.94
CA LEU G 315 -11.24 17.71 -91.37
C LEU G 315 -9.96 17.72 -92.21
N ARG G 316 -9.01 18.57 -91.80
CA ARG G 316 -7.74 18.72 -92.53
C ARG G 316 -6.80 17.48 -92.45
N TYR G 317 -6.72 16.85 -91.27
CA TYR G 317 -5.83 15.68 -91.23
C TYR G 317 -6.46 14.44 -91.90
N ALA G 318 -7.78 14.36 -91.91
CA ALA G 318 -8.51 13.31 -92.69
C ALA G 318 -8.26 13.49 -94.20
N ALA G 319 -8.46 14.71 -94.70
CA ALA G 319 -8.20 15.01 -96.14
C ALA G 319 -6.75 14.68 -96.48
N GLY G 320 -5.81 15.04 -95.61
CA GLY G 320 -4.37 14.78 -95.85
C GLY G 320 -4.05 13.29 -95.87
N THR G 321 -4.71 12.51 -95.02
CA THR G 321 -4.46 11.07 -94.94
C THR G 321 -5.01 10.40 -96.21
N LYS G 322 -6.19 10.85 -96.62
CA LYS G 322 -6.87 10.37 -97.81
C LYS G 322 -6.00 10.64 -99.05
N ASP G 323 -5.51 11.87 -99.15
CA ASP G 323 -4.56 12.19 -100.21
C ASP G 323 -3.34 11.26 -100.24
N MET G 324 -2.73 10.95 -99.11
CA MET G 324 -1.54 10.13 -99.17
C MET G 324 -1.87 8.67 -99.54
N LEU G 325 -3.02 8.17 -99.08
CA LEU G 325 -3.48 6.85 -99.55
C LEU G 325 -3.68 6.82 -101.08
N GLU G 326 -4.32 7.84 -101.63
CA GLU G 326 -4.51 7.93 -103.08
C GLU G 326 -3.17 7.83 -103.84
N ARG G 327 -2.18 8.61 -103.40
CA ARG G 327 -0.84 8.66 -103.97
C ARG G 327 -0.14 7.31 -103.81
N TYR G 328 -0.29 6.67 -102.65
CA TYR G 328 0.31 5.35 -102.43
C TYR G 328 -0.25 4.29 -103.45
N PHE G 329 -1.55 4.29 -103.66
CA PHE G 329 -2.21 3.36 -104.57
C PHE G 329 -1.72 3.53 -106.03
N LYS G 330 -1.39 4.77 -106.40
CA LYS G 330 -0.92 5.12 -107.74
C LYS G 330 0.59 5.12 -107.89
N GLY G 331 1.32 4.77 -106.82
CA GLY G 331 2.76 4.77 -106.92
C GLY G 331 3.48 6.12 -106.93
N GLU G 332 2.81 7.19 -106.47
CA GLU G 332 3.37 8.55 -106.48
C GLU G 332 3.91 8.95 -105.11
N ASP G 333 4.99 9.72 -105.10
CA ASP G 333 5.58 10.23 -103.84
C ASP G 333 4.62 11.18 -103.10
N PHE G 334 4.77 11.19 -101.76
CA PHE G 334 4.09 12.17 -100.87
C PHE G 334 4.83 13.52 -100.92
N PRO G 335 4.16 14.63 -100.50
CA PRO G 335 4.96 15.87 -100.41
C PRO G 335 6.13 15.66 -99.46
N THR G 336 7.29 16.24 -99.79
CA THR G 336 8.56 15.81 -99.13
C THR G 336 8.54 15.97 -97.59
N GLU G 337 7.91 17.05 -97.11
CA GLU G 337 7.90 17.31 -95.65
C GLU G 337 6.84 16.49 -94.89
N ASN G 338 6.09 15.63 -95.60
CA ASN G 338 5.22 14.65 -94.92
C ASN G 338 6.00 13.43 -94.42
N TYR G 339 7.16 13.16 -95.04
CA TYR G 339 8.01 11.98 -94.69
C TYR G 339 8.77 12.16 -93.37
N ILE G 340 8.67 11.15 -92.50
CA ILE G 340 9.41 11.11 -91.22
C ILE G 340 10.52 10.04 -91.34
N VAL G 341 10.21 8.94 -92.00
CA VAL G 341 11.21 7.92 -92.31
C VAL G 341 11.01 7.54 -93.78
N LYS G 342 12.10 7.66 -94.58
CA LYS G 342 12.05 7.28 -95.99
C LYS G 342 13.42 6.74 -96.47
N ASP G 343 13.41 5.58 -97.14
CA ASP G 343 14.64 4.95 -97.64
C ASP G 343 15.68 4.87 -96.52
N GLY G 344 15.22 4.47 -95.34
CA GLY G 344 16.12 4.12 -94.25
C GLY G 344 16.64 5.30 -93.49
N GLU G 345 16.20 6.53 -93.82
CA GLU G 345 16.66 7.79 -93.18
C GLU G 345 15.56 8.56 -92.41
N LEU G 346 15.90 9.15 -91.25
CA LEU G 346 14.94 9.94 -90.45
C LEU G 346 14.96 11.42 -90.84
N ALA G 347 13.81 12.09 -90.83
CA ALA G 347 13.70 13.52 -91.10
C ALA G 347 14.60 14.33 -90.16
N PRO G 348 15.18 15.47 -90.65
CA PRO G 348 16.17 16.24 -89.88
C PRO G 348 15.70 16.68 -88.47
N GLN G 349 14.45 17.12 -88.30
CA GLN G 349 13.95 17.53 -86.99
C GLN G 349 13.86 16.41 -85.92
N TYR G 350 13.96 15.15 -86.36
CA TYR G 350 14.03 13.99 -85.46
C TYR G 350 15.48 13.56 -85.12
N ARG G 351 16.46 14.13 -85.80
CA ARG G 351 17.85 13.69 -85.58
C ARG G 351 18.57 14.56 -84.53
N ASP H 1 -10.49 71.83 -42.03
CA ASP H 1 -10.26 71.19 -43.37
C ASP H 1 -9.92 69.66 -43.29
N SER H 2 -9.98 69.09 -42.09
CA SER H 2 -9.76 67.66 -41.88
C SER H 2 -11.03 66.83 -42.22
N LYS H 3 -10.86 65.75 -42.97
CA LYS H 3 -12.01 64.97 -43.46
C LYS H 3 -12.03 63.51 -43.00
N LYS H 4 -13.23 62.91 -43.01
CA LYS H 4 -13.42 61.50 -42.69
C LYS H 4 -13.62 60.69 -43.98
N ILE H 5 -12.65 59.81 -44.24
CA ILE H 5 -12.56 59.04 -45.49
C ILE H 5 -12.68 57.58 -45.14
N VAL H 6 -13.65 56.91 -45.78
CA VAL H 6 -13.93 55.48 -45.54
C VAL H 6 -13.68 54.62 -46.80
N GLY H 7 -12.98 53.49 -46.62
CA GLY H 7 -12.74 52.52 -47.71
C GLY H 7 -13.40 51.16 -47.46
N VAL H 8 -14.11 50.62 -48.45
CA VAL H 8 -14.71 49.28 -48.36
C VAL H 8 -13.98 48.41 -49.41
N PHE H 9 -13.12 47.49 -48.95
CA PHE H 9 -12.39 46.59 -49.84
C PHE H 9 -12.60 45.15 -49.41
N TYR H 10 -12.12 44.18 -50.21
CA TYR H 10 -12.18 42.76 -49.82
C TYR H 10 -11.07 42.43 -48.80
N LYS H 11 -11.33 41.44 -47.94
CA LYS H 11 -10.40 41.11 -46.87
C LYS H 11 -9.48 40.01 -47.36
N ALA H 12 -8.18 40.15 -47.10
CA ALA H 12 -7.16 39.16 -47.51
C ALA H 12 -6.50 38.41 -46.34
N ASN H 13 -6.75 38.85 -45.11
CA ASN H 13 -6.08 38.29 -43.89
C ASN H 13 -4.58 38.12 -44.09
N GLU H 14 -4.07 36.92 -43.78
CA GLU H 14 -2.63 36.65 -43.81
C GLU H 14 -2.00 36.56 -45.21
N TYR H 15 -2.84 36.46 -46.26
CA TYR H 15 -2.38 36.56 -47.66
C TYR H 15 -1.75 37.91 -48.03
N ALA H 16 -2.04 38.95 -47.23
CA ALA H 16 -1.62 40.33 -47.54
C ALA H 16 -0.39 40.83 -46.74
N THR H 17 -0.12 40.17 -45.62
CA THR H 17 1.01 40.44 -44.72
C THR H 17 2.36 40.77 -45.40
N LYS H 18 2.94 39.81 -46.10
CA LYS H 18 4.30 40.00 -46.60
C LYS H 18 4.33 40.53 -48.01
N ASN H 19 3.20 41.02 -48.52
CA ASN H 19 3.27 41.61 -49.85
C ASN H 19 2.85 43.08 -49.92
N PRO H 20 3.84 44.00 -50.15
CA PRO H 20 3.55 45.43 -50.28
C PRO H 20 2.73 45.75 -51.53
N ASN H 21 2.73 44.87 -52.51
CA ASN H 21 2.03 45.17 -53.77
C ASN H 21 0.59 44.71 -53.86
N PHE H 22 0.13 43.95 -52.86
CA PHE H 22 -1.27 43.50 -52.77
C PHE H 22 -2.12 44.66 -52.20
N LEU H 23 -2.29 45.69 -53.03
CA LEU H 23 -2.86 46.99 -52.63
C LEU H 23 -4.40 47.05 -52.51
N GLY H 24 -5.09 46.11 -53.17
CA GLY H 24 -6.55 46.17 -53.31
C GLY H 24 -7.38 45.63 -52.16
N CYS H 25 -6.73 45.09 -51.11
CA CYS H 25 -7.44 44.53 -49.95
C CYS H 25 -7.56 45.50 -48.75
N VAL H 26 -8.38 45.11 -47.76
CA VAL H 26 -8.60 45.84 -46.48
C VAL H 26 -7.27 46.12 -45.77
N GLU H 27 -6.45 45.08 -45.65
CA GLU H 27 -5.15 45.12 -44.94
C GLU H 27 -4.18 46.14 -45.48
N ASN H 28 -4.05 46.32 -46.80
CA ASN H 28 -3.11 47.36 -47.32
C ASN H 28 -3.77 48.65 -47.82
N ALA H 29 -5.08 48.59 -48.04
CA ALA H 29 -5.94 49.77 -48.22
C ALA H 29 -5.35 50.77 -49.20
N LEU H 30 -4.94 50.27 -50.36
CA LEU H 30 -4.44 51.09 -51.45
C LEU H 30 -3.09 51.79 -51.14
N GLY H 31 -2.53 51.52 -49.95
CA GLY H 31 -1.22 52.05 -49.55
C GLY H 31 -1.24 53.55 -49.23
N ILE H 32 -2.41 54.10 -48.95
CA ILE H 32 -2.56 55.56 -48.74
C ILE H 32 -2.68 55.98 -47.25
N ARG H 33 -2.68 55.02 -46.33
CA ARG H 33 -2.99 55.32 -44.93
C ARG H 33 -2.09 56.42 -44.33
N ASP H 34 -0.76 56.22 -44.40
CA ASP H 34 0.20 57.13 -43.77
C ASP H 34 0.15 58.51 -44.37
N TRP H 35 0.01 58.56 -45.69
CA TRP H 35 -0.14 59.82 -46.41
C TRP H 35 -1.42 60.59 -46.01
N LEU H 36 -2.52 59.86 -45.80
CA LEU H 36 -3.78 60.44 -45.31
C LEU H 36 -3.66 60.94 -43.87
N GLU H 37 -3.16 60.07 -42.98
CA GLU H 37 -3.09 60.37 -41.56
C GLU H 37 -2.16 61.56 -41.24
N SER H 38 -1.00 61.60 -41.88
CA SER H 38 -0.07 62.70 -41.64
C SER H 38 -0.57 64.03 -42.25
N GLN H 39 -1.62 63.99 -43.06
CA GLN H 39 -2.28 65.25 -43.47
C GLN H 39 -3.41 65.66 -42.52
N GLY H 40 -3.64 64.85 -41.49
CA GLY H 40 -4.69 65.09 -40.51
C GLY H 40 -6.06 64.47 -40.75
N HIS H 41 -6.20 63.62 -41.77
CA HIS H 41 -7.51 63.02 -42.08
C HIS H 41 -7.71 61.72 -41.35
N GLN H 42 -8.96 61.34 -41.15
CA GLN H 42 -9.27 60.02 -40.59
C GLN H 42 -9.56 59.00 -41.72
N TYR H 43 -8.96 57.81 -41.61
CA TYR H 43 -9.13 56.72 -42.60
C TYR H 43 -9.62 55.45 -41.94
N ILE H 44 -10.83 55.04 -42.31
CA ILE H 44 -11.47 53.86 -41.71
C ILE H 44 -11.81 52.84 -42.82
N VAL H 45 -11.29 51.62 -42.69
CA VAL H 45 -11.33 50.61 -43.76
C VAL H 45 -11.96 49.32 -43.28
N THR H 46 -12.88 48.76 -44.06
CA THR H 46 -13.61 47.56 -43.66
C THR H 46 -14.05 46.77 -44.91
N ASP H 47 -14.33 45.47 -44.71
CA ASP H 47 -15.03 44.64 -45.72
C ASP H 47 -16.48 44.39 -45.35
N ASP H 48 -16.91 44.91 -44.17
CA ASP H 48 -18.20 44.55 -43.60
C ASP H 48 -19.29 45.52 -44.11
N LYS H 49 -20.07 45.08 -45.11
CA LYS H 49 -20.79 46.04 -45.95
C LYS H 49 -22.29 45.78 -46.09
N GLU H 50 -22.77 44.66 -45.54
CA GLU H 50 -24.17 44.25 -45.77
C GLU H 50 -25.08 44.55 -44.56
N GLY H 51 -26.24 45.13 -44.87
CA GLY H 51 -27.33 45.31 -43.91
C GLY H 51 -27.20 46.50 -42.96
N PRO H 52 -28.18 46.66 -42.04
CA PRO H 52 -28.28 47.85 -41.15
C PRO H 52 -27.26 47.88 -39.98
N ASP H 53 -26.63 46.73 -39.70
CA ASP H 53 -25.77 46.62 -38.50
C ASP H 53 -24.28 46.46 -38.79
N CYS H 54 -23.89 46.58 -40.06
CA CYS H 54 -22.49 46.41 -40.45
C CYS H 54 -21.67 47.63 -40.08
N GLU H 55 -20.37 47.41 -39.96
CA GLU H 55 -19.40 48.49 -39.77
C GLU H 55 -19.62 49.67 -40.75
N LEU H 56 -19.89 49.40 -42.02
CA LEU H 56 -20.08 50.49 -43.00
C LEU H 56 -21.20 51.44 -42.57
N GLU H 57 -22.33 50.87 -42.18
CA GLU H 57 -23.51 51.61 -41.81
C GLU H 57 -23.26 52.58 -40.64
N LYS H 58 -22.32 52.21 -39.75
CA LYS H 58 -21.91 53.01 -38.60
C LYS H 58 -21.34 54.37 -39.02
N HIS H 59 -20.62 54.39 -40.14
CA HIS H 59 -19.87 55.55 -40.57
C HIS H 59 -20.53 56.37 -41.67
N ILE H 60 -21.50 55.77 -42.35
CA ILE H 60 -22.34 56.48 -43.32
C ILE H 60 -22.79 57.92 -42.91
N PRO H 61 -23.32 58.10 -41.67
CA PRO H 61 -23.82 59.44 -41.28
C PRO H 61 -22.81 60.59 -41.29
N ASP H 62 -21.54 60.34 -41.04
CA ASP H 62 -20.59 61.46 -40.96
C ASP H 62 -19.34 61.46 -41.88
N LEU H 63 -19.19 60.43 -42.72
CA LEU H 63 -18.06 60.42 -43.67
C LEU H 63 -18.17 61.54 -44.73
N HIS H 64 -17.03 62.04 -45.19
CA HIS H 64 -16.97 63.00 -46.30
C HIS H 64 -16.67 62.35 -47.64
N VAL H 65 -15.81 61.31 -47.61
CA VAL H 65 -15.45 60.55 -48.84
C VAL H 65 -15.62 59.02 -48.61
N LEU H 66 -16.25 58.34 -49.59
CA LEU H 66 -16.36 56.88 -49.59
C LEU H 66 -15.68 56.29 -50.84
N ILE H 67 -14.59 55.54 -50.62
CA ILE H 67 -13.89 54.80 -51.65
C ILE H 67 -14.46 53.38 -51.68
N SER H 68 -15.06 52.99 -52.80
CA SER H 68 -15.51 51.61 -52.97
C SER H 68 -14.67 50.87 -54.00
N THR H 69 -14.99 49.58 -54.23
CA THR H 69 -14.23 48.80 -55.23
C THR H 69 -15.16 47.76 -55.81
N PRO H 70 -15.17 47.60 -57.16
CA PRO H 70 -16.19 46.75 -57.78
C PRO H 70 -16.15 45.29 -57.33
N PHE H 71 -14.97 44.81 -56.92
CA PHE H 71 -14.74 43.37 -56.57
C PHE H 71 -15.37 42.97 -55.24
N HIS H 72 -15.69 43.97 -54.42
CA HIS H 72 -16.37 43.75 -53.15
C HIS H 72 -17.24 45.00 -52.92
N PRO H 73 -18.35 45.13 -53.69
CA PRO H 73 -18.92 46.47 -53.86
C PRO H 73 -19.87 46.94 -52.74
N ALA H 74 -19.59 48.12 -52.19
CA ALA H 74 -20.54 48.76 -51.29
C ALA H 74 -21.76 49.16 -52.12
N TYR H 75 -22.96 48.68 -51.76
CA TYR H 75 -24.16 49.08 -52.49
C TYR H 75 -24.73 50.39 -51.91
N VAL H 76 -24.41 51.50 -52.59
CA VAL H 76 -24.75 52.86 -52.09
C VAL H 76 -26.13 53.21 -52.67
N THR H 77 -27.16 52.81 -51.93
CA THR H 77 -28.57 52.92 -52.34
C THR H 77 -29.08 54.34 -52.06
N ALA H 78 -30.26 54.68 -52.62
CA ALA H 78 -30.95 55.95 -52.36
C ALA H 78 -31.10 56.22 -50.87
N GLU H 79 -31.44 55.17 -50.10
CA GLU H 79 -31.62 55.31 -48.65
C GLU H 79 -30.29 55.60 -47.90
N ARG H 80 -29.20 54.96 -48.30
CA ARG H 80 -27.90 55.25 -47.70
C ARG H 80 -27.42 56.69 -48.03
N ILE H 81 -27.66 57.15 -49.28
CA ILE H 81 -27.31 58.51 -49.71
C ILE H 81 -28.04 59.55 -48.83
N LYS H 82 -29.35 59.31 -48.59
CA LYS H 82 -30.16 60.21 -47.73
C LYS H 82 -29.62 60.30 -46.29
N LYS H 83 -29.08 59.19 -45.79
CA LYS H 83 -28.54 59.14 -44.44
C LYS H 83 -27.15 59.76 -44.34
N ALA H 84 -26.50 59.96 -45.48
CA ALA H 84 -25.09 60.36 -45.52
C ALA H 84 -24.97 61.90 -45.49
N LYS H 85 -25.07 62.49 -44.29
CA LYS H 85 -25.22 63.95 -44.17
C LYS H 85 -23.99 64.77 -44.54
N ASN H 86 -22.80 64.18 -44.42
CA ASN H 86 -21.54 64.85 -44.72
C ASN H 86 -20.92 64.47 -46.09
N LEU H 87 -21.47 63.44 -46.74
CA LEU H 87 -20.87 62.91 -47.99
C LEU H 87 -20.84 63.92 -49.13
N LYS H 88 -19.66 64.00 -49.75
CA LYS H 88 -19.40 64.87 -50.92
C LYS H 88 -19.01 64.08 -52.19
N LEU H 89 -18.03 63.18 -51.99
CA LEU H 89 -17.33 62.51 -53.09
C LEU H 89 -17.33 60.98 -52.97
N LEU H 90 -17.70 60.31 -54.07
CA LEU H 90 -17.67 58.83 -54.17
C LEU H 90 -16.65 58.41 -55.22
N LEU H 91 -15.56 57.78 -54.78
CA LEU H 91 -14.46 57.32 -55.62
C LEU H 91 -14.47 55.76 -55.79
N THR H 92 -14.41 55.29 -57.03
CA THR H 92 -14.39 53.83 -57.34
C THR H 92 -12.95 53.46 -57.64
N ALA H 93 -12.35 52.63 -56.79
CA ALA H 93 -11.00 52.13 -57.04
C ALA H 93 -11.10 50.94 -58.05
N GLY H 94 -10.98 51.23 -59.36
CA GLY H 94 -11.29 50.27 -60.44
C GLY H 94 -12.21 51.01 -61.42
N ILE H 95 -13.05 50.27 -62.15
CA ILE H 95 -13.88 50.86 -63.22
C ILE H 95 -15.29 50.29 -63.16
N GLY H 96 -16.29 51.16 -63.31
CA GLY H 96 -17.67 50.74 -63.24
C GLY H 96 -18.28 51.16 -61.91
N SER H 97 -19.19 52.12 -61.96
CA SER H 97 -19.69 52.75 -60.73
C SER H 97 -21.16 52.44 -60.44
N ASP H 98 -21.64 51.36 -61.07
CA ASP H 98 -23.06 50.96 -61.07
C ASP H 98 -23.52 50.45 -59.69
N HIS H 99 -22.58 50.14 -58.79
CA HIS H 99 -22.95 49.74 -57.44
C HIS H 99 -23.51 50.94 -56.62
N ILE H 100 -23.36 52.15 -57.16
CA ILE H 100 -24.02 53.35 -56.64
C ILE H 100 -25.33 53.54 -57.41
N ASP H 101 -26.39 54.00 -56.73
CA ASP H 101 -27.58 54.52 -57.41
C ASP H 101 -27.18 55.91 -58.00
N LEU H 102 -26.68 55.89 -59.23
CA LEU H 102 -26.04 57.07 -59.87
C LEU H 102 -27.03 58.27 -60.04
N GLN H 103 -28.27 57.99 -60.41
CA GLN H 103 -29.29 59.08 -60.53
C GLN H 103 -29.66 59.64 -59.13
N ALA H 104 -29.77 58.78 -58.13
CA ALA H 104 -29.98 59.30 -56.79
C ALA H 104 -28.79 60.15 -56.36
N ALA H 105 -27.58 59.77 -56.73
CA ALA H 105 -26.39 60.58 -56.31
C ALA H 105 -26.40 61.94 -57.01
N ALA H 106 -26.78 61.94 -58.28
CA ALA H 106 -27.04 63.17 -59.04
C ALA H 106 -28.06 64.11 -58.38
N ALA H 107 -29.19 63.55 -57.98
CA ALA H 107 -30.28 64.31 -57.37
C ALA H 107 -29.82 64.90 -56.02
N ALA H 108 -28.86 64.22 -55.38
CA ALA H 108 -28.39 64.62 -54.09
C ALA H 108 -27.24 65.59 -54.21
N GLY H 109 -26.86 65.97 -55.43
CA GLY H 109 -25.73 66.89 -55.64
C GLY H 109 -24.35 66.34 -55.32
N LEU H 110 -24.19 65.02 -55.47
CA LEU H 110 -22.86 64.40 -55.18
C LEU H 110 -22.02 64.34 -56.45
N THR H 111 -20.74 64.07 -56.29
CA THR H 111 -19.83 63.80 -57.40
C THR H 111 -19.36 62.34 -57.32
N VAL H 112 -19.47 61.58 -58.42
CA VAL H 112 -18.99 60.19 -58.51
C VAL H 112 -17.87 60.13 -59.57
N ALA H 113 -16.70 59.57 -59.21
CA ALA H 113 -15.60 59.39 -60.14
C ALA H 113 -14.94 58.00 -60.01
N GLU H 114 -14.25 57.58 -61.06
CA GLU H 114 -13.56 56.28 -61.14
C GLU H 114 -12.25 56.41 -61.93
N VAL H 115 -11.35 55.42 -61.81
CA VAL H 115 -10.04 55.51 -62.42
C VAL H 115 -10.11 55.01 -63.87
N THR H 116 -10.72 55.81 -64.75
CA THR H 116 -10.91 55.44 -66.14
C THR H 116 -9.60 54.89 -66.74
N GLY H 117 -9.70 53.79 -67.51
CA GLY H 117 -8.53 53.17 -68.15
C GLY H 117 -7.53 52.39 -67.30
N SER H 118 -7.74 52.25 -65.98
CA SER H 118 -6.69 51.61 -65.15
C SER H 118 -6.49 50.06 -65.25
N ASN H 119 -7.51 49.32 -65.65
CA ASN H 119 -7.42 47.85 -65.75
C ASN H 119 -8.05 47.29 -67.05
N VAL H 120 -8.18 48.17 -68.06
CA VAL H 120 -8.77 47.81 -69.34
C VAL H 120 -7.98 46.73 -70.11
N VAL H 121 -6.65 46.77 -70.02
CA VAL H 121 -5.82 45.75 -70.66
C VAL H 121 -6.06 44.42 -69.96
N SER H 122 -6.13 44.47 -68.62
CA SER H 122 -6.34 43.27 -67.79
C SER H 122 -7.63 42.55 -68.18
N VAL H 123 -8.73 43.27 -68.33
CA VAL H 123 -10.00 42.67 -68.71
C VAL H 123 -9.99 42.13 -70.18
N ALA H 124 -9.35 42.87 -71.10
CA ALA H 124 -9.25 42.42 -72.52
C ALA H 124 -8.52 41.05 -72.62
N GLU H 125 -7.47 40.86 -71.85
CA GLU H 125 -6.71 39.62 -71.85
C GLU H 125 -7.62 38.46 -71.35
N ASP H 126 -8.33 38.72 -70.25
CA ASP H 126 -9.14 37.70 -69.57
C ASP H 126 -10.31 37.29 -70.46
N GLU H 127 -10.91 38.28 -71.16
CA GLU H 127 -11.96 37.99 -72.13
C GLU H 127 -11.50 37.07 -73.28
N LEU H 128 -10.30 37.34 -73.82
CA LEU H 128 -9.77 36.54 -74.93
C LEU H 128 -9.47 35.10 -74.45
N MET H 129 -8.92 34.97 -73.24
CA MET H 129 -8.70 33.65 -72.60
C MET H 129 -10.00 32.83 -72.54
N ARG H 130 -11.09 33.50 -72.21
CA ARG H 130 -12.37 32.85 -72.01
C ARG H 130 -13.05 32.49 -73.33
N ILE H 131 -12.84 33.31 -74.36
CA ILE H 131 -13.31 32.98 -75.76
C ILE H 131 -12.73 31.61 -76.15
N LEU H 132 -11.42 31.45 -75.91
CA LEU H 132 -10.69 30.19 -76.18
C LEU H 132 -11.13 29.00 -75.32
N ILE H 133 -11.24 29.22 -74.01
CA ILE H 133 -11.75 28.21 -73.08
C ILE H 133 -13.11 27.65 -73.53
N LEU H 134 -14.02 28.55 -73.92
CA LEU H 134 -15.32 28.11 -74.45
C LEU H 134 -15.23 27.40 -75.81
N MET H 135 -14.53 27.98 -76.76
CA MET H 135 -14.55 27.48 -78.14
C MET H 135 -13.86 26.10 -78.22
N ARG H 136 -12.76 25.99 -77.47
CA ARG H 136 -11.89 24.80 -77.50
C ARG H 136 -12.18 23.77 -76.40
N ASN H 137 -13.18 24.05 -75.58
CA ASN H 137 -13.67 23.14 -74.53
C ASN H 137 -12.72 22.72 -73.46
N PHE H 138 -12.01 23.69 -72.90
CA PHE H 138 -11.07 23.39 -71.86
C PHE H 138 -11.70 22.79 -70.56
N VAL H 139 -12.85 23.31 -70.13
CA VAL H 139 -13.38 22.96 -68.80
C VAL H 139 -13.80 21.45 -68.72
N PRO H 140 -14.51 20.91 -69.75
CA PRO H 140 -14.76 19.43 -69.65
C PRO H 140 -13.50 18.55 -69.60
N GLY H 141 -12.42 19.02 -70.24
CA GLY H 141 -11.15 18.32 -70.19
C GLY H 141 -10.57 18.32 -68.80
N TYR H 142 -10.60 19.49 -68.15
CA TYR H 142 -10.09 19.66 -66.77
C TYR H 142 -10.88 18.73 -65.82
N ASN H 143 -12.21 18.72 -65.95
CA ASN H 143 -13.08 17.88 -65.12
C ASN H 143 -12.84 16.36 -65.30
N GLN H 144 -12.60 15.90 -66.54
CA GLN H 144 -12.17 14.50 -66.77
C GLN H 144 -10.85 14.22 -66.03
N VAL H 145 -9.88 15.14 -66.15
CA VAL H 145 -8.55 14.94 -65.50
C VAL H 145 -8.71 14.78 -63.97
N VAL H 146 -9.44 15.67 -63.33
CA VAL H 146 -9.56 15.55 -61.86
C VAL H 146 -10.40 14.29 -61.38
N LYS H 147 -11.32 13.82 -62.22
CA LYS H 147 -12.18 12.67 -61.91
C LYS H 147 -11.53 11.30 -62.23
N GLY H 148 -10.30 11.32 -62.72
CA GLY H 148 -9.60 10.09 -63.08
C GLY H 148 -10.03 9.50 -64.44
N GLU H 149 -10.75 10.30 -65.24
CA GLU H 149 -11.35 9.83 -66.53
C GLU H 149 -10.45 10.06 -67.74
N TRP H 150 -10.75 9.39 -68.87
CA TRP H 150 -10.08 9.66 -70.15
C TRP H 150 -11.05 9.26 -71.30
N ASN H 151 -11.64 10.26 -71.96
CA ASN H 151 -12.57 10.04 -73.07
C ASN H 151 -12.38 11.22 -74.07
N VAL H 152 -11.42 11.06 -74.99
CA VAL H 152 -11.10 12.15 -75.95
C VAL H 152 -12.38 12.59 -76.72
N ALA H 153 -13.17 11.61 -77.17
CA ALA H 153 -14.41 11.88 -77.93
C ALA H 153 -15.38 12.81 -77.24
N GLY H 154 -15.45 12.73 -75.90
CA GLY H 154 -16.40 13.52 -75.10
C GLY H 154 -16.10 15.01 -75.11
N ILE H 155 -14.89 15.33 -75.55
CA ILE H 155 -14.43 16.68 -75.74
C ILE H 155 -14.35 17.00 -77.23
N ALA H 156 -13.78 16.10 -78.03
CA ALA H 156 -13.55 16.38 -79.46
C ALA H 156 -14.77 16.48 -80.35
N TYR H 157 -15.92 15.95 -79.93
CA TYR H 157 -17.11 16.04 -80.79
C TYR H 157 -17.69 17.49 -80.89
N ARG H 158 -17.32 18.37 -79.96
CA ARG H 158 -17.86 19.74 -79.98
C ARG H 158 -16.77 20.82 -79.82
N ALA H 159 -15.49 20.47 -79.88
CA ALA H 159 -14.43 21.46 -79.81
C ALA H 159 -14.04 21.94 -81.22
N TYR H 160 -13.77 23.26 -81.33
CA TYR H 160 -13.45 23.90 -82.60
C TYR H 160 -12.23 24.85 -82.44
N ASP H 161 -11.53 25.15 -83.54
CA ASP H 161 -10.59 26.27 -83.56
C ASP H 161 -11.29 27.64 -83.54
N LEU H 162 -10.62 28.65 -83.00
CA LEU H 162 -11.15 30.03 -83.04
C LEU H 162 -11.02 30.64 -84.44
N GLU H 163 -9.92 30.30 -85.09
CA GLU H 163 -9.71 30.71 -86.51
C GLU H 163 -10.98 30.53 -87.34
N GLY H 164 -11.38 31.55 -88.09
CA GLY H 164 -12.51 31.45 -89.03
C GLY H 164 -13.92 31.72 -88.45
N LYS H 165 -14.05 31.82 -87.13
CA LYS H 165 -15.34 32.02 -86.48
C LYS H 165 -15.75 33.50 -86.43
N THR H 166 -17.04 33.77 -86.32
CA THR H 166 -17.56 35.12 -86.16
C THR H 166 -17.74 35.50 -84.71
N ILE H 167 -17.00 36.52 -84.29
CA ILE H 167 -17.03 37.05 -82.95
C ILE H 167 -17.59 38.50 -83.00
N GLY H 168 -18.58 38.78 -82.19
CA GLY H 168 -19.15 40.14 -82.05
C GLY H 168 -18.97 40.68 -80.65
N THR H 169 -18.40 41.87 -80.53
CA THR H 169 -18.38 42.56 -79.24
C THR H 169 -19.53 43.60 -79.13
N VAL H 170 -20.36 43.44 -78.11
CA VAL H 170 -21.50 44.34 -77.84
C VAL H 170 -20.91 45.45 -76.95
N GLY H 171 -20.45 46.53 -77.59
CA GLY H 171 -19.73 47.58 -76.89
C GLY H 171 -18.31 47.56 -77.39
N ALA H 172 -17.86 48.73 -77.84
CA ALA H 172 -16.52 48.89 -78.34
C ALA H 172 -15.96 50.26 -77.81
N GLY H 173 -15.84 50.37 -76.49
CA GLY H 173 -15.16 51.46 -75.83
C GLY H 173 -13.77 50.94 -75.59
N ARG H 174 -13.18 51.32 -74.44
CA ARG H 174 -11.78 51.03 -74.19
C ARG H 174 -11.45 49.53 -74.18
N ILE H 175 -12.20 48.76 -73.38
CA ILE H 175 -11.94 47.30 -73.36
C ILE H 175 -12.22 46.62 -74.70
N GLY H 176 -13.39 46.89 -75.29
CA GLY H 176 -13.76 46.26 -76.58
C GLY H 176 -12.67 46.52 -77.66
N LYS H 177 -12.13 47.75 -77.73
CA LYS H 177 -11.03 48.06 -78.67
C LYS H 177 -9.77 47.22 -78.41
N LEU H 178 -9.32 47.15 -77.15
CA LEU H 178 -8.17 46.31 -76.79
C LEU H 178 -8.38 44.81 -77.09
N LEU H 179 -9.60 44.33 -76.91
CA LEU H 179 -9.94 42.92 -77.26
C LEU H 179 -9.81 42.70 -78.77
N LEU H 180 -10.38 43.59 -79.58
CA LEU H 180 -10.25 43.49 -81.02
C LEU H 180 -8.79 43.47 -81.51
N GLN H 181 -7.96 44.34 -80.95
CA GLN H 181 -6.50 44.33 -81.28
C GLN H 181 -5.82 43.01 -80.96
N ARG H 182 -6.17 42.40 -79.81
CA ARG H 182 -5.58 41.08 -79.49
C ARG H 182 -6.20 39.92 -80.32
N LEU H 183 -7.39 40.11 -80.89
CA LEU H 183 -8.04 39.06 -81.70
C LEU H 183 -7.58 39.09 -83.17
N LYS H 184 -7.13 40.26 -83.62
CA LYS H 184 -6.61 40.43 -85.00
C LYS H 184 -5.75 39.29 -85.58
N PRO H 185 -4.67 38.84 -84.91
CA PRO H 185 -3.84 37.77 -85.50
C PRO H 185 -4.49 36.35 -85.49
N PHE H 186 -5.66 36.20 -84.89
CA PHE H 186 -6.29 34.85 -84.81
C PHE H 186 -7.04 34.51 -86.09
N GLY H 187 -7.24 35.52 -86.94
CA GLY H 187 -7.85 35.31 -88.26
C GLY H 187 -9.33 34.98 -88.23
N CYS H 188 -10.11 35.80 -87.52
CA CYS H 188 -11.56 35.60 -87.35
C CYS H 188 -12.36 36.64 -88.15
N ASN H 189 -13.69 36.47 -88.19
CA ASN H 189 -14.59 37.49 -88.74
C ASN H 189 -15.07 38.39 -87.59
N LEU H 190 -14.44 39.58 -87.43
CA LEU H 190 -14.77 40.45 -86.27
C LEU H 190 -15.86 41.49 -86.59
N LEU H 191 -16.89 41.51 -85.73
CA LEU H 191 -18.00 42.47 -85.83
C LEU H 191 -18.09 43.24 -84.50
N TYR H 192 -18.63 44.47 -84.54
CA TYR H 192 -18.89 45.25 -83.28
C TYR H 192 -20.14 46.12 -83.40
N HIS H 193 -20.84 46.27 -82.29
CA HIS H 193 -21.94 47.20 -82.16
C HIS H 193 -21.68 48.16 -81.01
N ASP H 194 -22.04 49.42 -81.23
CA ASP H 194 -21.90 50.49 -80.20
C ASP H 194 -22.77 51.66 -80.62
N ARG H 195 -23.05 52.59 -79.70
CA ARG H 195 -23.74 53.82 -80.10
C ARG H 195 -22.74 54.71 -80.87
N LEU H 196 -21.46 54.57 -80.53
CA LEU H 196 -20.37 55.29 -81.20
C LEU H 196 -19.49 54.41 -82.10
N GLN H 197 -19.44 54.73 -83.41
CA GLN H 197 -18.52 54.09 -84.35
C GLN H 197 -17.06 54.37 -84.00
N MET H 198 -16.16 53.37 -84.11
CA MET H 198 -14.71 53.60 -83.90
C MET H 198 -14.09 54.47 -85.00
N ALA H 199 -12.84 54.93 -84.82
CA ALA H 199 -12.11 55.69 -85.88
C ALA H 199 -11.77 54.79 -87.07
N PRO H 200 -11.93 55.27 -88.33
CA PRO H 200 -11.57 54.44 -89.51
C PRO H 200 -10.20 53.73 -89.43
N GLU H 201 -9.17 54.39 -88.93
CA GLU H 201 -7.86 53.74 -88.86
C GLU H 201 -7.81 52.51 -87.92
N LEU H 202 -8.58 52.57 -86.84
CA LEU H 202 -8.68 51.43 -85.90
C LEU H 202 -9.56 50.29 -86.47
N GLU H 203 -10.68 50.61 -87.14
CA GLU H 203 -11.47 49.60 -87.84
C GLU H 203 -10.60 48.80 -88.81
N LYS H 204 -9.76 49.52 -89.57
CA LYS H 204 -8.94 48.93 -90.61
C LYS H 204 -7.82 48.09 -90.06
N GLU H 205 -7.18 48.58 -89.00
CA GLU H 205 -6.11 47.83 -88.37
C GLU H 205 -6.57 46.51 -87.69
N THR H 206 -7.80 46.50 -87.16
CA THR H 206 -8.33 45.30 -86.45
C THR H 206 -9.11 44.40 -87.39
N GLY H 207 -9.61 45.00 -88.47
CA GLY H 207 -10.51 44.31 -89.40
C GLY H 207 -11.94 44.18 -88.86
N ALA H 208 -12.29 45.00 -87.86
CA ALA H 208 -13.63 44.89 -87.22
C ALA H 208 -14.68 45.73 -87.95
N LYS H 209 -15.83 45.13 -88.28
CA LYS H 209 -16.85 45.84 -89.04
C LYS H 209 -18.03 46.35 -88.18
N PHE H 210 -18.42 47.61 -88.40
CA PHE H 210 -19.46 48.30 -87.59
C PHE H 210 -20.82 47.79 -87.97
N VAL H 211 -21.60 47.34 -86.98
CA VAL H 211 -23.02 47.05 -87.21
C VAL H 211 -23.87 48.02 -86.34
N GLU H 212 -24.51 48.98 -87.00
CA GLU H 212 -25.26 50.06 -86.31
C GLU H 212 -26.43 49.53 -85.51
N ASP H 213 -27.09 48.53 -86.07
CA ASP H 213 -28.26 47.94 -85.45
C ASP H 213 -27.90 46.60 -84.78
N LEU H 214 -27.93 46.59 -83.44
CA LEU H 214 -27.60 45.39 -82.64
C LEU H 214 -28.35 44.15 -83.12
N ASN H 215 -29.65 44.27 -83.35
CA ASN H 215 -30.45 43.13 -83.80
C ASN H 215 -29.97 42.48 -85.12
N GLU H 216 -29.30 43.25 -85.97
CA GLU H 216 -28.74 42.70 -87.18
C GLU H 216 -27.48 41.87 -86.87
N MET H 217 -26.64 42.37 -85.94
CA MET H 217 -25.43 41.67 -85.52
C MET H 217 -25.70 40.29 -84.86
N LEU H 218 -26.71 40.23 -84.00
CA LEU H 218 -26.76 39.12 -83.05
C LEU H 218 -26.83 37.70 -83.65
N PRO H 219 -27.74 37.44 -84.63
CA PRO H 219 -27.79 36.07 -85.14
C PRO H 219 -26.56 35.59 -85.94
N LYS H 220 -25.65 36.51 -86.33
CA LYS H 220 -24.47 36.12 -87.09
C LYS H 220 -23.29 35.58 -86.25
N CYS H 221 -23.34 35.76 -84.93
CA CYS H 221 -22.19 35.51 -84.06
C CYS H 221 -22.10 34.11 -83.46
N ASP H 222 -20.96 33.44 -83.72
CA ASP H 222 -20.55 32.22 -82.98
C ASP H 222 -20.22 32.53 -81.54
N VAL H 223 -19.62 33.71 -81.32
CA VAL H 223 -19.28 34.18 -79.96
C VAL H 223 -19.75 35.64 -79.75
N ILE H 224 -20.36 35.91 -78.62
CA ILE H 224 -20.81 37.26 -78.23
C ILE H 224 -20.02 37.62 -76.99
N VAL H 225 -19.41 38.82 -76.98
CA VAL H 225 -18.70 39.38 -75.80
C VAL H 225 -19.33 40.72 -75.30
N ILE H 226 -19.71 40.76 -74.02
CA ILE H 226 -20.40 41.92 -73.38
C ILE H 226 -19.33 42.94 -72.95
N ASN H 227 -19.43 44.17 -73.45
CA ASN H 227 -18.38 45.18 -73.21
C ASN H 227 -18.96 46.62 -73.06
N MET H 228 -20.10 46.72 -72.37
CA MET H 228 -20.76 48.00 -72.06
C MET H 228 -20.79 48.16 -70.52
N PRO H 229 -20.97 49.41 -70.01
CA PRO H 229 -21.21 49.54 -68.58
C PRO H 229 -22.62 49.07 -68.23
N LEU H 230 -22.90 48.87 -66.93
CA LEU H 230 -24.28 48.60 -66.48
C LEU H 230 -25.00 49.95 -66.31
N THR H 231 -26.03 50.18 -67.12
CA THR H 231 -26.75 51.43 -67.15
C THR H 231 -28.28 51.16 -67.05
N GLU H 232 -29.06 52.22 -67.00
CA GLU H 232 -30.50 52.03 -66.97
C GLU H 232 -30.97 51.33 -68.22
N LYS H 233 -30.38 51.68 -69.38
CA LYS H 233 -30.63 51.00 -70.66
C LYS H 233 -30.06 49.57 -70.81
N THR H 234 -28.87 49.29 -70.29
CA THR H 234 -28.30 47.94 -70.41
C THR H 234 -28.77 46.96 -69.33
N ARG H 235 -29.36 47.45 -68.23
CA ARG H 235 -29.80 46.59 -67.13
C ARG H 235 -30.89 45.62 -67.61
N GLY H 236 -30.60 44.32 -67.48
CA GLY H 236 -31.42 43.23 -68.03
C GLY H 236 -31.73 43.28 -69.53
N MET H 237 -30.93 43.97 -70.33
CA MET H 237 -31.20 43.93 -71.78
C MET H 237 -31.14 42.52 -72.40
N PHE H 238 -30.27 41.65 -71.87
CA PHE H 238 -30.26 40.27 -72.42
C PHE H 238 -31.32 39.41 -71.65
N ASN H 239 -32.57 39.52 -72.11
CA ASN H 239 -33.75 38.85 -71.51
C ASN H 239 -34.16 37.64 -72.40
N LYS H 240 -35.28 36.96 -72.06
CA LYS H 240 -35.74 35.83 -72.87
C LYS H 240 -35.78 36.17 -74.35
N GLU H 241 -36.39 37.30 -74.69
CA GLU H 241 -36.56 37.63 -76.12
C GLU H 241 -35.23 37.89 -76.85
N LEU H 242 -34.29 38.58 -76.21
CA LEU H 242 -33.07 39.00 -76.91
C LEU H 242 -32.08 37.83 -77.08
N ILE H 243 -31.94 37.03 -76.04
CA ILE H 243 -31.17 35.79 -76.07
C ILE H 243 -31.74 34.83 -77.15
N GLY H 244 -33.06 34.86 -77.34
CA GLY H 244 -33.69 34.06 -78.39
C GLY H 244 -33.24 34.43 -79.80
N LYS H 245 -32.79 35.66 -79.98
CA LYS H 245 -32.31 36.14 -81.27
C LYS H 245 -30.88 35.70 -81.60
N LEU H 246 -30.14 35.23 -80.58
CA LEU H 246 -28.77 34.69 -80.74
C LEU H 246 -28.76 33.36 -81.50
N LYS H 247 -27.65 33.08 -82.19
CA LYS H 247 -27.46 31.77 -82.87
C LYS H 247 -27.59 30.62 -81.86
N LYS H 248 -28.27 29.54 -82.27
CA LYS H 248 -28.33 28.33 -81.45
C LYS H 248 -26.92 27.86 -81.13
N GLY H 249 -26.62 27.59 -79.86
CA GLY H 249 -25.28 27.17 -79.48
C GLY H 249 -24.24 28.30 -79.31
N VAL H 250 -24.70 29.56 -79.31
CA VAL H 250 -23.82 30.76 -79.11
C VAL H 250 -22.94 30.62 -77.84
N LEU H 251 -21.67 31.04 -77.89
CA LEU H 251 -20.80 31.08 -76.69
C LEU H 251 -20.73 32.52 -76.16
N ILE H 252 -20.99 32.72 -74.86
CA ILE H 252 -21.07 34.09 -74.31
C ILE H 252 -20.01 34.38 -73.27
N VAL H 253 -19.30 35.49 -73.49
CA VAL H 253 -18.28 35.95 -72.52
C VAL H 253 -18.75 37.31 -71.95
N ASN H 254 -18.81 37.37 -70.64
CA ASN H 254 -19.29 38.56 -69.93
C ASN H 254 -18.46 38.88 -68.72
N ASN H 255 -17.44 39.70 -68.93
CA ASN H 255 -16.64 40.28 -67.82
C ASN H 255 -17.02 41.78 -67.60
N ALA H 256 -18.17 42.22 -68.14
CA ALA H 256 -18.69 43.58 -67.96
C ALA H 256 -19.39 43.68 -66.60
N ARG H 257 -20.68 43.33 -66.57
CA ARG H 257 -21.47 43.28 -65.33
C ARG H 257 -22.53 42.17 -65.42
N GLY H 258 -22.73 41.42 -64.33
CA GLY H 258 -23.76 40.31 -64.26
C GLY H 258 -25.13 40.80 -64.71
N ALA H 259 -25.59 41.91 -64.13
CA ALA H 259 -26.99 42.34 -64.29
C ALA H 259 -27.35 42.82 -65.69
N ILE H 260 -26.38 42.94 -66.60
CA ILE H 260 -26.71 43.15 -68.04
C ILE H 260 -27.53 41.96 -68.62
N MET H 261 -27.34 40.79 -68.00
CA MET H 261 -28.06 39.56 -68.34
C MET H 261 -29.19 39.43 -67.30
N GLU H 262 -30.40 39.06 -67.70
CA GLU H 262 -31.36 38.53 -66.71
C GLU H 262 -30.87 37.13 -66.26
N ARG H 263 -30.72 36.99 -64.97
CA ARG H 263 -30.14 35.80 -64.38
C ARG H 263 -30.82 34.45 -64.80
N GLN H 264 -32.13 34.39 -64.62
CA GLN H 264 -32.89 33.17 -64.97
C GLN H 264 -33.03 32.96 -66.48
N ALA H 265 -33.00 34.03 -67.26
CA ALA H 265 -33.06 33.84 -68.70
C ALA H 265 -31.78 33.15 -69.25
N VAL H 266 -30.66 33.36 -68.56
CA VAL H 266 -29.41 32.66 -68.90
C VAL H 266 -29.49 31.22 -68.46
N VAL H 267 -30.05 30.99 -67.27
CA VAL H 267 -30.23 29.59 -66.80
C VAL H 267 -31.09 28.81 -67.82
N ASP H 268 -32.24 29.37 -68.19
CA ASP H 268 -33.15 28.65 -69.08
C ASP H 268 -32.49 28.31 -70.45
N ALA H 269 -31.81 29.29 -71.07
CA ALA H 269 -31.24 29.08 -72.40
C ALA H 269 -29.99 28.20 -72.43
N VAL H 270 -29.27 28.13 -71.30
CA VAL H 270 -28.15 27.21 -71.15
C VAL H 270 -28.71 25.79 -71.02
N GLU H 271 -29.80 25.63 -70.27
CA GLU H 271 -30.43 24.31 -70.07
C GLU H 271 -31.05 23.79 -71.36
N SER H 272 -31.63 24.68 -72.17
CA SER H 272 -32.19 24.28 -73.46
C SER H 272 -31.07 23.96 -74.47
N GLY H 273 -29.88 24.53 -74.26
CA GLY H 273 -28.77 24.39 -75.22
C GLY H 273 -28.72 25.51 -76.20
N HIS H 274 -29.65 26.47 -76.10
CA HIS H 274 -29.64 27.61 -77.04
C HIS H 274 -28.34 28.46 -76.82
N ILE H 275 -27.96 28.63 -75.56
CA ILE H 275 -26.59 29.05 -75.21
C ILE H 275 -25.74 27.81 -74.99
N GLY H 276 -24.71 27.63 -75.81
CA GLY H 276 -23.79 26.50 -75.67
C GLY H 276 -22.83 26.58 -74.51
N GLY H 277 -22.57 27.80 -74.01
CA GLY H 277 -21.63 27.96 -72.89
C GLY H 277 -21.55 29.45 -72.52
N TYR H 278 -21.32 29.71 -71.22
CA TYR H 278 -21.32 31.07 -70.68
C TYR H 278 -20.12 31.17 -69.75
N SER H 279 -19.34 32.24 -69.87
CA SER H 279 -18.11 32.40 -69.04
C SER H 279 -17.88 33.89 -68.68
N GLY H 280 -17.58 34.16 -67.40
CA GLY H 280 -17.35 35.56 -66.96
C GLY H 280 -16.90 35.60 -65.49
N ASP H 281 -16.49 36.78 -65.03
CA ASP H 281 -16.09 36.94 -63.62
C ASP H 281 -17.07 37.77 -62.80
N VAL H 282 -18.14 38.28 -63.45
CA VAL H 282 -19.01 39.23 -62.78
C VAL H 282 -20.42 38.68 -62.54
N TRP H 283 -20.98 39.05 -61.38
CA TRP H 283 -22.23 38.47 -60.85
C TRP H 283 -23.20 39.50 -60.23
N ASP H 284 -24.47 39.11 -60.10
CA ASP H 284 -25.46 39.91 -59.36
C ASP H 284 -26.09 39.03 -58.31
N PRO H 285 -25.92 39.35 -56.99
CA PRO H 285 -25.13 40.45 -56.37
C PRO H 285 -23.73 39.94 -56.20
N GLN H 286 -22.82 40.70 -55.57
CA GLN H 286 -21.48 40.23 -55.20
C GLN H 286 -21.19 40.61 -53.76
N PRO H 287 -20.59 39.69 -52.98
CA PRO H 287 -20.28 38.28 -53.25
C PRO H 287 -21.49 37.51 -53.74
N ALA H 288 -21.26 36.59 -54.69
CA ALA H 288 -22.32 35.73 -55.15
C ALA H 288 -22.59 34.71 -54.05
N PRO H 289 -23.86 34.58 -53.64
CA PRO H 289 -24.23 33.57 -52.62
C PRO H 289 -23.93 32.12 -53.04
N LYS H 290 -23.74 31.24 -52.06
CA LYS H 290 -23.51 29.81 -52.30
C LYS H 290 -24.50 29.17 -53.27
N ASP H 291 -25.75 29.58 -53.23
CA ASP H 291 -26.73 28.97 -54.13
C ASP H 291 -26.97 29.68 -55.45
N HIS H 292 -26.15 30.69 -55.78
CA HIS H 292 -26.25 31.34 -57.10
C HIS H 292 -26.31 30.29 -58.21
N PRO H 293 -27.38 30.29 -59.03
CA PRO H 293 -27.60 29.28 -60.06
C PRO H 293 -26.60 29.28 -61.23
N TRP H 294 -25.89 30.39 -61.47
CA TRP H 294 -24.86 30.45 -62.51
C TRP H 294 -23.69 29.50 -62.15
N ARG H 295 -23.51 29.18 -60.89
CA ARG H 295 -22.45 28.23 -60.47
C ARG H 295 -22.70 26.77 -60.92
N TYR H 296 -23.96 26.42 -61.21
CA TYR H 296 -24.34 24.99 -61.32
C TYR H 296 -24.94 24.66 -62.69
N MET H 297 -25.19 25.66 -63.51
CA MET H 297 -25.72 25.40 -64.82
C MET H 297 -24.70 24.67 -65.71
N PRO H 298 -25.19 23.91 -66.71
CA PRO H 298 -24.29 23.15 -67.60
C PRO H 298 -23.34 24.07 -68.37
N ASN H 299 -22.10 23.61 -68.54
CA ASN H 299 -21.12 24.24 -69.45
C ASN H 299 -20.62 25.63 -69.01
N GLN H 300 -21.03 26.07 -67.81
CA GLN H 300 -20.53 27.33 -67.21
C GLN H 300 -19.00 27.29 -67.05
N ALA H 301 -18.33 28.42 -67.33
CA ALA H 301 -16.89 28.56 -67.06
C ALA H 301 -16.66 29.90 -66.29
N MET H 302 -17.30 29.98 -65.11
CA MET H 302 -17.30 31.18 -64.25
C MET H 302 -16.10 31.23 -63.31
N THR H 303 -15.69 32.44 -62.88
CA THR H 303 -14.80 32.59 -61.69
C THR H 303 -15.43 33.67 -60.80
N PRO H 304 -14.92 33.84 -59.55
CA PRO H 304 -15.36 35.08 -58.84
C PRO H 304 -14.76 36.36 -59.53
N HIS H 305 -15.09 37.57 -59.04
CA HIS H 305 -14.70 38.84 -59.74
C HIS H 305 -13.23 39.12 -59.54
N THR H 306 -12.40 38.72 -60.50
CA THR H 306 -10.94 38.81 -60.38
C THR H 306 -10.17 39.49 -61.53
N SER H 307 -10.77 39.59 -62.73
CA SER H 307 -9.98 40.02 -63.90
C SER H 307 -9.40 41.47 -63.80
N GLY H 308 -10.20 42.39 -63.25
CA GLY H 308 -9.72 43.77 -63.02
C GLY H 308 -8.93 44.02 -61.74
N THR H 309 -8.65 42.94 -60.99
CA THR H 309 -7.86 43.03 -59.76
C THR H 309 -6.62 42.08 -59.71
N THR H 310 -5.99 41.87 -60.85
CA THR H 310 -4.64 41.29 -60.84
C THR H 310 -3.74 42.29 -60.09
N ILE H 311 -2.60 41.83 -59.62
CA ILE H 311 -1.58 42.66 -58.95
C ILE H 311 -1.19 43.90 -59.78
N ASP H 312 -1.01 43.71 -61.10
CA ASP H 312 -0.66 44.81 -61.99
C ASP H 312 -1.80 45.84 -62.13
N ALA H 313 -3.05 45.37 -62.13
CA ALA H 313 -4.19 46.30 -62.21
C ALA H 313 -4.32 47.10 -60.89
N GLN H 314 -4.02 46.43 -59.77
CA GLN H 314 -4.10 47.04 -58.45
C GLN H 314 -3.17 48.26 -58.32
N LEU H 315 -1.94 48.13 -58.81
CA LEU H 315 -0.98 49.24 -58.77
C LEU H 315 -1.54 50.50 -59.42
N ARG H 316 -2.17 50.33 -60.57
CA ARG H 316 -2.66 51.45 -61.36
C ARG H 316 -3.94 52.08 -60.80
N TYR H 317 -4.90 51.29 -60.29
CA TYR H 317 -6.06 51.95 -59.69
C TYR H 317 -5.82 52.55 -58.29
N ALA H 318 -4.87 51.99 -57.55
CA ALA H 318 -4.39 52.60 -56.30
C ALA H 318 -3.76 54.00 -56.57
N ALA H 319 -2.75 54.09 -57.44
CA ALA H 319 -2.20 55.39 -57.77
C ALA H 319 -3.26 56.36 -58.26
N GLY H 320 -4.15 55.95 -59.17
CA GLY H 320 -5.21 56.85 -59.66
C GLY H 320 -6.20 57.35 -58.60
N THR H 321 -6.51 56.48 -57.64
CA THR H 321 -7.33 56.88 -56.48
C THR H 321 -6.61 57.96 -55.64
N LYS H 322 -5.34 57.70 -55.30
CA LYS H 322 -4.50 58.71 -54.62
C LYS H 322 -4.50 60.07 -55.33
N ASP H 323 -4.30 60.04 -56.63
CA ASP H 323 -4.20 61.27 -57.41
C ASP H 323 -5.52 62.05 -57.42
N MET H 324 -6.66 61.34 -57.34
CA MET H 324 -7.94 62.07 -57.32
C MET H 324 -8.15 62.65 -55.92
N LEU H 325 -7.59 61.99 -54.91
CA LEU H 325 -7.68 62.50 -53.53
C LEU H 325 -6.87 63.81 -53.36
N GLU H 326 -5.67 63.85 -53.94
CA GLU H 326 -4.82 65.06 -53.91
C GLU H 326 -5.49 66.25 -54.55
N ARG H 327 -6.04 66.05 -55.75
CA ARG H 327 -6.75 67.11 -56.45
C ARG H 327 -7.96 67.63 -55.64
N TYR H 328 -8.77 66.69 -55.13
CA TYR H 328 -9.88 67.00 -54.20
C TYR H 328 -9.44 67.87 -52.98
N PHE H 329 -8.41 67.44 -52.24
CA PHE H 329 -7.85 68.25 -51.15
C PHE H 329 -7.33 69.66 -51.54
N LYS H 330 -6.89 69.81 -52.79
CA LYS H 330 -6.47 71.09 -53.37
C LYS H 330 -7.55 71.88 -54.13
N GLY H 331 -8.77 71.36 -54.22
CA GLY H 331 -9.81 72.08 -54.98
C GLY H 331 -9.71 72.03 -56.50
N GLU H 332 -8.83 71.21 -57.06
CA GLU H 332 -8.78 71.09 -58.54
C GLU H 332 -9.60 69.95 -59.16
N ASP H 333 -10.06 70.17 -60.39
CA ASP H 333 -10.84 69.25 -61.18
C ASP H 333 -10.03 68.02 -61.56
N PHE H 334 -10.71 66.86 -61.64
CA PHE H 334 -10.10 65.59 -62.10
C PHE H 334 -9.95 65.56 -63.65
N PRO H 335 -9.12 64.62 -64.21
CA PRO H 335 -9.31 64.45 -65.68
C PRO H 335 -10.79 64.25 -66.05
N THR H 336 -11.29 64.93 -67.08
CA THR H 336 -12.75 64.90 -67.24
C THR H 336 -13.41 63.52 -67.51
N GLU H 337 -12.59 62.58 -68.01
CA GLU H 337 -13.03 61.21 -68.35
C GLU H 337 -13.22 60.34 -67.10
N ASN H 338 -12.73 60.83 -65.95
CA ASN H 338 -12.94 60.18 -64.65
C ASN H 338 -14.32 60.38 -64.04
N TYR H 339 -15.05 61.43 -64.46
CA TYR H 339 -16.33 61.80 -63.82
C TYR H 339 -17.42 60.91 -64.36
N ILE H 340 -18.19 60.34 -63.44
CA ILE H 340 -19.38 59.59 -63.80
C ILE H 340 -20.62 60.42 -63.46
N VAL H 341 -20.59 61.10 -62.33
CA VAL H 341 -21.69 62.02 -61.98
C VAL H 341 -21.10 63.37 -61.61
N LYS H 342 -21.68 64.45 -62.13
CA LYS H 342 -21.19 65.82 -61.80
C LYS H 342 -22.20 66.82 -62.32
N ASP H 343 -22.47 67.90 -61.54
CA ASP H 343 -23.50 68.91 -61.94
C ASP H 343 -24.88 68.30 -62.19
N GLY H 344 -25.24 67.25 -61.44
CA GLY H 344 -26.55 66.61 -61.61
C GLY H 344 -26.73 65.80 -62.90
N GLU H 345 -25.64 65.60 -63.67
CA GLU H 345 -25.68 64.77 -64.93
C GLU H 345 -24.79 63.51 -64.92
N LEU H 346 -25.28 62.44 -65.55
CA LEU H 346 -24.45 61.24 -65.76
C LEU H 346 -23.54 61.39 -66.97
N ALA H 347 -22.34 60.79 -66.91
CA ALA H 347 -21.46 60.65 -68.09
C ALA H 347 -22.22 60.10 -69.31
N PRO H 348 -21.87 60.58 -70.53
CA PRO H 348 -22.62 60.12 -71.72
C PRO H 348 -22.73 58.57 -71.87
N GLN H 349 -21.69 57.82 -71.49
CA GLN H 349 -21.74 56.35 -71.68
C GLN H 349 -22.69 55.63 -70.71
N TYR H 350 -23.23 56.36 -69.73
CA TYR H 350 -24.26 55.84 -68.81
C TYR H 350 -25.70 56.31 -69.11
N ARG H 351 -25.86 57.22 -70.06
CA ARG H 351 -27.22 57.67 -70.39
C ARG H 351 -27.84 56.77 -71.44
N ASP I 1 -23.32 -24.32 101.76
CA ASP I 1 -22.93 -25.41 100.82
C ASP I 1 -22.20 -24.86 99.60
N SER I 2 -22.72 -23.75 99.08
CA SER I 2 -22.30 -23.20 97.81
C SER I 2 -20.92 -22.53 97.91
N LYS I 3 -20.06 -22.77 96.91
CA LYS I 3 -18.67 -22.32 96.95
C LYS I 3 -18.34 -21.34 95.81
N LYS I 4 -17.26 -20.59 95.99
CA LYS I 4 -16.71 -19.75 94.93
C LYS I 4 -15.44 -20.38 94.35
N ILE I 5 -15.53 -20.76 93.07
CA ILE I 5 -14.48 -21.47 92.35
C ILE I 5 -13.92 -20.60 91.21
N VAL I 6 -12.62 -20.29 91.31
CA VAL I 6 -11.90 -19.52 90.28
C VAL I 6 -10.97 -20.44 89.44
N GLY I 7 -11.14 -20.44 88.11
CA GLY I 7 -10.13 -21.00 87.18
C GLY I 7 -9.22 -19.99 86.47
N VAL I 8 -7.89 -20.19 86.50
CA VAL I 8 -6.97 -19.39 85.66
C VAL I 8 -6.39 -20.23 84.50
N PHE I 9 -6.97 -20.08 83.30
CA PHE I 9 -6.52 -20.74 82.07
C PHE I 9 -5.91 -19.77 81.02
N TYR I 10 -5.37 -20.31 79.92
CA TYR I 10 -4.90 -19.49 78.79
C TYR I 10 -6.10 -19.16 77.90
N LYS I 11 -6.09 -17.98 77.29
CA LYS I 11 -7.23 -17.51 76.50
C LYS I 11 -7.13 -18.00 75.05
N ALA I 12 -8.25 -18.36 74.41
CA ALA I 12 -8.19 -18.87 73.03
C ALA I 12 -9.00 -18.11 71.97
N ASN I 13 -9.89 -17.22 72.41
CA ASN I 13 -10.78 -16.45 71.50
C ASN I 13 -11.53 -17.33 70.54
N GLU I 14 -11.52 -17.06 69.23
CA GLU I 14 -12.28 -17.93 68.28
C GLU I 14 -11.62 -19.26 67.93
N TYR I 15 -10.39 -19.49 68.39
CA TYR I 15 -9.76 -20.79 68.18
C TYR I 15 -10.62 -21.84 68.92
N ALA I 16 -11.17 -21.46 70.08
CA ALA I 16 -12.02 -22.39 70.89
C ALA I 16 -13.46 -22.60 70.43
N THR I 17 -13.90 -21.89 69.39
CA THR I 17 -15.34 -21.72 69.13
C THR I 17 -16.12 -22.94 68.68
N LYS I 18 -15.57 -23.71 67.77
CA LYS I 18 -16.35 -24.85 67.31
C LYS I 18 -15.71 -26.22 67.60
N ASN I 19 -14.88 -26.30 68.63
CA ASN I 19 -14.41 -27.62 69.10
C ASN I 19 -14.70 -27.83 70.58
N PRO I 20 -15.74 -28.65 70.87
CA PRO I 20 -16.11 -28.93 72.26
C PRO I 20 -15.00 -29.68 73.00
N ASN I 21 -14.09 -30.32 72.24
CA ASN I 21 -12.94 -31.04 72.80
C ASN I 21 -11.78 -30.17 73.28
N PHE I 22 -11.77 -28.89 72.88
CA PHE I 22 -10.73 -27.92 73.27
C PHE I 22 -11.00 -27.31 74.68
N LEU I 23 -10.72 -28.10 75.71
CA LEU I 23 -11.14 -27.82 77.08
C LEU I 23 -10.17 -27.03 77.94
N GLY I 24 -8.92 -26.95 77.53
CA GLY I 24 -7.89 -26.32 78.35
C GLY I 24 -7.87 -24.79 78.42
N CYS I 25 -8.71 -24.12 77.64
CA CYS I 25 -8.75 -22.65 77.60
C CYS I 25 -9.84 -22.01 78.49
N VAL I 26 -9.73 -20.68 78.66
CA VAL I 26 -10.78 -19.84 79.29
C VAL I 26 -12.20 -20.10 78.79
N GLU I 27 -12.39 -20.16 77.47
CA GLU I 27 -13.72 -20.19 76.86
C GLU I 27 -14.50 -21.47 77.16
N ASN I 28 -13.79 -22.61 77.26
CA ASN I 28 -14.46 -23.86 77.58
C ASN I 28 -14.29 -24.32 79.03
N ALA I 29 -13.24 -23.83 79.69
CA ALA I 29 -13.10 -23.90 81.16
C ALA I 29 -13.28 -25.32 81.71
N LEU I 30 -12.64 -26.28 81.03
CA LEU I 30 -12.65 -27.69 81.41
C LEU I 30 -14.01 -28.38 81.22
N GLY I 31 -14.95 -27.72 80.53
CA GLY I 31 -16.28 -28.28 80.27
C GLY I 31 -17.20 -28.36 81.51
N ILE I 32 -16.80 -27.78 82.65
CA ILE I 32 -17.52 -27.94 83.94
C ILE I 32 -18.46 -26.78 84.40
N ARG I 33 -18.67 -25.73 83.59
CA ARG I 33 -19.49 -24.59 84.05
C ARG I 33 -20.91 -25.00 84.45
N ASP I 34 -21.64 -25.68 83.57
CA ASP I 34 -23.06 -26.01 83.81
C ASP I 34 -23.28 -26.94 84.98
N TRP I 35 -22.37 -27.89 85.13
CA TRP I 35 -22.38 -28.83 86.23
C TRP I 35 -22.12 -28.08 87.56
N LEU I 36 -21.16 -27.17 87.58
CA LEU I 36 -20.91 -26.38 88.79
C LEU I 36 -22.12 -25.48 89.15
N GLU I 37 -22.71 -24.88 88.11
CA GLU I 37 -23.72 -23.85 88.30
C GLU I 37 -25.03 -24.47 88.76
N SER I 38 -25.41 -25.58 88.12
CA SER I 38 -26.64 -26.29 88.47
C SER I 38 -26.62 -26.84 89.91
N GLN I 39 -25.44 -26.89 90.52
CA GLN I 39 -25.30 -27.28 91.91
C GLN I 39 -25.27 -26.07 92.86
N GLY I 40 -25.44 -24.87 92.30
CA GLY I 40 -25.43 -23.62 93.08
C GLY I 40 -24.09 -22.94 93.35
N HIS I 41 -23.02 -23.41 92.71
CA HIS I 41 -21.71 -22.81 92.95
C HIS I 41 -21.44 -21.66 91.99
N GLN I 42 -20.50 -20.80 92.38
CA GLN I 42 -20.02 -19.73 91.50
C GLN I 42 -18.70 -20.10 90.80
N TYR I 43 -18.72 -20.01 89.46
CA TYR I 43 -17.55 -20.28 88.60
C TYR I 43 -17.02 -19.02 87.88
N ILE I 44 -15.91 -18.48 88.36
CA ILE I 44 -15.29 -17.28 87.74
C ILE I 44 -14.00 -17.72 87.04
N VAL I 45 -13.93 -17.52 85.71
CA VAL I 45 -12.78 -17.94 84.86
C VAL I 45 -12.04 -16.78 84.12
N THR I 46 -10.73 -16.67 84.29
CA THR I 46 -9.94 -15.57 83.71
C THR I 46 -8.55 -16.02 83.16
N ASP I 47 -7.94 -15.24 82.24
CA ASP I 47 -6.50 -15.43 81.91
C ASP I 47 -5.61 -14.34 82.52
N ASP I 48 -6.26 -13.40 83.21
CA ASP I 48 -5.61 -12.17 83.66
C ASP I 48 -5.02 -12.38 85.05
N LYS I 49 -3.71 -12.54 85.14
CA LYS I 49 -3.10 -13.14 86.32
C LYS I 49 -1.94 -12.38 86.93
N GLU I 50 -1.47 -11.32 86.26
CA GLU I 50 -0.25 -10.63 86.73
C GLU I 50 -0.52 -9.33 87.49
N GLY I 51 0.26 -9.14 88.56
CA GLY I 51 0.32 -7.90 89.34
C GLY I 51 -0.84 -7.65 90.29
N PRO I 52 -0.85 -6.45 90.94
CA PRO I 52 -1.83 -6.00 91.94
C PRO I 52 -3.24 -5.71 91.45
N ASP I 53 -3.44 -5.56 90.14
CA ASP I 53 -4.73 -5.10 89.65
C ASP I 53 -5.40 -5.95 88.61
N CYS I 54 -4.95 -7.19 88.45
CA CYS I 54 -5.63 -8.15 87.55
C CYS I 54 -6.92 -8.68 88.16
N GLU I 55 -7.79 -9.18 87.30
CA GLU I 55 -8.95 -9.98 87.69
C GLU I 55 -8.68 -11.02 88.80
N LEU I 56 -7.58 -11.78 88.69
CA LEU I 56 -7.27 -12.80 89.69
C LEU I 56 -7.13 -12.19 91.10
N GLU I 57 -6.38 -11.09 91.21
CA GLU I 57 -6.13 -10.45 92.51
C GLU I 57 -7.41 -9.94 93.19
N LYS I 58 -8.43 -9.66 92.37
CA LYS I 58 -9.75 -9.23 92.80
C LYS I 58 -10.43 -10.33 93.64
N HIS I 59 -10.29 -11.59 93.20
CA HIS I 59 -11.04 -12.70 93.73
C HIS I 59 -10.24 -13.50 94.74
N ILE I 60 -8.95 -13.24 94.80
CA ILE I 60 -8.13 -13.86 95.82
C ILE I 60 -8.72 -13.78 97.29
N PRO I 61 -9.25 -12.59 97.71
CA PRO I 61 -9.69 -12.45 99.12
C PRO I 61 -10.74 -13.46 99.57
N ASP I 62 -11.68 -13.79 98.70
CA ASP I 62 -12.80 -14.59 99.15
C ASP I 62 -13.07 -15.96 98.43
N LEU I 63 -12.20 -16.39 97.50
CA LEU I 63 -12.48 -17.66 96.75
C LEU I 63 -12.29 -18.88 97.65
N HIS I 64 -12.99 -19.98 97.36
CA HIS I 64 -12.83 -21.23 98.14
C HIS I 64 -11.88 -22.23 97.47
N VAL I 65 -12.01 -22.33 96.15
CA VAL I 65 -11.17 -23.21 95.35
C VAL I 65 -10.45 -22.41 94.21
N LEU I 66 -9.14 -22.57 94.07
CA LEU I 66 -8.44 -22.00 92.86
C LEU I 66 -7.89 -23.09 91.92
N ILE I 67 -8.47 -23.21 90.73
CA ILE I 67 -7.97 -24.09 89.66
C ILE I 67 -6.98 -23.35 88.71
N SER I 68 -5.72 -23.80 88.71
CA SER I 68 -4.65 -23.30 87.87
C SER I 68 -4.24 -24.34 86.81
N THR I 69 -3.36 -23.92 85.87
CA THR I 69 -2.91 -24.81 84.79
C THR I 69 -1.46 -24.38 84.47
N PRO I 70 -0.53 -25.35 84.35
CA PRO I 70 0.90 -24.98 84.27
C PRO I 70 1.29 -24.14 83.03
N PHE I 71 0.49 -24.27 81.99
CA PHE I 71 0.73 -23.65 80.68
C PHE I 71 0.48 -22.17 80.71
N HIS I 72 -0.17 -21.72 81.76
CA HIS I 72 -0.47 -20.29 81.98
C HIS I 72 -0.62 -20.16 83.48
N PRO I 73 0.49 -20.28 84.21
CA PRO I 73 0.46 -20.53 85.63
C PRO I 73 0.21 -19.30 86.51
N ALA I 74 -0.81 -19.40 87.38
CA ALA I 74 -1.04 -18.41 88.42
C ALA I 74 0.04 -18.59 89.48
N TYR I 75 0.81 -17.54 89.73
CA TYR I 75 1.88 -17.66 90.71
C TYR I 75 1.36 -17.34 92.13
N VAL I 76 1.12 -18.40 92.91
CA VAL I 76 0.46 -18.33 94.21
C VAL I 76 1.58 -18.22 95.25
N THR I 77 1.93 -16.96 95.53
CA THR I 77 3.06 -16.63 96.41
C THR I 77 2.60 -16.70 97.86
N ALA I 78 3.56 -16.74 98.79
CA ALA I 78 3.30 -16.68 100.23
C ALA I 78 2.43 -15.47 100.61
N GLU I 79 2.62 -14.36 99.89
CA GLU I 79 1.85 -13.11 100.11
C GLU I 79 0.40 -13.28 99.65
N ARG I 80 0.20 -13.84 98.45
CA ARG I 80 -1.16 -14.17 98.01
C ARG I 80 -1.88 -15.21 98.92
N ILE I 81 -1.13 -16.19 99.41
CA ILE I 81 -1.68 -17.23 100.29
C ILE I 81 -2.24 -16.55 101.56
N LYS I 82 -1.44 -15.65 102.15
CA LYS I 82 -1.82 -14.89 103.34
C LYS I 82 -3.09 -14.07 103.14
N LYS I 83 -3.25 -13.52 101.94
CA LYS I 83 -4.41 -12.70 101.61
C LYS I 83 -5.69 -13.47 101.27
N ALA I 84 -5.57 -14.77 101.08
CA ALA I 84 -6.69 -15.58 100.60
C ALA I 84 -7.46 -16.18 101.82
N LYS I 85 -8.45 -15.45 102.32
CA LYS I 85 -9.07 -15.78 103.65
C LYS I 85 -10.02 -17.00 103.63
N ASN I 86 -10.76 -17.16 102.54
CA ASN I 86 -11.63 -18.32 102.30
C ASN I 86 -10.95 -19.58 101.65
N LEU I 87 -9.76 -19.41 101.08
CA LEU I 87 -9.17 -20.49 100.28
C LEU I 87 -8.92 -21.77 101.07
N LYS I 88 -9.41 -22.87 100.50
CA LYS I 88 -9.16 -24.20 101.07
C LYS I 88 -8.35 -25.17 100.15
N LEU I 89 -8.66 -25.10 98.86
CA LEU I 89 -8.23 -26.11 97.87
C LEU I 89 -7.62 -25.54 96.58
N LEU I 90 -6.45 -26.04 96.23
CA LEU I 90 -5.68 -25.65 95.01
C LEU I 90 -5.53 -26.86 94.07
N LEU I 91 -6.23 -26.85 92.94
CA LEU I 91 -6.19 -27.95 91.96
C LEU I 91 -5.43 -27.52 90.69
N THR I 92 -4.42 -28.30 90.29
CA THR I 92 -3.69 -28.05 89.04
C THR I 92 -4.33 -28.89 87.96
N ALA I 93 -4.89 -28.25 86.91
CA ALA I 93 -5.39 -28.96 85.75
C ALA I 93 -4.19 -29.27 84.79
N GLY I 94 -3.47 -30.37 85.08
CA GLY I 94 -2.20 -30.75 84.45
C GLY I 94 -1.32 -31.37 85.54
N ILE I 95 0.00 -31.29 85.37
CA ILE I 95 0.97 -31.93 86.27
C ILE I 95 2.08 -30.96 86.58
N GLY I 96 2.44 -30.84 87.86
CA GLY I 96 3.52 -29.99 88.31
C GLY I 96 2.90 -28.75 88.96
N SER I 97 3.14 -28.61 90.26
CA SER I 97 2.43 -27.62 91.09
C SER I 97 3.37 -26.58 91.70
N ASP I 98 4.57 -26.44 91.10
CA ASP I 98 5.70 -25.62 91.63
C ASP I 98 5.44 -24.10 91.52
N HIS I 99 4.48 -23.72 90.68
CA HIS I 99 3.98 -22.34 90.62
C HIS I 99 3.19 -21.91 91.87
N ILE I 100 3.10 -22.79 92.88
CA ILE I 100 2.56 -22.47 94.20
C ILE I 100 3.72 -22.55 95.19
N ASP I 101 3.77 -21.61 96.14
CA ASP I 101 4.70 -21.74 97.29
C ASP I 101 4.21 -22.91 98.18
N LEU I 102 4.69 -24.10 97.84
CA LEU I 102 4.20 -25.34 98.44
C LEU I 102 4.38 -25.40 99.97
N GLN I 103 5.56 -25.00 100.48
CA GLN I 103 5.75 -24.98 101.92
C GLN I 103 4.89 -23.90 102.62
N ALA I 104 4.62 -22.80 101.93
CA ALA I 104 3.72 -21.78 102.47
C ALA I 104 2.32 -22.35 102.54
N ALA I 105 1.91 -23.05 101.48
CA ALA I 105 0.60 -23.71 101.45
C ALA I 105 0.47 -24.72 102.60
N ALA I 106 1.51 -25.52 102.83
CA ALA I 106 1.57 -26.46 103.95
C ALA I 106 1.39 -25.75 105.30
N ALA I 107 2.11 -24.62 105.47
CA ALA I 107 2.10 -23.86 106.72
C ALA I 107 0.71 -23.28 107.01
N ALA I 108 0.02 -22.86 105.94
CA ALA I 108 -1.28 -22.23 106.04
C ALA I 108 -2.40 -23.29 106.14
N GLY I 109 -2.03 -24.58 106.22
CA GLY I 109 -3.05 -25.66 106.33
C GLY I 109 -3.92 -25.94 105.10
N LEU I 110 -3.40 -25.68 103.89
CA LEU I 110 -4.20 -25.89 102.68
C LEU I 110 -3.90 -27.27 102.06
N THR I 111 -4.66 -27.60 101.01
CA THR I 111 -4.52 -28.83 100.25
C THR I 111 -4.17 -28.47 98.81
N VAL I 112 -3.06 -29.03 98.32
CA VAL I 112 -2.68 -28.90 96.89
C VAL I 112 -2.75 -30.27 96.17
N ALA I 113 -3.53 -30.37 95.10
CA ALA I 113 -3.58 -31.61 94.30
C ALA I 113 -3.50 -31.32 92.80
N GLU I 114 -3.06 -32.33 92.02
CA GLU I 114 -2.98 -32.23 90.53
C GLU I 114 -3.43 -33.57 89.88
N VAL I 115 -3.57 -33.61 88.55
CA VAL I 115 -4.06 -34.83 87.90
C VAL I 115 -2.89 -35.74 87.48
N THR I 116 -2.29 -36.37 88.47
CA THR I 116 -1.20 -37.33 88.29
C THR I 116 -1.47 -38.29 87.12
N GLY I 117 -0.49 -38.47 86.22
CA GLY I 117 -0.64 -39.37 85.08
C GLY I 117 -1.43 -38.88 83.87
N SER I 118 -2.03 -37.71 83.93
CA SER I 118 -2.97 -37.32 82.84
C SER I 118 -2.31 -37.01 81.48
N ASN I 119 -1.07 -36.55 81.48
CA ASN I 119 -0.43 -36.17 80.21
C ASN I 119 1.02 -36.66 80.14
N VAL I 120 1.33 -37.70 80.91
CA VAL I 120 2.69 -38.27 80.91
C VAL I 120 3.08 -38.92 79.59
N VAL I 121 2.14 -39.56 78.89
CA VAL I 121 2.39 -40.11 77.57
C VAL I 121 2.72 -38.98 76.59
N SER I 122 1.92 -37.91 76.65
CA SER I 122 2.08 -36.70 75.83
C SER I 122 3.49 -36.15 75.88
N VAL I 123 4.04 -35.97 77.07
CA VAL I 123 5.39 -35.42 77.23
C VAL I 123 6.51 -36.40 76.80
N ALA I 124 6.34 -37.71 77.11
CA ALA I 124 7.34 -38.71 76.69
C ALA I 124 7.49 -38.70 75.16
N GLU I 125 6.36 -38.59 74.44
CA GLU I 125 6.38 -38.50 72.97
C GLU I 125 7.14 -37.22 72.51
N ASP I 126 6.80 -36.09 73.14
CA ASP I 126 7.39 -34.80 72.74
C ASP I 126 8.89 -34.77 73.01
N GLU I 127 9.31 -35.36 74.13
CA GLU I 127 10.75 -35.51 74.47
C GLU I 127 11.52 -36.33 73.44
N LEU I 128 11.01 -37.49 73.06
CA LEU I 128 11.67 -38.30 72.04
C LEU I 128 11.78 -37.56 70.69
N MET I 129 10.69 -36.92 70.26
CA MET I 129 10.68 -36.02 69.09
C MET I 129 11.85 -35.03 69.14
N ARG I 130 12.10 -34.43 70.31
CA ARG I 130 13.14 -33.40 70.47
C ARG I 130 14.57 -33.97 70.51
N ILE I 131 14.75 -35.17 71.08
CA ILE I 131 16.04 -35.89 71.06
C ILE I 131 16.44 -36.04 69.58
N LEU I 132 15.47 -36.49 68.77
CA LEU I 132 15.72 -36.66 67.32
C LEU I 132 16.05 -35.35 66.61
N ILE I 133 15.25 -34.33 66.90
CA ILE I 133 15.41 -32.95 66.33
C ILE I 133 16.84 -32.44 66.53
N LEU I 134 17.33 -32.58 67.76
CA LEU I 134 18.66 -32.19 68.10
C LEU I 134 19.74 -33.09 67.46
N MET I 135 19.65 -34.40 67.66
CA MET I 135 20.69 -35.30 67.14
C MET I 135 20.87 -35.21 65.60
N ARG I 136 19.74 -35.11 64.91
CA ARG I 136 19.66 -35.18 63.42
C ARG I 136 19.56 -33.78 62.72
N ASN I 137 19.65 -32.70 63.52
CA ASN I 137 19.68 -31.31 63.06
C ASN I 137 18.55 -30.85 62.17
N PHE I 138 17.30 -31.16 62.53
CA PHE I 138 16.14 -30.73 61.77
C PHE I 138 16.00 -29.19 61.62
N VAL I 139 16.34 -28.42 62.64
CA VAL I 139 15.96 -26.98 62.66
C VAL I 139 16.67 -26.20 61.50
N PRO I 140 18.04 -26.28 61.42
CA PRO I 140 18.73 -25.64 60.25
C PRO I 140 18.17 -26.09 58.91
N GLY I 141 17.72 -27.34 58.80
CA GLY I 141 17.15 -27.79 57.54
C GLY I 141 15.86 -27.09 57.16
N TYR I 142 15.01 -26.84 58.16
CA TYR I 142 13.74 -26.11 57.96
C TYR I 142 14.04 -24.65 57.58
N ASN I 143 15.01 -24.06 58.26
CA ASN I 143 15.38 -22.69 58.01
C ASN I 143 15.80 -22.49 56.51
N GLN I 144 16.62 -23.41 55.97
CA GLN I 144 17.04 -23.34 54.58
C GLN I 144 15.83 -23.45 53.62
N VAL I 145 14.88 -24.31 53.94
CA VAL I 145 13.73 -24.48 53.03
C VAL I 145 12.91 -23.17 52.78
N VAL I 146 12.62 -22.46 53.87
CA VAL I 146 11.74 -21.25 53.88
C VAL I 146 12.46 -20.03 53.22
N LYS I 147 13.75 -19.88 53.55
CA LYS I 147 14.67 -18.95 52.85
C LYS I 147 15.03 -19.22 51.38
N GLY I 148 14.46 -20.23 50.74
CA GLY I 148 14.81 -20.47 49.33
C GLY I 148 16.21 -21.03 49.05
N GLU I 149 17.01 -21.25 50.10
CA GLU I 149 18.30 -21.93 50.02
C GLU I 149 18.30 -23.46 49.75
N TRP I 150 19.51 -23.97 49.49
CA TRP I 150 19.80 -25.41 49.40
C TRP I 150 21.28 -25.68 49.64
N ASN I 151 21.65 -26.12 50.85
CA ASN I 151 23.03 -26.46 51.19
C ASN I 151 23.22 -27.76 52.05
N VAL I 152 23.15 -28.94 51.43
CA VAL I 152 23.28 -30.22 52.19
C VAL I 152 24.41 -30.23 53.24
N ALA I 153 25.61 -29.77 52.87
CA ALA I 153 26.81 -29.91 53.76
C ALA I 153 26.72 -29.17 55.08
N GLY I 154 25.96 -28.07 55.07
CA GLY I 154 25.75 -27.29 56.29
C GLY I 154 25.00 -28.04 57.40
N ILE I 155 24.24 -29.07 57.02
CA ILE I 155 23.60 -30.00 57.97
C ILE I 155 24.38 -31.33 58.16
N ALA I 156 24.81 -31.96 57.05
CA ALA I 156 25.47 -33.26 57.10
C ALA I 156 26.78 -33.32 57.87
N TYR I 157 27.44 -32.18 58.13
CA TYR I 157 28.75 -32.26 58.78
C TYR I 157 28.62 -32.51 60.27
N ARG I 158 27.40 -32.29 60.76
CA ARG I 158 26.98 -32.16 62.16
C ARG I 158 25.96 -33.22 62.58
N ALA I 159 25.23 -33.79 61.64
CA ALA I 159 24.08 -34.65 61.97
C ALA I 159 24.52 -36.12 62.18
N TYR I 160 23.93 -36.79 63.18
CA TYR I 160 24.23 -38.19 63.50
C TYR I 160 22.92 -39.01 63.62
N ASP I 161 23.02 -40.34 63.54
CA ASP I 161 21.90 -41.19 63.94
C ASP I 161 21.84 -41.25 65.47
N LEU I 162 20.64 -41.45 66.00
CA LEU I 162 20.46 -41.68 67.45
C LEU I 162 20.93 -43.09 67.83
N GLU I 163 20.77 -44.05 66.92
CA GLU I 163 21.35 -45.39 67.10
C GLU I 163 22.77 -45.36 67.65
N GLY I 164 23.03 -46.13 68.71
CA GLY I 164 24.43 -46.21 69.27
C GLY I 164 24.84 -45.13 70.28
N LYS I 165 24.02 -44.09 70.43
CA LYS I 165 24.39 -42.96 71.32
C LYS I 165 24.02 -43.23 72.76
N THR I 166 24.72 -42.55 73.68
CA THR I 166 24.38 -42.67 75.11
C THR I 166 23.40 -41.60 75.56
N ILE I 167 22.25 -42.05 76.07
CA ILE I 167 21.18 -41.15 76.54
C ILE I 167 20.95 -41.37 78.04
N GLY I 168 21.07 -40.30 78.81
CA GLY I 168 20.76 -40.35 80.26
C GLY I 168 19.51 -39.53 80.58
N THR I 169 18.56 -40.16 81.26
CA THR I 169 17.43 -39.39 81.81
C THR I 169 17.65 -39.05 83.31
N VAL I 170 17.63 -37.77 83.65
CA VAL I 170 17.79 -37.30 85.04
C VAL I 170 16.37 -37.30 85.67
N GLY I 171 16.04 -38.38 86.37
CA GLY I 171 14.67 -38.56 86.77
C GLY I 171 14.06 -39.70 85.98
N ALA I 172 13.57 -40.68 86.71
CA ALA I 172 12.86 -41.78 86.13
C ALA I 172 11.59 -42.13 86.90
N GLY I 173 10.66 -41.15 86.91
CA GLY I 173 9.26 -41.36 87.38
C GLY I 173 8.37 -41.71 86.17
N ARG I 174 7.14 -41.18 86.13
CA ARG I 174 6.16 -41.66 85.13
C ARG I 174 6.59 -41.33 83.71
N ILE I 175 6.98 -40.09 83.48
CA ILE I 175 7.43 -39.68 82.15
C ILE I 175 8.76 -40.33 81.76
N GLY I 176 9.74 -40.34 82.68
CA GLY I 176 11.05 -40.94 82.39
C GLY I 176 10.94 -42.41 81.99
N LYS I 177 10.12 -43.19 82.69
CA LYS I 177 9.88 -44.59 82.30
C LYS I 177 9.27 -44.76 80.89
N LEU I 178 8.24 -43.93 80.61
CA LEU I 178 7.54 -43.98 79.33
C LEU I 178 8.50 -43.61 78.17
N LEU I 179 9.37 -42.64 78.39
CA LEU I 179 10.44 -42.32 77.44
C LEU I 179 11.39 -43.49 77.14
N LEU I 180 11.95 -44.06 78.20
CA LEU I 180 12.82 -45.22 78.07
C LEU I 180 12.18 -46.40 77.32
N GLN I 181 10.89 -46.65 77.55
CA GLN I 181 10.20 -47.69 76.79
C GLN I 181 10.14 -47.38 75.28
N ARG I 182 10.06 -46.07 74.94
CA ARG I 182 9.92 -45.64 73.56
C ARG I 182 11.31 -45.59 72.89
N LEU I 183 12.37 -45.42 73.70
CA LEU I 183 13.77 -45.41 73.22
C LEU I 183 14.32 -46.82 72.98
N LYS I 184 13.71 -47.80 73.62
CA LYS I 184 14.22 -49.19 73.53
C LYS I 184 14.48 -49.66 72.07
N PRO I 185 13.49 -49.54 71.14
CA PRO I 185 13.78 -50.10 69.80
C PRO I 185 14.78 -49.28 68.97
N PHE I 186 15.25 -48.14 69.47
CA PHE I 186 16.23 -47.32 68.73
C PHE I 186 17.69 -47.83 68.85
N GLY I 187 17.94 -48.78 69.74
CA GLY I 187 19.28 -49.36 69.88
C GLY I 187 20.33 -48.40 70.43
N CYS I 188 20.00 -47.74 71.54
CA CYS I 188 20.92 -46.81 72.19
C CYS I 188 21.54 -47.43 73.47
N ASN I 189 22.51 -46.73 74.07
CA ASN I 189 22.98 -47.08 75.42
C ASN I 189 22.24 -46.21 76.46
N LEU I 190 21.24 -46.80 77.13
CA LEU I 190 20.36 -46.01 78.04
C LEU I 190 20.82 -46.02 79.50
N LEU I 191 20.98 -44.83 80.06
CA LEU I 191 21.32 -44.67 81.49
C LEU I 191 20.23 -43.87 82.22
N TYR I 192 20.13 -44.07 83.53
CA TYR I 192 19.21 -43.21 84.31
C TYR I 192 19.67 -42.97 85.74
N HIS I 193 19.39 -41.75 86.19
CA HIS I 193 19.57 -41.34 87.57
C HIS I 193 18.22 -40.93 88.23
N ASP I 194 18.01 -41.43 89.46
CA ASP I 194 16.86 -41.04 90.31
C ASP I 194 17.25 -41.34 91.76
N ARG I 195 16.53 -40.76 92.73
CA ARG I 195 16.65 -41.25 94.11
C ARG I 195 16.04 -42.63 94.27
N LEU I 196 15.09 -42.98 93.39
CA LEU I 196 14.44 -44.32 93.42
C LEU I 196 14.76 -45.17 92.21
N GLN I 197 15.28 -46.37 92.44
CA GLN I 197 15.60 -47.30 91.35
C GLN I 197 14.33 -47.99 90.82
N MET I 198 14.24 -48.22 89.51
CA MET I 198 13.05 -48.87 88.93
C MET I 198 13.00 -50.38 89.26
N ALA I 199 11.84 -51.03 89.11
CA ALA I 199 11.78 -52.51 89.24
C ALA I 199 12.79 -53.19 88.29
N PRO I 200 13.41 -54.30 88.71
CA PRO I 200 14.42 -54.91 87.86
C PRO I 200 13.87 -55.42 86.52
N GLU I 201 12.62 -55.91 86.51
CA GLU I 201 11.97 -56.34 85.27
C GLU I 201 11.94 -55.22 84.22
N LEU I 202 11.62 -53.98 84.65
CA LEU I 202 11.58 -52.78 83.80
C LEU I 202 12.95 -52.38 83.31
N GLU I 203 13.95 -52.39 84.18
CA GLU I 203 15.35 -52.18 83.75
C GLU I 203 15.72 -53.15 82.66
N LYS I 204 15.38 -54.44 82.83
CA LYS I 204 15.75 -55.46 81.86
C LYS I 204 14.99 -55.29 80.53
N GLU I 205 13.68 -54.99 80.58
CA GLU I 205 12.87 -54.70 79.36
C GLU I 205 13.41 -53.51 78.53
N THR I 206 13.78 -52.42 79.18
CA THR I 206 14.23 -51.20 78.49
C THR I 206 15.72 -51.22 78.17
N GLY I 207 16.49 -52.03 78.94
CA GLY I 207 17.97 -52.04 78.82
C GLY I 207 18.57 -50.84 79.53
N ALA I 208 17.79 -50.18 80.39
CA ALA I 208 18.30 -48.98 81.05
C ALA I 208 19.01 -49.32 82.36
N LYS I 209 20.18 -48.71 82.55
CA LYS I 209 21.09 -49.00 83.68
C LYS I 209 21.07 -47.89 84.75
N PHE I 210 20.91 -48.28 86.02
CA PHE I 210 20.80 -47.33 87.15
C PHE I 210 22.16 -46.76 87.47
N VAL I 211 22.25 -45.43 87.55
CA VAL I 211 23.46 -44.75 87.99
C VAL I 211 23.17 -43.94 89.29
N GLU I 212 23.58 -44.50 90.43
CA GLU I 212 23.20 -43.92 91.73
C GLU I 212 23.71 -42.52 91.99
N ASP I 213 24.94 -42.21 91.58
CA ASP I 213 25.46 -40.86 91.82
C ASP I 213 25.34 -40.07 90.51
N LEU I 214 24.61 -38.96 90.53
CA LEU I 214 24.42 -38.15 89.31
C LEU I 214 25.72 -37.76 88.59
N ASN I 215 26.68 -37.26 89.35
CA ASN I 215 27.95 -36.73 88.81
C ASN I 215 28.71 -37.75 87.97
N GLU I 216 28.55 -39.00 88.31
CA GLU I 216 29.13 -40.07 87.54
C GLU I 216 28.42 -40.32 86.17
N MET I 217 27.09 -40.16 86.11
CA MET I 217 26.35 -40.34 84.83
C MET I 217 26.62 -39.20 83.84
N LEU I 218 26.64 -37.96 84.33
CA LEU I 218 26.69 -36.78 83.45
C LEU I 218 27.74 -36.77 82.32
N PRO I 219 29.02 -37.09 82.62
CA PRO I 219 30.04 -36.98 81.55
C PRO I 219 29.90 -37.99 80.41
N LYS I 220 29.26 -39.13 80.69
CA LYS I 220 29.06 -40.18 79.70
C LYS I 220 28.00 -39.87 78.63
N CYS I 221 27.17 -38.85 78.85
CA CYS I 221 25.94 -38.67 78.03
C CYS I 221 26.08 -37.77 76.80
N ASP I 222 25.75 -38.35 75.63
CA ASP I 222 25.57 -37.58 74.41
C ASP I 222 24.32 -36.71 74.48
N VAL I 223 23.27 -37.31 75.02
CA VAL I 223 22.01 -36.60 75.24
C VAL I 223 21.61 -36.64 76.74
N ILE I 224 21.18 -35.51 77.28
CA ILE I 224 20.68 -35.44 78.67
C ILE I 224 19.21 -35.01 78.62
N VAL I 225 18.34 -35.75 79.34
CA VAL I 225 16.92 -35.40 79.44
C VAL I 225 16.51 -35.17 80.92
N ILE I 226 15.88 -34.01 81.15
CA ILE I 226 15.42 -33.55 82.47
C ILE I 226 13.99 -34.10 82.75
N ASN I 227 13.82 -34.90 83.82
CA ASN I 227 12.53 -35.54 84.05
C ASN I 227 12.17 -35.62 85.54
N MET I 228 12.46 -34.52 86.24
CA MET I 228 12.14 -34.32 87.66
C MET I 228 11.16 -33.13 87.81
N PRO I 229 10.42 -33.09 88.94
CA PRO I 229 9.62 -31.92 89.25
C PRO I 229 10.53 -30.74 89.60
N LEU I 230 9.99 -29.53 89.61
CA LEU I 230 10.67 -28.34 90.17
C LEU I 230 10.47 -28.28 91.71
N THR I 231 11.53 -28.58 92.45
CA THR I 231 11.50 -28.66 93.90
C THR I 231 12.55 -27.69 94.51
N GLU I 232 12.66 -27.69 95.85
CA GLU I 232 13.68 -26.90 96.53
C GLU I 232 15.08 -27.44 96.22
N LYS I 233 15.25 -28.76 96.19
CA LYS I 233 16.55 -29.32 95.79
C LYS I 233 16.86 -29.23 94.28
N THR I 234 15.85 -29.28 93.41
CA THR I 234 16.13 -29.22 91.98
C THR I 234 16.16 -27.79 91.41
N ARG I 235 15.69 -26.80 92.16
CA ARG I 235 15.66 -25.43 91.62
C ARG I 235 17.09 -24.95 91.38
N GLY I 236 17.37 -24.45 90.17
CA GLY I 236 18.73 -24.10 89.69
C GLY I 236 19.87 -25.10 89.90
N MET I 237 19.61 -26.40 90.02
CA MET I 237 20.71 -27.36 90.15
C MET I 237 21.64 -27.42 88.89
N PHE I 238 21.11 -27.19 87.68
CA PHE I 238 21.95 -27.09 86.47
C PHE I 238 22.52 -25.64 86.33
N ASN I 239 23.55 -25.37 87.14
CA ASN I 239 24.26 -24.09 87.13
C ASN I 239 25.55 -24.16 86.29
N LYS I 240 26.35 -23.10 86.36
CA LYS I 240 27.69 -23.06 85.79
C LYS I 240 28.47 -24.35 86.06
N GLU I 241 28.69 -24.70 87.32
CA GLU I 241 29.49 -25.87 87.65
C GLU I 241 28.93 -27.24 87.19
N LEU I 242 27.61 -27.41 87.17
CA LEU I 242 27.05 -28.71 86.79
C LEU I 242 27.02 -28.86 85.25
N ILE I 243 26.72 -27.78 84.54
CA ILE I 243 26.78 -27.74 83.06
C ILE I 243 28.22 -28.09 82.53
N GLY I 244 29.25 -27.42 83.07
CA GLY I 244 30.64 -27.77 82.73
C GLY I 244 31.04 -29.20 83.08
N LYS I 245 30.30 -29.89 83.93
CA LYS I 245 30.56 -31.33 84.16
C LYS I 245 30.05 -32.25 83.00
N LEU I 246 29.24 -31.70 82.10
CA LEU I 246 28.62 -32.49 81.00
C LEU I 246 29.59 -32.60 79.83
N LYS I 247 29.46 -33.64 79.01
CA LYS I 247 30.28 -33.80 77.78
C LYS I 247 30.24 -32.56 76.87
N LYS I 248 31.37 -32.21 76.26
CA LYS I 248 31.39 -31.10 75.33
C LYS I 248 30.51 -31.43 74.10
N GLY I 249 29.65 -30.49 73.71
CA GLY I 249 28.67 -30.73 72.65
C GLY I 249 27.39 -31.51 73.05
N VAL I 250 27.20 -31.75 74.37
CA VAL I 250 25.96 -32.37 74.92
C VAL I 250 24.68 -31.74 74.42
N LEU I 251 23.70 -32.60 74.10
CA LEU I 251 22.38 -32.17 73.63
C LEU I 251 21.41 -32.27 74.81
N ILE I 252 20.70 -31.19 75.12
CA ILE I 252 19.80 -31.19 76.31
C ILE I 252 18.33 -31.02 75.95
N VAL I 253 17.49 -31.94 76.43
CA VAL I 253 16.05 -31.81 76.26
C VAL I 253 15.46 -31.54 77.67
N ASN I 254 14.61 -30.51 77.77
CA ASN I 254 13.97 -30.20 79.05
C ASN I 254 12.51 -29.79 78.88
N ASN I 255 11.60 -30.78 78.96
CA ASN I 255 10.16 -30.50 79.07
C ASN I 255 9.67 -30.63 80.54
N ALA I 256 10.58 -30.58 81.52
CA ALA I 256 10.23 -30.66 82.93
C ALA I 256 9.78 -29.29 83.44
N ARG I 257 10.75 -28.49 83.88
CA ARG I 257 10.55 -27.08 84.27
C ARG I 257 11.79 -26.24 83.90
N GLY I 258 11.59 -25.01 83.47
CA GLY I 258 12.75 -24.12 83.11
C GLY I 258 13.74 -23.90 84.25
N ALA I 259 13.21 -23.55 85.43
CA ALA I 259 14.03 -23.10 86.54
C ALA I 259 14.86 -24.20 87.15
N ILE I 260 14.70 -25.44 86.67
CA ILE I 260 15.67 -26.50 87.02
C ILE I 260 17.06 -26.12 86.48
N MET I 261 17.05 -25.35 85.39
CA MET I 261 18.28 -24.79 84.78
C MET I 261 18.40 -23.29 85.19
N GLU I 262 19.62 -22.84 85.50
CA GLU I 262 19.85 -21.38 85.53
C GLU I 262 19.82 -20.74 84.13
N ARG I 263 18.95 -19.76 83.95
CA ARG I 263 18.70 -19.18 82.64
C ARG I 263 19.95 -18.68 81.87
N GLN I 264 20.85 -17.95 82.56
CA GLN I 264 22.05 -17.38 81.91
C GLN I 264 23.16 -18.42 81.73
N ALA I 265 23.28 -19.36 82.67
CA ALA I 265 24.24 -20.45 82.55
C ALA I 265 24.02 -21.27 81.25
N VAL I 266 22.76 -21.47 80.88
CA VAL I 266 22.39 -22.12 79.61
C VAL I 266 22.71 -21.24 78.38
N VAL I 267 22.50 -19.92 78.46
CA VAL I 267 22.87 -19.05 77.33
C VAL I 267 24.41 -19.03 77.14
N ASP I 268 25.16 -18.94 78.22
CA ASP I 268 26.61 -18.88 78.07
C ASP I 268 27.17 -20.16 77.45
N ALA I 269 26.77 -21.32 77.98
CA ALA I 269 27.25 -22.60 77.46
C ALA I 269 26.73 -22.99 76.04
N VAL I 270 25.60 -22.42 75.62
CA VAL I 270 25.14 -22.53 74.23
C VAL I 270 26.03 -21.68 73.30
N GLU I 271 26.37 -20.47 73.78
CA GLU I 271 27.25 -19.53 73.04
C GLU I 271 28.68 -20.07 72.87
N SER I 272 29.24 -20.62 73.95
CA SER I 272 30.55 -21.23 73.88
C SER I 272 30.57 -22.58 73.10
N GLY I 273 29.40 -23.15 72.82
CA GLY I 273 29.32 -24.52 72.27
C GLY I 273 29.59 -25.66 73.24
N HIS I 274 29.76 -25.39 74.55
CA HIS I 274 29.82 -26.50 75.50
C HIS I 274 28.49 -27.31 75.51
N ILE I 275 27.37 -26.60 75.34
CA ILE I 275 26.11 -27.27 75.11
C ILE I 275 25.95 -27.19 73.61
N GLY I 276 25.87 -28.35 72.96
CA GLY I 276 25.67 -28.42 71.50
C GLY I 276 24.33 -27.94 71.02
N GLY I 277 23.29 -28.10 71.87
CA GLY I 277 21.90 -27.80 71.45
C GLY I 277 20.92 -27.96 72.63
N TYR I 278 19.86 -27.15 72.64
CA TYR I 278 18.89 -27.13 73.79
C TYR I 278 17.46 -27.01 73.26
N SER I 279 16.57 -27.92 73.72
CA SER I 279 15.19 -27.93 73.19
C SER I 279 14.22 -28.26 74.34
N GLY I 280 13.13 -27.51 74.44
CA GLY I 280 12.12 -27.74 75.49
C GLY I 280 10.88 -26.88 75.30
N ASP I 281 9.82 -27.14 76.06
CA ASP I 281 8.61 -26.33 75.92
C ASP I 281 8.35 -25.43 77.14
N VAL I 282 9.21 -25.57 78.17
CA VAL I 282 8.99 -24.95 79.48
C VAL I 282 10.00 -23.82 79.78
N TRP I 283 9.49 -22.72 80.34
CA TRP I 283 10.28 -21.48 80.61
C TRP I 283 10.08 -20.92 82.02
N ASP I 284 11.06 -20.13 82.48
CA ASP I 284 10.88 -19.25 83.65
C ASP I 284 11.07 -17.77 83.28
N PRO I 285 9.99 -16.95 83.34
CA PRO I 285 8.57 -17.18 83.73
C PRO I 285 7.68 -17.55 82.53
N GLN I 286 6.39 -17.77 82.77
CA GLN I 286 5.46 -18.04 81.68
C GLN I 286 4.20 -17.19 81.87
N PRO I 287 3.72 -16.51 80.81
CA PRO I 287 4.33 -16.45 79.47
C PRO I 287 5.79 -15.96 79.44
N ALA I 288 6.59 -16.53 78.53
CA ALA I 288 7.97 -16.04 78.33
C ALA I 288 7.91 -14.67 77.67
N PRO I 289 8.59 -13.67 78.28
CA PRO I 289 8.62 -12.31 77.70
C PRO I 289 9.23 -12.32 76.27
N LYS I 290 8.70 -11.46 75.39
CA LYS I 290 9.26 -11.22 74.05
C LYS I 290 10.79 -11.21 73.95
N ASP I 291 11.47 -10.74 74.98
CA ASP I 291 12.92 -10.72 75.00
C ASP I 291 13.56 -11.88 75.78
N HIS I 292 12.84 -12.99 75.97
CA HIS I 292 13.47 -14.10 76.66
C HIS I 292 14.71 -14.55 75.84
N PRO I 293 15.89 -14.66 76.48
CA PRO I 293 17.16 -15.01 75.83
C PRO I 293 17.24 -16.45 75.23
N TRP I 294 16.32 -17.33 75.62
CA TRP I 294 16.29 -18.69 75.13
C TRP I 294 15.74 -18.70 73.72
N ARG I 295 14.98 -17.67 73.36
CA ARG I 295 14.37 -17.59 72.02
C ARG I 295 15.37 -17.41 70.84
N TYR I 296 16.57 -16.92 71.15
CA TYR I 296 17.45 -16.32 70.11
C TYR I 296 18.87 -16.87 70.18
N MET I 297 19.22 -17.59 71.24
CA MET I 297 20.54 -18.24 71.38
C MET I 297 20.80 -19.29 70.26
N PRO I 298 22.09 -19.59 69.97
CA PRO I 298 22.32 -20.46 68.81
C PRO I 298 21.79 -21.90 69.01
N ASN I 299 21.23 -22.48 67.94
CA ASN I 299 20.86 -23.91 67.86
C ASN I 299 19.62 -24.31 68.72
N GLN I 300 18.82 -23.32 69.14
CA GLN I 300 17.68 -23.56 70.03
C GLN I 300 16.60 -24.24 69.27
N ALA I 301 15.89 -25.16 69.93
CA ALA I 301 14.73 -25.74 69.29
C ALA I 301 13.59 -25.70 70.30
N MET I 302 13.37 -24.51 70.87
CA MET I 302 12.27 -24.26 71.84
C MET I 302 10.91 -24.14 71.19
N THR I 303 9.85 -24.41 71.98
CA THR I 303 8.48 -23.98 71.64
C THR I 303 7.85 -23.28 72.90
N PRO I 304 6.65 -22.68 72.74
CA PRO I 304 5.89 -22.32 73.95
C PRO I 304 5.40 -23.60 74.71
N HIS I 305 4.73 -23.45 75.86
CA HIS I 305 4.39 -24.62 76.73
C HIS I 305 3.18 -25.35 76.20
N THR I 306 3.42 -26.38 75.38
CA THR I 306 2.36 -27.05 74.64
C THR I 306 2.31 -28.59 74.78
N SER I 307 3.38 -29.24 75.26
CA SER I 307 3.44 -30.70 75.16
C SER I 307 2.38 -31.41 76.02
N GLY I 308 2.14 -30.92 77.24
CA GLY I 308 1.11 -31.51 78.13
C GLY I 308 -0.32 -31.01 77.94
N THR I 309 -0.54 -30.25 76.85
CA THR I 309 -1.83 -29.64 76.51
C THR I 309 -2.31 -29.87 75.05
N THR I 310 -1.97 -31.04 74.49
CA THR I 310 -2.63 -31.56 73.29
C THR I 310 -4.12 -31.79 73.65
N ILE I 311 -4.97 -31.88 72.65
CA ILE I 311 -6.39 -32.11 72.83
C ILE I 311 -6.60 -33.41 73.65
N ASP I 312 -5.88 -34.46 73.26
CA ASP I 312 -5.94 -35.73 73.96
C ASP I 312 -5.61 -35.57 75.44
N ALA I 313 -4.55 -34.82 75.76
CA ALA I 313 -4.20 -34.57 77.16
C ALA I 313 -5.28 -33.77 77.92
N GLN I 314 -5.81 -32.73 77.26
CA GLN I 314 -6.88 -31.89 77.83
C GLN I 314 -8.12 -32.73 78.25
N LEU I 315 -8.56 -33.67 77.44
CA LEU I 315 -9.72 -34.49 77.84
C LEU I 315 -9.45 -35.17 79.20
N ARG I 316 -8.23 -35.69 79.37
CA ARG I 316 -7.85 -36.41 80.59
C ARG I 316 -7.71 -35.50 81.80
N TYR I 317 -7.02 -34.37 81.68
CA TYR I 317 -6.95 -33.52 82.86
C TYR I 317 -8.27 -32.78 83.21
N ALA I 318 -9.13 -32.58 82.23
CA ALA I 318 -10.49 -32.04 82.49
C ALA I 318 -11.33 -33.06 83.31
N ALA I 319 -11.41 -34.29 82.82
CA ALA I 319 -12.06 -35.36 83.55
C ALA I 319 -11.54 -35.50 84.99
N GLY I 320 -10.22 -35.51 85.14
CA GLY I 320 -9.61 -35.69 86.45
C GLY I 320 -9.91 -34.53 87.38
N THR I 321 -9.95 -33.32 86.81
CA THR I 321 -10.26 -32.13 87.59
C THR I 321 -11.71 -32.22 88.11
N LYS I 322 -12.64 -32.57 87.22
CA LYS I 322 -14.03 -32.72 87.64
C LYS I 322 -14.22 -33.78 88.73
N ASP I 323 -13.55 -34.92 88.53
CA ASP I 323 -13.54 -35.95 89.52
C ASP I 323 -13.09 -35.47 90.92
N MET I 324 -12.03 -34.68 91.00
CA MET I 324 -11.59 -34.24 92.30
C MET I 324 -12.59 -33.24 92.89
N LEU I 325 -13.25 -32.47 92.04
CA LEU I 325 -14.27 -31.51 92.53
C LEU I 325 -15.48 -32.26 93.15
N GLU I 326 -15.91 -33.31 92.48
CA GLU I 326 -17.00 -34.13 92.95
C GLU I 326 -16.70 -34.79 94.30
N ARG I 327 -15.51 -35.37 94.45
CA ARG I 327 -15.05 -35.91 95.73
C ARG I 327 -14.98 -34.86 96.83
N TYR I 328 -14.34 -33.73 96.53
CA TYR I 328 -14.24 -32.59 97.47
C TYR I 328 -15.62 -32.16 98.06
N PHE I 329 -16.64 -32.00 97.20
CA PHE I 329 -17.98 -31.59 97.63
C PHE I 329 -18.62 -32.67 98.54
N LYS I 330 -18.11 -33.92 98.46
CA LYS I 330 -18.64 -35.01 99.30
C LYS I 330 -17.83 -35.37 100.54
N GLY I 331 -16.72 -34.71 100.76
CA GLY I 331 -15.87 -35.05 101.89
C GLY I 331 -15.01 -36.28 101.62
N GLU I 332 -14.93 -36.71 100.36
CA GLU I 332 -14.10 -37.90 100.02
C GLU I 332 -12.66 -37.60 99.60
N ASP I 333 -11.70 -38.47 100.01
CA ASP I 333 -10.31 -38.35 99.63
C ASP I 333 -10.11 -38.59 98.13
N PHE I 334 -9.17 -37.84 97.56
CA PHE I 334 -8.67 -38.08 96.18
C PHE I 334 -7.77 -39.33 96.12
N PRO I 335 -7.51 -39.85 94.89
CA PRO I 335 -6.43 -40.85 94.82
C PRO I 335 -5.20 -40.34 95.55
N THR I 336 -4.60 -41.11 96.46
CA THR I 336 -3.44 -40.60 97.20
C THR I 336 -2.38 -39.95 96.31
N GLU I 337 -2.10 -40.53 95.14
CA GLU I 337 -1.05 -40.01 94.20
C GLU I 337 -1.34 -38.63 93.63
N ASN I 338 -2.60 -38.18 93.72
CA ASN I 338 -2.96 -36.80 93.28
C ASN I 338 -2.52 -35.67 94.24
N TYR I 339 -2.25 -35.98 95.53
CA TYR I 339 -1.92 -34.92 96.54
C TYR I 339 -0.45 -34.44 96.43
N ILE I 340 -0.26 -33.12 96.36
CA ILE I 340 1.09 -32.53 96.43
C ILE I 340 1.36 -31.95 97.86
N VAL I 341 0.33 -31.34 98.45
CA VAL I 341 0.38 -30.91 99.87
C VAL I 341 -0.87 -31.39 100.61
N LYS I 342 -0.67 -32.04 101.76
CA LYS I 342 -1.78 -32.46 102.61
C LYS I 342 -1.32 -32.66 104.01
N ASP I 343 -2.13 -32.18 104.97
CA ASP I 343 -1.79 -32.34 106.37
C ASP I 343 -0.43 -31.75 106.71
N GLY I 344 -0.10 -30.61 106.13
CA GLY I 344 1.17 -29.96 106.41
C GLY I 344 2.42 -30.51 105.74
N GLU I 345 2.27 -31.59 104.95
CA GLU I 345 3.42 -32.34 104.39
C GLU I 345 3.45 -32.30 102.85
N LEU I 346 4.67 -32.25 102.26
CA LEU I 346 4.81 -32.35 100.81
C LEU I 346 4.93 -33.80 100.38
N ALA I 347 4.38 -34.13 99.20
CA ALA I 347 4.55 -35.45 98.57
C ALA I 347 6.04 -35.80 98.49
N PRO I 348 6.42 -37.08 98.66
CA PRO I 348 7.85 -37.49 98.69
C PRO I 348 8.75 -36.96 97.54
N GLN I 349 8.18 -36.88 96.33
CA GLN I 349 8.94 -36.50 95.14
C GLN I 349 9.27 -35.00 95.10
N TYR I 350 8.62 -34.22 95.98
CA TYR I 350 8.94 -32.78 96.13
C TYR I 350 9.87 -32.49 97.30
N ARG I 351 10.19 -33.50 98.08
CA ARG I 351 11.00 -33.28 99.27
C ARG I 351 12.49 -33.33 98.92
N ASP J 1 44.19 -51.88 32.19
CA ASP J 1 44.10 -51.95 33.67
C ASP J 1 43.61 -50.63 34.36
N SER J 2 44.39 -49.56 34.24
CA SER J 2 44.11 -48.34 35.03
C SER J 2 42.84 -47.59 34.54
N LYS J 3 42.04 -47.03 35.47
CA LYS J 3 40.70 -46.52 35.09
C LYS J 3 40.45 -45.05 35.36
N LYS J 4 39.57 -44.44 34.56
CA LYS J 4 39.10 -43.09 34.81
C LYS J 4 37.77 -43.10 35.60
N ILE J 5 37.85 -42.63 36.84
CA ILE J 5 36.71 -42.69 37.78
C ILE J 5 36.27 -41.27 38.12
N VAL J 6 34.96 -41.00 38.00
CA VAL J 6 34.39 -39.66 38.34
C VAL J 6 33.39 -39.78 39.51
N GLY J 7 33.53 -38.95 40.53
CA GLY J 7 32.54 -38.84 41.61
C GLY J 7 31.78 -37.51 41.49
N VAL J 8 30.45 -37.56 41.56
CA VAL J 8 29.66 -36.31 41.70
C VAL J 8 28.98 -36.29 43.07
N PHE J 9 29.49 -35.46 43.97
CA PHE J 9 29.02 -35.30 45.36
C PHE J 9 28.60 -33.84 45.60
N TYR J 10 27.99 -33.57 46.75
CA TYR J 10 27.74 -32.18 47.18
C TYR J 10 29.00 -31.50 47.72
N LYS J 11 29.15 -30.20 47.42
CA LYS J 11 30.33 -29.44 47.83
C LYS J 11 30.18 -28.94 49.24
N ALA J 12 31.21 -29.03 50.05
CA ALA J 12 31.15 -28.57 51.42
C ALA J 12 31.79 -27.22 51.74
N ASN J 13 32.64 -26.70 50.86
CA ASN J 13 33.39 -25.45 51.14
C ASN J 13 33.98 -25.50 52.55
N GLU J 14 33.68 -24.51 53.39
CA GLU J 14 34.32 -24.48 54.74
C GLU J 14 33.87 -25.60 55.73
N TYR J 15 32.77 -26.29 55.40
CA TYR J 15 32.27 -27.35 56.31
C TYR J 15 33.10 -28.64 56.26
N ALA J 16 33.84 -28.83 55.15
CA ALA J 16 34.66 -30.03 54.88
C ALA J 16 35.71 -30.37 55.94
N THR J 17 36.30 -29.35 56.54
CA THR J 17 37.41 -29.56 57.49
C THR J 17 36.96 -29.66 58.94
N LYS J 18 35.64 -29.61 59.16
CA LYS J 18 35.06 -29.55 60.51
C LYS J 18 34.82 -30.92 61.16
N ASN J 19 35.06 -32.02 60.42
CA ASN J 19 34.86 -33.39 60.93
C ASN J 19 35.66 -34.37 60.05
N PRO J 20 36.60 -35.11 60.65
CA PRO J 20 37.34 -36.06 59.80
C PRO J 20 36.48 -37.20 59.18
N ASN J 21 35.30 -37.47 59.75
CA ASN J 21 34.46 -38.58 59.29
C ASN J 21 33.39 -38.11 58.29
N PHE J 22 33.50 -36.85 57.89
CA PHE J 22 32.59 -36.21 56.97
C PHE J 22 32.94 -36.64 55.53
N LEU J 23 32.65 -37.90 55.19
CA LEU J 23 33.13 -38.49 53.95
C LEU J 23 32.24 -38.20 52.75
N GLY J 24 31.01 -37.77 52.99
CA GLY J 24 30.06 -37.55 51.89
C GLY J 24 30.26 -36.40 50.89
N CYS J 25 31.17 -35.49 51.18
CA CYS J 25 31.34 -34.26 50.36
C CYS J 25 32.45 -34.34 49.26
N VAL J 26 32.36 -33.46 48.25
CA VAL J 26 33.40 -33.35 47.20
C VAL J 26 34.84 -33.40 47.79
N GLU J 27 35.09 -32.62 48.85
CA GLU J 27 36.46 -32.43 49.31
C GLU J 27 37.08 -33.67 49.95
N ASN J 28 36.26 -34.52 50.58
CA ASN J 28 36.81 -35.71 51.25
C ASN J 28 36.56 -36.96 50.40
N ALA J 29 35.60 -36.86 49.47
CA ALA J 29 35.43 -37.81 48.35
C ALA J 29 35.38 -39.29 48.73
N LEU J 30 34.53 -39.58 49.73
CA LEU J 30 34.37 -40.93 50.35
C LEU J 30 35.59 -41.51 51.06
N GLY J 31 36.64 -40.69 51.20
CA GLY J 31 37.86 -41.09 51.91
C GLY J 31 38.73 -41.99 51.04
N ILE J 32 38.35 -42.21 49.77
CA ILE J 32 39.03 -43.20 48.91
C ILE J 32 40.03 -42.61 47.91
N ARG J 33 40.32 -41.32 47.96
CA ARG J 33 41.23 -40.79 46.95
C ARG J 33 42.66 -41.43 46.93
N ASP J 34 43.32 -41.56 48.10
CA ASP J 34 44.72 -42.06 48.12
C ASP J 34 44.67 -43.51 47.70
N TRP J 35 43.70 -44.26 48.24
CA TRP J 35 43.49 -45.64 47.83
C TRP J 35 43.36 -45.82 46.31
N LEU J 36 42.63 -44.92 45.62
CA LEU J 36 42.47 -45.07 44.14
C LEU J 36 43.72 -44.65 43.40
N GLU J 37 44.22 -43.45 43.70
CA GLU J 37 45.41 -42.91 43.03
C GLU J 37 46.67 -43.80 43.25
N SER J 38 46.87 -44.33 44.46
CA SER J 38 48.01 -45.25 44.71
C SER J 38 48.00 -46.50 43.85
N GLN J 39 46.83 -46.89 43.33
CA GLN J 39 46.70 -48.06 42.45
C GLN J 39 46.80 -47.73 40.95
N GLY J 40 47.08 -46.47 40.63
CA GLY J 40 47.19 -46.08 39.22
C GLY J 40 45.93 -45.49 38.59
N HIS J 41 44.84 -45.42 39.37
CA HIS J 41 43.58 -44.89 38.84
C HIS J 41 43.53 -43.36 38.85
N GLN J 42 42.78 -42.80 37.90
CA GLN J 42 42.49 -41.35 37.89
C GLN J 42 41.13 -41.09 38.58
N TYR J 43 41.08 -40.09 39.46
CA TYR J 43 39.86 -39.76 40.26
C TYR J 43 39.47 -38.28 40.12
N ILE J 44 38.47 -37.99 39.28
CA ILE J 44 37.97 -36.60 39.11
C ILE J 44 36.66 -36.40 39.91
N VAL J 45 36.68 -35.51 40.90
CA VAL J 45 35.56 -35.29 41.81
C VAL J 45 34.97 -33.85 41.72
N THR J 46 33.66 -33.75 41.46
CA THR J 46 32.99 -32.44 41.24
C THR J 46 31.49 -32.41 41.65
N ASP J 47 30.98 -31.21 41.98
CA ASP J 47 29.53 -30.98 42.23
C ASP J 47 28.81 -30.31 41.07
N ASP J 48 29.52 -30.12 39.96
CA ASP J 48 29.00 -29.38 38.82
C ASP J 48 28.40 -30.30 37.76
N LYS J 49 27.08 -30.43 37.77
CA LYS J 49 26.40 -31.53 37.08
C LYS J 49 25.33 -31.20 36.03
N GLU J 50 24.93 -29.92 35.91
CA GLU J 50 23.81 -29.56 34.98
C GLU J 50 24.32 -28.86 33.74
N GLY J 51 23.76 -29.23 32.60
CA GLY J 51 24.06 -28.55 31.33
C GLY J 51 24.86 -29.37 30.31
N PRO J 52 25.11 -28.77 29.12
CA PRO J 52 26.18 -29.31 28.26
C PRO J 52 27.55 -28.68 28.58
N ASP J 53 27.59 -27.63 29.37
CA ASP J 53 28.86 -26.97 29.70
C ASP J 53 29.50 -27.30 31.04
N CYS J 54 28.88 -28.16 31.85
CA CYS J 54 29.40 -28.40 33.23
C CYS J 54 30.59 -29.34 33.20
N GLU J 55 31.40 -29.28 34.27
CA GLU J 55 32.50 -30.22 34.51
C GLU J 55 32.12 -31.71 34.25
N LEU J 56 30.98 -32.18 34.75
CA LEU J 56 30.62 -33.57 34.50
C LEU J 56 30.60 -33.91 33.01
N GLU J 57 29.92 -33.06 32.23
CA GLU J 57 29.75 -33.32 30.81
C GLU J 57 31.08 -33.41 30.07
N LYS J 58 32.07 -32.65 30.51
CA LYS J 58 33.41 -32.70 29.96
C LYS J 58 34.01 -34.14 29.98
N HIS J 59 33.69 -34.93 31.00
CA HIS J 59 34.33 -36.24 31.20
C HIS J 59 33.43 -37.39 30.82
N ILE J 60 32.17 -37.09 30.56
CA ILE J 60 31.22 -38.10 30.05
C ILE J 60 31.72 -38.97 28.86
N PRO J 61 32.34 -38.35 27.83
CA PRO J 61 32.75 -39.20 26.68
C PRO J 61 33.82 -40.28 26.99
N ASP J 62 34.69 -40.07 27.98
CA ASP J 62 35.75 -41.06 28.27
C ASP J 62 35.86 -41.73 29.67
N LEU J 63 34.98 -41.37 30.62
CA LEU J 63 35.06 -41.94 31.98
C LEU J 63 34.70 -43.42 31.93
N HIS J 64 35.31 -44.24 32.81
CA HIS J 64 34.93 -45.69 32.92
C HIS J 64 33.90 -45.96 34.02
N VAL J 65 34.00 -45.20 35.10
CA VAL J 65 33.12 -45.40 36.28
C VAL J 65 32.60 -44.06 36.71
N LEU J 66 31.28 -44.00 36.97
CA LEU J 66 30.63 -42.82 37.57
C LEU J 66 30.04 -43.13 38.95
N ILE J 67 30.54 -42.49 40.00
CA ILE J 67 30.03 -42.73 41.33
C ILE J 67 29.08 -41.54 41.59
N SER J 68 27.80 -41.79 41.75
CA SER J 68 26.89 -40.67 42.08
C SER J 68 26.46 -40.79 43.56
N THR J 69 25.65 -39.83 44.05
CA THR J 69 25.13 -39.83 45.42
C THR J 69 23.71 -39.13 45.40
N PRO J 70 22.67 -39.77 45.99
CA PRO J 70 21.29 -39.21 45.84
C PRO J 70 21.10 -37.76 46.26
N PHE J 71 21.93 -37.31 47.20
CA PHE J 71 21.77 -36.03 47.88
C PHE J 71 22.16 -34.86 46.98
N HIS J 72 22.84 -35.19 45.87
CA HIS J 72 23.26 -34.23 44.84
C HIS J 72 23.42 -35.07 43.58
N PRO J 73 22.29 -35.44 42.97
CA PRO J 73 22.22 -36.53 42.00
C PRO J 73 22.61 -36.17 40.53
N ALA J 74 23.69 -36.78 40.03
CA ALA J 74 23.98 -36.75 38.59
C ALA J 74 22.80 -37.37 37.82
N TYR J 75 22.12 -36.57 36.97
CA TYR J 75 21.04 -37.11 36.15
C TYR J 75 21.66 -37.68 34.88
N VAL J 76 21.65 -39.02 34.83
CA VAL J 76 22.27 -39.83 33.77
C VAL J 76 21.18 -40.23 32.76
N THR J 77 20.84 -39.25 31.93
CA THR J 77 19.80 -39.34 30.86
C THR J 77 20.23 -40.29 29.75
N ALA J 78 19.28 -40.73 28.91
CA ALA J 78 19.55 -41.77 27.88
C ALA J 78 20.52 -41.24 26.81
N GLU J 79 20.48 -39.93 26.66
CA GLU J 79 21.39 -39.18 25.82
C GLU J 79 22.82 -39.25 26.35
N ARG J 80 22.99 -38.95 27.65
CA ARG J 80 24.30 -39.06 28.34
C ARG J 80 24.89 -40.47 28.22
N ILE J 81 24.04 -41.47 28.35
CA ILE J 81 24.40 -42.88 28.23
C ILE J 81 24.90 -43.26 26.83
N LYS J 82 24.35 -42.60 25.80
CA LYS J 82 24.69 -42.84 24.40
C LYS J 82 26.06 -42.19 24.13
N LYS J 83 26.26 -41.03 24.74
CA LYS J 83 27.48 -40.26 24.63
C LYS J 83 28.66 -40.86 25.44
N ALA J 84 28.36 -41.68 26.46
CA ALA J 84 29.38 -42.17 27.41
C ALA J 84 30.05 -43.44 26.88
N LYS J 85 31.00 -43.24 25.97
CA LYS J 85 31.44 -44.34 25.12
C LYS J 85 32.27 -45.41 25.86
N ASN J 86 32.98 -45.01 26.92
CA ASN J 86 33.81 -45.90 27.75
C ASN J 86 33.12 -46.41 29.05
N LEU J 87 32.00 -45.79 29.40
CA LEU J 87 31.27 -46.10 30.62
C LEU J 87 30.89 -47.56 30.72
N LYS J 88 31.25 -48.18 31.83
CA LYS J 88 30.87 -49.56 32.14
C LYS J 88 30.09 -49.72 33.46
N LEU J 89 30.36 -48.87 34.45
CA LEU J 89 29.84 -49.08 35.82
C LEU J 89 29.32 -47.80 36.45
N LEU J 90 28.13 -47.88 37.04
CA LEU J 90 27.48 -46.74 37.72
C LEU J 90 27.25 -47.12 39.19
N LEU J 91 27.92 -46.44 40.10
CA LEU J 91 27.80 -46.81 41.52
C LEU J 91 27.09 -45.68 42.23
N THR J 92 26.05 -46.02 42.98
CA THR J 92 25.38 -45.05 43.87
C THR J 92 25.91 -45.10 45.32
N ALA J 93 26.50 -44.00 45.80
CA ALA J 93 26.92 -43.92 47.20
C ALA J 93 25.70 -43.49 48.07
N GLY J 94 24.89 -44.48 48.47
CA GLY J 94 23.65 -44.31 49.19
C GLY J 94 22.65 -45.32 48.65
N ILE J 95 21.34 -45.02 48.69
CA ILE J 95 20.29 -45.96 48.27
C ILE J 95 19.26 -45.22 47.35
N GLY J 96 18.90 -45.82 46.20
CA GLY J 96 18.03 -45.15 45.23
C GLY J 96 18.80 -44.67 44.02
N SER J 97 18.62 -45.39 42.91
CA SER J 97 19.41 -45.14 41.69
C SER J 97 18.52 -44.63 40.55
N ASP J 98 17.43 -43.95 40.94
CA ASP J 98 16.37 -43.46 40.03
C ASP J 98 16.81 -42.22 39.28
N HIS J 99 17.89 -41.60 39.74
CA HIS J 99 18.52 -40.50 39.03
C HIS J 99 19.17 -40.93 37.70
N ILE J 100 19.25 -42.23 37.46
CA ILE J 100 19.77 -42.77 36.21
C ILE J 100 18.58 -43.28 35.39
N ASP J 101 18.63 -43.03 34.07
CA ASP J 101 17.64 -43.63 33.15
C ASP J 101 17.94 -45.09 33.14
N LEU J 102 17.27 -45.85 34.02
CA LEU J 102 17.62 -47.26 34.24
C LEU J 102 17.31 -48.17 33.07
N GLN J 103 16.27 -47.82 32.29
CA GLN J 103 15.85 -48.64 31.14
C GLN J 103 16.92 -48.55 30.05
N ALA J 104 17.28 -47.32 29.74
CA ALA J 104 18.40 -47.02 28.86
C ALA J 104 19.67 -47.78 29.31
N ALA J 105 20.04 -47.65 30.59
CA ALA J 105 21.23 -48.31 31.14
C ALA J 105 21.20 -49.80 30.80
N ALA J 106 20.05 -50.44 31.06
CA ALA J 106 19.88 -51.86 30.80
C ALA J 106 20.12 -52.24 29.32
N ALA J 107 19.48 -51.50 28.41
CA ALA J 107 19.56 -51.75 26.97
C ALA J 107 20.98 -51.50 26.45
N ALA J 108 21.67 -50.53 27.05
CA ALA J 108 23.08 -50.28 26.73
C ALA J 108 24.09 -51.27 27.35
N GLY J 109 23.62 -52.26 28.11
CA GLY J 109 24.53 -53.24 28.73
C GLY J 109 25.39 -52.74 29.92
N LEU J 110 24.99 -51.62 30.54
CA LEU J 110 25.68 -51.06 31.72
C LEU J 110 25.30 -51.75 33.03
N THR J 111 26.19 -51.67 34.02
CA THR J 111 25.98 -52.21 35.37
C THR J 111 25.70 -51.05 36.32
N VAL J 112 24.58 -51.15 37.05
CA VAL J 112 24.15 -50.11 38.02
C VAL J 112 24.08 -50.81 39.38
N ALA J 113 24.75 -50.24 40.39
CA ALA J 113 24.69 -50.87 41.75
C ALA J 113 24.64 -49.80 42.82
N GLU J 114 24.17 -50.13 44.02
CA GLU J 114 24.03 -49.17 45.12
C GLU J 114 24.24 -49.87 46.49
N VAL J 115 24.47 -49.12 47.58
CA VAL J 115 24.81 -49.79 48.86
C VAL J 115 23.57 -50.13 49.66
N THR J 116 22.95 -51.23 49.30
CA THR J 116 21.72 -51.70 49.93
C THR J 116 21.88 -51.82 51.44
N GLY J 117 20.90 -51.27 52.17
CA GLY J 117 20.96 -51.31 53.67
C GLY J 117 21.86 -50.30 54.35
N SER J 118 22.64 -49.51 53.61
CA SER J 118 23.59 -48.62 54.26
C SER J 118 23.00 -47.53 55.14
N ASN J 119 21.82 -46.98 54.80
CA ASN J 119 21.30 -45.87 55.61
C ASN J 119 19.84 -46.06 56.00
N VAL J 120 19.38 -47.31 56.07
CA VAL J 120 17.95 -47.60 56.31
C VAL J 120 17.51 -47.25 57.74
N VAL J 121 18.37 -47.48 58.73
CA VAL J 121 18.09 -47.00 60.12
C VAL J 121 17.99 -45.47 60.21
N SER J 122 18.95 -44.77 59.60
CA SER J 122 18.93 -43.31 59.55
C SER J 122 17.57 -42.73 59.05
N VAL J 123 17.06 -43.27 57.94
CA VAL J 123 15.80 -42.77 57.36
C VAL J 123 14.57 -43.13 58.24
N ALA J 124 14.56 -44.32 58.84
CA ALA J 124 13.47 -44.72 59.74
C ALA J 124 13.37 -43.80 60.96
N GLU J 125 14.52 -43.47 61.57
CA GLU J 125 14.56 -42.51 62.67
C GLU J 125 13.98 -41.15 62.20
N ASP J 126 14.44 -40.68 61.04
CA ASP J 126 14.03 -39.35 60.53
C ASP J 126 12.51 -39.30 60.19
N GLU J 127 12.01 -40.41 59.67
CA GLU J 127 10.57 -40.55 59.39
C GLU J 127 9.76 -40.43 60.69
N LEU J 128 10.19 -41.12 61.74
CA LEU J 128 9.42 -41.10 63.01
C LEU J 128 9.46 -39.72 63.66
N MET J 129 10.59 -39.05 63.56
CA MET J 129 10.75 -37.67 64.07
C MET J 129 9.70 -36.76 63.39
N ARG J 130 9.54 -36.96 62.09
CA ARG J 130 8.66 -36.16 61.25
C ARG J 130 7.16 -36.44 61.49
N ILE J 131 6.79 -37.71 61.73
CA ILE J 131 5.43 -38.03 62.19
C ILE J 131 5.08 -37.26 63.48
N LEU J 132 5.99 -37.29 64.46
CA LEU J 132 5.80 -36.56 65.71
C LEU J 132 5.70 -35.03 65.47
N ILE J 133 6.67 -34.47 64.72
CA ILE J 133 6.65 -33.04 64.36
C ILE J 133 5.30 -32.56 63.81
N LEU J 134 4.71 -33.31 62.88
CA LEU J 134 3.44 -32.92 62.29
C LEU J 134 2.27 -33.17 63.28
N MET J 135 2.16 -34.38 63.85
CA MET J 135 1.05 -34.71 64.77
C MET J 135 0.98 -33.74 65.95
N ARG J 136 2.14 -33.44 66.52
CA ARG J 136 2.25 -32.67 67.74
C ARG J 136 2.47 -31.15 67.50
N ASN J 137 2.56 -30.75 66.23
CA ASN J 137 2.55 -29.34 65.83
C ASN J 137 3.73 -28.55 66.34
N PHE J 138 4.92 -29.14 66.21
CA PHE J 138 6.14 -28.48 66.61
C PHE J 138 6.45 -27.19 65.80
N VAL J 139 6.18 -27.18 64.48
CA VAL J 139 6.73 -26.10 63.58
C VAL J 139 6.07 -24.75 63.95
N PRO J 140 4.71 -24.73 64.09
CA PRO J 140 4.08 -23.47 64.51
C PRO J 140 4.63 -22.94 65.81
N GLY J 141 5.00 -23.82 66.76
CA GLY J 141 5.60 -23.39 68.03
C GLY J 141 7.02 -22.87 67.93
N TYR J 142 7.84 -23.48 67.08
CA TYR J 142 9.17 -22.91 66.82
C TYR J 142 9.08 -21.54 66.08
N ASN J 143 8.20 -21.44 65.10
CA ASN J 143 7.92 -20.14 64.44
C ASN J 143 7.52 -19.01 65.39
N GLN J 144 6.65 -19.30 66.38
CA GLN J 144 6.30 -18.30 67.39
C GLN J 144 7.50 -17.90 68.19
N VAL J 145 8.35 -18.86 68.58
CA VAL J 145 9.50 -18.53 69.43
C VAL J 145 10.47 -17.52 68.79
N VAL J 146 10.70 -17.69 67.47
CA VAL J 146 11.66 -16.84 66.76
C VAL J 146 11.04 -15.46 66.52
N LYS J 147 9.74 -15.44 66.19
CA LYS J 147 8.97 -14.18 66.00
C LYS J 147 8.64 -13.46 67.31
N GLY J 148 9.19 -13.94 68.43
CA GLY J 148 8.97 -13.35 69.76
C GLY J 148 7.54 -13.47 70.33
N GLU J 149 6.71 -14.34 69.74
CA GLU J 149 5.31 -14.50 70.13
C GLU J 149 5.11 -15.47 71.33
N TRP J 150 3.85 -15.56 71.78
CA TRP J 150 3.41 -16.55 72.79
C TRP J 150 1.90 -16.65 72.72
N ASN J 151 1.43 -17.66 72.00
CA ASN J 151 0.02 -17.90 71.88
C ASN J 151 -0.25 -19.43 71.96
N VAL J 152 -0.36 -19.95 73.20
CA VAL J 152 -0.51 -21.41 73.40
C VAL J 152 -1.67 -21.94 72.59
N ALA J 153 -2.79 -21.24 72.65
CA ALA J 153 -4.00 -21.64 71.95
C ALA J 153 -3.87 -21.82 70.44
N GLY J 154 -3.05 -20.99 69.79
CA GLY J 154 -2.97 -21.05 68.32
C GLY J 154 -2.19 -22.26 67.78
N ILE J 155 -1.45 -22.93 68.69
CA ILE J 155 -0.75 -24.21 68.44
C ILE J 155 -1.61 -25.39 68.94
N ALA J 156 -2.06 -25.29 70.20
CA ALA J 156 -2.79 -26.38 70.86
C ALA J 156 -4.03 -26.80 70.13
N TYR J 157 -4.73 -25.87 69.47
CA TYR J 157 -6.04 -26.24 68.88
C TYR J 157 -5.98 -27.45 67.93
N ARG J 158 -4.79 -27.65 67.39
CA ARG J 158 -4.57 -28.58 66.29
C ARG J 158 -3.62 -29.72 66.72
N ALA J 159 -3.07 -29.65 67.93
CA ALA J 159 -2.03 -30.59 68.41
C ALA J 159 -2.66 -31.83 69.07
N TYR J 160 -2.21 -33.03 68.66
CA TYR J 160 -2.68 -34.33 69.18
C TYR J 160 -1.50 -35.23 69.64
N ASP J 161 -1.79 -36.24 70.47
CA ASP J 161 -0.81 -37.26 70.84
C ASP J 161 -0.74 -38.22 69.69
N LEU J 162 0.43 -38.83 69.50
CA LEU J 162 0.56 -39.90 68.49
C LEU J 162 -0.18 -41.16 68.93
N GLU J 163 -0.21 -41.41 70.25
CA GLU J 163 -0.92 -42.59 70.78
C GLU J 163 -2.37 -42.68 70.24
N GLY J 164 -2.80 -43.87 69.82
CA GLY J 164 -4.18 -44.15 69.41
C GLY J 164 -4.46 -43.86 67.95
N LYS J 165 -3.50 -43.25 67.25
CA LYS J 165 -3.76 -42.85 65.87
C LYS J 165 -3.43 -43.96 64.88
N THR J 166 -4.00 -43.84 63.67
CA THR J 166 -3.83 -44.85 62.61
C THR J 166 -2.76 -44.41 61.65
N ILE J 167 -1.67 -45.19 61.59
CA ILE J 167 -0.53 -44.84 60.71
C ILE J 167 -0.34 -45.95 59.67
N GLY J 168 -0.22 -45.56 58.40
CA GLY J 168 -0.04 -46.52 57.31
C GLY J 168 1.29 -46.29 56.60
N THR J 169 2.08 -47.34 56.41
CA THR J 169 3.28 -47.16 55.59
C THR J 169 3.04 -47.77 54.19
N VAL J 170 3.36 -47.00 53.15
CA VAL J 170 3.22 -47.52 51.81
C VAL J 170 4.60 -47.95 51.36
N GLY J 171 4.82 -49.26 51.41
CA GLY J 171 6.15 -49.86 51.37
C GLY J 171 6.54 -50.41 52.74
N ALA J 172 6.87 -51.69 52.77
CA ALA J 172 7.39 -52.33 53.96
C ALA J 172 8.60 -53.18 53.53
N GLY J 173 9.56 -52.53 52.88
CA GLY J 173 10.89 -53.11 52.70
C GLY J 173 11.75 -52.85 53.94
N ARG J 174 13.03 -52.55 53.74
CA ARG J 174 13.92 -52.33 54.90
C ARG J 174 13.49 -51.11 55.73
N ILE J 175 13.29 -49.95 55.09
CA ILE J 175 13.01 -48.73 55.84
C ILE J 175 11.62 -48.83 56.51
N GLY J 176 10.63 -49.28 55.74
CA GLY J 176 9.28 -49.51 56.31
C GLY J 176 9.25 -50.44 57.53
N LYS J 177 9.94 -51.60 57.45
CA LYS J 177 10.05 -52.53 58.61
C LYS J 177 10.63 -51.82 59.84
N LEU J 178 11.71 -51.06 59.63
CA LEU J 178 12.48 -50.44 60.75
C LEU J 178 11.67 -49.33 61.40
N LEU J 179 10.89 -48.62 60.57
CA LEU J 179 9.94 -47.63 61.08
C LEU J 179 8.86 -48.29 61.96
N LEU J 180 8.29 -49.37 61.45
CA LEU J 180 7.22 -50.06 62.18
C LEU J 180 7.69 -50.60 63.53
N GLN J 181 8.91 -51.09 63.59
CA GLN J 181 9.52 -51.55 64.87
C GLN J 181 9.69 -50.41 65.92
N ARG J 182 10.11 -49.23 65.45
CA ARG J 182 10.24 -48.10 66.34
C ARG J 182 8.84 -47.49 66.70
N LEU J 183 7.82 -47.69 65.86
CA LEU J 183 6.47 -47.20 66.18
C LEU J 183 5.73 -48.09 67.18
N LYS J 184 6.06 -49.40 67.21
CA LYS J 184 5.41 -50.37 68.16
C LYS J 184 5.12 -49.86 69.59
N PRO J 185 6.12 -49.33 70.32
CA PRO J 185 5.83 -48.91 71.71
C PRO J 185 4.93 -47.65 71.82
N PHE J 186 4.64 -46.99 70.72
CA PHE J 186 3.81 -45.76 70.84
C PHE J 186 2.31 -46.02 71.01
N GLY J 187 1.86 -47.26 70.81
CA GLY J 187 0.47 -47.65 71.05
C GLY J 187 -0.48 -47.11 69.99
N CYS J 188 -0.09 -47.28 68.72
CA CYS J 188 -0.85 -46.76 67.57
C CYS J 188 -1.59 -47.92 66.90
N ASN J 189 -2.44 -47.59 65.93
CA ASN J 189 -3.05 -48.56 65.02
C ASN J 189 -2.24 -48.60 63.72
N LEU J 190 -1.41 -49.63 63.54
CA LEU J 190 -0.48 -49.70 62.41
C LEU J 190 -0.99 -50.54 61.24
N LEU J 191 -0.92 -49.98 60.04
CA LEU J 191 -1.28 -50.67 58.81
C LEU J 191 -0.12 -50.57 57.84
N TYR J 192 0.05 -51.58 56.97
CA TYR J 192 1.02 -51.46 55.87
C TYR J 192 0.50 -52.05 54.56
N HIS J 193 0.94 -51.46 53.46
CA HIS J 193 0.70 -52.03 52.13
C HIS J 193 2.06 -52.27 51.43
N ASP J 194 2.16 -53.42 50.76
CA ASP J 194 3.29 -53.77 49.87
C ASP J 194 2.81 -54.93 48.98
N ARG J 195 3.43 -55.09 47.79
CA ARG J 195 3.25 -56.31 46.96
C ARG J 195 3.67 -57.57 47.70
N LEU J 196 4.64 -57.42 48.61
CA LEU J 196 5.14 -58.53 49.39
C LEU J 196 4.69 -58.39 50.84
N GLN J 197 4.04 -59.42 51.36
CA GLN J 197 3.54 -59.42 52.72
C GLN J 197 4.67 -59.80 53.68
N MET J 198 4.69 -59.22 54.90
CA MET J 198 5.69 -59.58 55.90
C MET J 198 5.30 -60.92 56.51
N ALA J 199 6.29 -61.66 57.01
CA ALA J 199 6.10 -62.86 57.83
C ALA J 199 5.19 -62.59 59.05
N PRO J 200 4.39 -63.61 59.47
CA PRO J 200 3.48 -63.41 60.62
C PRO J 200 4.22 -62.99 61.90
N GLU J 201 5.43 -63.50 62.11
CA GLU J 201 6.27 -63.08 63.25
C GLU J 201 6.52 -61.54 63.34
N LEU J 202 6.83 -60.91 62.21
CA LEU J 202 6.96 -59.45 62.10
C LEU J 202 5.63 -58.70 62.28
N GLU J 203 4.56 -59.23 61.68
CA GLU J 203 3.22 -58.66 61.78
C GLU J 203 2.75 -58.67 63.24
N LYS J 204 3.07 -59.74 63.95
CA LYS J 204 2.64 -59.87 65.31
C LYS J 204 3.45 -59.00 66.26
N GLU J 205 4.78 -58.93 66.06
CA GLU J 205 5.64 -58.12 66.92
C GLU J 205 5.34 -56.61 66.77
N THR J 206 5.06 -56.16 65.55
CA THR J 206 4.92 -54.74 65.30
C THR J 206 3.49 -54.29 65.59
N GLY J 207 2.54 -55.25 65.53
CA GLY J 207 1.11 -54.94 65.58
C GLY J 207 0.55 -54.44 64.24
N ALA J 208 1.30 -54.59 63.16
CA ALA J 208 0.97 -53.95 61.90
C ALA J 208 0.19 -54.91 60.99
N LYS J 209 -0.90 -54.41 60.42
CA LYS J 209 -1.81 -55.29 59.65
C LYS J 209 -1.66 -55.08 58.15
N PHE J 210 -1.57 -56.18 57.39
CA PHE J 210 -1.37 -56.13 55.93
C PHE J 210 -2.65 -55.73 55.22
N VAL J 211 -2.54 -54.83 54.25
CA VAL J 211 -3.68 -54.42 53.43
C VAL J 211 -3.38 -54.62 51.92
N GLU J 212 -3.68 -55.83 51.42
CA GLU J 212 -3.34 -56.28 50.06
C GLU J 212 -3.53 -55.19 49.02
N ASP J 213 -4.70 -54.58 49.02
CA ASP J 213 -4.98 -53.51 48.06
C ASP J 213 -4.82 -52.15 48.72
N LEU J 214 -3.96 -51.34 48.13
CA LEU J 214 -3.68 -49.99 48.60
C LEU J 214 -4.98 -49.23 48.88
N ASN J 215 -5.90 -49.26 47.92
CA ASN J 215 -7.15 -48.47 48.01
C ASN J 215 -7.93 -48.67 49.29
N GLU J 216 -7.94 -49.91 49.81
CA GLU J 216 -8.63 -50.24 51.04
C GLU J 216 -7.96 -49.61 52.27
N MET J 217 -6.67 -49.21 52.13
CA MET J 217 -5.85 -48.74 53.26
C MET J 217 -5.91 -47.25 53.38
N LEU J 218 -5.76 -46.58 52.24
CA LEU J 218 -5.59 -45.14 52.19
C LEU J 218 -6.63 -44.28 52.91
N PRO J 219 -7.95 -44.71 52.93
CA PRO J 219 -9.00 -43.92 53.63
C PRO J 219 -8.84 -43.90 55.16
N LYS J 220 -8.41 -45.03 55.71
CA LYS J 220 -8.31 -45.25 57.15
C LYS J 220 -7.18 -44.48 57.84
N CYS J 221 -6.23 -43.97 57.06
CA CYS J 221 -4.97 -43.41 57.65
C CYS J 221 -5.06 -41.97 58.13
N ASP J 222 -4.73 -41.72 59.41
CA ASP J 222 -4.43 -40.36 59.90
C ASP J 222 -3.05 -39.85 59.41
N VAL J 223 -2.13 -40.79 59.26
CA VAL J 223 -0.76 -40.46 58.82
C VAL J 223 -0.41 -41.43 57.71
N ILE J 224 0.21 -40.91 56.67
CA ILE J 224 0.68 -41.73 55.57
C ILE J 224 2.19 -41.53 55.37
N VAL J 225 2.92 -42.65 55.25
CA VAL J 225 4.40 -42.62 55.13
C VAL J 225 4.83 -43.33 53.84
N ILE J 226 5.55 -42.64 52.97
CA ILE J 226 5.98 -43.23 51.69
C ILE J 226 7.36 -43.94 51.81
N ASN J 227 7.39 -45.24 51.47
CA ASN J 227 8.54 -46.12 51.68
C ASN J 227 8.78 -47.09 50.50
N MET J 228 8.69 -46.54 49.29
CA MET J 228 8.91 -47.27 48.04
C MET J 228 9.99 -46.58 47.23
N PRO J 229 10.65 -47.34 46.29
CA PRO J 229 11.59 -46.74 45.35
C PRO J 229 10.82 -45.87 44.33
N LEU J 230 11.48 -44.87 43.74
CA LEU J 230 10.99 -44.23 42.51
C LEU J 230 11.16 -45.16 41.30
N THR J 231 10.04 -45.75 40.85
CA THR J 231 9.99 -46.62 39.68
C THR J 231 9.02 -46.10 38.60
N GLU J 232 8.87 -46.87 37.51
CA GLU J 232 7.88 -46.58 36.45
C GLU J 232 6.46 -46.67 36.99
N LYS J 233 6.17 -47.75 37.71
CA LYS J 233 4.89 -47.89 38.38
C LYS J 233 4.62 -46.87 39.52
N THR J 234 5.65 -46.39 40.24
CA THR J 234 5.43 -45.44 41.36
C THR J 234 5.57 -43.96 41.01
N ARG J 235 6.22 -43.68 39.88
CA ARG J 235 6.42 -42.32 39.41
C ARG J 235 5.04 -41.67 39.28
N GLY J 236 4.90 -40.45 39.81
CA GLY J 236 3.61 -39.78 40.07
C GLY J 236 2.38 -40.59 40.43
N MET J 237 2.53 -41.66 41.20
CA MET J 237 1.39 -42.48 41.65
C MET J 237 0.44 -41.70 42.57
N PHE J 238 1.00 -40.71 43.27
CA PHE J 238 0.24 -39.89 44.18
C PHE J 238 -0.29 -38.65 43.46
N ASN J 239 -1.26 -38.92 42.56
CA ASN J 239 -2.05 -37.92 41.78
C ASN J 239 -3.33 -37.46 42.50
N LYS J 240 -4.05 -36.51 41.90
CA LYS J 240 -5.39 -36.06 42.36
C LYS J 240 -6.34 -37.26 42.63
N GLU J 241 -6.60 -38.11 41.63
CA GLU J 241 -7.41 -39.34 41.81
C GLU J 241 -7.15 -40.02 43.17
N LEU J 242 -5.87 -40.29 43.44
CA LEU J 242 -5.47 -41.09 44.63
C LEU J 242 -5.44 -40.27 45.91
N ILE J 243 -4.99 -39.01 45.85
CA ILE J 243 -5.05 -38.18 47.04
C ILE J 243 -6.52 -37.99 47.61
N GLY J 244 -7.47 -37.66 46.73
CA GLY J 244 -8.84 -37.43 47.15
C GLY J 244 -9.40 -38.63 47.87
N LYS J 245 -8.80 -39.81 47.63
CA LYS J 245 -9.19 -41.03 48.31
C LYS J 245 -8.85 -40.95 49.80
N LEU J 246 -7.89 -40.10 50.17
CA LEU J 246 -7.36 -40.07 51.54
C LEU J 246 -8.34 -39.33 52.46
N LYS J 247 -8.33 -39.71 53.73
CA LYS J 247 -9.03 -39.00 54.82
C LYS J 247 -8.64 -37.51 54.83
N LYS J 248 -9.59 -36.63 55.17
CA LYS J 248 -9.38 -35.17 55.24
C LYS J 248 -8.53 -34.74 56.44
N GLY J 249 -7.58 -33.83 56.22
CA GLY J 249 -6.59 -33.48 57.24
C GLY J 249 -5.40 -34.45 57.38
N VAL J 250 -5.33 -35.48 56.54
CA VAL J 250 -4.19 -36.45 56.52
C VAL J 250 -2.82 -35.78 56.63
N LEU J 251 -1.91 -36.38 57.42
CA LEU J 251 -0.52 -35.92 57.56
C LEU J 251 0.35 -36.86 56.71
N ILE J 252 1.29 -36.32 55.94
CA ILE J 252 2.05 -37.16 55.00
C ILE J 252 3.56 -36.94 55.23
N VAL J 253 4.30 -38.04 55.38
CA VAL J 253 5.77 -38.00 55.52
C VAL J 253 6.34 -38.73 54.29
N ASN J 254 7.32 -38.11 53.63
CA ASN J 254 7.92 -38.74 52.43
C ASN J 254 9.41 -38.45 52.34
N ASN J 255 10.20 -39.43 52.81
CA ASN J 255 11.66 -39.42 52.77
C ASN J 255 12.10 -40.48 51.75
N ALA J 256 11.23 -40.81 50.81
CA ALA J 256 11.52 -41.78 49.76
C ALA J 256 12.07 -41.05 48.51
N ARG J 257 11.20 -40.71 47.53
CA ARG J 257 11.60 -39.77 46.45
C ARG J 257 10.46 -38.73 46.18
N GLY J 258 10.81 -37.46 45.92
CA GLY J 258 9.82 -36.40 45.58
C GLY J 258 8.80 -36.79 44.51
N ALA J 259 9.30 -37.28 43.36
CA ALA J 259 8.45 -37.53 42.19
C ALA J 259 7.50 -38.71 42.31
N ILE J 260 7.43 -39.32 43.50
CA ILE J 260 6.39 -40.32 43.74
C ILE J 260 5.04 -39.57 43.84
N MET J 261 5.14 -38.32 44.28
CA MET J 261 4.03 -37.42 44.40
C MET J 261 3.95 -36.74 43.03
N GLU J 262 2.74 -36.60 42.48
CA GLU J 262 2.50 -35.58 41.44
C GLU J 262 2.68 -34.29 42.19
N ARG J 263 3.57 -33.40 41.73
CA ARG J 263 3.94 -32.24 42.56
C ARG J 263 2.76 -31.33 42.91
N GLN J 264 2.02 -30.90 41.89
CA GLN J 264 0.90 -29.97 42.06
C GLN J 264 -0.27 -30.57 42.82
N ALA J 265 -0.48 -31.88 42.71
CA ALA J 265 -1.56 -32.49 43.42
C ALA J 265 -1.39 -32.31 44.95
N VAL J 266 -0.12 -32.25 45.39
CA VAL J 266 0.26 -31.96 46.79
C VAL J 266 -0.01 -30.50 47.17
N VAL J 267 0.39 -29.58 46.31
CA VAL J 267 0.01 -28.18 46.56
C VAL J 267 -1.55 -27.98 46.69
N ASP J 268 -2.32 -28.56 45.77
CA ASP J 268 -3.78 -28.37 45.74
C ASP J 268 -4.53 -28.98 46.91
N ALA J 269 -4.08 -30.15 47.36
CA ALA J 269 -4.76 -30.92 48.39
C ALA J 269 -4.36 -30.33 49.72
N VAL J 270 -3.20 -29.66 49.72
CA VAL J 270 -2.70 -28.99 50.92
C VAL J 270 -3.55 -27.78 51.18
N GLU J 271 -3.76 -27.02 50.13
CA GLU J 271 -4.48 -25.74 50.13
C GLU J 271 -5.91 -25.94 50.66
N SER J 272 -6.62 -26.92 50.09
CA SER J 272 -7.96 -27.30 50.59
C SER J 272 -8.02 -27.87 52.02
N GLY J 273 -6.83 -28.17 52.60
CA GLY J 273 -6.72 -28.71 53.95
C GLY J 273 -7.12 -30.17 53.86
N HIS J 274 -7.24 -30.68 52.64
CA HIS J 274 -7.49 -32.10 52.48
C HIS J 274 -6.27 -32.94 53.01
N ILE J 275 -5.05 -32.42 52.76
CA ILE J 275 -3.79 -32.85 53.41
C ILE J 275 -3.53 -31.82 54.52
N GLY J 276 -3.51 -32.27 55.78
CA GLY J 276 -3.24 -31.39 56.92
C GLY J 276 -1.83 -30.85 57.05
N GLY J 277 -0.85 -31.60 56.52
CA GLY J 277 0.59 -31.24 56.67
C GLY J 277 1.44 -32.26 55.87
N TYR J 278 2.60 -31.81 55.37
CA TYR J 278 3.47 -32.62 54.48
C TYR J 278 4.90 -32.34 54.91
N SER J 279 5.68 -33.41 55.16
CA SER J 279 7.06 -33.27 55.68
C SER J 279 7.95 -34.32 55.02
N GLY J 280 9.11 -33.91 54.51
CA GLY J 280 10.02 -34.84 53.81
C GLY J 280 11.36 -34.17 53.55
N ASP J 281 12.35 -34.96 53.13
CA ASP J 281 13.66 -34.38 52.81
C ASP J 281 13.95 -34.50 51.31
N VAL J 282 13.05 -35.11 50.55
CA VAL J 282 13.35 -35.41 49.13
C VAL J 282 12.45 -34.68 48.12
N TRP J 283 13.05 -34.24 47.00
CA TRP J 283 12.44 -33.28 46.05
C TRP J 283 12.63 -33.71 44.58
N ASP J 284 11.76 -33.20 43.70
CA ASP J 284 12.03 -33.24 42.26
C ASP J 284 11.98 -31.83 41.71
N PRO J 285 13.11 -31.34 41.12
CA PRO J 285 14.41 -32.03 41.04
C PRO J 285 15.31 -31.66 42.24
N GLN J 286 16.54 -32.19 42.28
CA GLN J 286 17.48 -31.81 43.33
C GLN J 286 18.79 -31.41 42.73
N PRO J 287 19.36 -30.29 43.22
CA PRO J 287 18.80 -29.34 44.18
C PRO J 287 17.44 -28.73 43.73
N ALA J 288 16.43 -28.77 44.60
CA ALA J 288 15.19 -27.98 44.40
C ALA J 288 15.44 -26.45 44.18
N PRO J 289 14.95 -25.92 43.03
CA PRO J 289 15.06 -24.48 42.72
C PRO J 289 14.36 -23.64 43.78
N LYS J 290 14.75 -22.35 43.92
CA LYS J 290 14.06 -21.38 44.83
C LYS J 290 12.54 -21.32 44.62
N ASP J 291 12.11 -21.28 43.37
CA ASP J 291 10.68 -21.22 43.12
C ASP J 291 9.90 -22.57 43.32
N HIS J 292 10.58 -23.61 43.85
CA HIS J 292 9.88 -24.87 44.18
C HIS J 292 8.71 -24.56 45.17
N PRO J 293 7.43 -24.91 44.78
CA PRO J 293 6.26 -24.50 45.59
C PRO J 293 6.15 -25.19 46.97
N TRP J 294 6.72 -26.42 47.08
CA TRP J 294 6.83 -27.17 48.36
C TRP J 294 7.50 -26.40 49.50
N ARG J 295 8.38 -25.47 49.17
CA ARG J 295 9.05 -24.68 50.21
C ARG J 295 8.12 -23.65 50.85
N TYR J 296 6.99 -23.36 50.18
CA TYR J 296 6.09 -22.27 50.66
C TYR J 296 4.63 -22.66 50.91
N MET J 297 4.25 -23.90 50.63
CA MET J 297 2.90 -24.32 50.89
C MET J 297 2.63 -24.24 52.39
N PRO J 298 1.34 -24.09 52.77
CA PRO J 298 1.03 -24.00 54.20
C PRO J 298 1.26 -25.33 54.90
N ASN J 299 1.85 -25.26 56.11
CA ASN J 299 1.99 -26.39 57.06
C ASN J 299 3.25 -27.30 56.83
N GLN J 300 3.76 -27.29 55.60
CA GLN J 300 5.04 -27.97 55.24
C GLN J 300 6.14 -28.01 56.36
N ALA J 301 6.74 -29.20 56.54
CA ALA J 301 7.91 -29.27 57.44
C ALA J 301 9.09 -29.98 56.71
N MET J 302 9.60 -29.29 55.69
CA MET J 302 10.67 -29.83 54.86
C MET J 302 12.07 -29.56 55.36
N THR J 303 13.02 -30.35 54.85
CA THR J 303 14.42 -30.01 54.93
C THR J 303 14.99 -30.35 53.54
N PRO J 304 16.22 -29.92 53.27
CA PRO J 304 16.93 -30.46 52.09
C PRO J 304 17.27 -31.96 52.36
N HIS J 305 17.81 -32.66 51.34
CA HIS J 305 18.05 -34.13 51.34
C HIS J 305 19.23 -34.53 52.24
N THR J 306 18.90 -34.76 53.51
CA THR J 306 19.87 -34.94 54.59
C THR J 306 19.75 -36.28 55.37
N SER J 307 18.56 -36.91 55.37
CA SER J 307 18.35 -38.03 56.30
C SER J 307 19.26 -39.26 56.06
N GLY J 308 19.51 -39.57 54.80
CA GLY J 308 20.43 -40.67 54.48
C GLY J 308 21.91 -40.31 54.51
N THR J 309 22.23 -39.08 54.93
CA THR J 309 23.61 -38.60 54.93
C THR J 309 24.00 -37.97 56.27
N THR J 310 23.54 -38.59 57.36
CA THR J 310 24.21 -38.37 58.65
C THR J 310 25.69 -38.91 58.57
N ILE J 311 26.56 -38.47 59.47
CA ILE J 311 27.93 -39.01 59.59
C ILE J 311 27.98 -40.55 59.69
N ASP J 312 27.10 -41.11 60.53
CA ASP J 312 27.06 -42.56 60.71
C ASP J 312 26.79 -43.27 59.41
N ALA J 313 25.81 -42.77 58.64
CA ALA J 313 25.40 -43.32 57.35
C ALA J 313 26.50 -43.21 56.30
N GLN J 314 27.07 -42.00 56.18
CA GLN J 314 28.23 -41.74 55.33
C GLN J 314 29.35 -42.78 55.52
N LEU J 315 29.75 -43.05 56.76
CA LEU J 315 30.76 -44.10 57.00
C LEU J 315 30.39 -45.44 56.38
N ARG J 316 29.11 -45.85 56.50
CA ARG J 316 28.73 -47.17 55.97
C ARG J 316 28.64 -47.19 54.43
N TYR J 317 28.07 -46.14 53.83
CA TYR J 317 27.93 -46.17 52.35
C TYR J 317 29.29 -45.88 51.69
N ALA J 318 30.18 -45.20 52.39
CA ALA J 318 31.53 -45.08 51.88
C ALA J 318 32.30 -46.45 51.92
N ALA J 319 32.30 -47.13 53.06
CA ALA J 319 32.81 -48.52 53.11
C ALA J 319 32.19 -49.45 52.03
N GLY J 320 30.87 -49.34 51.80
CA GLY J 320 30.21 -50.17 50.78
C GLY J 320 30.63 -49.84 49.35
N THR J 321 30.86 -48.57 49.05
CA THR J 321 31.29 -48.15 47.75
C THR J 321 32.72 -48.65 47.47
N LYS J 322 33.60 -48.47 48.45
CA LYS J 322 34.98 -48.95 48.41
C LYS J 322 35.05 -50.46 48.15
N ASP J 323 34.23 -51.25 48.86
CA ASP J 323 34.15 -52.70 48.68
C ASP J 323 33.76 -53.12 47.24
N MET J 324 32.75 -52.45 46.64
CA MET J 324 32.36 -52.75 45.26
C MET J 324 33.46 -52.36 44.21
N LEU J 325 34.13 -51.23 44.42
CA LEU J 325 35.29 -50.92 43.60
C LEU J 325 36.34 -52.03 43.73
N GLU J 326 36.63 -52.46 44.95
CA GLU J 326 37.67 -53.47 45.13
C GLU J 326 37.30 -54.75 44.37
N ARG J 327 36.09 -55.25 44.56
CA ARG J 327 35.56 -56.38 43.79
C ARG J 327 35.63 -56.13 42.25
N TYR J 328 35.28 -54.92 41.83
CA TYR J 328 35.29 -54.57 40.40
C TYR J 328 36.71 -54.66 39.79
N PHE J 329 37.71 -54.14 40.50
CA PHE J 329 39.08 -54.22 40.01
C PHE J 329 39.55 -55.68 39.89
N LYS J 330 39.02 -56.56 40.72
CA LYS J 330 39.42 -57.98 40.69
C LYS J 330 38.53 -58.84 39.84
N GLY J 331 37.53 -58.25 39.19
CA GLY J 331 36.58 -59.03 38.38
C GLY J 331 35.62 -59.89 39.18
N GLU J 332 35.35 -59.52 40.44
CA GLU J 332 34.42 -60.27 41.29
C GLU J 332 33.00 -59.68 41.28
N ASP J 333 31.99 -60.56 41.45
CA ASP J 333 30.57 -60.12 41.53
C ASP J 333 30.31 -59.39 42.84
N PHE J 334 29.39 -58.40 42.82
CA PHE J 334 28.92 -57.71 44.04
C PHE J 334 27.92 -58.59 44.81
N PRO J 335 27.63 -58.25 46.07
CA PRO J 335 26.53 -58.99 46.70
C PRO J 335 25.26 -58.75 45.89
N THR J 336 24.45 -59.80 45.73
CA THR J 336 23.38 -59.76 44.72
C THR J 336 22.36 -58.64 44.93
N GLU J 337 22.04 -58.33 46.19
CA GLU J 337 21.06 -57.25 46.42
C GLU J 337 21.58 -55.83 46.24
N ASN J 338 22.87 -55.67 45.96
CA ASN J 338 23.38 -54.34 45.51
C ASN J 338 23.05 -54.01 44.04
N TYR J 339 22.77 -55.01 43.22
CA TYR J 339 22.60 -54.75 41.79
C TYR J 339 21.22 -54.14 41.49
N ILE J 340 21.21 -53.00 40.81
CA ILE J 340 19.97 -52.42 40.31
C ILE J 340 19.70 -52.85 38.83
N VAL J 341 20.71 -52.69 37.98
CA VAL J 341 20.72 -53.20 36.60
C VAL J 341 21.94 -54.12 36.38
N LYS J 342 21.69 -55.39 36.05
CA LYS J 342 22.75 -56.32 35.66
C LYS J 342 22.30 -57.22 34.49
N ASP J 343 23.17 -57.37 33.48
CA ASP J 343 22.90 -58.24 32.33
C ASP J 343 21.58 -57.86 31.67
N GLY J 344 21.37 -56.55 31.48
CA GLY J 344 20.11 -56.01 30.96
C GLY J 344 18.80 -56.29 31.72
N GLU J 345 18.86 -56.72 32.99
CA GLU J 345 17.64 -56.86 33.83
C GLU J 345 17.56 -55.82 34.96
N LEU J 346 16.35 -55.30 35.24
CA LEU J 346 16.10 -54.45 36.42
C LEU J 346 15.74 -55.30 37.63
N ALA J 347 16.22 -54.88 38.81
CA ALA J 347 15.88 -55.54 40.10
C ALA J 347 14.34 -55.52 40.32
N PRO J 348 13.78 -56.58 40.92
CA PRO J 348 12.29 -56.72 41.04
C PRO J 348 11.57 -55.50 41.69
N GLN J 349 12.16 -54.91 42.72
CA GLN J 349 11.55 -53.79 43.42
C GLN J 349 11.47 -52.56 42.51
N TYR J 350 12.15 -52.58 41.36
CA TYR J 350 12.04 -51.47 40.39
C TYR J 350 11.06 -51.75 39.24
N ARG J 351 10.58 -52.98 39.20
CA ARG J 351 9.70 -53.48 38.17
C ARG J 351 8.20 -53.47 38.56
N ASP K 1 -53.76 -37.60 18.81
CA ASP K 1 -53.49 -38.91 18.11
C ASP K 1 -52.93 -38.77 16.68
N SER K 2 -53.45 -37.79 15.94
CA SER K 2 -52.98 -37.44 14.62
C SER K 2 -51.61 -36.74 14.70
N LYS K 3 -50.74 -36.97 13.70
CA LYS K 3 -49.37 -36.45 13.72
C LYS K 3 -49.06 -35.52 12.54
N LYS K 4 -48.08 -34.64 12.74
CA LYS K 4 -47.51 -33.81 11.67
C LYS K 4 -46.21 -34.40 11.11
N ILE K 5 -46.30 -34.77 9.84
CA ILE K 5 -45.23 -35.48 9.14
C ILE K 5 -44.70 -34.57 8.03
N VAL K 6 -43.40 -34.27 8.08
CA VAL K 6 -42.75 -33.45 7.02
C VAL K 6 -41.79 -34.31 6.15
N GLY K 7 -41.83 -34.10 4.83
CA GLY K 7 -40.92 -34.77 3.89
C GLY K 7 -40.08 -33.77 3.12
N VAL K 8 -38.77 -34.01 3.08
CA VAL K 8 -37.84 -33.14 2.30
C VAL K 8 -37.18 -33.95 1.18
N PHE K 9 -37.63 -33.72 -0.04
CA PHE K 9 -37.14 -34.46 -1.22
C PHE K 9 -36.66 -33.52 -2.33
N TYR K 10 -36.03 -34.06 -3.40
CA TYR K 10 -35.64 -33.23 -4.56
C TYR K 10 -36.85 -32.89 -5.46
N LYS K 11 -36.88 -31.69 -6.04
CA LYS K 11 -38.01 -31.30 -6.92
C LYS K 11 -37.82 -31.79 -8.36
N ALA K 12 -38.88 -32.31 -8.97
CA ALA K 12 -38.79 -32.83 -10.34
C ALA K 12 -39.61 -32.08 -11.40
N ASN K 13 -40.50 -31.16 -10.98
CA ASN K 13 -41.43 -30.47 -11.92
C ASN K 13 -42.05 -31.45 -12.88
N GLU K 14 -42.09 -31.20 -14.20
CA GLU K 14 -42.72 -32.22 -15.06
C GLU K 14 -41.94 -33.46 -15.49
N TYR K 15 -40.69 -33.61 -15.00
CA TYR K 15 -39.97 -34.88 -15.17
C TYR K 15 -40.77 -36.04 -14.53
N ALA K 16 -41.66 -35.72 -13.59
CA ALA K 16 -42.44 -36.70 -12.79
C ALA K 16 -43.93 -36.82 -13.13
N THR K 17 -44.41 -35.97 -14.02
CA THR K 17 -45.78 -36.00 -14.51
C THR K 17 -46.29 -37.38 -14.92
N LYS K 18 -45.51 -38.08 -15.74
CA LYS K 18 -45.98 -39.30 -16.33
C LYS K 18 -45.60 -40.59 -15.62
N ASN K 19 -44.64 -40.60 -14.68
CA ASN K 19 -44.27 -41.92 -14.09
C ASN K 19 -44.63 -42.08 -12.60
N PRO K 20 -45.63 -42.97 -12.29
CA PRO K 20 -46.05 -43.24 -10.91
C PRO K 20 -44.92 -43.92 -10.12
N ASN K 21 -44.01 -44.61 -10.80
CA ASN K 21 -42.90 -45.26 -10.12
C ASN K 21 -41.82 -44.30 -9.71
N PHE K 22 -41.88 -43.06 -10.21
CA PHE K 22 -40.91 -42.00 -9.87
C PHE K 22 -41.24 -41.39 -8.49
N LEU K 23 -41.02 -42.20 -7.45
CA LEU K 23 -41.47 -41.94 -6.08
C LEU K 23 -40.60 -41.01 -5.25
N GLY K 24 -39.31 -40.89 -5.61
CA GLY K 24 -38.34 -40.20 -4.77
C GLY K 24 -38.33 -38.67 -4.78
N CYS K 25 -39.22 -38.08 -5.60
CA CYS K 25 -39.31 -36.62 -5.74
C CYS K 25 -40.46 -36.01 -4.91
N VAL K 26 -40.41 -34.68 -4.78
CA VAL K 26 -41.45 -33.87 -4.12
C VAL K 26 -42.86 -34.14 -4.66
N GLU K 27 -42.99 -34.24 -5.98
CA GLU K 27 -44.29 -34.34 -6.59
C GLU K 27 -45.03 -35.62 -6.20
N ASN K 28 -44.31 -36.75 -6.10
CA ASN K 28 -44.91 -38.04 -5.71
C ASN K 28 -44.75 -38.44 -4.24
N ALA K 29 -43.72 -37.90 -3.57
CA ALA K 29 -43.58 -37.94 -2.09
C ALA K 29 -43.71 -39.36 -1.48
N LEU K 30 -43.05 -40.32 -2.14
CA LEU K 30 -43.00 -41.74 -1.75
C LEU K 30 -44.33 -42.50 -1.94
N GLY K 31 -45.31 -41.81 -2.52
CA GLY K 31 -46.65 -42.36 -2.79
C GLY K 31 -47.51 -42.54 -1.53
N ILE K 32 -47.16 -41.89 -0.42
CA ILE K 32 -47.80 -42.15 0.90
C ILE K 32 -48.81 -41.06 1.34
N ARG K 33 -49.06 -40.04 0.50
CA ARG K 33 -50.00 -38.96 0.87
C ARG K 33 -51.41 -39.48 1.26
N ASP K 34 -52.13 -40.10 0.31
CA ASP K 34 -53.50 -40.53 0.56
C ASP K 34 -53.59 -41.46 1.78
N TRP K 35 -52.69 -42.45 1.85
CA TRP K 35 -52.61 -43.36 2.99
C TRP K 35 -52.48 -42.61 4.28
N LEU K 36 -51.58 -41.61 4.33
CA LEU K 36 -51.37 -40.79 5.53
C LEU K 36 -52.58 -39.88 5.87
N GLU K 37 -53.03 -39.13 4.87
CA GLU K 37 -54.15 -38.21 5.07
C GLU K 37 -55.45 -38.89 5.48
N SER K 38 -55.75 -40.07 4.91
CA SER K 38 -56.95 -40.82 5.29
C SER K 38 -56.93 -41.33 6.74
N GLN K 39 -55.75 -41.49 7.34
CA GLN K 39 -55.62 -41.79 8.76
C GLN K 39 -55.62 -40.54 9.67
N GLY K 40 -55.91 -39.37 9.10
CA GLY K 40 -55.99 -38.16 9.89
C GLY K 40 -54.69 -37.43 10.16
N HIS K 41 -53.58 -37.85 9.54
CA HIS K 41 -52.29 -37.13 9.71
C HIS K 41 -52.12 -36.00 8.71
N GLN K 42 -51.28 -35.03 9.06
CA GLN K 42 -50.90 -33.95 8.16
C GLN K 42 -49.53 -34.28 7.48
N TYR K 43 -49.49 -34.15 6.14
CA TYR K 43 -48.26 -34.42 5.34
C TYR K 43 -47.84 -33.17 4.57
N ILE K 44 -46.72 -32.57 4.99
CA ILE K 44 -46.17 -31.39 4.29
C ILE K 44 -44.82 -31.72 3.61
N VAL K 45 -44.75 -31.45 2.29
CA VAL K 45 -43.62 -31.83 1.43
C VAL K 45 -42.93 -30.59 0.76
N THR K 46 -41.60 -30.52 0.81
CA THR K 46 -40.84 -29.38 0.25
C THR K 46 -39.41 -29.80 -0.17
N ASP K 47 -38.80 -29.01 -1.06
CA ASP K 47 -37.40 -29.18 -1.42
C ASP K 47 -36.63 -28.01 -0.87
N ASP K 48 -37.34 -27.05 -0.30
CA ASP K 48 -36.76 -25.79 0.20
C ASP K 48 -36.15 -25.93 1.61
N LYS K 49 -34.83 -26.10 1.71
CA LYS K 49 -34.17 -26.63 2.93
C LYS K 49 -33.06 -25.80 3.56
N GLU K 50 -32.62 -24.72 2.88
CA GLU K 50 -31.43 -23.96 3.34
C GLU K 50 -31.76 -22.64 4.04
N GLY K 51 -31.04 -22.37 5.13
CA GLY K 51 -31.09 -21.08 5.83
C GLY K 51 -32.28 -20.88 6.78
N PRO K 52 -32.30 -19.74 7.51
CA PRO K 52 -33.37 -19.44 8.51
C PRO K 52 -34.77 -19.20 7.94
N ASP K 53 -34.90 -18.86 6.66
CA ASP K 53 -36.21 -18.48 6.14
C ASP K 53 -36.84 -19.44 5.14
N CYS K 54 -36.30 -20.66 5.04
CA CYS K 54 -36.89 -21.66 4.16
C CYS K 54 -38.20 -22.27 4.67
N GLU K 55 -38.92 -22.92 3.78
CA GLU K 55 -40.16 -23.61 4.09
C GLU K 55 -40.00 -24.67 5.21
N LEU K 56 -38.85 -25.37 5.23
CA LEU K 56 -38.55 -26.37 6.26
C LEU K 56 -38.53 -25.74 7.66
N GLU K 57 -37.78 -24.66 7.82
CA GLU K 57 -37.58 -24.02 9.11
C GLU K 57 -38.92 -23.54 9.75
N LYS K 58 -39.90 -23.26 8.90
CA LYS K 58 -41.24 -22.90 9.35
C LYS K 58 -41.95 -24.05 10.08
N HIS K 59 -41.66 -25.29 9.72
CA HIS K 59 -42.33 -26.45 10.31
C HIS K 59 -41.49 -27.18 11.38
N ILE K 60 -40.23 -26.81 11.52
CA ILE K 60 -39.36 -27.45 12.50
C ILE K 60 -39.90 -27.41 13.94
N PRO K 61 -40.38 -26.22 14.41
CA PRO K 61 -40.81 -26.14 15.81
C PRO K 61 -41.91 -27.12 16.23
N ASP K 62 -42.77 -27.54 15.31
CA ASP K 62 -43.88 -28.38 15.72
C ASP K 62 -44.09 -29.78 15.07
N LEU K 63 -43.26 -30.19 14.09
CA LEU K 63 -43.43 -31.51 13.44
C LEU K 63 -43.15 -32.68 14.41
N HIS K 64 -43.72 -33.85 14.12
CA HIS K 64 -43.47 -35.06 14.92
C HIS K 64 -42.42 -35.99 14.28
N VAL K 65 -42.54 -36.15 12.97
CA VAL K 65 -41.65 -37.03 12.18
C VAL K 65 -41.06 -36.18 11.04
N LEU K 66 -39.73 -36.25 10.82
CA LEU K 66 -39.09 -35.64 9.62
C LEU K 66 -38.50 -36.75 8.74
N ILE K 67 -38.95 -36.81 7.48
CA ILE K 67 -38.43 -37.77 6.51
C ILE K 67 -37.49 -37.00 5.57
N SER K 68 -36.21 -37.41 5.58
CA SER K 68 -35.19 -36.80 4.73
C SER K 68 -34.77 -37.80 3.60
N THR K 69 -33.88 -37.36 2.69
CA THR K 69 -33.39 -38.25 1.60
C THR K 69 -31.96 -37.78 1.25
N PRO K 70 -31.01 -38.72 1.17
CA PRO K 70 -29.62 -38.32 1.00
C PRO K 70 -29.32 -37.46 -0.23
N PHE K 71 -30.07 -37.66 -1.32
CA PHE K 71 -29.83 -37.01 -2.62
C PHE K 71 -30.15 -35.51 -2.61
N HIS K 72 -30.96 -35.08 -1.63
CA HIS K 72 -31.24 -33.67 -1.42
C HIS K 72 -31.39 -33.45 0.11
N PRO K 73 -30.25 -33.48 0.85
CA PRO K 73 -30.27 -33.71 2.27
C PRO K 73 -30.64 -32.49 3.15
N ALA K 74 -31.71 -32.65 3.94
CA ALA K 74 -32.00 -31.71 5.01
C ALA K 74 -30.91 -31.81 6.06
N TYR K 75 -30.19 -30.72 6.29
CA TYR K 75 -29.11 -30.72 7.32
C TYR K 75 -29.65 -30.44 8.74
N VAL K 76 -29.78 -31.51 9.52
CA VAL K 76 -30.49 -31.44 10.82
C VAL K 76 -29.49 -31.24 11.94
N THR K 77 -29.12 -29.98 12.16
CA THR K 77 -28.02 -29.60 13.04
C THR K 77 -28.51 -29.63 14.48
N ALA K 78 -27.59 -29.59 15.44
CA ALA K 78 -27.93 -29.49 16.86
C ALA K 78 -28.91 -28.33 17.16
N GLU K 79 -28.74 -27.21 16.47
CA GLU K 79 -29.56 -26.02 16.65
C GLU K 79 -30.99 -26.26 16.13
N ARG K 80 -31.12 -26.97 15.02
CA ARG K 80 -32.44 -27.37 14.53
C ARG K 80 -33.19 -28.36 15.46
N ILE K 81 -32.44 -29.32 16.03
CA ILE K 81 -32.98 -30.28 16.99
C ILE K 81 -33.54 -29.55 18.24
N LYS K 82 -32.78 -28.59 18.75
CA LYS K 82 -33.20 -27.80 19.91
C LYS K 82 -34.55 -27.11 19.72
N LYS K 83 -34.72 -26.45 18.57
CA LYS K 83 -35.97 -25.83 18.15
C LYS K 83 -37.11 -26.82 17.95
N ALA K 84 -36.77 -28.08 17.65
CA ALA K 84 -37.80 -29.07 17.31
C ALA K 84 -38.51 -29.68 18.53
N LYS K 85 -39.50 -28.95 19.05
CA LYS K 85 -40.15 -29.30 20.33
C LYS K 85 -41.07 -30.56 20.30
N ASN K 86 -41.68 -30.91 19.17
CA ASN K 86 -42.51 -32.11 19.07
C ASN K 86 -41.88 -33.36 18.39
N LEU K 87 -40.63 -33.22 17.92
CA LEU K 87 -39.95 -34.22 17.12
C LEU K 87 -39.63 -35.45 17.94
N LYS K 88 -40.06 -36.61 17.43
CA LYS K 88 -39.69 -37.90 18.00
C LYS K 88 -38.85 -38.74 17.02
N LEU K 89 -39.26 -38.80 15.76
CA LEU K 89 -38.68 -39.78 14.80
C LEU K 89 -38.11 -39.16 13.51
N LEU K 90 -36.87 -39.55 13.16
CA LEU K 90 -36.19 -39.09 11.91
C LEU K 90 -35.99 -40.29 11.00
N LEU K 91 -36.63 -40.31 9.83
CA LEU K 91 -36.48 -41.42 8.89
C LEU K 91 -35.74 -41.00 7.60
N THR K 92 -34.69 -41.76 7.24
CA THR K 92 -33.95 -41.51 5.97
C THR K 92 -34.52 -42.39 4.87
N ALA K 93 -35.15 -41.77 3.87
CA ALA K 93 -35.59 -42.49 2.70
C ALA K 93 -34.37 -42.78 1.80
N GLY K 94 -33.73 -43.93 2.01
CA GLY K 94 -32.41 -44.24 1.42
C GLY K 94 -31.47 -44.78 2.51
N ILE K 95 -30.17 -44.66 2.32
CA ILE K 95 -29.20 -45.23 3.24
C ILE K 95 -28.09 -44.19 3.54
N GLY K 96 -27.69 -44.07 4.82
CA GLY K 96 -26.74 -43.07 5.25
C GLY K 96 -27.45 -41.87 5.85
N SER K 97 -27.28 -41.71 7.17
CA SER K 97 -28.01 -40.72 7.95
C SER K 97 -27.13 -39.59 8.51
N ASP K 98 -25.92 -39.43 7.95
CA ASP K 98 -24.89 -38.48 8.41
C ASP K 98 -25.27 -37.00 8.22
N HIS K 99 -26.28 -36.71 7.39
CA HIS K 99 -26.84 -35.35 7.28
C HIS K 99 -27.52 -34.83 8.56
N ILE K 100 -27.82 -35.75 9.49
CA ILE K 100 -28.32 -35.44 10.84
C ILE K 100 -27.12 -35.41 11.79
N ASP K 101 -27.08 -34.47 12.74
CA ASP K 101 -26.12 -34.53 13.86
C ASP K 101 -26.50 -35.70 14.79
N LEU K 102 -25.99 -36.91 14.47
CA LEU K 102 -26.41 -38.15 15.13
C LEU K 102 -26.17 -38.16 16.67
N GLN K 103 -25.00 -37.73 17.13
CA GLN K 103 -24.78 -37.66 18.60
C GLN K 103 -25.71 -36.66 19.31
N ALA K 104 -26.10 -35.59 18.61
CA ALA K 104 -26.98 -34.60 19.18
C ALA K 104 -28.42 -35.09 19.24
N ALA K 105 -28.82 -35.88 18.23
CA ALA K 105 -30.10 -36.65 18.25
C ALA K 105 -30.16 -37.66 19.42
N ALA K 106 -29.04 -38.35 19.63
CA ALA K 106 -28.87 -39.29 20.74
C ALA K 106 -29.10 -38.54 22.05
N ALA K 107 -28.37 -37.43 22.23
CA ALA K 107 -28.53 -36.57 23.43
C ALA K 107 -29.96 -36.03 23.64
N ALA K 108 -30.65 -35.68 22.56
CA ALA K 108 -32.01 -35.18 22.69
C ALA K 108 -33.08 -36.28 22.85
N GLY K 109 -32.67 -37.53 23.05
CA GLY K 109 -33.62 -38.67 23.20
C GLY K 109 -34.41 -39.04 21.94
N LEU K 110 -33.87 -38.71 20.76
CA LEU K 110 -34.56 -38.97 19.49
C LEU K 110 -34.32 -40.39 18.92
N THR K 111 -35.17 -40.80 17.98
CA THR K 111 -34.91 -42.04 17.26
C THR K 111 -34.58 -41.78 15.77
N VAL K 112 -33.47 -42.33 15.29
CA VAL K 112 -33.07 -42.24 13.84
C VAL K 112 -33.00 -43.61 13.17
N ALA K 113 -33.70 -43.74 12.03
CA ALA K 113 -33.74 -44.96 11.27
C ALA K 113 -33.66 -44.74 9.77
N GLU K 114 -33.19 -45.77 9.05
CA GLU K 114 -33.06 -45.71 7.58
C GLU K 114 -33.43 -47.05 6.95
N VAL K 115 -33.55 -47.10 5.61
CA VAL K 115 -33.98 -48.34 4.95
C VAL K 115 -32.79 -49.18 4.54
N THR K 116 -32.20 -49.84 5.54
CA THR K 116 -31.03 -50.67 5.34
C THR K 116 -31.26 -51.65 4.19
N GLY K 117 -30.27 -51.75 3.29
CA GLY K 117 -30.37 -52.70 2.20
C GLY K 117 -31.21 -52.26 1.01
N SER K 118 -31.90 -51.12 1.08
CA SER K 118 -32.77 -50.70 -0.03
C SER K 118 -32.11 -50.40 -1.41
N ASN K 119 -30.90 -49.86 -1.43
CA ASN K 119 -30.26 -49.53 -2.72
C ASN K 119 -28.83 -50.03 -2.80
N VAL K 120 -28.47 -51.00 -1.95
CA VAL K 120 -27.10 -51.51 -1.87
C VAL K 120 -26.61 -52.13 -3.20
N VAL K 121 -27.49 -52.86 -3.87
CA VAL K 121 -27.18 -53.44 -5.18
C VAL K 121 -26.96 -52.32 -6.21
N SER K 122 -27.79 -51.29 -6.15
CA SER K 122 -27.73 -50.16 -7.11
C SER K 122 -26.33 -49.49 -7.08
N VAL K 123 -25.79 -49.32 -5.89
CA VAL K 123 -24.53 -48.63 -5.70
C VAL K 123 -23.37 -49.55 -6.09
N ALA K 124 -23.44 -50.84 -5.75
CA ALA K 124 -22.36 -51.75 -6.18
C ALA K 124 -22.26 -51.79 -7.72
N GLU K 125 -23.41 -51.71 -8.43
CA GLU K 125 -23.37 -51.70 -9.91
C GLU K 125 -22.63 -50.45 -10.34
N ASP K 126 -23.03 -49.33 -9.75
CA ASP K 126 -22.49 -48.00 -10.12
C ASP K 126 -20.99 -47.88 -9.84
N GLU K 127 -20.55 -48.41 -8.69
CA GLU K 127 -19.10 -48.46 -8.38
C GLU K 127 -18.27 -49.26 -9.42
N LEU K 128 -18.74 -50.45 -9.80
CA LEU K 128 -18.02 -51.25 -10.78
C LEU K 128 -17.93 -50.53 -12.17
N MET K 129 -19.02 -49.88 -12.56
CA MET K 129 -19.07 -49.08 -13.74
C MET K 129 -17.95 -48.02 -13.75
N ARG K 130 -17.80 -47.30 -12.65
CA ARG K 130 -16.80 -46.25 -12.48
C ARG K 130 -15.32 -46.78 -12.43
N ILE K 131 -15.12 -47.95 -11.83
CA ILE K 131 -13.79 -48.61 -11.89
C ILE K 131 -13.36 -48.82 -13.36
N LEU K 132 -14.28 -49.33 -14.17
CA LEU K 132 -14.01 -49.56 -15.59
C LEU K 132 -13.77 -48.25 -16.35
N ILE K 133 -14.64 -47.26 -16.12
CA ILE K 133 -14.52 -45.94 -16.74
C ILE K 133 -13.13 -45.31 -16.51
N LEU K 134 -12.65 -45.37 -15.28
CA LEU K 134 -11.35 -44.83 -14.93
C LEU K 134 -10.20 -45.67 -15.52
N MET K 135 -10.24 -46.99 -15.30
CA MET K 135 -9.19 -47.89 -15.77
C MET K 135 -9.04 -47.87 -17.31
N ARG K 136 -10.19 -47.90 -18.02
CA ARG K 136 -10.19 -48.01 -19.47
C ARG K 136 -10.31 -46.63 -20.17
N ASN K 137 -10.27 -45.55 -19.38
CA ASN K 137 -10.25 -44.15 -19.90
C ASN K 137 -11.43 -43.74 -20.79
N PHE K 138 -12.65 -44.10 -20.37
CA PHE K 138 -13.81 -43.75 -21.18
C PHE K 138 -14.04 -42.24 -21.35
N VAL K 139 -13.82 -41.44 -20.32
CA VAL K 139 -14.18 -39.99 -20.36
C VAL K 139 -13.40 -39.21 -21.48
N PRO K 140 -12.05 -39.38 -21.57
CA PRO K 140 -11.34 -38.67 -22.67
C PRO K 140 -11.73 -39.17 -24.07
N GLY K 141 -12.23 -40.40 -24.18
CA GLY K 141 -12.73 -40.88 -25.49
C GLY K 141 -14.08 -40.28 -25.89
N TYR K 142 -14.95 -40.12 -24.91
CA TYR K 142 -16.24 -39.46 -25.11
C TYR K 142 -16.02 -38.00 -25.47
N ASN K 143 -15.10 -37.36 -24.76
CA ASN K 143 -14.76 -35.96 -25.05
C ASN K 143 -14.18 -35.71 -26.49
N GLN K 144 -13.31 -36.62 -26.98
CA GLN K 144 -12.89 -36.54 -28.39
C GLN K 144 -14.08 -36.68 -29.36
N VAL K 145 -14.99 -37.61 -29.08
CA VAL K 145 -16.17 -37.80 -29.97
C VAL K 145 -16.95 -36.50 -30.14
N VAL K 146 -17.28 -35.83 -29.03
CA VAL K 146 -18.15 -34.61 -29.08
C VAL K 146 -17.43 -33.35 -29.64
N LYS K 147 -16.11 -33.29 -29.44
CA LYS K 147 -15.29 -32.20 -30.02
C LYS K 147 -14.93 -32.37 -31.49
N GLY K 148 -15.29 -33.51 -32.08
CA GLY K 148 -14.99 -33.78 -33.49
C GLY K 148 -13.57 -34.30 -33.77
N GLU K 149 -12.88 -34.75 -32.73
CA GLU K 149 -11.52 -35.24 -32.79
C GLU K 149 -11.44 -36.76 -33.06
N TRP K 150 -10.24 -37.20 -33.47
CA TRP K 150 -9.94 -38.63 -33.58
C TRP K 150 -8.44 -38.85 -33.33
N ASN K 151 -8.10 -39.42 -32.19
CA ASN K 151 -6.72 -39.61 -31.83
C ASN K 151 -6.64 -40.81 -30.89
N VAL K 152 -6.60 -42.03 -31.47
CA VAL K 152 -6.55 -43.28 -30.69
C VAL K 152 -5.38 -43.24 -29.66
N ALA K 153 -4.20 -42.78 -30.08
CA ALA K 153 -3.02 -42.69 -29.23
C ALA K 153 -3.20 -41.93 -27.91
N GLY K 154 -4.00 -40.86 -27.94
CA GLY K 154 -4.30 -40.07 -26.74
C GLY K 154 -5.02 -40.83 -25.62
N ILE K 155 -5.75 -41.89 -25.97
CA ILE K 155 -6.35 -42.81 -25.02
C ILE K 155 -5.47 -44.06 -24.78
N ALA K 156 -5.01 -44.68 -25.86
CA ALA K 156 -4.24 -45.95 -25.79
C ALA K 156 -2.92 -45.97 -24.99
N TYR K 157 -2.30 -44.80 -24.78
CA TYR K 157 -0.97 -44.79 -24.13
C TYR K 157 -1.09 -45.00 -22.59
N ARG K 158 -2.31 -44.78 -22.10
CA ARG K 158 -2.63 -44.80 -20.67
C ARG K 158 -3.80 -45.76 -20.28
N ALA K 159 -4.47 -46.40 -21.25
CA ALA K 159 -5.58 -47.28 -20.93
C ALA K 159 -5.15 -48.72 -20.68
N TYR K 160 -5.79 -49.38 -19.70
CA TYR K 160 -5.41 -50.74 -19.28
C TYR K 160 -6.67 -51.63 -19.12
N ASP K 161 -6.49 -52.95 -19.20
CA ASP K 161 -7.54 -53.86 -18.77
C ASP K 161 -7.66 -53.91 -17.24
N LEU K 162 -8.87 -54.18 -16.73
CA LEU K 162 -9.06 -54.34 -15.30
C LEU K 162 -8.48 -55.70 -14.84
N GLU K 163 -8.57 -56.69 -15.71
CA GLU K 163 -7.99 -58.01 -15.51
C GLU K 163 -6.57 -57.90 -14.96
N GLY K 164 -6.32 -58.58 -13.83
CA GLY K 164 -4.94 -58.68 -13.33
C GLY K 164 -4.57 -57.56 -12.39
N LYS K 165 -5.38 -56.50 -12.29
CA LYS K 165 -5.07 -55.38 -11.41
C LYS K 165 -5.43 -55.64 -9.94
N THR K 166 -4.82 -54.88 -9.03
CA THR K 166 -5.14 -54.93 -7.59
C THR K 166 -6.19 -53.88 -7.16
N ILE K 167 -7.31 -54.37 -6.67
CA ILE K 167 -8.42 -53.51 -6.27
C ILE K 167 -8.67 -53.65 -4.76
N GLY K 168 -8.73 -52.56 -4.03
CA GLY K 168 -9.03 -52.71 -2.60
C GLY K 168 -10.26 -51.92 -2.21
N THR K 169 -11.22 -52.55 -1.55
CA THR K 169 -12.36 -51.78 -0.98
C THR K 169 -12.12 -51.43 0.48
N VAL K 170 -12.21 -50.13 0.81
CA VAL K 170 -12.07 -49.62 2.18
C VAL K 170 -13.49 -49.65 2.78
N GLY K 171 -13.78 -50.74 3.50
CA GLY K 171 -15.15 -51.06 3.91
C GLY K 171 -15.65 -52.30 3.20
N ALA K 172 -16.18 -53.26 3.95
CA ALA K 172 -16.78 -54.46 3.39
C ALA K 172 -18.07 -54.82 4.16
N GLY K 173 -19.02 -53.89 4.09
CA GLY K 173 -20.39 -54.11 4.53
C GLY K 173 -21.25 -54.58 3.38
N ARG K 174 -22.54 -54.22 3.40
CA ARG K 174 -23.45 -54.62 2.34
C ARG K 174 -22.98 -54.28 0.94
N ILE K 175 -22.65 -53.02 0.69
CA ILE K 175 -22.17 -52.59 -0.64
C ILE K 175 -20.81 -53.21 -1.03
N GLY K 176 -19.83 -53.17 -0.13
CA GLY K 176 -18.50 -53.75 -0.39
C GLY K 176 -18.61 -55.22 -0.79
N LYS K 177 -19.43 -56.00 -0.06
CA LYS K 177 -19.58 -57.44 -0.34
C LYS K 177 -20.16 -57.68 -1.74
N LEU K 178 -21.24 -56.94 -2.07
CA LEU K 178 -21.89 -56.99 -3.38
C LEU K 178 -20.96 -56.55 -4.52
N LEU K 179 -20.11 -55.55 -4.25
CA LEU K 179 -19.08 -55.15 -5.22
C LEU K 179 -18.10 -56.29 -5.50
N LEU K 180 -17.52 -56.83 -4.41
CA LEU K 180 -16.59 -57.97 -4.53
C LEU K 180 -17.21 -59.15 -5.25
N GLN K 181 -18.51 -59.39 -5.06
CA GLN K 181 -19.12 -60.51 -5.78
C GLN K 181 -19.18 -60.26 -7.30
N ARG K 182 -19.41 -59.00 -7.68
CA ARG K 182 -19.49 -58.63 -9.11
C ARG K 182 -18.09 -58.51 -9.74
N LEU K 183 -17.07 -58.23 -8.90
CA LEU K 183 -15.64 -58.21 -9.35
C LEU K 183 -15.04 -59.62 -9.57
N LYS K 184 -15.60 -60.62 -8.88
CA LYS K 184 -15.04 -61.97 -8.95
C LYS K 184 -14.66 -62.45 -10.39
N PRO K 185 -15.63 -62.44 -11.37
CA PRO K 185 -15.28 -62.99 -12.70
C PRO K 185 -14.26 -62.17 -13.52
N PHE K 186 -13.92 -60.96 -13.11
CA PHE K 186 -12.95 -60.14 -13.86
C PHE K 186 -11.46 -60.59 -13.75
N GLY K 187 -11.16 -61.54 -12.85
CA GLY K 187 -9.79 -62.05 -12.66
C GLY K 187 -8.81 -61.03 -12.12
N CYS K 188 -9.19 -60.36 -11.02
CA CYS K 188 -8.40 -59.32 -10.40
C CYS K 188 -7.71 -59.84 -9.10
N ASN K 189 -6.80 -59.04 -8.55
CA ASN K 189 -6.28 -59.36 -7.22
C ASN K 189 -7.10 -58.55 -6.19
N LEU K 190 -8.09 -59.20 -5.54
CA LEU K 190 -9.02 -58.46 -4.64
C LEU K 190 -8.60 -58.42 -3.17
N LEU K 191 -8.53 -57.19 -2.65
CA LEU K 191 -8.18 -56.94 -1.24
C LEU K 191 -9.31 -56.20 -0.50
N TYR K 192 -9.51 -56.45 0.80
CA TYR K 192 -10.41 -55.56 1.57
C TYR K 192 -9.93 -55.22 2.98
N HIS K 193 -10.28 -54.02 3.45
CA HIS K 193 -10.09 -53.62 4.83
C HIS K 193 -11.46 -53.36 5.46
N ASP K 194 -11.61 -53.81 6.71
CA ASP K 194 -12.78 -53.47 7.55
C ASP K 194 -12.39 -53.68 9.03
N ARG K 195 -13.06 -52.99 9.96
CA ARG K 195 -13.03 -53.44 11.37
C ARG K 195 -13.58 -54.86 11.54
N LEU K 196 -14.47 -55.30 10.65
CA LEU K 196 -15.07 -56.65 10.71
C LEU K 196 -14.70 -57.56 9.51
N GLN K 197 -14.15 -58.74 9.80
CA GLN K 197 -13.76 -59.69 8.77
C GLN K 197 -15.02 -60.39 8.25
N MET K 198 -15.07 -60.68 6.95
CA MET K 198 -16.18 -61.44 6.33
C MET K 198 -16.10 -62.90 6.76
N ALA K 199 -17.22 -63.62 6.61
CA ALA K 199 -17.24 -65.08 6.76
C ALA K 199 -16.25 -65.78 5.79
N PRO K 200 -15.59 -66.88 6.25
CA PRO K 200 -14.56 -67.59 5.46
C PRO K 200 -15.09 -68.02 4.07
N GLU K 201 -16.34 -68.50 4.04
CA GLU K 201 -17.00 -68.94 2.81
C GLU K 201 -17.05 -67.81 1.78
N LEU K 202 -17.40 -66.60 2.23
CA LEU K 202 -17.57 -65.46 1.31
C LEU K 202 -16.21 -64.93 0.82
N GLU K 203 -15.21 -64.95 1.71
CA GLU K 203 -13.83 -64.70 1.31
C GLU K 203 -13.39 -65.67 0.22
N LYS K 204 -13.66 -66.96 0.41
CA LYS K 204 -13.34 -67.98 -0.60
C LYS K 204 -14.09 -67.78 -1.94
N GLU K 205 -15.41 -67.59 -1.90
CA GLU K 205 -16.16 -67.38 -3.15
C GLU K 205 -15.72 -66.13 -3.96
N THR K 206 -15.35 -65.05 -3.29
CA THR K 206 -14.97 -63.80 -4.01
C THR K 206 -13.50 -63.71 -4.36
N GLY K 207 -12.70 -64.52 -3.64
CA GLY K 207 -11.26 -64.48 -3.73
C GLY K 207 -10.66 -63.28 -3.03
N ALA K 208 -11.46 -62.53 -2.26
CA ALA K 208 -10.97 -61.34 -1.58
C ALA K 208 -10.18 -61.64 -0.28
N LYS K 209 -9.10 -60.90 -0.06
CA LYS K 209 -8.21 -61.19 1.06
C LYS K 209 -8.27 -60.07 2.09
N PHE K 210 -8.48 -60.43 3.35
CA PHE K 210 -8.59 -59.45 4.45
C PHE K 210 -7.25 -58.80 4.80
N VAL K 211 -7.22 -57.47 4.86
CA VAL K 211 -6.05 -56.75 5.36
C VAL K 211 -6.43 -55.92 6.63
N GLU K 212 -6.01 -56.41 7.80
CA GLU K 212 -6.40 -55.84 9.10
C GLU K 212 -5.92 -54.38 9.30
N ASP K 213 -4.70 -54.12 8.89
CA ASP K 213 -4.15 -52.77 8.99
C ASP K 213 -4.27 -51.99 7.65
N LEU K 214 -5.16 -51.00 7.63
CA LEU K 214 -5.41 -50.21 6.42
C LEU K 214 -4.13 -49.73 5.74
N ASN K 215 -3.15 -49.27 6.54
CA ASN K 215 -1.92 -48.69 5.98
C ASN K 215 -1.09 -49.69 5.17
N GLU K 216 -1.19 -50.98 5.51
CA GLU K 216 -0.56 -52.03 4.75
C GLU K 216 -1.26 -52.24 3.37
N MET K 217 -2.59 -52.06 3.32
CA MET K 217 -3.37 -52.25 2.06
C MET K 217 -3.11 -51.15 1.01
N LEU K 218 -3.17 -49.91 1.46
CA LEU K 218 -3.13 -48.73 0.60
C LEU K 218 -2.07 -48.75 -0.53
N PRO K 219 -0.78 -48.98 -0.21
CA PRO K 219 0.25 -48.86 -1.27
C PRO K 219 0.17 -49.90 -2.41
N LYS K 220 -0.54 -51.01 -2.15
CA LYS K 220 -0.63 -52.14 -3.09
C LYS K 220 -1.71 -51.95 -4.16
N CYS K 221 -2.62 -51.01 -3.96
CA CYS K 221 -3.81 -50.95 -4.80
C CYS K 221 -3.69 -50.05 -6.01
N ASP K 222 -3.93 -50.61 -7.20
CA ASP K 222 -4.19 -49.81 -8.42
C ASP K 222 -5.51 -49.02 -8.33
N VAL K 223 -6.49 -49.63 -7.69
CA VAL K 223 -7.83 -49.04 -7.54
C VAL K 223 -8.27 -49.11 -6.06
N ILE K 224 -8.77 -47.99 -5.55
CA ILE K 224 -9.31 -47.88 -4.22
C ILE K 224 -10.77 -47.45 -4.36
N VAL K 225 -11.65 -48.18 -3.68
CA VAL K 225 -13.09 -47.89 -3.59
C VAL K 225 -13.54 -47.56 -2.12
N ILE K 226 -14.16 -46.41 -1.89
CA ILE K 226 -14.63 -46.06 -0.54
C ILE K 226 -16.02 -46.69 -0.24
N ASN K 227 -16.13 -47.46 0.85
CA ASN K 227 -17.34 -48.22 1.14
C ASN K 227 -17.72 -48.28 2.65
N MET K 228 -17.48 -47.17 3.37
CA MET K 228 -17.86 -47.05 4.80
C MET K 228 -18.89 -45.93 4.95
N PRO K 229 -19.60 -45.88 6.10
CA PRO K 229 -20.44 -44.70 6.33
C PRO K 229 -19.59 -43.49 6.69
N LEU K 230 -20.21 -42.31 6.65
CA LEU K 230 -19.61 -41.08 7.18
C LEU K 230 -19.86 -41.02 8.71
N THR K 231 -18.77 -41.24 9.47
CA THR K 231 -18.81 -41.26 10.93
C THR K 231 -17.83 -40.23 11.50
N GLU K 232 -17.91 -39.99 12.81
CA GLU K 232 -16.90 -39.15 13.47
C GLU K 232 -15.46 -39.64 13.14
N LYS K 233 -15.27 -40.98 13.07
CA LYS K 233 -13.96 -41.51 12.71
C LYS K 233 -13.61 -41.42 11.20
N THR K 234 -14.61 -41.57 10.31
CA THR K 234 -14.28 -41.51 8.87
C THR K 234 -14.25 -40.11 8.25
N ARG K 235 -14.86 -39.11 8.88
CA ARG K 235 -14.92 -37.73 8.37
C ARG K 235 -13.49 -37.18 8.16
N GLY K 236 -13.18 -36.74 6.94
CA GLY K 236 -11.83 -36.29 6.60
C GLY K 236 -10.66 -37.28 6.79
N MET K 237 -10.92 -38.59 6.80
CA MET K 237 -9.78 -39.51 7.02
C MET K 237 -8.82 -39.62 5.81
N PHE K 238 -9.34 -39.39 4.60
CA PHE K 238 -8.46 -39.27 3.45
C PHE K 238 -7.99 -37.83 3.28
N ASN K 239 -6.98 -37.48 4.08
CA ASN K 239 -6.38 -36.15 4.08
C ASN K 239 -5.05 -36.17 3.27
N LYS K 240 -4.30 -35.07 3.30
CA LYS K 240 -2.96 -35.01 2.67
C LYS K 240 -2.05 -36.21 2.99
N GLU K 241 -1.89 -36.52 4.27
CA GLU K 241 -0.99 -37.61 4.61
C GLU K 241 -1.50 -38.99 4.21
N LEU K 242 -2.79 -39.27 4.35
CA LEU K 242 -3.26 -40.62 3.94
C LEU K 242 -3.26 -40.82 2.40
N ILE K 243 -3.66 -39.77 1.66
CA ILE K 243 -3.59 -39.80 0.19
C ILE K 243 -2.15 -40.04 -0.31
N GLY K 244 -1.18 -39.43 0.38
CA GLY K 244 0.25 -39.67 0.13
C GLY K 244 0.74 -41.12 0.24
N LYS K 245 0.03 -41.94 1.02
CA LYS K 245 0.41 -43.36 1.20
C LYS K 245 -0.11 -44.25 0.07
N LEU K 246 -1.00 -43.68 -0.74
CA LEU K 246 -1.54 -44.43 -1.90
C LEU K 246 -0.48 -44.55 -3.00
N LYS K 247 -0.63 -45.56 -3.87
CA LYS K 247 0.26 -45.74 -5.02
C LYS K 247 0.16 -44.52 -5.94
N LYS K 248 1.26 -44.13 -6.56
CA LYS K 248 1.21 -43.03 -7.52
C LYS K 248 0.37 -43.43 -8.73
N GLY K 249 -0.53 -42.54 -9.15
CA GLY K 249 -1.48 -42.86 -10.22
C GLY K 249 -2.72 -43.66 -9.80
N VAL K 250 -2.94 -43.82 -8.48
CA VAL K 250 -4.14 -44.55 -7.95
C VAL K 250 -5.46 -44.00 -8.57
N LEU K 251 -6.38 -44.90 -8.90
CA LEU K 251 -7.74 -44.56 -9.34
C LEU K 251 -8.69 -44.71 -8.13
N ILE K 252 -9.40 -43.65 -7.77
CA ILE K 252 -10.29 -43.73 -6.63
C ILE K 252 -11.75 -43.65 -7.04
N VAL K 253 -12.57 -44.62 -6.58
CA VAL K 253 -14.05 -44.56 -6.71
C VAL K 253 -14.71 -44.25 -5.32
N ASN K 254 -15.62 -43.26 -5.25
CA ASN K 254 -16.27 -42.90 -3.95
C ASN K 254 -17.73 -42.55 -4.12
N ASN K 255 -18.59 -43.56 -4.04
CA ASN K 255 -20.05 -43.38 -3.94
C ASN K 255 -20.56 -43.54 -2.48
N ALA K 256 -19.66 -43.42 -1.50
CA ALA K 256 -20.01 -43.51 -0.08
C ALA K 256 -20.53 -42.17 0.37
N ARG K 257 -19.61 -41.32 0.87
CA ARG K 257 -19.87 -39.91 1.20
C ARG K 257 -18.68 -39.02 0.88
N GLY K 258 -18.97 -37.81 0.41
CA GLY K 258 -17.90 -36.90 -0.11
C GLY K 258 -16.95 -36.47 0.98
N ALA K 259 -17.51 -36.16 2.15
CA ALA K 259 -16.72 -35.69 3.29
C ALA K 259 -15.78 -36.74 3.91
N ILE K 260 -15.85 -37.98 3.46
CA ILE K 260 -14.84 -38.98 3.88
C ILE K 260 -13.43 -38.56 3.36
N MET K 261 -13.42 -37.84 2.23
CA MET K 261 -12.21 -37.18 1.70
C MET K 261 -12.12 -35.68 2.16
N GLU K 262 -10.91 -35.17 2.42
CA GLU K 262 -10.74 -33.72 2.49
C GLU K 262 -10.81 -33.16 1.07
N ARG K 263 -11.64 -32.14 0.88
CA ARG K 263 -11.92 -31.63 -0.47
C ARG K 263 -10.63 -31.19 -1.20
N GLN K 264 -9.79 -30.40 -0.51
CA GLN K 264 -8.61 -29.75 -1.12
C GLN K 264 -7.49 -30.74 -1.36
N ALA K 265 -7.34 -31.68 -0.45
CA ALA K 265 -6.31 -32.70 -0.56
C ALA K 265 -6.51 -33.58 -1.79
N VAL K 266 -7.79 -33.84 -2.12
CA VAL K 266 -8.12 -34.52 -3.38
C VAL K 266 -7.73 -33.62 -4.57
N VAL K 267 -8.17 -32.37 -4.59
CA VAL K 267 -7.78 -31.41 -5.67
C VAL K 267 -6.25 -31.35 -5.88
N ASP K 268 -5.50 -31.08 -4.81
CA ASP K 268 -4.03 -31.02 -4.88
C ASP K 268 -3.40 -32.26 -5.49
N ALA K 269 -3.76 -33.42 -4.97
CA ALA K 269 -3.19 -34.71 -5.42
C ALA K 269 -3.62 -35.17 -6.83
N VAL K 270 -4.80 -34.74 -7.29
CA VAL K 270 -5.22 -34.94 -8.67
C VAL K 270 -4.39 -34.02 -9.61
N GLU K 271 -4.15 -32.78 -9.16
CA GLU K 271 -3.38 -31.81 -9.95
C GLU K 271 -1.92 -32.24 -10.07
N SER K 272 -1.39 -32.87 -9.03
CA SER K 272 0.00 -33.30 -9.07
C SER K 272 0.14 -34.61 -9.84
N GLY K 273 -0.97 -35.25 -10.19
CA GLY K 273 -0.88 -36.58 -10.79
C GLY K 273 -0.76 -37.71 -9.77
N HIS K 274 -0.56 -37.41 -8.48
CA HIS K 274 -0.46 -38.54 -7.54
C HIS K 274 -1.75 -39.40 -7.50
N ILE K 275 -2.91 -38.74 -7.61
CA ILE K 275 -4.16 -39.46 -7.87
C ILE K 275 -4.35 -39.40 -9.38
N GLY K 276 -4.41 -40.55 -10.03
CA GLY K 276 -4.54 -40.57 -11.47
C GLY K 276 -5.95 -40.25 -11.97
N GLY K 277 -6.97 -40.57 -11.16
CA GLY K 277 -8.37 -40.36 -11.58
C GLY K 277 -9.30 -40.53 -10.38
N TYR K 278 -10.38 -39.74 -10.34
CA TYR K 278 -11.31 -39.76 -9.21
C TYR K 278 -12.75 -39.71 -9.72
N SER K 279 -13.61 -40.58 -9.19
CA SER K 279 -14.97 -40.73 -9.71
C SER K 279 -15.96 -41.07 -8.57
N GLY K 280 -17.08 -40.35 -8.49
CA GLY K 280 -18.13 -40.67 -7.51
C GLY K 280 -19.37 -39.82 -7.74
N ASP K 281 -20.44 -40.09 -7.00
CA ASP K 281 -21.68 -39.33 -7.11
C ASP K 281 -22.02 -38.47 -5.89
N VAL K 282 -21.17 -38.49 -4.86
CA VAL K 282 -21.43 -37.84 -3.58
C VAL K 282 -20.40 -36.70 -3.31
N TRP K 283 -20.91 -35.61 -2.74
CA TRP K 283 -20.22 -34.32 -2.61
C TRP K 283 -20.45 -33.74 -1.20
N ASP K 284 -19.61 -32.79 -0.81
CA ASP K 284 -19.84 -31.97 0.39
C ASP K 284 -19.75 -30.49 -0.02
N PRO K 285 -20.85 -29.71 0.15
CA PRO K 285 -22.22 -30.09 0.55
C PRO K 285 -23.06 -30.55 -0.64
N GLN K 286 -24.34 -30.86 -0.41
CA GLN K 286 -25.28 -31.15 -1.50
C GLN K 286 -26.58 -30.33 -1.40
N PRO K 287 -27.03 -29.70 -2.52
CA PRO K 287 -26.45 -29.59 -3.88
C PRO K 287 -25.00 -29.13 -3.87
N ALA K 288 -24.17 -29.66 -4.75
CA ALA K 288 -22.81 -29.12 -4.91
C ALA K 288 -22.92 -27.77 -5.63
N PRO K 289 -22.30 -26.72 -5.08
CA PRO K 289 -22.42 -25.42 -5.73
C PRO K 289 -21.74 -25.44 -7.11
N LYS K 290 -22.14 -24.49 -7.95
CA LYS K 290 -21.56 -24.24 -9.28
C LYS K 290 -20.04 -24.23 -9.26
N ASP K 291 -19.44 -23.66 -8.23
CA ASP K 291 -17.99 -23.52 -8.20
C ASP K 291 -17.26 -24.63 -7.45
N HIS K 292 -17.93 -25.75 -7.15
CA HIS K 292 -17.28 -26.84 -6.42
C HIS K 292 -16.07 -27.35 -7.24
N PRO K 293 -14.88 -27.40 -6.62
CA PRO K 293 -13.65 -27.61 -7.40
C PRO K 293 -13.53 -29.01 -8.00
N TRP K 294 -14.26 -29.99 -7.45
CA TRP K 294 -14.21 -31.38 -7.99
C TRP K 294 -14.83 -31.43 -9.40
N ARG K 295 -15.67 -30.46 -9.74
CA ARG K 295 -16.23 -30.40 -11.12
C ARG K 295 -15.18 -30.17 -12.24
N TYR K 296 -14.07 -29.49 -11.89
CA TYR K 296 -13.20 -28.87 -12.87
C TYR K 296 -11.76 -29.42 -12.80
N MET K 297 -11.50 -30.36 -11.90
CA MET K 297 -10.15 -30.91 -11.76
C MET K 297 -9.84 -31.90 -12.89
N PRO K 298 -8.53 -32.03 -13.27
CA PRO K 298 -8.14 -33.04 -14.29
C PRO K 298 -8.64 -34.47 -13.99
N ASN K 299 -9.13 -35.17 -15.03
CA ASN K 299 -9.42 -36.63 -15.00
C ASN K 299 -10.66 -37.07 -14.17
N GLN K 300 -11.44 -36.12 -13.67
CA GLN K 300 -12.61 -36.41 -12.85
C GLN K 300 -13.68 -37.12 -13.68
N ALA K 301 -14.33 -38.14 -13.09
CA ALA K 301 -15.48 -38.76 -13.73
C ALA K 301 -16.69 -38.70 -12.79
N MET K 302 -16.97 -37.49 -12.30
CA MET K 302 -18.09 -37.26 -11.34
C MET K 302 -19.49 -37.27 -12.01
N THR K 303 -20.53 -37.55 -11.20
CA THR K 303 -21.94 -37.19 -11.50
C THR K 303 -22.55 -36.52 -10.25
N PRO K 304 -23.76 -35.90 -10.37
CA PRO K 304 -24.47 -35.53 -9.13
C PRO K 304 -25.00 -36.81 -8.45
N HIS K 305 -25.61 -36.66 -7.28
CA HIS K 305 -25.93 -37.82 -6.40
C HIS K 305 -27.08 -38.67 -6.90
N THR K 306 -26.80 -39.69 -7.71
CA THR K 306 -27.86 -40.40 -8.42
C THR K 306 -27.91 -41.92 -8.24
N SER K 307 -26.83 -42.53 -7.74
CA SER K 307 -26.73 -43.97 -7.85
C SER K 307 -27.75 -44.70 -6.96
N GLY K 308 -28.05 -44.15 -5.80
CA GLY K 308 -29.00 -44.78 -4.88
C GLY K 308 -30.45 -44.37 -5.12
N THR K 309 -30.69 -43.61 -6.21
CA THR K 309 -32.01 -43.12 -6.58
C THR K 309 -32.40 -43.43 -8.05
N THR K 310 -31.99 -44.61 -8.52
CA THR K 310 -32.64 -45.21 -9.69
C THR K 310 -34.12 -45.53 -9.41
N ILE K 311 -34.95 -45.55 -10.46
CA ILE K 311 -36.36 -45.92 -10.30
C ILE K 311 -36.53 -47.21 -9.47
N ASP K 312 -35.75 -48.26 -9.75
CA ASP K 312 -35.80 -49.52 -8.96
C ASP K 312 -35.49 -49.32 -7.47
N ALA K 313 -34.48 -48.52 -7.19
CA ALA K 313 -34.13 -48.22 -5.80
C ALA K 313 -35.24 -47.46 -5.06
N GLN K 314 -35.81 -46.46 -5.72
CA GLN K 314 -36.90 -45.65 -5.16
C GLN K 314 -38.12 -46.49 -4.72
N LEU K 315 -38.49 -47.49 -5.51
CA LEU K 315 -39.60 -48.35 -5.12
C LEU K 315 -39.31 -49.02 -3.79
N ARG K 316 -38.09 -49.52 -3.64
CA ARG K 316 -37.68 -50.22 -2.42
C ARG K 316 -37.61 -49.31 -1.18
N TYR K 317 -36.96 -48.13 -1.28
CA TYR K 317 -36.93 -47.24 -0.13
C TYR K 317 -38.25 -46.52 0.21
N ALA K 318 -39.12 -46.29 -0.78
CA ALA K 318 -40.46 -45.79 -0.47
C ALA K 318 -41.26 -46.86 0.33
N ALA K 319 -41.31 -48.10 -0.17
CA ALA K 319 -41.97 -49.19 0.54
C ALA K 319 -41.42 -49.36 1.99
N GLY K 320 -40.10 -49.32 2.16
CA GLY K 320 -39.47 -49.46 3.52
C GLY K 320 -39.77 -48.29 4.47
N THR K 321 -39.90 -47.10 3.90
CA THR K 321 -40.29 -45.92 4.69
C THR K 321 -41.75 -46.06 5.22
N LYS K 322 -42.67 -46.47 4.33
CA LYS K 322 -44.09 -46.63 4.68
C LYS K 322 -44.32 -47.71 5.73
N ASP K 323 -43.60 -48.83 5.60
CA ASP K 323 -43.55 -49.86 6.63
C ASP K 323 -43.08 -49.33 8.02
N MET K 324 -42.01 -48.53 8.07
CA MET K 324 -41.61 -48.01 9.40
C MET K 324 -42.66 -47.03 9.97
N LEU K 325 -43.31 -46.29 9.08
CA LEU K 325 -44.38 -45.36 9.49
C LEU K 325 -45.57 -46.13 10.13
N GLU K 326 -45.96 -47.22 9.48
CA GLU K 326 -46.98 -48.12 9.97
C GLU K 326 -46.63 -48.74 11.33
N ARG K 327 -45.42 -49.30 11.46
CA ARG K 327 -44.94 -49.79 12.77
C ARG K 327 -44.95 -48.71 13.84
N TYR K 328 -44.50 -47.51 13.47
CA TYR K 328 -44.56 -46.34 14.36
C TYR K 328 -45.96 -45.99 14.87
N PHE K 329 -46.96 -45.96 13.98
CA PHE K 329 -48.33 -45.62 14.42
C PHE K 329 -48.87 -46.69 15.39
N LYS K 330 -48.45 -47.94 15.20
CA LYS K 330 -48.83 -49.07 16.06
C LYS K 330 -47.95 -49.35 17.30
N GLY K 331 -46.92 -48.55 17.55
CA GLY K 331 -46.03 -48.79 18.72
C GLY K 331 -45.08 -50.00 18.63
N GLU K 332 -44.95 -50.56 17.41
CA GLU K 332 -44.07 -51.70 17.14
C GLU K 332 -42.62 -51.33 16.75
N ASP K 333 -41.65 -52.14 17.20
CA ASP K 333 -40.25 -51.95 16.85
C ASP K 333 -39.96 -52.23 15.35
N PHE K 334 -38.97 -51.51 14.80
CA PHE K 334 -38.50 -51.73 13.42
C PHE K 334 -37.55 -52.93 13.38
N PRO K 335 -37.23 -53.48 12.17
CA PRO K 335 -36.11 -54.43 12.18
C PRO K 335 -34.86 -53.78 12.80
N THR K 336 -34.15 -54.51 13.67
CA THR K 336 -33.02 -53.92 14.41
C THR K 336 -31.98 -53.22 13.50
N GLU K 337 -31.63 -53.85 12.37
CA GLU K 337 -30.67 -53.29 11.40
C GLU K 337 -31.03 -51.90 10.79
N ASN K 338 -32.30 -51.51 10.86
CA ASN K 338 -32.74 -50.16 10.45
C ASN K 338 -32.37 -49.04 11.42
N TYR K 339 -32.18 -49.35 12.71
CA TYR K 339 -31.92 -48.26 13.68
C TYR K 339 -30.51 -47.74 13.59
N ILE K 340 -30.38 -46.42 13.54
CA ILE K 340 -29.09 -45.73 13.53
C ILE K 340 -28.86 -45.07 14.88
N VAL K 341 -29.94 -44.49 15.45
CA VAL K 341 -29.90 -43.95 16.81
C VAL K 341 -31.13 -44.44 17.57
N LYS K 342 -30.86 -45.05 18.73
CA LYS K 342 -31.90 -45.49 19.68
C LYS K 342 -31.31 -45.67 21.08
N ASP K 343 -32.10 -45.34 22.12
CA ASP K 343 -31.68 -45.48 23.53
C ASP K 343 -30.38 -44.72 23.81
N GLY K 344 -30.21 -43.57 23.16
CA GLY K 344 -29.01 -42.74 23.33
C GLY K 344 -27.74 -43.27 22.67
N GLU K 345 -27.86 -44.32 21.85
CA GLU K 345 -26.72 -44.99 21.27
C GLU K 345 -26.76 -45.08 19.75
N LEU K 346 -25.58 -44.90 19.15
CA LEU K 346 -25.41 -45.03 17.70
C LEU K 346 -25.21 -46.51 17.33
N ALA K 347 -25.62 -46.90 16.10
CA ALA K 347 -25.41 -48.28 15.63
C ALA K 347 -23.92 -48.57 15.54
N PRO K 348 -23.50 -49.83 15.74
CA PRO K 348 -22.06 -50.12 15.85
C PRO K 348 -21.21 -49.61 14.65
N GLN K 349 -21.77 -49.67 13.43
CA GLN K 349 -21.03 -49.22 12.23
C GLN K 349 -20.81 -47.69 12.18
N TYR K 350 -21.56 -46.94 13.00
CA TYR K 350 -21.27 -45.49 13.21
C TYR K 350 -20.32 -45.12 14.38
N ARG K 351 -19.93 -46.12 15.18
CA ARG K 351 -19.05 -45.88 16.35
C ARG K 351 -17.55 -45.90 16.00
N ASP L 1 16.19 -64.47 -49.48
CA ASP L 1 14.94 -64.78 -48.68
C ASP L 1 14.49 -63.61 -47.82
N SER L 2 15.16 -62.47 -47.96
CA SER L 2 14.80 -61.30 -47.19
C SER L 2 13.52 -60.68 -47.78
N LYS L 3 12.69 -60.10 -46.91
CA LYS L 3 11.34 -59.70 -47.25
C LYS L 3 11.10 -58.20 -47.10
N LYS L 4 10.19 -57.67 -47.90
CA LYS L 4 9.76 -56.31 -47.69
C LYS L 4 8.44 -56.34 -46.94
N ILE L 5 8.48 -55.80 -45.73
CA ILE L 5 7.35 -55.83 -44.78
C ILE L 5 6.89 -54.40 -44.52
N VAL L 6 5.59 -54.17 -44.73
CA VAL L 6 4.94 -52.86 -44.47
C VAL L 6 3.95 -52.99 -43.29
N GLY L 7 4.03 -52.04 -42.35
CA GLY L 7 3.09 -51.99 -41.22
C GLY L 7 2.31 -50.68 -41.26
N VAL L 8 0.99 -50.78 -41.15
CA VAL L 8 0.15 -49.56 -41.06
C VAL L 8 -0.53 -49.50 -39.67
N PHE L 9 -0.13 -48.50 -38.88
CA PHE L 9 -0.57 -48.36 -37.49
C PHE L 9 -0.99 -46.92 -37.25
N TYR L 10 -1.65 -46.67 -36.12
CA TYR L 10 -1.94 -45.30 -35.71
C TYR L 10 -0.72 -44.59 -35.21
N LYS L 11 -0.65 -43.29 -35.50
CA LYS L 11 0.49 -42.46 -35.15
C LYS L 11 0.28 -41.89 -33.75
N ALA L 12 1.35 -41.87 -32.96
CA ALA L 12 1.26 -41.41 -31.57
C ALA L 12 1.85 -40.03 -31.27
N ASN L 13 2.81 -39.58 -32.07
CA ASN L 13 3.47 -38.28 -31.79
C ASN L 13 4.08 -38.22 -30.38
N GLU L 14 3.80 -37.17 -29.62
CA GLU L 14 4.35 -37.02 -28.26
C GLU L 14 3.95 -38.14 -27.26
N TYR L 15 2.85 -38.83 -27.51
CA TYR L 15 2.36 -39.90 -26.61
C TYR L 15 3.22 -41.16 -26.69
N ALA L 16 3.96 -41.35 -27.80
CA ALA L 16 4.79 -42.57 -28.03
C ALA L 16 5.89 -42.83 -27.00
N THR L 17 6.41 -41.76 -26.42
CA THR L 17 7.53 -41.86 -25.50
C THR L 17 7.08 -41.95 -24.04
N LYS L 18 5.76 -41.95 -23.83
CA LYS L 18 5.17 -41.93 -22.48
C LYS L 18 5.01 -43.30 -21.79
N ASN L 19 5.15 -44.40 -22.54
CA ASN L 19 5.01 -45.73 -21.96
C ASN L 19 5.84 -46.65 -22.81
N PRO L 20 6.81 -47.39 -22.22
CA PRO L 20 7.65 -48.29 -23.06
C PRO L 20 6.87 -49.52 -23.54
N ASN L 21 5.70 -49.78 -22.96
CA ASN L 21 4.87 -50.90 -23.46
C ASN L 21 3.84 -50.50 -24.51
N PHE L 22 3.93 -49.24 -24.97
CA PHE L 22 2.98 -48.64 -25.96
C PHE L 22 3.36 -49.11 -27.38
N LEU L 23 3.08 -50.38 -27.65
CA LEU L 23 3.59 -51.04 -28.86
C LEU L 23 2.69 -50.88 -30.10
N GLY L 24 1.45 -50.45 -29.91
CA GLY L 24 0.48 -50.45 -31.02
C GLY L 24 0.58 -49.27 -31.98
N CYS L 25 1.38 -48.25 -31.66
CA CYS L 25 1.57 -47.04 -32.53
C CYS L 25 2.71 -47.18 -33.56
N VAL L 26 2.71 -46.28 -34.55
CA VAL L 26 3.74 -46.24 -35.62
C VAL L 26 5.19 -46.16 -35.07
N GLU L 27 5.42 -45.28 -34.09
CA GLU L 27 6.76 -45.02 -33.54
C GLU L 27 7.40 -46.28 -32.93
N ASN L 28 6.60 -47.11 -32.27
CA ASN L 28 7.13 -48.30 -31.60
C ASN L 28 6.94 -49.57 -32.40
N ALA L 29 5.96 -49.53 -33.30
CA ALA L 29 5.79 -50.53 -34.37
C ALA L 29 5.82 -52.00 -33.94
N LEU L 30 5.12 -52.28 -32.83
CA LEU L 30 4.90 -53.64 -32.30
C LEU L 30 6.16 -54.21 -31.60
N GLY L 31 7.18 -53.37 -31.46
CA GLY L 31 8.43 -53.72 -30.77
C GLY L 31 9.38 -54.60 -31.58
N ILE L 32 9.08 -54.79 -32.87
CA ILE L 32 9.74 -55.80 -33.70
C ILE L 32 10.74 -55.29 -34.76
N ARG L 33 11.00 -53.98 -34.81
CA ARG L 33 11.85 -53.41 -35.88
C ARG L 33 13.28 -54.01 -35.85
N ASP L 34 13.88 -53.98 -34.67
CA ASP L 34 15.26 -54.48 -34.51
C ASP L 34 15.34 -55.95 -34.87
N TRP L 35 14.37 -56.73 -34.38
CA TRP L 35 14.26 -58.16 -34.70
C TRP L 35 14.17 -58.43 -36.20
N LEU L 36 13.26 -57.75 -36.93
CA LEU L 36 13.20 -57.85 -38.41
C LEU L 36 14.46 -57.40 -39.17
N GLU L 37 14.97 -56.20 -38.86
CA GLU L 37 16.09 -55.63 -39.60
C GLU L 37 17.39 -56.44 -39.37
N SER L 38 17.56 -57.00 -38.15
CA SER L 38 18.76 -57.81 -37.82
C SER L 38 18.78 -59.06 -38.68
N GLN L 39 17.59 -59.47 -39.15
CA GLN L 39 17.48 -60.66 -40.01
C GLN L 39 17.50 -60.40 -41.54
N GLY L 40 17.82 -59.17 -41.94
CA GLY L 40 17.90 -58.81 -43.36
C GLY L 40 16.59 -58.31 -43.96
N HIS L 41 15.54 -58.21 -43.14
CA HIS L 41 14.21 -57.79 -43.65
C HIS L 41 14.12 -56.25 -43.67
N GLN L 42 13.37 -55.70 -44.63
CA GLN L 42 13.12 -54.26 -44.67
C GLN L 42 11.73 -54.01 -44.00
N TYR L 43 11.67 -52.96 -43.17
CA TYR L 43 10.46 -52.61 -42.38
C TYR L 43 10.03 -51.15 -42.56
N ILE L 44 9.00 -50.93 -43.38
CA ILE L 44 8.42 -49.59 -43.59
C ILE L 44 7.08 -49.44 -42.87
N VAL L 45 6.97 -48.39 -42.07
CA VAL L 45 5.86 -48.23 -41.14
C VAL L 45 5.24 -46.85 -41.32
N THR L 46 3.92 -46.80 -41.51
CA THR L 46 3.24 -45.52 -41.74
C THR L 46 1.79 -45.55 -41.19
N ASP L 47 1.23 -44.35 -40.95
CA ASP L 47 -0.23 -44.12 -40.77
C ASP L 47 -0.93 -43.49 -42.00
N ASP L 48 -0.16 -43.21 -43.04
CA ASP L 48 -0.61 -42.50 -44.23
C ASP L 48 -1.24 -43.48 -45.26
N LYS L 49 -2.56 -43.69 -45.15
CA LYS L 49 -3.19 -44.88 -45.75
C LYS L 49 -4.28 -44.66 -46.83
N GLU L 50 -4.71 -43.41 -47.04
CA GLU L 50 -5.87 -43.08 -47.91
C GLU L 50 -5.47 -42.56 -49.29
N GLY L 51 -6.07 -43.15 -50.33
CA GLY L 51 -6.02 -42.63 -51.70
C GLY L 51 -4.83 -43.04 -52.53
N PRO L 52 -4.73 -42.52 -53.77
CA PRO L 52 -3.67 -43.02 -54.68
C PRO L 52 -2.28 -42.42 -54.44
N ASP L 53 -2.18 -41.31 -53.69
CA ASP L 53 -0.86 -40.66 -53.44
C ASP L 53 -0.26 -40.82 -52.02
N CYS L 54 -0.85 -41.67 -51.17
CA CYS L 54 -0.34 -41.87 -49.79
C CYS L 54 0.92 -42.75 -49.76
N GLU L 55 1.66 -42.71 -48.65
CA GLU L 55 2.81 -43.63 -48.38
C GLU L 55 2.52 -45.15 -48.58
N LEU L 56 1.39 -45.67 -48.07
CA LEU L 56 1.05 -47.08 -48.32
C LEU L 56 0.99 -47.43 -49.83
N GLU L 57 0.25 -46.64 -50.60
CA GLU L 57 0.09 -46.87 -52.04
C GLU L 57 1.46 -46.94 -52.76
N LYS L 58 2.40 -46.08 -52.37
CA LYS L 58 3.75 -46.12 -52.92
C LYS L 58 4.35 -47.54 -52.82
N HIS L 59 4.03 -48.30 -51.76
CA HIS L 59 4.71 -49.61 -51.59
C HIS L 59 3.90 -50.83 -51.94
N ILE L 60 2.63 -50.64 -52.28
CA ILE L 60 1.72 -51.74 -52.67
C ILE L 60 2.29 -52.66 -53.78
N PRO L 61 2.87 -52.08 -54.85
CA PRO L 61 3.33 -52.94 -55.96
C PRO L 61 4.44 -53.94 -55.60
N ASP L 62 5.22 -53.72 -54.54
CA ASP L 62 6.32 -54.67 -54.24
C ASP L 62 6.50 -55.25 -52.81
N LEU L 63 5.65 -54.87 -51.86
CA LEU L 63 5.67 -55.52 -50.53
C LEU L 63 5.32 -57.01 -50.59
N HIS L 64 5.95 -57.81 -49.73
CA HIS L 64 5.64 -59.26 -49.61
C HIS L 64 4.62 -59.50 -48.50
N VAL L 65 4.75 -58.75 -47.40
CA VAL L 65 3.85 -58.86 -46.21
C VAL L 65 3.26 -57.50 -45.80
N LEU L 66 1.93 -57.47 -45.60
CA LEU L 66 1.28 -56.26 -45.04
C LEU L 66 0.69 -56.51 -43.62
N ILE L 67 1.17 -55.77 -42.62
CA ILE L 67 0.68 -55.89 -41.24
C ILE L 67 -0.26 -54.68 -41.04
N SER L 68 -1.54 -54.96 -40.87
CA SER L 68 -2.55 -53.91 -40.61
C SER L 68 -3.05 -53.99 -39.16
N THR L 69 -3.90 -53.04 -38.73
CA THR L 69 -4.42 -53.02 -37.35
C THR L 69 -5.82 -52.37 -37.32
N PRO L 70 -6.81 -52.99 -36.63
CA PRO L 70 -8.21 -52.51 -36.81
C PRO L 70 -8.46 -51.02 -36.45
N PHE L 71 -7.69 -50.52 -35.48
CA PHE L 71 -7.87 -49.19 -34.91
C PHE L 71 -7.51 -48.08 -35.91
N HIS L 72 -6.78 -48.44 -36.98
CA HIS L 72 -6.39 -47.51 -38.03
C HIS L 72 -6.20 -48.34 -39.29
N PRO L 73 -7.34 -48.77 -39.91
CA PRO L 73 -7.31 -49.90 -40.81
C PRO L 73 -6.98 -49.56 -42.24
N ALA L 74 -5.88 -50.16 -42.76
CA ALA L 74 -5.61 -50.14 -44.21
C ALA L 74 -6.73 -50.86 -44.95
N TYR L 75 -7.45 -50.14 -45.84
CA TYR L 75 -8.52 -50.78 -46.65
C TYR L 75 -7.93 -51.44 -47.88
N VAL L 76 -7.82 -52.75 -47.83
CA VAL L 76 -7.18 -53.55 -48.84
C VAL L 76 -8.24 -54.02 -49.85
N THR L 77 -8.64 -53.08 -50.71
CA THR L 77 -9.61 -53.26 -51.82
C THR L 77 -9.20 -54.29 -52.89
N ALA L 78 -10.15 -54.72 -53.72
CA ALA L 78 -9.86 -55.67 -54.82
C ALA L 78 -8.84 -55.07 -55.78
N GLU L 79 -8.94 -53.76 -55.98
CA GLU L 79 -7.98 -53.00 -56.79
C GLU L 79 -6.53 -53.05 -56.23
N ARG L 80 -6.39 -52.88 -54.91
CA ARG L 80 -5.06 -52.90 -54.30
C ARG L 80 -4.45 -54.32 -54.38
N ILE L 81 -5.27 -55.34 -54.11
CA ILE L 81 -4.88 -56.73 -54.31
C ILE L 81 -4.38 -56.98 -55.75
N LYS L 82 -5.18 -56.64 -56.76
CA LYS L 82 -4.75 -56.77 -58.18
C LYS L 82 -3.37 -56.11 -58.44
N LYS L 83 -3.15 -54.95 -57.83
CA LYS L 83 -1.93 -54.16 -57.97
C LYS L 83 -0.70 -54.71 -57.15
N ALA L 84 -0.97 -55.45 -56.07
CA ALA L 84 0.08 -55.91 -55.14
C ALA L 84 0.77 -57.17 -55.67
N LYS L 85 1.72 -57.00 -56.60
CA LYS L 85 2.18 -58.15 -57.40
C LYS L 85 3.10 -59.12 -56.64
N ASN L 86 3.74 -58.66 -55.56
CA ASN L 86 4.56 -59.53 -54.70
C ASN L 86 3.89 -60.00 -53.38
N LEU L 87 2.67 -59.55 -53.12
CA LEU L 87 2.04 -59.79 -51.82
C LEU L 87 1.70 -61.25 -51.62
N LYS L 88 2.12 -61.82 -50.49
CA LYS L 88 1.73 -63.20 -50.18
C LYS L 88 0.88 -63.31 -48.90
N LEU L 89 1.14 -62.43 -47.93
CA LEU L 89 0.67 -62.60 -46.55
C LEU L 89 0.06 -61.31 -45.98
N LEU L 90 -1.15 -61.43 -45.43
CA LEU L 90 -1.83 -60.31 -44.75
C LEU L 90 -2.06 -60.66 -43.27
N LEU L 91 -1.38 -59.95 -42.37
CA LEU L 91 -1.52 -60.16 -40.92
C LEU L 91 -2.26 -58.99 -40.22
N THR L 92 -3.28 -59.32 -39.43
CA THR L 92 -4.02 -58.29 -38.67
C THR L 92 -3.48 -58.20 -37.25
N ALA L 93 -2.93 -57.05 -36.84
CA ALA L 93 -2.42 -56.94 -35.46
C ALA L 93 -3.64 -56.57 -34.56
N GLY L 94 -4.37 -57.60 -34.14
CA GLY L 94 -5.69 -57.44 -33.51
C GLY L 94 -6.61 -58.53 -34.00
N ILE L 95 -7.92 -58.24 -33.94
CA ILE L 95 -8.95 -59.23 -34.31
C ILE L 95 -10.01 -58.56 -35.21
N GLY L 96 -10.48 -59.31 -36.21
CA GLY L 96 -11.40 -58.79 -37.27
C GLY L 96 -10.62 -58.35 -38.54
N SER L 97 -10.80 -59.07 -39.65
CA SER L 97 -10.06 -58.79 -40.91
C SER L 97 -10.94 -58.31 -42.06
N ASP L 98 -12.11 -57.78 -41.70
CA ASP L 98 -13.11 -57.20 -42.64
C ASP L 98 -12.60 -55.95 -43.39
N HIS L 99 -11.52 -55.33 -42.94
CA HIS L 99 -10.92 -54.19 -43.66
C HIS L 99 -10.22 -54.62 -44.97
N ILE L 100 -10.09 -55.93 -45.15
CA ILE L 100 -9.59 -56.55 -46.36
C ILE L 100 -10.78 -57.11 -47.17
N ASP L 101 -10.71 -57.00 -48.51
CA ASP L 101 -11.65 -57.71 -49.37
C ASP L 101 -11.33 -59.20 -49.36
N LEU L 102 -12.01 -59.92 -48.47
CA LEU L 102 -11.65 -61.30 -48.14
C LEU L 102 -11.94 -62.29 -49.25
N GLN L 103 -13.04 -62.10 -49.97
CA GLN L 103 -13.34 -62.90 -51.17
C GLN L 103 -12.28 -62.68 -52.24
N ALA L 104 -11.86 -61.44 -52.47
CA ALA L 104 -10.77 -61.12 -53.42
C ALA L 104 -9.39 -61.71 -53.03
N ALA L 105 -9.06 -61.70 -51.73
CA ALA L 105 -7.85 -62.36 -51.24
C ALA L 105 -7.87 -63.89 -51.47
N ALA L 106 -9.01 -64.53 -51.22
CA ALA L 106 -9.14 -65.98 -51.43
C ALA L 106 -8.94 -66.37 -52.89
N ALA L 107 -9.56 -65.62 -53.79
CA ALA L 107 -9.47 -65.91 -55.23
C ALA L 107 -8.05 -65.64 -55.74
N ALA L 108 -7.34 -64.67 -55.16
CA ALA L 108 -5.95 -64.45 -55.56
C ALA L 108 -4.93 -65.40 -54.91
N GLY L 109 -5.41 -66.31 -54.04
CA GLY L 109 -4.50 -67.23 -53.33
C GLY L 109 -3.67 -66.65 -52.17
N LEU L 110 -4.12 -65.55 -51.58
CA LEU L 110 -3.43 -64.91 -50.47
C LEU L 110 -3.71 -65.59 -49.13
N THR L 111 -2.78 -65.42 -48.18
CA THR L 111 -2.99 -65.90 -46.81
C THR L 111 -3.42 -64.70 -45.95
N VAL L 112 -4.53 -64.84 -45.22
CA VAL L 112 -5.02 -63.80 -44.25
C VAL L 112 -5.09 -64.40 -42.84
N ALA L 113 -4.50 -63.73 -41.86
CA ALA L 113 -4.53 -64.27 -40.49
C ALA L 113 -4.56 -63.18 -39.47
N GLU L 114 -5.02 -63.51 -38.28
CA GLU L 114 -5.15 -62.47 -37.22
C GLU L 114 -4.85 -63.10 -35.87
N VAL L 115 -4.63 -62.28 -34.83
CA VAL L 115 -4.30 -62.84 -33.51
C VAL L 115 -5.55 -63.24 -32.65
N THR L 116 -6.14 -64.39 -32.98
CA THR L 116 -7.34 -64.91 -32.28
C THR L 116 -7.16 -64.94 -30.77
N GLY L 117 -8.11 -64.38 -30.02
CA GLY L 117 -7.99 -64.39 -28.54
C GLY L 117 -7.15 -63.30 -27.88
N SER L 118 -6.42 -62.49 -28.65
CA SER L 118 -5.53 -61.46 -28.06
C SER L 118 -6.18 -60.35 -27.26
N ASN L 119 -7.39 -59.92 -27.68
CA ASN L 119 -8.00 -58.81 -26.95
C ASN L 119 -9.48 -59.02 -26.58
N VAL L 120 -9.91 -60.28 -26.47
CA VAL L 120 -11.31 -60.62 -26.28
C VAL L 120 -11.79 -60.25 -24.86
N VAL L 121 -10.89 -60.34 -23.88
CA VAL L 121 -11.20 -59.90 -22.52
C VAL L 121 -11.39 -58.40 -22.43
N SER L 122 -10.49 -57.63 -23.05
CA SER L 122 -10.54 -56.19 -23.07
C SER L 122 -11.90 -55.70 -23.63
N VAL L 123 -12.37 -56.32 -24.70
CA VAL L 123 -13.66 -55.93 -25.30
C VAL L 123 -14.85 -56.31 -24.39
N ALA L 124 -14.82 -57.50 -23.79
CA ALA L 124 -15.88 -57.93 -22.88
C ALA L 124 -16.03 -56.96 -21.69
N GLU L 125 -14.91 -56.48 -21.14
CA GLU L 125 -14.93 -55.45 -20.07
C GLU L 125 -15.55 -54.16 -20.56
N ASP L 126 -15.11 -53.72 -21.75
CA ASP L 126 -15.54 -52.45 -22.30
C ASP L 126 -17.05 -52.49 -22.59
N GLU L 127 -17.56 -53.63 -23.08
CA GLU L 127 -18.99 -53.84 -23.35
C GLU L 127 -19.81 -53.77 -22.05
N LEU L 128 -19.38 -54.49 -21.01
CA LEU L 128 -20.07 -54.42 -19.71
C LEU L 128 -20.11 -53.01 -19.10
N MET L 129 -18.99 -52.30 -19.16
CA MET L 129 -18.92 -50.89 -18.78
C MET L 129 -20.04 -50.09 -19.46
N ARG L 130 -20.19 -50.27 -20.77
CA ARG L 130 -21.16 -49.49 -21.57
C ARG L 130 -22.65 -49.85 -21.30
N ILE L 131 -22.93 -51.14 -21.06
CA ILE L 131 -24.23 -51.57 -20.59
C ILE L 131 -24.66 -50.77 -19.36
N LEU L 132 -23.75 -50.68 -18.38
CA LEU L 132 -23.95 -49.92 -17.14
C LEU L 132 -24.10 -48.40 -17.40
N ILE L 133 -23.14 -47.80 -18.13
CA ILE L 133 -23.25 -46.38 -18.55
C ILE L 133 -24.64 -46.02 -19.13
N LEU L 134 -25.17 -46.84 -20.03
CA LEU L 134 -26.48 -46.57 -20.66
C LEU L 134 -27.66 -46.80 -19.67
N MET L 135 -27.72 -47.98 -19.05
CA MET L 135 -28.81 -48.35 -18.14
C MET L 135 -28.91 -47.40 -16.96
N ARG L 136 -27.74 -47.05 -16.37
CA ARG L 136 -27.69 -46.20 -15.20
C ARG L 136 -27.53 -44.69 -15.54
N ASN L 137 -27.51 -44.35 -16.82
CA ASN L 137 -27.59 -42.92 -17.24
C ASN L 137 -26.40 -42.03 -16.78
N PHE L 138 -25.17 -42.58 -16.86
CA PHE L 138 -23.94 -41.85 -16.55
C PHE L 138 -23.69 -40.54 -17.35
N VAL L 139 -23.82 -40.58 -18.68
CA VAL L 139 -23.39 -39.41 -19.52
C VAL L 139 -24.14 -38.07 -19.22
N PRO L 140 -25.50 -38.07 -19.13
CA PRO L 140 -26.11 -36.78 -18.71
C PRO L 140 -25.61 -36.31 -17.31
N GLY L 141 -25.32 -37.23 -16.38
CA GLY L 141 -24.68 -36.83 -15.12
C GLY L 141 -23.34 -36.12 -15.28
N TYR L 142 -22.43 -36.73 -16.07
CA TYR L 142 -21.09 -36.15 -16.36
C TYR L 142 -21.25 -34.78 -17.02
N ASN L 143 -22.13 -34.70 -18.01
CA ASN L 143 -22.44 -33.40 -18.65
C ASN L 143 -22.96 -32.30 -17.74
N GLN L 144 -23.86 -32.62 -16.80
CA GLN L 144 -24.25 -31.62 -15.77
C GLN L 144 -23.06 -31.13 -14.95
N VAL L 145 -22.21 -32.06 -14.51
CA VAL L 145 -21.03 -31.69 -13.73
C VAL L 145 -20.15 -30.62 -14.42
N VAL L 146 -19.75 -30.89 -15.67
CA VAL L 146 -18.87 -29.98 -16.39
C VAL L 146 -19.53 -28.62 -16.62
N LYS L 147 -20.85 -28.60 -16.81
CA LYS L 147 -21.60 -27.32 -17.00
C LYS L 147 -21.93 -26.54 -15.71
N GLY L 148 -21.54 -27.03 -14.54
CA GLY L 148 -21.84 -26.32 -13.29
C GLY L 148 -23.29 -26.50 -12.83
N GLU L 149 -24.02 -27.43 -13.45
CA GLU L 149 -25.42 -27.78 -13.12
C GLU L 149 -25.60 -28.74 -11.93
N TRP L 150 -26.83 -28.82 -11.44
CA TRP L 150 -27.25 -29.82 -10.43
C TRP L 150 -28.78 -30.05 -10.52
N ASN L 151 -29.19 -31.09 -11.24
CA ASN L 151 -30.59 -31.47 -11.34
C ASN L 151 -30.75 -33.00 -11.26
N VAL L 152 -30.90 -33.53 -10.03
CA VAL L 152 -31.06 -34.97 -9.84
C VAL L 152 -32.21 -35.60 -10.64
N ALA L 153 -33.41 -35.03 -10.54
CA ALA L 153 -34.56 -35.53 -11.30
C ALA L 153 -34.30 -35.60 -12.81
N GLY L 154 -33.50 -34.68 -13.35
CA GLY L 154 -33.18 -34.69 -14.80
C GLY L 154 -32.44 -35.91 -15.34
N ILE L 155 -31.84 -36.68 -14.43
CA ILE L 155 -31.06 -37.94 -14.68
C ILE L 155 -31.86 -39.18 -14.23
N ALA L 156 -32.46 -39.04 -13.04
CA ALA L 156 -33.08 -40.18 -12.32
C ALA L 156 -34.35 -40.64 -13.01
N TYR L 157 -35.03 -39.74 -13.75
CA TYR L 157 -36.29 -40.15 -14.37
C TYR L 157 -36.20 -41.36 -15.30
N ARG L 158 -35.04 -41.57 -15.93
CA ARG L 158 -34.82 -42.73 -16.79
C ARG L 158 -33.63 -43.63 -16.33
N ALA L 159 -33.17 -43.48 -15.09
CA ALA L 159 -32.09 -44.30 -14.53
C ALA L 159 -32.60 -45.57 -13.82
N TYR L 160 -32.14 -46.74 -14.29
CA TYR L 160 -32.58 -48.04 -13.75
C TYR L 160 -31.33 -48.87 -13.32
N ASP L 161 -31.56 -49.85 -12.44
CA ASP L 161 -30.53 -50.85 -12.09
C ASP L 161 -30.43 -51.88 -13.22
N LEU L 162 -29.26 -52.50 -13.40
CA LEU L 162 -29.12 -53.59 -14.36
C LEU L 162 -29.83 -54.88 -13.87
N GLU L 163 -29.78 -55.13 -12.55
CA GLU L 163 -30.52 -56.26 -11.92
C GLU L 163 -31.94 -56.42 -12.50
N GLY L 164 -32.26 -57.63 -12.98
CA GLY L 164 -33.61 -58.05 -13.34
C GLY L 164 -33.99 -57.70 -14.77
N LYS L 165 -33.07 -57.07 -15.51
CA LYS L 165 -33.32 -56.66 -16.87
C LYS L 165 -32.93 -57.79 -17.83
N THR L 166 -33.52 -57.79 -19.04
CA THR L 166 -33.25 -58.80 -20.10
C THR L 166 -32.14 -58.28 -21.05
N ILE L 167 -31.02 -59.01 -21.12
CA ILE L 167 -29.88 -58.61 -21.96
C ILE L 167 -29.67 -59.70 -22.98
N GLY L 168 -29.51 -59.36 -24.25
CA GLY L 168 -29.28 -60.43 -25.25
C GLY L 168 -28.02 -60.15 -26.05
N THR L 169 -27.13 -61.15 -26.18
CA THR L 169 -25.91 -60.99 -26.98
C THR L 169 -26.14 -61.60 -28.36
N VAL L 170 -25.92 -60.79 -29.40
CA VAL L 170 -26.07 -61.25 -30.78
C VAL L 170 -24.68 -61.76 -31.23
N GLY L 171 -24.47 -63.06 -31.07
CA GLY L 171 -23.12 -63.64 -31.20
C GLY L 171 -22.65 -64.11 -29.84
N ALA L 172 -22.29 -65.39 -29.76
CA ALA L 172 -21.70 -65.97 -28.57
C ALA L 172 -20.42 -66.77 -28.92
N GLY L 173 -19.46 -66.11 -29.55
CA GLY L 173 -18.12 -66.69 -29.75
C GLY L 173 -17.26 -66.30 -28.58
N ARG L 174 -15.98 -66.01 -28.81
CA ARG L 174 -15.08 -65.67 -27.70
C ARG L 174 -15.53 -64.47 -26.88
N ILE L 175 -15.81 -63.34 -27.53
CA ILE L 175 -16.16 -62.14 -26.76
C ILE L 175 -17.51 -62.32 -26.05
N GLY L 176 -18.47 -62.88 -26.79
CA GLY L 176 -19.82 -63.19 -26.25
C GLY L 176 -19.81 -64.00 -24.97
N LYS L 177 -19.10 -65.13 -24.99
CA LYS L 177 -18.92 -65.99 -23.79
C LYS L 177 -18.39 -65.24 -22.57
N LEU L 178 -17.30 -64.48 -22.78
CA LEU L 178 -16.62 -63.67 -21.73
C LEU L 178 -17.50 -62.54 -21.14
N LEU L 179 -18.37 -61.97 -21.98
CA LEU L 179 -19.32 -60.97 -21.51
C LEU L 179 -20.34 -61.62 -20.59
N LEU L 180 -20.87 -62.77 -21.04
CA LEU L 180 -21.89 -63.52 -20.29
C LEU L 180 -21.32 -63.99 -18.97
N GLN L 181 -20.04 -64.37 -18.94
CA GLN L 181 -19.40 -64.71 -17.66
C GLN L 181 -19.36 -63.51 -16.69
N ARG L 182 -19.09 -62.30 -17.20
CA ARG L 182 -19.05 -61.14 -16.32
C ARG L 182 -20.44 -60.62 -15.95
N LEU L 183 -21.45 -60.91 -16.77
CA LEU L 183 -22.82 -60.49 -16.47
C LEU L 183 -23.47 -61.44 -15.45
N LYS L 184 -22.96 -62.67 -15.33
CA LYS L 184 -23.60 -63.70 -14.48
C LYS L 184 -23.93 -63.29 -13.00
N PRO L 185 -23.05 -62.55 -12.28
CA PRO L 185 -23.48 -62.25 -10.91
C PRO L 185 -24.41 -61.04 -10.75
N PHE L 186 -24.77 -60.39 -11.86
CA PHE L 186 -25.62 -59.17 -11.75
C PHE L 186 -27.09 -59.41 -11.51
N GLY L 187 -27.54 -60.67 -11.62
CA GLY L 187 -28.93 -61.06 -11.42
C GLY L 187 -29.86 -60.60 -12.56
N CYS L 188 -29.38 -60.73 -13.80
CA CYS L 188 -30.13 -60.45 -15.04
C CYS L 188 -30.85 -61.67 -15.66
N ASN L 189 -31.74 -61.42 -16.64
CA ASN L 189 -32.28 -62.48 -17.49
C ASN L 189 -31.42 -62.51 -18.78
N LEU L 190 -30.50 -63.47 -18.89
CA LEU L 190 -29.55 -63.54 -20.02
C LEU L 190 -30.01 -64.45 -21.16
N LEU L 191 -29.94 -63.89 -22.37
CA LEU L 191 -30.31 -64.58 -23.59
C LEU L 191 -29.16 -64.44 -24.60
N TYR L 192 -29.04 -65.42 -25.50
CA TYR L 192 -28.08 -65.31 -26.59
C TYR L 192 -28.53 -66.00 -27.85
N HIS L 193 -28.04 -65.46 -28.97
CA HIS L 193 -28.24 -66.04 -30.31
C HIS L 193 -26.90 -66.19 -31.01
N ASP L 194 -26.74 -67.33 -31.69
CA ASP L 194 -25.58 -67.62 -32.53
C ASP L 194 -26.06 -68.73 -33.47
N ARG L 195 -25.29 -69.04 -34.50
CA ARG L 195 -25.56 -70.23 -35.32
C ARG L 195 -25.10 -71.49 -34.58
N LEU L 196 -24.15 -71.31 -33.63
CA LEU L 196 -23.63 -72.41 -32.82
C LEU L 196 -24.09 -72.20 -31.38
N GLN L 197 -24.70 -73.25 -30.80
CA GLN L 197 -25.13 -73.22 -29.41
C GLN L 197 -23.92 -73.44 -28.49
N MET L 198 -23.92 -72.80 -27.31
CA MET L 198 -22.87 -73.05 -26.31
C MET L 198 -23.11 -74.40 -25.65
N ALA L 199 -22.05 -74.97 -25.06
CA ALA L 199 -22.12 -76.21 -24.23
C ALA L 199 -23.13 -76.04 -23.07
N PRO L 200 -23.85 -77.13 -22.64
CA PRO L 200 -24.80 -76.96 -21.48
C PRO L 200 -24.16 -76.48 -20.18
N GLU L 201 -22.89 -76.81 -19.98
CA GLU L 201 -22.18 -76.43 -18.75
C GLU L 201 -22.03 -74.90 -18.65
N LEU L 202 -21.86 -74.25 -19.80
CA LEU L 202 -21.61 -72.80 -19.84
C LEU L 202 -22.95 -72.07 -19.81
N GLU L 203 -23.98 -72.62 -20.44
CA GLU L 203 -25.32 -72.07 -20.23
C GLU L 203 -25.71 -72.08 -18.72
N LYS L 204 -25.44 -73.20 -18.04
CA LYS L 204 -25.73 -73.36 -16.63
C LYS L 204 -24.89 -72.44 -15.74
N GLU L 205 -23.59 -72.30 -16.04
CA GLU L 205 -22.74 -71.39 -15.23
C GLU L 205 -23.16 -69.92 -15.38
N THR L 206 -23.48 -69.49 -16.60
CA THR L 206 -23.79 -68.07 -16.86
C THR L 206 -25.27 -67.74 -16.66
N GLY L 207 -26.11 -68.77 -16.81
CA GLY L 207 -27.57 -68.59 -16.81
C GLY L 207 -28.14 -68.08 -18.12
N ALA L 208 -27.31 -68.02 -19.17
CA ALA L 208 -27.78 -67.63 -20.49
C ALA L 208 -28.54 -68.73 -21.22
N LYS L 209 -29.67 -68.31 -21.80
CA LYS L 209 -30.56 -69.17 -22.55
C LYS L 209 -30.42 -68.97 -24.07
N PHE L 210 -30.28 -70.07 -24.81
CA PHE L 210 -30.17 -70.10 -26.27
C PHE L 210 -31.48 -69.75 -26.97
N VAL L 211 -31.44 -68.82 -27.93
CA VAL L 211 -32.58 -68.50 -28.80
C VAL L 211 -32.19 -68.73 -30.27
N GLU L 212 -32.64 -69.85 -30.84
CA GLU L 212 -32.16 -70.33 -32.15
C GLU L 212 -32.40 -69.30 -33.22
N ASP L 213 -33.57 -68.66 -33.18
CA ASP L 213 -33.94 -67.73 -34.23
C ASP L 213 -33.86 -66.30 -33.70
N LEU L 214 -33.04 -65.48 -34.35
CA LEU L 214 -32.78 -64.10 -33.89
C LEU L 214 -34.04 -63.24 -33.75
N ASN L 215 -34.96 -63.34 -34.71
CA ASN L 215 -36.22 -62.58 -34.65
C ASN L 215 -37.05 -62.88 -33.41
N GLU L 216 -36.90 -64.10 -32.87
CA GLU L 216 -37.57 -64.42 -31.60
C GLU L 216 -36.97 -63.63 -30.42
N MET L 217 -35.64 -63.50 -30.40
CA MET L 217 -34.94 -62.88 -29.26
C MET L 217 -35.08 -61.36 -29.21
N LEU L 218 -34.97 -60.69 -30.36
CA LEU L 218 -34.89 -59.23 -30.45
C LEU L 218 -35.94 -58.44 -29.67
N PRO L 219 -37.25 -58.75 -29.83
CA PRO L 219 -38.34 -58.06 -29.13
C PRO L 219 -38.25 -58.13 -27.62
N LYS L 220 -37.66 -59.20 -27.08
CA LYS L 220 -37.65 -59.43 -25.62
C LYS L 220 -36.59 -58.64 -24.85
N CYS L 221 -35.65 -58.00 -25.57
CA CYS L 221 -34.46 -57.43 -24.90
C CYS L 221 -34.55 -55.95 -24.49
N ASP L 222 -34.20 -55.65 -23.24
CA ASP L 222 -33.98 -54.28 -22.80
C ASP L 222 -32.65 -53.73 -23.34
N VAL L 223 -31.68 -54.63 -23.48
CA VAL L 223 -30.32 -54.31 -23.94
C VAL L 223 -29.92 -55.29 -25.01
N ILE L 224 -29.37 -54.78 -26.10
CA ILE L 224 -28.84 -55.65 -27.17
C ILE L 224 -27.32 -55.40 -27.36
N VAL L 225 -26.53 -56.47 -27.41
CA VAL L 225 -25.05 -56.37 -27.57
C VAL L 225 -24.58 -57.08 -28.84
N ILE L 226 -23.89 -56.35 -29.73
CA ILE L 226 -23.43 -56.93 -31.02
C ILE L 226 -22.06 -57.61 -30.81
N ASN L 227 -21.99 -58.91 -31.17
CA ASN L 227 -20.80 -59.76 -30.94
C ASN L 227 -20.51 -60.76 -32.07
N MET L 228 -20.75 -60.35 -33.32
CA MET L 228 -20.44 -61.12 -34.54
C MET L 228 -19.36 -60.36 -35.32
N PRO L 229 -18.64 -61.05 -36.25
CA PRO L 229 -17.74 -60.36 -37.17
C PRO L 229 -18.53 -59.61 -38.22
N LEU L 230 -17.87 -58.68 -38.90
CA LEU L 230 -18.41 -58.06 -40.11
C LEU L 230 -18.18 -59.00 -41.31
N THR L 231 -19.28 -59.49 -41.89
CA THR L 231 -19.28 -60.49 -42.94
C THR L 231 -20.30 -60.07 -44.02
N GLU L 232 -20.34 -60.79 -45.14
CA GLU L 232 -21.31 -60.51 -46.22
C GLU L 232 -22.73 -60.61 -45.67
N LYS L 233 -22.95 -61.56 -44.76
CA LYS L 233 -24.26 -61.72 -44.10
C LYS L 233 -24.61 -60.66 -43.02
N THR L 234 -23.62 -60.17 -42.26
CA THR L 234 -23.93 -59.28 -41.14
C THR L 234 -23.82 -57.80 -41.52
N ARG L 235 -23.21 -57.51 -42.67
CA ARG L 235 -23.03 -56.14 -43.13
C ARG L 235 -24.43 -55.50 -43.36
N GLY L 236 -24.65 -54.32 -42.77
CA GLY L 236 -25.97 -53.67 -42.82
C GLY L 236 -27.15 -54.50 -42.29
N MET L 237 -26.90 -55.60 -41.57
CA MET L 237 -28.05 -56.35 -41.02
C MET L 237 -28.97 -55.57 -40.05
N PHE L 238 -28.42 -54.69 -39.22
CA PHE L 238 -29.26 -53.86 -38.36
C PHE L 238 -29.75 -52.62 -39.09
N ASN L 239 -30.74 -52.85 -39.95
CA ASN L 239 -31.32 -51.78 -40.77
C ASN L 239 -32.65 -51.26 -40.21
N LYS L 240 -33.30 -50.32 -40.91
CA LYS L 240 -34.58 -49.77 -40.47
C LYS L 240 -35.57 -50.88 -40.08
N GLU L 241 -35.72 -51.86 -40.95
CA GLU L 241 -36.68 -52.96 -40.75
C GLU L 241 -36.36 -53.80 -39.49
N LEU L 242 -35.09 -54.20 -39.33
CA LEU L 242 -34.70 -54.96 -38.12
C LEU L 242 -34.83 -54.11 -36.84
N ILE L 243 -34.34 -52.87 -36.85
CA ILE L 243 -34.41 -51.99 -35.68
C ILE L 243 -35.89 -51.77 -35.22
N GLY L 244 -36.81 -51.66 -36.19
CA GLY L 244 -38.23 -51.50 -35.86
C GLY L 244 -38.82 -52.63 -35.00
N LYS L 245 -38.21 -53.81 -35.07
CA LYS L 245 -38.65 -55.01 -34.33
C LYS L 245 -38.19 -55.00 -32.87
N LEU L 246 -37.24 -54.13 -32.54
CA LEU L 246 -36.71 -54.11 -31.17
C LEU L 246 -37.74 -53.44 -30.24
N LYS L 247 -37.59 -53.63 -28.93
CA LYS L 247 -38.42 -52.99 -27.91
C LYS L 247 -38.17 -51.48 -28.01
N LYS L 248 -39.23 -50.66 -27.90
CA LYS L 248 -39.07 -49.22 -27.76
C LYS L 248 -38.25 -48.85 -26.54
N GLY L 249 -37.22 -48.00 -26.73
CA GLY L 249 -36.32 -47.59 -25.61
C GLY L 249 -35.09 -48.50 -25.43
N VAL L 250 -34.94 -49.49 -26.31
CA VAL L 250 -33.82 -50.47 -26.31
C VAL L 250 -32.47 -49.75 -26.22
N LEU L 251 -31.56 -50.34 -25.43
CA LEU L 251 -30.20 -49.85 -25.26
C LEU L 251 -29.29 -50.76 -26.06
N ILE L 252 -28.50 -50.19 -26.98
CA ILE L 252 -27.66 -51.00 -27.88
C ILE L 252 -26.15 -50.76 -27.60
N VAL L 253 -25.37 -51.82 -27.41
CA VAL L 253 -23.90 -51.73 -27.27
C VAL L 253 -23.24 -52.38 -28.53
N ASN L 254 -22.35 -51.66 -29.22
CA ASN L 254 -21.71 -52.25 -30.39
C ASN L 254 -20.22 -51.97 -30.41
N ASN L 255 -19.43 -52.91 -29.86
CA ASN L 255 -17.96 -52.95 -29.99
C ASN L 255 -17.52 -54.02 -31.03
N ALA L 256 -18.41 -54.41 -31.94
CA ALA L 256 -18.05 -55.41 -32.92
C ALA L 256 -17.51 -54.68 -34.17
N ARG L 257 -18.41 -54.27 -35.08
CA ARG L 257 -17.98 -53.42 -36.20
C ARG L 257 -19.08 -52.38 -36.51
N GLY L 258 -18.69 -51.14 -36.85
CA GLY L 258 -19.69 -50.10 -37.11
C GLY L 258 -20.69 -50.42 -38.24
N ALA L 259 -20.17 -51.01 -39.34
CA ALA L 259 -21.00 -51.28 -40.56
C ALA L 259 -21.95 -52.49 -40.44
N ILE L 260 -21.96 -53.17 -39.28
CA ILE L 260 -23.03 -54.15 -38.99
C ILE L 260 -24.39 -53.39 -38.87
N MET L 261 -24.33 -52.11 -38.49
CA MET L 261 -25.50 -51.25 -38.40
C MET L 261 -25.61 -50.53 -39.76
N GLU L 262 -26.82 -50.22 -40.25
CA GLU L 262 -26.93 -49.17 -41.27
C GLU L 262 -26.80 -47.84 -40.53
N ARG L 263 -25.91 -46.97 -41.00
CA ARG L 263 -25.61 -45.75 -40.30
C ARG L 263 -26.83 -44.82 -40.05
N GLN L 264 -27.60 -44.51 -41.09
CA GLN L 264 -28.77 -43.59 -40.92
C GLN L 264 -29.94 -44.23 -40.15
N ALA L 265 -30.10 -45.55 -40.27
CA ALA L 265 -31.12 -46.25 -39.48
C ALA L 265 -30.94 -46.03 -37.96
N VAL L 266 -29.70 -46.11 -37.45
CA VAL L 266 -29.43 -45.81 -36.03
C VAL L 266 -29.78 -44.35 -35.71
N VAL L 267 -29.37 -43.42 -36.59
CA VAL L 267 -29.61 -41.99 -36.36
C VAL L 267 -31.14 -41.70 -36.23
N ASP L 268 -31.92 -42.23 -37.17
CA ASP L 268 -33.37 -42.01 -37.21
C ASP L 268 -34.08 -42.60 -35.98
N ALA L 269 -33.69 -43.81 -35.58
CA ALA L 269 -34.31 -44.51 -34.44
C ALA L 269 -33.90 -43.95 -33.07
N VAL L 270 -32.68 -43.43 -32.97
CA VAL L 270 -32.29 -42.64 -31.79
C VAL L 270 -33.10 -41.33 -31.70
N GLU L 271 -33.31 -40.66 -32.83
CA GLU L 271 -34.06 -39.40 -32.82
C GLU L 271 -35.50 -39.61 -32.27
N SER L 272 -36.14 -40.68 -32.77
CA SER L 272 -37.53 -41.03 -32.41
C SER L 272 -37.69 -41.60 -31.04
N GLY L 273 -36.58 -41.96 -30.38
CA GLY L 273 -36.68 -42.55 -29.05
C GLY L 273 -36.83 -44.07 -29.11
N HIS L 274 -36.95 -44.64 -30.31
CA HIS L 274 -37.11 -46.11 -30.43
C HIS L 274 -35.84 -46.84 -29.92
N ILE L 275 -34.66 -46.26 -30.21
CA ILE L 275 -33.42 -46.60 -29.53
C ILE L 275 -33.19 -45.58 -28.40
N GLY L 276 -33.22 -46.07 -27.18
CA GLY L 276 -33.04 -45.22 -26.03
C GLY L 276 -31.60 -44.73 -25.84
N GLY L 277 -30.63 -45.50 -26.35
CA GLY L 277 -29.22 -45.08 -26.27
C GLY L 277 -28.36 -46.01 -27.09
N TYR L 278 -27.27 -45.48 -27.66
CA TYR L 278 -26.35 -46.34 -28.44
C TYR L 278 -24.92 -46.06 -27.98
N SER L 279 -24.15 -47.12 -27.69
CA SER L 279 -22.76 -46.90 -27.25
C SER L 279 -21.79 -47.89 -27.93
N GLY L 280 -20.68 -47.40 -28.50
CA GLY L 280 -19.69 -48.28 -29.11
C GLY L 280 -18.36 -47.59 -29.38
N ASP L 281 -17.31 -48.36 -29.72
CA ASP L 281 -16.02 -47.76 -30.09
C ASP L 281 -15.70 -47.88 -31.60
N VAL L 282 -16.58 -48.55 -32.38
CA VAL L 282 -16.27 -48.92 -33.78
C VAL L 282 -17.17 -48.18 -34.79
N TRP L 283 -16.58 -47.74 -35.92
CA TRP L 283 -17.23 -46.81 -36.87
C TRP L 283 -16.97 -47.24 -38.30
N ASP L 284 -17.88 -46.81 -39.19
CA ASP L 284 -17.65 -46.85 -40.66
C ASP L 284 -17.65 -45.39 -41.19
N PRO L 285 -16.54 -44.95 -41.82
CA PRO L 285 -15.20 -45.60 -41.94
C PRO L 285 -14.38 -45.25 -40.69
N GLN L 286 -13.12 -45.65 -40.67
CA GLN L 286 -12.17 -45.24 -39.63
C GLN L 286 -10.85 -44.76 -40.20
N PRO L 287 -10.33 -43.61 -39.72
CA PRO L 287 -10.86 -42.68 -38.73
C PRO L 287 -12.29 -42.18 -39.12
N ALA L 288 -13.18 -42.06 -38.15
CA ALA L 288 -14.49 -41.36 -38.39
C ALA L 288 -14.28 -39.85 -38.63
N PRO L 289 -14.80 -39.35 -39.79
CA PRO L 289 -14.71 -37.95 -40.11
C PRO L 289 -15.36 -37.09 -39.04
N LYS L 290 -14.94 -35.84 -39.02
CA LYS L 290 -15.45 -34.82 -38.11
C LYS L 290 -16.96 -34.63 -38.23
N ASP L 291 -17.50 -34.80 -39.42
CA ASP L 291 -18.95 -34.69 -39.63
C ASP L 291 -19.75 -36.02 -39.45
N HIS L 292 -19.11 -37.10 -38.97
CA HIS L 292 -19.83 -38.37 -38.77
C HIS L 292 -21.03 -38.19 -37.82
N PRO L 293 -22.27 -38.53 -38.26
CA PRO L 293 -23.45 -38.16 -37.43
C PRO L 293 -23.56 -38.91 -36.10
N TRP L 294 -22.85 -40.05 -35.94
CA TRP L 294 -22.93 -40.76 -34.65
C TRP L 294 -22.31 -39.97 -33.52
N ARG L 295 -21.42 -39.01 -33.83
CA ARG L 295 -20.83 -38.14 -32.78
C ARG L 295 -21.86 -37.23 -32.11
N TYR L 296 -22.93 -36.86 -32.83
CA TYR L 296 -23.78 -35.73 -32.43
C TYR L 296 -25.26 -36.08 -32.25
N MET L 297 -25.64 -37.35 -32.42
CA MET L 297 -27.05 -37.77 -32.22
C MET L 297 -27.32 -37.82 -30.71
N PRO L 298 -28.60 -37.71 -30.31
CA PRO L 298 -28.87 -37.67 -28.87
C PRO L 298 -28.59 -39.01 -28.15
N ASN L 299 -28.17 -38.93 -26.89
CA ASN L 299 -27.95 -40.14 -26.03
C ASN L 299 -26.77 -41.08 -26.39
N GLN L 300 -25.97 -40.70 -27.39
CA GLN L 300 -24.78 -41.48 -27.78
C GLN L 300 -23.71 -41.55 -26.65
N ALA L 301 -23.11 -42.72 -26.47
CA ALA L 301 -22.00 -42.84 -25.53
C ALA L 301 -20.80 -43.49 -26.25
N MET L 302 -20.37 -42.86 -27.33
CA MET L 302 -19.29 -43.33 -28.19
C MET L 302 -17.90 -42.96 -27.72
N THR L 303 -16.90 -43.74 -28.17
CA THR L 303 -15.50 -43.31 -28.09
C THR L 303 -14.84 -43.62 -29.45
N PRO L 304 -13.61 -43.12 -29.70
CA PRO L 304 -12.87 -43.68 -30.85
C PRO L 304 -12.55 -45.21 -30.66
N HIS L 305 -11.97 -45.85 -31.67
CA HIS L 305 -11.71 -47.31 -31.64
C HIS L 305 -10.53 -47.66 -30.69
N THR L 306 -10.86 -47.94 -29.42
CA THR L 306 -9.86 -48.04 -28.33
C THR L 306 -9.95 -49.30 -27.49
N SER L 307 -11.09 -50.01 -27.46
CA SER L 307 -11.26 -51.07 -26.47
C SER L 307 -10.30 -52.24 -26.66
N GLY L 308 -10.00 -52.57 -27.92
CA GLY L 308 -9.02 -53.63 -28.21
C GLY L 308 -7.54 -53.24 -28.23
N THR L 309 -7.25 -51.99 -27.88
CA THR L 309 -5.88 -51.47 -27.90
C THR L 309 -5.49 -50.79 -26.56
N THR L 310 -5.89 -51.42 -25.47
CA THR L 310 -5.29 -51.10 -24.18
C THR L 310 -3.82 -51.58 -24.19
N ILE L 311 -3.02 -51.09 -23.26
CA ILE L 311 -1.63 -51.55 -23.12
C ILE L 311 -1.60 -53.07 -23.01
N ASP L 312 -2.43 -53.64 -22.13
CA ASP L 312 -2.47 -55.10 -21.95
C ASP L 312 -2.80 -55.81 -23.27
N ALA L 313 -3.80 -55.33 -24.00
CA ALA L 313 -4.11 -55.94 -25.31
C ALA L 313 -2.93 -55.81 -26.33
N GLN L 314 -2.33 -54.62 -26.38
CA GLN L 314 -1.23 -54.35 -27.34
C GLN L 314 -0.07 -55.34 -27.14
N LEU L 315 0.36 -55.53 -25.88
CA LEU L 315 1.39 -56.54 -25.58
C LEU L 315 1.07 -57.89 -26.18
N ARG L 316 -0.17 -58.36 -26.01
CA ARG L 316 -0.57 -59.65 -26.54
C ARG L 316 -0.64 -59.76 -28.09
N TYR L 317 -1.28 -58.80 -28.77
CA TYR L 317 -1.38 -58.89 -30.22
C TYR L 317 -0.02 -58.61 -30.92
N ALA L 318 0.87 -57.85 -30.28
CA ALA L 318 2.25 -57.74 -30.77
C ALA L 318 3.01 -59.09 -30.71
N ALA L 319 2.87 -59.84 -29.61
CA ALA L 319 3.58 -61.13 -29.48
C ALA L 319 3.02 -62.15 -30.42
N GLY L 320 1.72 -62.08 -30.67
CA GLY L 320 1.14 -63.06 -31.59
C GLY L 320 1.51 -62.76 -33.04
N THR L 321 1.65 -61.47 -33.39
CA THR L 321 2.10 -61.07 -34.75
C THR L 321 3.56 -61.53 -34.98
N LYS L 322 4.41 -61.26 -33.98
CA LYS L 322 5.81 -61.74 -33.96
C LYS L 322 5.90 -63.24 -34.15
N ASP L 323 5.04 -63.98 -33.45
CA ASP L 323 5.02 -65.43 -33.56
C ASP L 323 4.69 -65.94 -34.96
N MET L 324 3.69 -65.32 -35.61
CA MET L 324 3.31 -65.73 -36.96
C MET L 324 4.40 -65.41 -37.99
N LEU L 325 5.01 -64.23 -37.85
CA LEU L 325 6.17 -63.84 -38.66
C LEU L 325 7.31 -64.87 -38.52
N GLU L 326 7.68 -65.20 -37.28
CA GLU L 326 8.71 -66.23 -37.04
C GLU L 326 8.41 -67.55 -37.73
N ARG L 327 7.17 -68.03 -37.62
CA ARG L 327 6.75 -69.26 -38.27
C ARG L 327 6.71 -69.10 -39.81
N TYR L 328 6.34 -67.90 -40.26
CA TYR L 328 6.26 -67.64 -41.67
C TYR L 328 7.65 -67.76 -42.32
N PHE L 329 8.65 -67.17 -41.68
CA PHE L 329 10.01 -67.21 -42.15
C PHE L 329 10.57 -68.65 -42.27
N LYS L 330 10.06 -69.57 -41.45
CA LYS L 330 10.50 -70.98 -41.42
C LYS L 330 9.64 -71.91 -42.23
N GLY L 331 8.57 -71.43 -42.84
CA GLY L 331 7.64 -72.28 -43.58
C GLY L 331 6.66 -73.08 -42.72
N GLU L 332 6.44 -72.63 -41.48
CA GLU L 332 5.52 -73.36 -40.57
C GLU L 332 4.09 -72.79 -40.53
N ASP L 333 3.11 -73.69 -40.48
CA ASP L 333 1.70 -73.32 -40.28
C ASP L 333 1.44 -72.51 -39.00
N PHE L 334 0.52 -71.56 -39.07
CA PHE L 334 0.07 -70.82 -37.88
C PHE L 334 -0.84 -71.71 -37.01
N PRO L 335 -1.14 -71.31 -35.76
CA PRO L 335 -2.21 -72.07 -35.07
C PRO L 335 -3.48 -72.02 -35.94
N THR L 336 -4.23 -73.14 -36.06
CA THR L 336 -5.33 -73.19 -37.03
C THR L 336 -6.39 -72.10 -36.85
N GLU L 337 -6.68 -71.72 -35.60
CA GLU L 337 -7.72 -70.71 -35.31
C GLU L 337 -7.34 -69.27 -35.70
N ASN L 338 -6.06 -69.05 -36.06
CA ASN L 338 -5.59 -67.77 -36.55
C ASN L 338 -5.93 -67.46 -38.02
N TYR L 339 -6.25 -68.47 -38.82
CA TYR L 339 -6.44 -68.27 -40.26
C TYR L 339 -7.84 -67.75 -40.57
N ILE L 340 -7.90 -66.65 -41.30
CA ILE L 340 -9.16 -66.17 -41.87
C ILE L 340 -9.35 -66.60 -43.36
N VAL L 341 -8.27 -66.53 -44.15
CA VAL L 341 -8.26 -67.02 -45.54
C VAL L 341 -7.05 -67.96 -45.73
N LYS L 342 -7.32 -69.20 -46.13
CA LYS L 342 -6.24 -70.16 -46.38
C LYS L 342 -6.59 -71.11 -47.51
N ASP L 343 -5.64 -71.30 -48.44
CA ASP L 343 -5.83 -72.15 -49.62
C ASP L 343 -7.15 -71.86 -50.38
N GLY L 344 -7.43 -70.58 -50.60
CA GLY L 344 -8.67 -70.21 -51.28
C GLY L 344 -9.98 -70.26 -50.49
N GLU L 345 -9.94 -70.58 -49.20
CA GLU L 345 -11.17 -70.70 -48.43
C GLU L 345 -11.29 -69.74 -47.21
N LEU L 346 -12.49 -69.18 -47.01
CA LEU L 346 -12.85 -68.37 -45.83
C LEU L 346 -13.13 -69.22 -44.61
N ALA L 347 -12.67 -68.76 -43.44
CA ALA L 347 -13.03 -69.39 -42.16
C ALA L 347 -14.57 -69.42 -41.96
N PRO L 348 -15.08 -70.47 -41.29
CA PRO L 348 -16.54 -70.63 -41.15
C PRO L 348 -17.30 -69.44 -40.50
N GLN L 349 -16.70 -68.77 -39.50
CA GLN L 349 -17.38 -67.62 -38.88
C GLN L 349 -17.55 -66.41 -39.82
N TYR L 350 -16.89 -66.44 -40.99
CA TYR L 350 -17.08 -65.39 -42.01
C TYR L 350 -18.07 -65.80 -43.11
N ARG L 351 -18.46 -67.08 -43.14
CA ARG L 351 -19.32 -67.59 -44.22
C ARG L 351 -20.81 -67.49 -43.87
#